data_1AQF
#
_entry.id   1AQF
#
_cell.length_a   144.400
_cell.length_b   112.600
_cell.length_c   171.200
_cell.angle_alpha   90.00
_cell.angle_beta   93.70
_cell.angle_gamma   90.00
#
_symmetry.space_group_name_H-M   'P 1 21 1'
#
loop_
_entity.id
_entity.type
_entity.pdbx_description
1 polymer 'PYRUVATE KINASE'
2 non-polymer 'POTASSIUM ION'
3 non-polymer 'MAGNESIUM ION'
4 non-polymer L-PHOSPHOLACTATE
5 water water
#
_entity_poly.entity_id   1
_entity_poly.type   'polypeptide(L)'
_entity_poly.pdbx_seq_one_letter_code
;SKSHSEAGSAFIQTQQLHAAMADTFLEHMCRLDIDSAPITARNTGIICTIGPASRSVETLKEMIKSGMNVARMNFSHGTH
EYHAETIKNVRTATESFASDPILYRPVAVALDTKGPEIRTGLIKGSGTAEVELKKGATLKITLDNAYMEKCDENILWLDY
KNICKVVDVGSKVYVDDGLISLQVKQKGPDFLVTEVENGGFLGSKKGVNLPGAAVDLPAVSEKDIQDLKFGVEQDVDMVF
ASFIRKAADVHEVRKILGEKGKNIKIISKIENHEGVRRFDEILEASDGIMVARGDLGIEIPAEKVFLAQKMIIGRCNRAG
KPVICATQMLESMIKKPRPTRAEGSDVANAVLDGADCIMLSGETAKGDYPLEAVRMQHLIAREAEAAMFHRKLFEELARS
SSHSTDLMEAMAMGSVEASYKCLAAALIVLTESGRSAHQVARYRPRAPIIAVTRNHQTARQAHLYRGIFPVVCKDPVQEA
WAEDVDLRVNLAMNVGKARGFFKKGDVVIVLTGWRPGSGFTNTMRVVPVP
;
_entity_poly.pdbx_strand_id   A,B,C,D,E,F,G,H
#
loop_
_chem_comp.id
_chem_comp.type
_chem_comp.name
_chem_comp.formula
K non-polymer 'POTASSIUM ION' 'K 1'
MG non-polymer 'MAGNESIUM ION' 'Mg 2'
PEQ non-polymer L-PHOSPHOLACTATE 'C3 H7 O6 P'
#
# COMPACT_ATOMS: atom_id res chain seq x y z
N ILE A 12 -24.52 -44.96 -26.53
CA ILE A 12 -25.93 -44.58 -26.60
C ILE A 12 -26.25 -43.35 -25.75
N GLN A 13 -26.87 -42.36 -26.39
CA GLN A 13 -27.22 -41.10 -25.72
C GLN A 13 -28.15 -41.22 -24.50
N THR A 14 -28.24 -40.14 -23.75
CA THR A 14 -29.09 -40.03 -22.58
C THR A 14 -30.26 -39.05 -22.80
N GLN A 15 -31.32 -39.24 -22.03
CA GLN A 15 -32.45 -38.33 -22.08
C GLN A 15 -33.14 -38.21 -23.44
N GLN A 16 -33.06 -39.24 -24.26
CA GLN A 16 -33.65 -39.17 -25.57
C GLN A 16 -33.09 -37.96 -26.36
N LEU A 17 -31.82 -37.60 -26.11
CA LEU A 17 -31.23 -36.43 -26.77
C LEU A 17 -31.13 -36.65 -28.22
N HIS A 18 -31.14 -37.94 -28.59
CA HIS A 18 -31.11 -38.30 -30.00
C HIS A 18 -32.45 -38.03 -30.61
N ALA A 19 -33.55 -38.40 -29.93
CA ALA A 19 -34.88 -38.12 -30.48
C ALA A 19 -35.11 -36.64 -30.49
N ALA A 20 -34.38 -35.98 -29.60
CA ALA A 20 -34.46 -34.54 -29.40
C ALA A 20 -34.12 -33.69 -30.62
N MET A 21 -33.09 -34.12 -31.37
CA MET A 21 -32.65 -33.44 -32.59
C MET A 21 -33.46 -33.74 -33.86
N ALA A 22 -34.46 -34.63 -33.77
CA ALA A 22 -35.32 -34.99 -34.88
C ALA A 22 -35.83 -33.73 -35.48
N ASP A 23 -36.16 -33.75 -36.77
CA ASP A 23 -36.63 -32.53 -37.38
C ASP A 23 -38.13 -32.48 -37.43
N THR A 24 -38.68 -33.69 -37.40
CA THR A 24 -40.14 -33.95 -37.46
C THR A 24 -40.58 -34.77 -36.26
N PHE A 25 -41.84 -34.61 -35.92
CA PHE A 25 -42.44 -35.38 -34.84
C PHE A 25 -42.23 -36.89 -35.01
N LEU A 26 -42.73 -37.42 -36.12
CA LEU A 26 -42.61 -38.81 -36.52
C LEU A 26 -41.18 -39.25 -36.35
N GLU A 27 -40.26 -38.39 -36.76
CA GLU A 27 -38.88 -38.82 -36.64
C GLU A 27 -38.47 -38.83 -35.24
N HIS A 28 -39.08 -37.90 -34.52
CA HIS A 28 -38.82 -37.78 -33.11
C HIS A 28 -39.23 -39.08 -32.44
N MET A 29 -40.41 -39.53 -32.75
CA MET A 29 -40.89 -40.81 -32.24
C MET A 29 -39.98 -41.95 -32.69
N CYS A 30 -39.68 -42.01 -33.98
CA CYS A 30 -38.86 -43.09 -34.50
C CYS A 30 -37.56 -43.28 -33.78
N ARG A 31 -37.09 -42.24 -33.10
CA ARG A 31 -35.83 -42.40 -32.42
C ARG A 31 -35.87 -42.62 -30.93
N LEU A 32 -37.05 -42.76 -30.35
CA LEU A 32 -37.11 -43.00 -28.93
C LEU A 32 -36.41 -44.29 -28.68
N ASP A 33 -35.61 -44.30 -27.61
CA ASP A 33 -34.82 -45.47 -27.35
C ASP A 33 -34.84 -45.85 -25.90
N ILE A 34 -35.29 -47.10 -25.67
CA ILE A 34 -35.46 -47.75 -24.37
C ILE A 34 -34.17 -47.86 -23.61
N ASP A 35 -33.09 -47.48 -24.28
CA ASP A 35 -31.77 -47.54 -23.67
C ASP A 35 -31.22 -46.15 -23.40
N SER A 36 -32.03 -45.14 -23.69
CA SER A 36 -31.60 -43.81 -23.37
C SER A 36 -32.05 -43.62 -21.94
N ALA A 37 -31.08 -43.64 -21.02
CA ALA A 37 -31.35 -43.45 -19.61
C ALA A 37 -31.73 -42.02 -19.30
N PRO A 38 -32.81 -41.88 -18.50
CA PRO A 38 -33.29 -40.61 -18.06
C PRO A 38 -32.43 -39.95 -17.02
N ILE A 39 -32.86 -38.80 -16.59
CA ILE A 39 -32.14 -38.11 -15.55
C ILE A 39 -32.77 -38.43 -14.23
N THR A 40 -32.02 -38.19 -13.16
CA THR A 40 -32.50 -38.49 -11.82
C THR A 40 -33.82 -37.81 -11.47
N ALA A 41 -33.84 -36.52 -11.80
CA ALA A 41 -34.92 -35.59 -11.61
C ALA A 41 -36.32 -35.90 -12.25
N ARG A 42 -37.34 -35.42 -11.54
CA ARG A 42 -38.72 -35.57 -11.86
C ARG A 42 -39.45 -34.24 -11.71
N ASN A 43 -39.82 -33.67 -12.85
CA ASN A 43 -40.44 -32.39 -12.86
C ASN A 43 -41.93 -32.41 -12.61
N THR A 44 -42.55 -33.53 -12.96
CA THR A 44 -43.98 -33.72 -12.85
C THR A 44 -44.53 -33.88 -11.44
N GLY A 45 -45.36 -32.93 -11.02
CA GLY A 45 -45.95 -33.06 -9.71
C GLY A 45 -46.75 -34.36 -9.54
N ILE A 46 -46.54 -35.00 -8.40
CA ILE A 46 -47.26 -36.21 -8.03
C ILE A 46 -48.15 -35.87 -6.83
N ILE A 47 -49.45 -35.91 -7.00
CA ILE A 47 -50.38 -35.60 -5.94
C ILE A 47 -51.07 -36.83 -5.36
N CYS A 48 -50.94 -37.07 -4.05
CA CYS A 48 -51.56 -38.24 -3.45
C CYS A 48 -52.79 -37.94 -2.60
N THR A 49 -53.78 -38.87 -2.62
CA THR A 49 -55.01 -38.78 -1.85
C THR A 49 -54.85 -39.58 -0.58
N ILE A 50 -54.78 -38.86 0.55
CA ILE A 50 -54.60 -39.42 1.88
C ILE A 50 -55.88 -39.95 2.54
N GLY A 51 -55.70 -41.10 3.11
CA GLY A 51 -56.81 -41.71 3.78
C GLY A 51 -56.27 -42.87 4.57
N PRO A 52 -57.17 -43.77 4.86
CA PRO A 52 -56.87 -44.94 5.63
C PRO A 52 -55.53 -45.63 5.36
N ALA A 53 -55.22 -45.87 4.11
CA ALA A 53 -54.01 -46.62 3.84
C ALA A 53 -52.70 -45.84 4.05
N SER A 54 -52.79 -44.54 3.94
CA SER A 54 -51.58 -43.78 4.03
C SER A 54 -51.61 -42.70 5.05
N ARG A 55 -52.65 -42.69 5.86
CA ARG A 55 -52.88 -41.70 6.93
C ARG A 55 -51.78 -41.63 8.01
N SER A 56 -51.19 -42.77 8.32
CA SER A 56 -50.11 -42.88 9.30
C SER A 56 -49.02 -41.86 9.03
N VAL A 57 -48.13 -41.80 9.98
CA VAL A 57 -47.02 -40.90 9.84
C VAL A 57 -45.86 -41.58 9.16
N GLU A 58 -45.55 -42.75 9.70
CA GLU A 58 -44.47 -43.54 9.18
C GLU A 58 -44.71 -43.82 7.71
N THR A 59 -45.99 -43.98 7.38
CA THR A 59 -46.33 -44.20 5.99
C THR A 59 -46.15 -42.92 5.20
N LEU A 60 -46.61 -41.81 5.79
CA LEU A 60 -46.42 -40.49 5.21
C LEU A 60 -44.94 -40.23 4.92
N LYS A 61 -44.05 -40.42 5.89
CA LYS A 61 -42.63 -40.20 5.66
C LYS A 61 -42.12 -41.02 4.49
N GLU A 62 -42.57 -42.25 4.48
CA GLU A 62 -42.19 -43.20 3.46
C GLU A 62 -42.66 -42.70 2.10
N MET A 63 -43.82 -42.06 2.10
CA MET A 63 -44.40 -41.51 0.88
C MET A 63 -43.83 -40.14 0.52
N ILE A 64 -43.05 -39.57 1.41
CA ILE A 64 -42.49 -38.28 1.11
C ILE A 64 -41.15 -38.52 0.44
N LYS A 65 -40.57 -39.65 0.82
CA LYS A 65 -39.28 -40.08 0.34
C LYS A 65 -39.37 -40.66 -1.05
N SER A 66 -40.52 -41.29 -1.28
CA SER A 66 -40.85 -41.96 -2.51
C SER A 66 -41.12 -40.97 -3.61
N GLY A 67 -41.81 -39.89 -3.26
CA GLY A 67 -42.08 -38.87 -4.24
C GLY A 67 -43.23 -37.87 -3.95
N MET A 68 -44.08 -38.10 -2.94
CA MET A 68 -45.21 -37.20 -2.67
C MET A 68 -44.89 -35.74 -2.54
N ASN A 69 -45.70 -34.92 -3.23
CA ASN A 69 -45.55 -33.47 -3.22
C ASN A 69 -46.81 -32.81 -2.70
N VAL A 70 -47.91 -33.42 -2.98
CA VAL A 70 -49.15 -32.83 -2.55
C VAL A 70 -50.09 -33.85 -1.94
N ALA A 71 -50.54 -33.55 -0.72
CA ALA A 71 -51.51 -34.39 -0.06
C ALA A 71 -52.87 -33.76 -0.26
N ARG A 72 -53.80 -34.57 -0.73
CA ARG A 72 -55.16 -34.12 -1.02
C ARG A 72 -56.16 -34.72 -0.04
N MET A 73 -56.91 -33.84 0.64
CA MET A 73 -57.92 -34.23 1.65
C MET A 73 -59.26 -34.30 0.97
N ASN A 74 -59.77 -35.52 0.72
CA ASN A 74 -61.06 -35.55 0.02
C ASN A 74 -62.21 -35.22 0.95
N PHE A 75 -62.70 -33.99 0.81
CA PHE A 75 -63.79 -33.48 1.62
C PHE A 75 -65.17 -34.00 1.30
N SER A 76 -65.26 -35.04 0.50
CA SER A 76 -66.60 -35.54 0.25
C SER A 76 -66.95 -36.49 1.37
N HIS A 77 -65.91 -36.74 2.21
CA HIS A 77 -65.98 -37.65 3.35
C HIS A 77 -65.31 -37.15 4.61
N GLY A 78 -65.60 -37.86 5.71
CA GLY A 78 -65.00 -37.64 7.01
C GLY A 78 -65.41 -36.37 7.72
N THR A 79 -65.18 -36.40 9.03
CA THR A 79 -65.49 -35.26 9.87
C THR A 79 -64.30 -34.37 9.95
N HIS A 80 -64.60 -33.10 10.17
CA HIS A 80 -63.58 -32.10 10.30
C HIS A 80 -62.42 -32.55 11.23
N GLU A 81 -62.77 -33.25 12.30
CA GLU A 81 -61.72 -33.71 13.22
C GLU A 81 -60.81 -34.82 12.72
N TYR A 82 -61.23 -35.46 11.62
CA TYR A 82 -60.49 -36.55 10.98
C TYR A 82 -59.40 -35.99 10.08
N HIS A 83 -59.78 -34.97 9.31
CA HIS A 83 -58.88 -34.32 8.38
C HIS A 83 -57.80 -33.63 9.10
N ALA A 84 -58.24 -32.85 10.08
CA ALA A 84 -57.34 -32.10 10.92
C ALA A 84 -56.23 -32.98 11.43
N GLU A 85 -56.61 -34.23 11.70
CA GLU A 85 -55.62 -35.18 12.14
C GLU A 85 -54.73 -35.58 11.00
N THR A 86 -55.38 -35.95 9.84
CA THR A 86 -54.63 -36.37 8.65
C THR A 86 -53.66 -35.31 8.31
N ILE A 87 -54.10 -34.05 8.49
CA ILE A 87 -53.25 -32.89 8.21
C ILE A 87 -52.07 -32.74 9.14
N LYS A 88 -52.27 -32.95 10.40
CA LYS A 88 -51.13 -32.83 11.28
C LYS A 88 -50.08 -33.89 10.94
N ASN A 89 -50.54 -35.12 10.63
CA ASN A 89 -49.61 -36.21 10.29
C ASN A 89 -48.77 -35.91 9.07
N VAL A 90 -49.41 -35.25 8.12
CA VAL A 90 -48.72 -34.83 6.95
C VAL A 90 -47.59 -33.90 7.37
N ARG A 91 -47.94 -32.88 8.13
CA ARG A 91 -46.96 -31.93 8.60
C ARG A 91 -45.87 -32.55 9.43
N THR A 92 -46.25 -33.51 10.26
CA THR A 92 -45.29 -34.16 11.13
C THR A 92 -44.19 -34.80 10.33
N ALA A 93 -44.66 -35.66 9.41
CA ALA A 93 -43.82 -36.37 8.50
C ALA A 93 -42.91 -35.38 7.76
N THR A 94 -43.52 -34.39 7.13
CA THR A 94 -42.84 -33.35 6.39
C THR A 94 -41.67 -32.77 7.16
N GLU A 95 -41.97 -32.35 8.39
CA GLU A 95 -40.99 -31.66 9.21
C GLU A 95 -39.98 -32.51 9.90
N SER A 96 -40.24 -33.79 9.88
CA SER A 96 -39.33 -34.74 10.47
C SER A 96 -37.92 -34.66 9.83
N PHE A 97 -37.84 -34.04 8.63
CA PHE A 97 -36.58 -33.93 7.89
C PHE A 97 -35.99 -32.54 7.88
N ALA A 98 -36.61 -31.61 8.64
CA ALA A 98 -36.17 -30.22 8.74
C ALA A 98 -34.84 -29.95 9.45
N SER A 99 -34.11 -31.02 9.73
CA SER A 99 -32.81 -30.96 10.38
C SER A 99 -31.77 -30.47 9.39
N ASP A 100 -31.85 -31.07 8.19
CA ASP A 100 -31.00 -30.76 7.05
C ASP A 100 -31.75 -29.91 6.06
N PRO A 101 -31.51 -28.61 6.12
CA PRO A 101 -32.16 -27.66 5.22
C PRO A 101 -32.10 -28.11 3.76
N ILE A 102 -31.11 -28.93 3.55
CA ILE A 102 -30.74 -29.52 2.31
C ILE A 102 -31.70 -30.63 1.99
N LEU A 103 -31.67 -31.67 2.81
CA LEU A 103 -32.52 -32.85 2.61
C LEU A 103 -33.96 -32.76 3.10
N TYR A 104 -34.50 -31.56 2.98
CA TYR A 104 -35.86 -31.25 3.37
C TYR A 104 -36.68 -30.90 2.12
N ARG A 105 -37.78 -31.61 1.99
CA ARG A 105 -38.65 -31.44 0.88
C ARG A 105 -40.04 -31.02 1.33
N PRO A 106 -40.45 -29.81 0.93
CA PRO A 106 -41.77 -29.26 1.25
C PRO A 106 -42.91 -30.06 0.67
N VAL A 107 -43.98 -30.09 1.37
CA VAL A 107 -45.16 -30.83 0.95
C VAL A 107 -46.37 -29.91 1.05
N ALA A 108 -47.21 -29.89 0.03
CA ALA A 108 -48.35 -29.00 0.05
C ALA A 108 -49.62 -29.70 0.52
N VAL A 109 -50.64 -28.87 0.80
CA VAL A 109 -51.88 -29.39 1.30
C VAL A 109 -53.09 -28.91 0.58
N ALA A 110 -53.97 -29.86 0.16
CA ALA A 110 -55.13 -29.47 -0.57
C ALA A 110 -56.47 -29.88 0.00
N LEU A 111 -57.46 -29.05 -0.25
CA LEU A 111 -58.80 -29.29 0.24
C LEU A 111 -59.71 -29.55 -0.88
N ASP A 112 -59.96 -30.81 -1.08
CA ASP A 112 -60.85 -31.16 -2.15
C ASP A 112 -62.27 -31.10 -1.64
N THR A 113 -63.05 -30.19 -2.24
CA THR A 113 -64.49 -29.89 -1.97
C THR A 113 -65.48 -30.99 -2.43
N LYS A 114 -66.72 -30.95 -1.94
CA LYS A 114 -67.76 -31.93 -2.22
C LYS A 114 -68.72 -31.44 -3.29
N GLY A 115 -69.02 -30.15 -3.22
CA GLY A 115 -69.94 -29.47 -4.13
C GLY A 115 -71.23 -30.23 -4.33
N PRO A 116 -71.83 -29.92 -5.47
CA PRO A 116 -73.07 -30.50 -5.95
C PRO A 116 -73.11 -32.01 -6.28
N GLU A 117 -72.77 -32.84 -5.31
CA GLU A 117 -72.82 -34.29 -5.41
C GLU A 117 -74.25 -34.80 -5.13
N ILE A 118 -74.58 -35.98 -5.67
CA ILE A 118 -75.88 -36.62 -5.42
C ILE A 118 -75.57 -38.00 -4.80
N ARG A 119 -76.20 -38.32 -3.69
CA ARG A 119 -75.90 -39.59 -3.06
C ARG A 119 -77.14 -40.31 -2.72
N THR A 120 -76.96 -41.60 -2.58
CA THR A 120 -78.09 -42.45 -2.27
C THR A 120 -78.15 -42.60 -0.77
N GLY A 121 -79.13 -43.35 -0.28
CA GLY A 121 -79.26 -43.61 1.12
C GLY A 121 -78.63 -44.95 1.50
N LEU A 122 -78.90 -45.34 2.74
CA LEU A 122 -78.39 -46.55 3.34
C LEU A 122 -79.04 -47.80 2.84
N ILE A 123 -78.22 -48.73 2.50
CA ILE A 123 -78.81 -49.94 2.09
C ILE A 123 -79.09 -50.70 3.35
N LYS A 124 -80.36 -50.82 3.66
CA LYS A 124 -80.73 -51.57 4.84
C LYS A 124 -80.07 -51.07 6.12
N GLY A 125 -80.10 -49.77 6.31
CA GLY A 125 -79.54 -49.16 7.49
C GLY A 125 -78.08 -49.46 7.73
N SER A 126 -77.52 -50.33 6.95
CA SER A 126 -76.15 -50.62 7.15
C SER A 126 -75.38 -49.76 6.19
N GLY A 127 -74.17 -49.42 6.57
CA GLY A 127 -73.34 -48.62 5.70
C GLY A 127 -72.53 -49.59 4.87
N THR A 128 -72.53 -50.82 5.39
CA THR A 128 -71.84 -51.95 4.81
C THR A 128 -72.58 -52.50 3.60
N ALA A 129 -73.72 -53.09 3.91
CA ALA A 129 -74.63 -53.77 2.99
C ALA A 129 -74.83 -53.30 1.52
N GLU A 130 -74.67 -54.30 0.63
CA GLU A 130 -74.84 -54.19 -0.80
C GLU A 130 -76.13 -54.90 -1.18
N VAL A 131 -76.60 -54.71 -2.40
CA VAL A 131 -77.83 -55.32 -2.83
C VAL A 131 -77.77 -55.53 -4.33
N GLU A 132 -78.02 -56.76 -4.79
CA GLU A 132 -77.89 -57.07 -6.21
C GLU A 132 -79.01 -56.58 -7.06
N LEU A 133 -78.73 -55.51 -7.81
CA LEU A 133 -79.67 -54.94 -8.75
C LEU A 133 -79.66 -55.90 -9.96
N LYS A 134 -80.80 -56.15 -10.59
CA LYS A 134 -80.83 -57.08 -11.70
C LYS A 134 -81.24 -56.43 -13.00
N LYS A 135 -80.76 -56.95 -14.12
CA LYS A 135 -81.19 -56.31 -15.35
C LYS A 135 -82.69 -56.41 -15.64
N GLY A 136 -83.25 -55.32 -16.15
CA GLY A 136 -84.66 -55.29 -16.53
C GLY A 136 -85.67 -55.22 -15.38
N ALA A 137 -85.15 -55.25 -14.17
CA ALA A 137 -85.98 -55.18 -12.98
C ALA A 137 -86.52 -53.79 -12.81
N THR A 138 -87.41 -53.63 -11.82
CA THR A 138 -87.96 -52.32 -11.54
C THR A 138 -87.42 -51.89 -10.23
N LEU A 139 -87.04 -50.62 -10.22
CA LEU A 139 -86.50 -49.99 -9.07
C LEU A 139 -87.09 -48.64 -9.00
N LYS A 140 -87.69 -48.35 -7.84
CA LYS A 140 -88.34 -47.09 -7.59
C LYS A 140 -87.44 -46.18 -6.81
N ILE A 141 -87.32 -44.98 -7.30
CA ILE A 141 -86.53 -43.97 -6.66
C ILE A 141 -87.48 -43.00 -6.01
N THR A 142 -87.25 -42.77 -4.74
CA THR A 142 -88.12 -41.86 -4.03
C THR A 142 -87.34 -40.74 -3.37
N LEU A 143 -88.06 -39.76 -2.82
CA LEU A 143 -87.50 -38.60 -2.11
C LEU A 143 -87.98 -38.54 -0.68
N ASP A 144 -88.83 -39.52 -0.34
CA ASP A 144 -89.43 -39.71 0.98
C ASP A 144 -88.36 -40.17 1.96
N ASN A 145 -88.08 -39.30 2.90
CA ASN A 145 -87.07 -39.59 3.88
C ASN A 145 -87.28 -40.77 4.80
N ALA A 146 -88.48 -41.34 4.76
CA ALA A 146 -88.69 -42.52 5.58
C ALA A 146 -87.70 -43.56 5.09
N TYR A 147 -87.50 -43.52 3.75
CA TYR A 147 -86.60 -44.39 2.97
C TYR A 147 -85.11 -44.13 3.08
N MET A 148 -84.74 -42.94 3.54
CA MET A 148 -83.37 -42.50 3.70
C MET A 148 -82.42 -43.59 4.18
N GLU A 149 -82.96 -44.54 4.95
CA GLU A 149 -82.15 -45.61 5.49
C GLU A 149 -82.69 -47.03 5.17
N LYS A 150 -83.80 -47.05 4.42
CA LYS A 150 -84.48 -48.26 3.96
C LYS A 150 -84.18 -48.52 2.50
N CYS A 151 -83.05 -47.97 2.06
CA CYS A 151 -82.67 -48.18 0.70
C CYS A 151 -82.46 -49.65 0.56
N ASP A 152 -83.32 -50.22 -0.26
CA ASP A 152 -83.24 -51.63 -0.53
C ASP A 152 -83.32 -51.83 -2.03
N GLU A 153 -83.20 -53.08 -2.46
CA GLU A 153 -83.26 -53.44 -3.87
C GLU A 153 -84.53 -53.07 -4.63
N ASN A 154 -85.52 -52.47 -3.97
CA ASN A 154 -86.76 -52.13 -4.66
C ASN A 154 -87.10 -50.68 -4.55
N ILE A 155 -86.53 -50.07 -3.51
CA ILE A 155 -86.67 -48.66 -3.26
C ILE A 155 -85.32 -48.06 -2.96
N LEU A 156 -85.09 -46.91 -3.61
CA LEU A 156 -83.85 -46.17 -3.52
C LEU A 156 -84.08 -44.70 -3.26
N TRP A 157 -83.27 -44.18 -2.35
CA TRP A 157 -83.32 -42.79 -1.96
C TRP A 157 -82.05 -42.02 -2.28
N LEU A 158 -82.28 -40.82 -2.83
CA LEU A 158 -81.25 -39.87 -3.25
C LEU A 158 -81.42 -38.63 -2.42
N ASP A 159 -80.37 -37.81 -2.33
CA ASP A 159 -80.44 -36.56 -1.56
C ASP A 159 -80.70 -35.32 -2.39
N TYR A 160 -81.27 -35.55 -3.57
CA TYR A 160 -81.55 -34.48 -4.49
C TYR A 160 -83.02 -34.21 -4.61
N LYS A 161 -83.50 -33.30 -3.80
CA LYS A 161 -84.90 -32.98 -3.81
C LYS A 161 -85.52 -32.70 -5.18
N ASN A 162 -84.99 -31.75 -5.94
CA ASN A 162 -85.60 -31.46 -7.24
C ASN A 162 -85.16 -32.37 -8.35
N ILE A 163 -84.89 -33.60 -8.04
CA ILE A 163 -84.49 -34.43 -9.11
C ILE A 163 -85.64 -34.66 -10.04
N CYS A 164 -86.81 -34.61 -9.44
CA CYS A 164 -88.03 -34.90 -10.16
C CYS A 164 -88.41 -33.90 -11.22
N LYS A 165 -88.03 -32.68 -10.96
CA LYS A 165 -88.38 -31.59 -11.83
C LYS A 165 -87.37 -31.33 -12.96
N VAL A 166 -86.17 -31.93 -12.84
CA VAL A 166 -85.10 -31.78 -13.84
C VAL A 166 -84.98 -32.96 -14.81
N VAL A 167 -85.43 -34.11 -14.34
CA VAL A 167 -85.42 -35.30 -15.15
C VAL A 167 -86.79 -35.48 -15.81
N ASP A 168 -86.77 -36.12 -16.96
CA ASP A 168 -87.95 -36.44 -17.74
C ASP A 168 -87.90 -37.93 -18.11
N VAL A 169 -89.00 -38.44 -18.61
CA VAL A 169 -89.07 -39.84 -19.02
C VAL A 169 -87.99 -40.23 -20.05
N GLY A 170 -87.58 -41.52 -20.03
CA GLY A 170 -86.57 -42.05 -20.94
C GLY A 170 -85.12 -41.77 -20.51
N SER A 171 -84.97 -40.70 -19.73
CA SER A 171 -83.70 -40.25 -19.19
C SER A 171 -82.98 -41.40 -18.48
N LYS A 172 -81.69 -41.19 -18.27
CA LYS A 172 -80.87 -42.17 -17.59
C LYS A 172 -80.31 -41.69 -16.26
N VAL A 173 -80.08 -42.68 -15.44
CA VAL A 173 -79.56 -42.39 -14.15
C VAL A 173 -78.40 -43.33 -13.90
N TYR A 174 -77.30 -42.75 -13.45
CA TYR A 174 -76.11 -43.52 -13.19
C TYR A 174 -75.71 -43.52 -11.73
N VAL A 175 -75.67 -44.72 -11.16
CA VAL A 175 -75.26 -44.89 -9.79
C VAL A 175 -73.93 -45.59 -9.75
N ASP A 176 -73.17 -45.26 -8.70
CA ASP A 176 -71.84 -45.82 -8.41
C ASP A 176 -70.80 -45.73 -9.53
N ASP A 177 -70.41 -44.52 -9.88
CA ASP A 177 -69.41 -44.41 -10.91
C ASP A 177 -69.78 -45.04 -12.22
N GLY A 178 -71.03 -44.79 -12.61
CA GLY A 178 -71.63 -45.18 -13.85
C GLY A 178 -71.77 -46.64 -14.08
N LEU A 179 -71.48 -47.39 -13.05
CA LEU A 179 -71.61 -48.83 -13.15
C LEU A 179 -73.05 -49.28 -13.25
N ILE A 180 -73.88 -48.76 -12.34
CA ILE A 180 -75.30 -49.05 -12.33
C ILE A 180 -76.04 -48.05 -13.22
N SER A 181 -76.79 -48.59 -14.17
CA SER A 181 -77.54 -47.82 -15.13
C SER A 181 -79.05 -48.06 -14.98
N LEU A 182 -79.80 -46.99 -14.80
CA LEU A 182 -81.23 -47.07 -14.67
C LEU A 182 -81.89 -46.11 -15.62
N GLN A 183 -83.01 -46.57 -16.17
CA GLN A 183 -83.80 -45.78 -17.10
C GLN A 183 -85.14 -45.33 -16.53
N VAL A 184 -85.42 -44.03 -16.65
CA VAL A 184 -86.65 -43.46 -16.15
C VAL A 184 -87.80 -43.86 -17.03
N LYS A 185 -88.52 -44.90 -16.60
CA LYS A 185 -89.67 -45.46 -17.31
C LYS A 185 -90.99 -44.75 -16.94
N GLN A 186 -91.03 -44.10 -15.76
CA GLN A 186 -92.23 -43.41 -15.25
C GLN A 186 -91.84 -42.30 -14.30
N LYS A 187 -92.57 -41.22 -14.40
CA LYS A 187 -92.36 -40.06 -13.58
C LYS A 187 -93.55 -39.85 -12.60
N GLY A 188 -93.20 -39.53 -11.37
CA GLY A 188 -94.17 -39.25 -10.33
C GLY A 188 -93.99 -37.82 -9.86
N PRO A 189 -94.31 -37.54 -8.59
CA PRO A 189 -94.16 -36.20 -8.03
C PRO A 189 -93.14 -36.17 -6.88
N ASP A 190 -92.92 -37.34 -6.31
CA ASP A 190 -91.99 -37.56 -5.23
C ASP A 190 -91.07 -38.77 -5.57
N PHE A 191 -91.46 -39.50 -6.62
CA PHE A 191 -90.74 -40.69 -7.06
C PHE A 191 -90.45 -40.70 -8.55
N LEU A 192 -89.83 -41.80 -8.97
CA LEU A 192 -89.46 -42.06 -10.33
C LEU A 192 -89.44 -43.55 -10.59
N VAL A 193 -90.16 -44.01 -11.59
CA VAL A 193 -90.09 -45.44 -11.87
C VAL A 193 -89.02 -45.74 -12.89
N THR A 194 -88.05 -46.53 -12.48
CA THR A 194 -86.96 -46.81 -13.35
C THR A 194 -86.86 -48.27 -13.60
N GLU A 195 -86.16 -48.58 -14.67
CA GLU A 195 -85.92 -49.92 -15.04
C GLU A 195 -84.41 -50.18 -14.98
N VAL A 196 -84.03 -51.29 -14.42
CA VAL A 196 -82.64 -51.55 -14.33
C VAL A 196 -82.10 -51.97 -15.67
N GLU A 197 -81.58 -50.98 -16.37
CA GLU A 197 -80.99 -51.19 -17.67
C GLU A 197 -79.67 -51.94 -17.58
N ASN A 198 -78.93 -51.69 -16.52
CA ASN A 198 -77.67 -52.37 -16.32
C ASN A 198 -77.47 -52.60 -14.85
N GLY A 199 -77.45 -53.85 -14.41
CA GLY A 199 -77.30 -54.09 -12.99
C GLY A 199 -75.92 -54.48 -12.47
N GLY A 200 -75.86 -54.59 -11.12
CA GLY A 200 -74.70 -54.95 -10.33
C GLY A 200 -75.02 -54.85 -8.85
N PHE A 201 -74.01 -54.77 -7.99
CA PHE A 201 -74.36 -54.67 -6.61
C PHE A 201 -74.38 -53.24 -6.15
N LEU A 202 -75.53 -52.82 -5.65
CA LEU A 202 -75.76 -51.49 -5.13
C LEU A 202 -75.33 -51.37 -3.67
N GLY A 203 -74.24 -50.67 -3.40
CA GLY A 203 -73.81 -50.49 -2.01
C GLY A 203 -74.54 -49.33 -1.35
N SER A 204 -73.99 -48.76 -0.27
CA SER A 204 -74.65 -47.65 0.41
C SER A 204 -73.92 -46.33 0.25
N LYS A 205 -74.66 -45.21 0.15
CA LYS A 205 -74.10 -43.86 -0.01
C LYS A 205 -73.19 -43.72 -1.25
N LYS A 206 -73.77 -44.02 -2.38
CA LYS A 206 -73.09 -43.98 -3.67
C LYS A 206 -73.54 -42.86 -4.61
N GLY A 207 -72.57 -42.45 -5.46
CA GLY A 207 -72.66 -41.38 -6.43
C GLY A 207 -73.61 -41.55 -7.58
N VAL A 208 -74.45 -40.53 -7.70
CA VAL A 208 -75.47 -40.38 -8.73
C VAL A 208 -75.07 -39.28 -9.73
N ASN A 209 -75.16 -39.61 -11.00
CA ASN A 209 -74.85 -38.71 -12.08
C ASN A 209 -76.10 -38.62 -12.93
N LEU A 210 -76.47 -37.42 -13.36
CA LEU A 210 -77.64 -37.29 -14.24
C LEU A 210 -77.28 -36.66 -15.56
N PRO A 211 -76.54 -37.43 -16.31
CA PRO A 211 -76.06 -37.02 -17.62
C PRO A 211 -77.19 -36.51 -18.47
N GLY A 212 -77.01 -35.29 -18.96
CA GLY A 212 -78.00 -34.68 -19.81
C GLY A 212 -79.09 -34.00 -19.01
N ALA A 213 -78.69 -33.52 -17.86
CA ALA A 213 -79.61 -32.83 -16.98
C ALA A 213 -79.02 -31.57 -16.36
N ALA A 214 -79.96 -30.69 -16.07
CA ALA A 214 -79.65 -29.42 -15.51
C ALA A 214 -79.86 -29.43 -14.02
N VAL A 215 -78.79 -29.73 -13.32
CA VAL A 215 -78.85 -29.78 -11.89
C VAL A 215 -78.78 -28.37 -11.31
N ASP A 216 -79.86 -27.96 -10.62
CA ASP A 216 -79.97 -26.63 -10.03
C ASP A 216 -79.29 -26.45 -8.69
N LEU A 217 -78.41 -27.41 -8.36
CA LEU A 217 -77.61 -27.35 -7.14
C LEU A 217 -76.51 -26.31 -7.29
N PRO A 218 -76.31 -25.54 -6.24
CA PRO A 218 -75.31 -24.48 -6.18
C PRO A 218 -73.91 -25.06 -6.05
N ALA A 219 -72.97 -24.33 -6.66
CA ALA A 219 -71.60 -24.74 -6.66
C ALA A 219 -71.13 -24.82 -5.23
N VAL A 220 -71.28 -23.71 -4.54
CA VAL A 220 -70.90 -23.65 -3.16
C VAL A 220 -72.12 -23.88 -2.29
N SER A 221 -72.08 -24.93 -1.47
CA SER A 221 -73.20 -25.19 -0.59
C SER A 221 -72.75 -24.94 0.83
N GLU A 222 -73.71 -24.92 1.72
CA GLU A 222 -73.44 -24.68 3.11
C GLU A 222 -72.27 -25.46 3.68
N LYS A 223 -72.27 -26.76 3.46
CA LYS A 223 -71.18 -27.55 3.95
C LYS A 223 -69.88 -27.05 3.37
N ASP A 224 -69.99 -26.62 2.13
CA ASP A 224 -68.83 -26.19 1.41
C ASP A 224 -68.18 -25.09 2.15
N ILE A 225 -69.06 -24.19 2.52
CA ILE A 225 -68.64 -23.04 3.27
C ILE A 225 -67.82 -23.36 4.51
N GLN A 226 -68.38 -24.23 5.37
CA GLN A 226 -67.69 -24.66 6.59
C GLN A 226 -66.31 -25.12 6.17
N ASP A 227 -66.34 -26.16 5.34
CA ASP A 227 -65.15 -26.75 4.75
C ASP A 227 -64.19 -25.69 4.25
N LEU A 228 -64.76 -24.74 3.53
CA LEU A 228 -63.92 -23.70 3.01
C LEU A 228 -63.28 -22.99 4.15
N LYS A 229 -64.11 -22.51 5.05
CA LYS A 229 -63.61 -21.80 6.19
C LYS A 229 -62.65 -22.62 7.03
N PHE A 230 -62.90 -23.90 7.02
CA PHE A 230 -62.05 -24.78 7.78
C PHE A 230 -60.66 -24.83 7.22
N GLY A 231 -60.61 -24.89 5.92
CA GLY A 231 -59.33 -24.98 5.31
C GLY A 231 -58.53 -23.75 5.60
N VAL A 232 -59.29 -22.66 5.61
CA VAL A 232 -58.66 -21.36 5.82
C VAL A 232 -57.90 -21.41 7.12
N GLU A 233 -58.64 -21.89 8.09
CA GLU A 233 -58.16 -22.09 9.43
C GLU A 233 -56.90 -22.94 9.47
N GLN A 234 -56.97 -24.05 8.74
CA GLN A 234 -55.86 -25.02 8.62
C GLN A 234 -54.66 -24.55 7.80
N ASP A 235 -54.73 -23.48 7.04
CA ASP A 235 -53.58 -23.06 6.29
C ASP A 235 -53.22 -23.99 5.13
N VAL A 236 -54.25 -24.33 4.41
CA VAL A 236 -54.13 -25.13 3.24
C VAL A 236 -53.61 -24.24 2.17
N ASP A 237 -52.80 -24.83 1.29
CA ASP A 237 -52.13 -24.15 0.20
C ASP A 237 -52.99 -23.91 -1.04
N MET A 238 -53.89 -24.81 -1.25
CA MET A 238 -54.76 -24.64 -2.37
C MET A 238 -55.98 -25.50 -2.12
N VAL A 239 -57.04 -25.11 -2.79
CA VAL A 239 -58.30 -25.78 -2.80
C VAL A 239 -58.66 -26.30 -4.19
N PHE A 240 -59.33 -27.44 -4.27
CA PHE A 240 -59.78 -27.97 -5.52
C PHE A 240 -61.28 -27.77 -5.58
N ALA A 241 -61.75 -26.73 -6.27
CA ALA A 241 -63.18 -26.57 -6.29
C ALA A 241 -63.92 -27.59 -7.14
N SER A 242 -64.64 -28.49 -6.48
CA SER A 242 -65.42 -29.49 -7.20
C SER A 242 -66.59 -28.92 -8.01
N PHE A 243 -66.92 -29.55 -9.15
CA PHE A 243 -67.99 -29.18 -10.08
C PHE A 243 -68.10 -27.74 -10.56
N ILE A 244 -67.00 -27.13 -10.95
CA ILE A 244 -67.10 -25.77 -11.45
C ILE A 244 -67.65 -25.78 -12.86
N ARG A 245 -68.69 -24.96 -13.07
CA ARG A 245 -69.44 -24.75 -14.32
C ARG A 245 -69.37 -23.32 -14.90
N LYS A 246 -68.91 -22.35 -14.14
CA LYS A 246 -68.92 -21.00 -14.68
C LYS A 246 -67.92 -20.16 -13.95
N ALA A 247 -67.55 -19.04 -14.58
CA ALA A 247 -66.57 -18.18 -13.98
C ALA A 247 -67.03 -17.80 -12.60
N ALA A 248 -68.34 -17.51 -12.55
CA ALA A 248 -69.12 -17.14 -11.36
C ALA A 248 -68.86 -18.04 -10.16
N ASP A 249 -69.07 -19.34 -10.36
CA ASP A 249 -68.83 -20.31 -9.31
C ASP A 249 -67.41 -20.13 -8.74
N VAL A 250 -66.48 -19.84 -9.59
CA VAL A 250 -65.16 -19.67 -9.09
C VAL A 250 -64.99 -18.42 -8.29
N HIS A 251 -65.92 -17.49 -8.42
CA HIS A 251 -65.76 -16.24 -7.67
C HIS A 251 -66.14 -16.43 -6.24
N GLU A 252 -67.37 -16.93 -6.08
CA GLU A 252 -67.91 -17.30 -4.77
C GLU A 252 -66.87 -17.96 -3.84
N VAL A 253 -66.20 -19.01 -4.33
CA VAL A 253 -65.17 -19.68 -3.56
C VAL A 253 -64.16 -18.61 -3.11
N ARG A 254 -63.82 -17.74 -4.05
CA ARG A 254 -62.88 -16.68 -3.75
C ARG A 254 -63.38 -15.83 -2.60
N LYS A 255 -64.65 -15.43 -2.72
CA LYS A 255 -65.35 -14.61 -1.74
C LYS A 255 -65.39 -15.29 -0.38
N ILE A 256 -65.98 -16.48 -0.37
CA ILE A 256 -66.10 -17.26 0.83
C ILE A 256 -64.75 -17.42 1.45
N LEU A 257 -63.76 -17.37 0.59
CA LEU A 257 -62.42 -17.52 1.06
C LEU A 257 -61.88 -16.22 1.61
N GLY A 258 -62.46 -15.12 1.15
CA GLY A 258 -62.12 -13.77 1.59
C GLY A 258 -60.64 -13.41 1.62
N GLU A 259 -60.36 -12.41 2.46
CA GLU A 259 -59.06 -11.81 2.66
C GLU A 259 -58.04 -12.64 3.39
N LYS A 260 -58.52 -13.55 4.21
CA LYS A 260 -57.58 -14.34 4.98
C LYS A 260 -56.97 -15.45 4.15
N GLY A 261 -57.74 -15.82 3.10
CA GLY A 261 -57.37 -16.90 2.19
C GLY A 261 -57.08 -16.48 0.76
N LYS A 262 -56.81 -15.21 0.56
CA LYS A 262 -56.53 -14.69 -0.74
C LYS A 262 -55.46 -15.48 -1.51
N ASN A 263 -54.41 -15.93 -0.78
CA ASN A 263 -53.28 -16.68 -1.38
C ASN A 263 -53.47 -18.18 -1.48
N ILE A 264 -54.65 -18.59 -1.17
CA ILE A 264 -54.93 -19.98 -1.29
C ILE A 264 -55.22 -20.15 -2.76
N LYS A 265 -54.59 -21.14 -3.37
CA LYS A 265 -54.82 -21.27 -4.77
C LYS A 265 -56.00 -22.13 -5.06
N ILE A 266 -56.87 -21.60 -5.91
CA ILE A 266 -58.09 -22.25 -6.37
C ILE A 266 -57.98 -23.06 -7.68
N ILE A 267 -58.18 -24.36 -7.57
CA ILE A 267 -58.13 -25.22 -8.72
C ILE A 267 -59.49 -25.72 -9.11
N SER A 268 -60.12 -25.02 -10.04
CA SER A 268 -61.40 -25.44 -10.51
C SER A 268 -61.29 -26.78 -11.20
N LYS A 269 -62.26 -27.64 -10.91
CA LYS A 269 -62.33 -28.98 -11.45
C LYS A 269 -63.33 -29.10 -12.57
N ILE A 270 -62.88 -29.60 -13.72
CA ILE A 270 -63.74 -29.77 -14.86
C ILE A 270 -64.37 -31.13 -14.77
N GLU A 271 -65.63 -31.12 -14.47
CA GLU A 271 -66.25 -32.37 -14.23
C GLU A 271 -67.52 -32.57 -15.03
N ASN A 272 -67.89 -31.63 -15.84
CA ASN A 272 -69.10 -31.88 -16.61
C ASN A 272 -69.17 -31.09 -17.90
N HIS A 273 -70.22 -31.36 -18.66
CA HIS A 273 -70.40 -30.71 -19.94
C HIS A 273 -70.29 -29.22 -19.89
N GLU A 274 -71.12 -28.58 -19.08
CA GLU A 274 -71.02 -27.14 -19.01
C GLU A 274 -69.63 -26.61 -18.67
N GLY A 275 -68.96 -27.28 -17.73
CA GLY A 275 -67.64 -26.88 -17.27
C GLY A 275 -66.64 -26.77 -18.41
N VAL A 276 -66.85 -27.68 -19.38
CA VAL A 276 -66.00 -27.76 -20.55
C VAL A 276 -66.27 -26.61 -21.50
N ARG A 277 -67.57 -26.43 -21.75
CA ARG A 277 -68.14 -25.40 -22.59
C ARG A 277 -67.67 -24.01 -22.23
N ARG A 278 -67.68 -23.71 -20.93
CA ARG A 278 -67.24 -22.41 -20.41
C ARG A 278 -65.88 -22.54 -19.79
N PHE A 279 -65.09 -23.37 -20.45
CA PHE A 279 -63.80 -23.63 -19.97
C PHE A 279 -63.05 -22.35 -19.88
N ASP A 280 -63.12 -21.66 -20.99
CA ASP A 280 -62.43 -20.42 -21.19
C ASP A 280 -62.59 -19.44 -20.02
N GLU A 281 -63.83 -19.04 -19.75
CA GLU A 281 -64.10 -18.11 -18.67
C GLU A 281 -63.64 -18.66 -17.32
N ILE A 282 -63.95 -19.91 -17.13
CA ILE A 282 -63.52 -20.59 -15.93
C ILE A 282 -62.02 -20.50 -15.82
N LEU A 283 -61.29 -20.89 -16.87
CA LEU A 283 -59.83 -20.79 -16.79
C LEU A 283 -59.37 -19.39 -16.43
N GLU A 284 -60.04 -18.44 -17.01
CA GLU A 284 -59.68 -17.07 -16.82
C GLU A 284 -59.74 -16.68 -15.37
N ALA A 285 -60.72 -17.23 -14.70
CA ALA A 285 -60.85 -16.96 -13.29
C ALA A 285 -60.08 -17.92 -12.36
N SER A 286 -59.43 -18.93 -12.89
CA SER A 286 -58.79 -19.85 -11.99
C SER A 286 -57.28 -19.83 -11.88
N ASP A 287 -56.82 -20.23 -10.73
CA ASP A 287 -55.42 -20.24 -10.49
C ASP A 287 -54.86 -21.45 -11.16
N GLY A 288 -55.73 -22.39 -11.38
CA GLY A 288 -55.30 -23.60 -12.00
C GLY A 288 -56.49 -24.41 -12.40
N ILE A 289 -56.22 -25.63 -12.81
CA ILE A 289 -57.28 -26.50 -13.27
C ILE A 289 -56.96 -27.98 -13.10
N MET A 290 -58.00 -28.77 -12.83
CA MET A 290 -57.83 -30.19 -12.70
C MET A 290 -58.82 -30.89 -13.64
N VAL A 291 -58.37 -31.96 -14.32
CA VAL A 291 -59.21 -32.74 -15.23
C VAL A 291 -59.78 -33.90 -14.40
N ALA A 292 -61.05 -33.80 -14.07
CA ALA A 292 -61.70 -34.76 -13.23
C ALA A 292 -62.23 -35.89 -14.05
N ARG A 293 -61.34 -36.83 -14.35
CA ARG A 293 -61.73 -37.91 -15.20
C ARG A 293 -62.97 -38.71 -14.84
N GLY A 294 -62.98 -39.19 -13.60
CA GLY A 294 -64.06 -40.00 -13.06
C GLY A 294 -65.44 -39.49 -13.39
N ASP A 295 -65.78 -38.33 -12.82
CA ASP A 295 -67.07 -37.67 -13.04
C ASP A 295 -67.29 -37.24 -14.47
N LEU A 296 -66.24 -36.70 -15.05
CA LEU A 296 -66.29 -36.27 -16.44
C LEU A 296 -66.64 -37.46 -17.33
N GLY A 297 -65.98 -38.60 -17.08
CA GLY A 297 -66.24 -39.82 -17.86
C GLY A 297 -67.68 -40.36 -17.77
N ILE A 298 -68.48 -39.82 -16.85
CA ILE A 298 -69.86 -40.26 -16.72
C ILE A 298 -70.77 -39.19 -17.23
N GLU A 299 -70.39 -37.96 -16.94
CA GLU A 299 -71.18 -36.82 -17.34
C GLU A 299 -71.20 -36.69 -18.86
N ILE A 300 -70.07 -37.03 -19.47
CA ILE A 300 -69.90 -37.07 -20.91
C ILE A 300 -69.50 -38.48 -21.32
N PRO A 301 -69.62 -38.78 -22.57
CA PRO A 301 -69.33 -40.09 -22.99
C PRO A 301 -67.92 -40.46 -22.80
N ALA A 302 -67.74 -41.70 -22.41
CA ALA A 302 -66.45 -42.22 -22.12
C ALA A 302 -65.44 -41.99 -23.22
N GLU A 303 -65.93 -42.08 -24.43
CA GLU A 303 -65.16 -41.95 -25.66
C GLU A 303 -64.61 -40.60 -25.89
N LYS A 304 -65.30 -39.59 -25.38
CA LYS A 304 -64.87 -38.22 -25.61
C LYS A 304 -63.94 -37.66 -24.56
N VAL A 305 -63.80 -38.32 -23.43
CA VAL A 305 -62.94 -37.81 -22.37
C VAL A 305 -61.55 -37.39 -22.82
N PHE A 306 -60.82 -38.27 -23.55
CA PHE A 306 -59.46 -37.92 -23.98
C PHE A 306 -59.42 -36.63 -24.78
N LEU A 307 -60.50 -36.24 -25.49
CA LEU A 307 -60.53 -34.96 -26.22
C LEU A 307 -60.48 -33.82 -25.20
N ALA A 308 -61.17 -34.01 -24.11
CA ALA A 308 -61.21 -33.00 -23.07
C ALA A 308 -59.85 -32.85 -22.39
N GLN A 309 -59.31 -33.96 -21.97
CA GLN A 309 -58.00 -33.98 -21.37
C GLN A 309 -56.94 -33.20 -22.21
N LYS A 310 -56.95 -33.36 -23.53
CA LYS A 310 -55.96 -32.66 -24.39
C LYS A 310 -56.20 -31.17 -24.62
N MET A 311 -57.44 -30.86 -24.90
CA MET A 311 -57.83 -29.47 -25.08
C MET A 311 -57.45 -28.65 -23.83
N ILE A 312 -57.96 -29.07 -22.69
CA ILE A 312 -57.66 -28.43 -21.41
C ILE A 312 -56.18 -28.31 -21.17
N ILE A 313 -55.47 -29.40 -21.24
CA ILE A 313 -54.01 -29.29 -21.03
C ILE A 313 -53.37 -28.37 -22.04
N GLY A 314 -53.86 -28.43 -23.29
CA GLY A 314 -53.30 -27.59 -24.31
C GLY A 314 -53.49 -26.18 -23.82
N ARG A 315 -54.75 -25.83 -23.78
CA ARG A 315 -55.22 -24.53 -23.30
C ARG A 315 -54.54 -24.04 -22.00
N CYS A 316 -54.36 -24.89 -21.03
CA CYS A 316 -53.70 -24.43 -19.82
C CYS A 316 -52.27 -24.05 -20.12
N ASN A 317 -51.58 -25.01 -20.68
CA ASN A 317 -50.20 -24.89 -21.04
C ASN A 317 -49.95 -23.59 -21.80
N ARG A 318 -50.94 -23.22 -22.56
CA ARG A 318 -50.77 -22.09 -23.42
C ARG A 318 -50.76 -20.82 -22.65
N ALA A 319 -51.67 -20.84 -21.66
CA ALA A 319 -52.00 -19.80 -20.68
C ALA A 319 -51.02 -19.70 -19.55
N GLY A 320 -50.27 -20.80 -19.36
CA GLY A 320 -49.27 -20.88 -18.31
C GLY A 320 -49.87 -21.05 -16.92
N LYS A 321 -50.95 -21.84 -16.88
CA LYS A 321 -51.66 -22.16 -15.64
C LYS A 321 -51.68 -23.68 -15.35
N PRO A 322 -51.28 -24.09 -14.11
CA PRO A 322 -51.24 -25.47 -13.71
C PRO A 322 -52.50 -26.21 -14.02
N VAL A 323 -52.25 -27.44 -14.43
CA VAL A 323 -53.26 -28.38 -14.79
C VAL A 323 -52.80 -29.68 -14.24
N ILE A 324 -53.80 -30.30 -13.65
CA ILE A 324 -53.74 -31.58 -13.00
C ILE A 324 -54.60 -32.56 -13.76
N CYS A 325 -54.02 -33.74 -14.02
CA CYS A 325 -54.73 -34.83 -14.66
C CYS A 325 -55.08 -35.78 -13.54
N ALA A 326 -56.33 -36.28 -13.51
CA ALA A 326 -56.68 -37.16 -12.41
C ALA A 326 -57.63 -38.28 -12.67
N THR A 327 -57.60 -39.24 -11.72
CA THR A 327 -58.45 -40.37 -11.74
C THR A 327 -57.99 -41.56 -12.63
N GLN A 328 -58.28 -42.79 -12.14
CA GLN A 328 -58.01 -44.10 -12.75
C GLN A 328 -56.70 -44.32 -13.42
N MET A 329 -55.74 -43.48 -13.10
CA MET A 329 -54.44 -43.64 -13.69
C MET A 329 -53.75 -44.91 -13.35
N LEU A 330 -53.92 -45.39 -12.12
CA LEU A 330 -53.22 -46.58 -11.66
C LEU A 330 -54.04 -47.51 -10.82
N GLU A 331 -55.33 -47.56 -11.15
CA GLU A 331 -56.35 -48.39 -10.49
C GLU A 331 -56.04 -49.83 -10.22
N SER A 332 -55.46 -50.50 -11.21
CA SER A 332 -55.09 -51.90 -11.09
C SER A 332 -54.36 -52.10 -9.73
N MET A 333 -53.60 -51.07 -9.35
CA MET A 333 -52.78 -51.04 -8.14
C MET A 333 -53.41 -50.83 -6.77
N ILE A 334 -54.71 -50.87 -6.72
CA ILE A 334 -55.32 -50.70 -5.45
C ILE A 334 -55.24 -52.06 -4.78
N LYS A 335 -55.25 -53.04 -5.65
CA LYS A 335 -55.23 -54.45 -5.34
C LYS A 335 -54.06 -55.25 -5.93
N LYS A 336 -53.33 -54.73 -6.93
CA LYS A 336 -52.16 -55.45 -7.49
C LYS A 336 -50.91 -54.58 -7.53
N PRO A 337 -49.78 -55.19 -7.22
CA PRO A 337 -48.47 -54.52 -7.16
C PRO A 337 -48.00 -54.00 -8.53
N ARG A 338 -48.71 -54.46 -9.56
CA ARG A 338 -48.41 -54.11 -10.93
C ARG A 338 -49.57 -53.56 -11.68
N PRO A 339 -49.26 -52.42 -12.26
CA PRO A 339 -50.17 -51.70 -13.12
C PRO A 339 -50.30 -52.44 -14.48
N THR A 340 -51.31 -52.07 -15.25
CA THR A 340 -51.48 -52.67 -16.53
C THR A 340 -50.46 -52.14 -17.53
N ARG A 341 -50.78 -52.32 -18.81
CA ARG A 341 -49.92 -51.84 -19.87
C ARG A 341 -50.53 -50.55 -20.36
N ALA A 342 -51.84 -50.53 -20.18
CA ALA A 342 -52.69 -49.38 -20.50
C ALA A 342 -52.45 -48.26 -19.48
N GLU A 343 -52.13 -48.64 -18.24
CA GLU A 343 -51.86 -47.69 -17.16
C GLU A 343 -50.57 -46.92 -17.36
N GLY A 344 -49.52 -47.69 -17.63
CA GLY A 344 -48.24 -47.09 -17.91
C GLY A 344 -48.43 -46.08 -19.05
N SER A 345 -49.31 -46.41 -20.00
CA SER A 345 -49.59 -45.49 -21.10
C SER A 345 -50.07 -44.17 -20.58
N ASP A 346 -51.26 -44.24 -19.96
CA ASP A 346 -51.97 -43.10 -19.42
C ASP A 346 -51.08 -42.08 -18.78
N VAL A 347 -50.32 -42.62 -17.90
CA VAL A 347 -49.47 -41.75 -17.18
C VAL A 347 -48.49 -41.08 -18.10
N ALA A 348 -47.69 -41.87 -18.80
CA ALA A 348 -46.72 -41.35 -19.75
C ALA A 348 -47.41 -40.43 -20.72
N ASN A 349 -48.60 -40.83 -21.14
CA ASN A 349 -49.31 -39.94 -22.03
C ASN A 349 -49.79 -38.65 -21.37
N ALA A 350 -50.06 -38.70 -20.07
CA ALA A 350 -50.48 -37.48 -19.41
C ALA A 350 -49.28 -36.58 -19.28
N VAL A 351 -48.13 -37.15 -19.04
CA VAL A 351 -46.95 -36.33 -18.94
C VAL A 351 -46.63 -35.64 -20.24
N LEU A 352 -46.77 -36.40 -21.34
CA LEU A 352 -46.49 -35.97 -22.72
C LEU A 352 -47.49 -34.95 -23.21
N ASP A 353 -48.77 -35.12 -22.79
CA ASP A 353 -49.86 -34.20 -23.17
C ASP A 353 -49.56 -32.77 -22.70
N GLY A 354 -48.73 -32.65 -21.63
CA GLY A 354 -48.27 -31.41 -21.00
C GLY A 354 -48.96 -31.12 -19.68
N ALA A 355 -49.05 -32.07 -18.79
CA ALA A 355 -49.74 -31.80 -17.54
C ALA A 355 -48.74 -31.53 -16.50
N ASP A 356 -48.94 -30.49 -15.66
CA ASP A 356 -48.03 -30.15 -14.59
C ASP A 356 -48.01 -31.22 -13.49
N CYS A 357 -49.18 -31.80 -13.13
CA CYS A 357 -49.15 -32.89 -12.10
C CYS A 357 -50.09 -34.08 -12.32
N ILE A 358 -49.68 -35.23 -11.81
CA ILE A 358 -50.50 -36.38 -11.95
C ILE A 358 -51.05 -36.75 -10.58
N MET A 359 -52.12 -37.51 -10.53
CA MET A 359 -52.70 -37.82 -9.24
C MET A 359 -53.01 -39.28 -9.02
N LEU A 360 -53.14 -39.66 -7.76
CA LEU A 360 -53.53 -40.97 -7.30
C LEU A 360 -54.62 -40.79 -6.27
N SER A 361 -55.76 -41.36 -6.51
CA SER A 361 -56.83 -41.25 -5.53
C SER A 361 -56.81 -42.54 -4.65
N GLY A 362 -57.66 -43.47 -4.96
CA GLY A 362 -57.66 -44.70 -4.22
C GLY A 362 -56.34 -45.46 -4.19
N GLU A 363 -55.53 -45.40 -5.28
CA GLU A 363 -54.25 -46.10 -5.32
C GLU A 363 -53.43 -45.89 -4.04
N THR A 364 -53.70 -44.75 -3.38
CA THR A 364 -53.02 -44.33 -2.13
C THR A 364 -53.96 -44.17 -0.92
N ALA A 365 -55.26 -44.07 -1.15
CA ALA A 365 -56.18 -43.89 -0.06
C ALA A 365 -56.58 -45.24 0.59
N LYS A 366 -57.03 -46.24 -0.20
CA LYS A 366 -57.39 -47.55 0.35
C LYS A 366 -56.46 -48.69 -0.01
N GLY A 367 -55.99 -48.60 -1.25
CA GLY A 367 -55.08 -49.53 -1.91
C GLY A 367 -54.14 -50.21 -0.96
N ASP A 368 -53.69 -51.34 -1.43
CA ASP A 368 -52.80 -52.15 -0.68
C ASP A 368 -51.35 -51.89 -1.08
N TYR A 369 -51.14 -51.09 -2.13
CA TYR A 369 -49.77 -50.83 -2.55
C TYR A 369 -49.51 -49.39 -2.82
N PRO A 370 -49.92 -48.61 -1.87
CA PRO A 370 -49.79 -47.18 -1.89
C PRO A 370 -48.36 -46.73 -2.21
N LEU A 371 -47.35 -47.25 -1.49
CA LEU A 371 -45.98 -46.82 -1.81
C LEU A 371 -45.56 -47.25 -3.21
N GLU A 372 -46.02 -48.44 -3.66
CA GLU A 372 -45.67 -48.94 -4.99
C GLU A 372 -46.20 -48.07 -6.13
N ALA A 373 -47.41 -47.53 -5.92
CA ALA A 373 -48.12 -46.64 -6.84
C ALA A 373 -47.35 -45.36 -7.17
N VAL A 374 -46.72 -44.80 -6.17
CA VAL A 374 -45.99 -43.57 -6.31
C VAL A 374 -44.71 -43.76 -7.10
N ARG A 375 -43.90 -44.74 -6.68
CA ARG A 375 -42.66 -45.05 -7.36
C ARG A 375 -42.91 -45.24 -8.82
N MET A 376 -44.08 -45.83 -9.12
CA MET A 376 -44.43 -46.06 -10.49
C MET A 376 -44.65 -44.77 -11.26
N GLN A 377 -45.58 -43.97 -10.75
CA GLN A 377 -45.85 -42.70 -11.35
C GLN A 377 -44.56 -41.88 -11.50
N HIS A 378 -43.67 -42.04 -10.55
CA HIS A 378 -42.39 -41.38 -10.59
C HIS A 378 -41.46 -41.91 -11.68
N LEU A 379 -41.43 -43.23 -11.78
CA LEU A 379 -40.60 -43.98 -12.71
C LEU A 379 -40.85 -43.55 -14.11
N ILE A 380 -42.12 -43.69 -14.49
CA ILE A 380 -42.70 -43.30 -15.78
C ILE A 380 -42.51 -41.80 -16.11
N ALA A 381 -42.84 -40.96 -15.15
CA ALA A 381 -42.70 -39.52 -15.27
C ALA A 381 -41.29 -39.07 -15.77
N ARG A 382 -40.23 -39.63 -15.25
CA ARG A 382 -38.94 -39.19 -15.76
C ARG A 382 -38.68 -39.56 -17.22
N GLU A 383 -39.16 -40.73 -17.58
CA GLU A 383 -39.02 -41.34 -18.85
C GLU A 383 -39.71 -40.53 -19.87
N ALA A 384 -40.98 -40.36 -19.60
CA ALA A 384 -41.80 -39.56 -20.51
C ALA A 384 -41.24 -38.18 -20.68
N GLU A 385 -40.88 -37.64 -19.54
CA GLU A 385 -40.33 -36.32 -19.46
C GLU A 385 -39.25 -36.07 -20.49
N ALA A 386 -38.38 -37.06 -20.62
CA ALA A 386 -37.27 -36.96 -21.55
C ALA A 386 -37.75 -37.24 -22.99
N ALA A 387 -38.88 -37.90 -23.05
CA ALA A 387 -39.47 -38.20 -24.32
C ALA A 387 -40.29 -37.00 -24.81
N MET A 388 -40.20 -35.89 -24.17
CA MET A 388 -40.97 -34.84 -24.82
C MET A 388 -40.13 -34.26 -25.97
N PHE A 389 -40.80 -33.48 -26.80
CA PHE A 389 -40.13 -32.84 -27.91
C PHE A 389 -39.94 -31.40 -27.58
N HIS A 390 -38.90 -31.08 -26.82
CA HIS A 390 -38.76 -29.70 -26.38
C HIS A 390 -38.85 -28.62 -27.39
N ARG A 391 -37.95 -28.72 -28.37
CA ARG A 391 -37.84 -27.73 -29.44
C ARG A 391 -39.19 -27.28 -30.01
N LYS A 392 -39.93 -28.23 -30.51
CA LYS A 392 -41.18 -27.88 -31.15
C LYS A 392 -42.18 -27.32 -30.18
N LEU A 393 -42.16 -27.85 -28.97
CA LEU A 393 -43.04 -27.41 -27.88
C LEU A 393 -42.70 -25.97 -27.58
N PHE A 394 -41.38 -25.73 -27.46
CA PHE A 394 -40.86 -24.39 -27.18
C PHE A 394 -41.30 -23.39 -28.20
N GLU A 395 -41.12 -23.75 -29.46
CA GLU A 395 -41.52 -22.89 -30.55
C GLU A 395 -42.99 -22.53 -30.47
N GLU A 396 -43.80 -23.58 -30.25
CA GLU A 396 -45.24 -23.54 -30.21
C GLU A 396 -45.85 -22.65 -29.12
N LEU A 397 -45.28 -22.86 -27.94
CA LEU A 397 -45.56 -22.10 -26.73
C LEU A 397 -45.28 -20.61 -27.06
N ALA A 398 -44.05 -20.33 -27.51
CA ALA A 398 -43.64 -18.99 -27.87
C ALA A 398 -44.64 -18.26 -28.77
N ARG A 399 -45.03 -18.89 -29.89
CA ARG A 399 -45.98 -18.32 -30.87
C ARG A 399 -47.32 -18.11 -30.24
N SER A 400 -47.67 -19.02 -29.38
CA SER A 400 -48.92 -18.85 -28.73
C SER A 400 -48.92 -17.55 -27.88
N SER A 401 -47.78 -17.18 -27.30
CA SER A 401 -47.71 -15.99 -26.43
C SER A 401 -46.93 -14.81 -27.04
N SER A 402 -47.18 -14.60 -28.33
CA SER A 402 -46.58 -13.62 -29.24
C SER A 402 -46.89 -12.15 -28.93
N HIS A 403 -48.15 -11.90 -28.57
CA HIS A 403 -48.70 -10.60 -28.20
C HIS A 403 -48.13 -9.98 -26.91
N SER A 404 -47.47 -10.79 -26.06
CA SER A 404 -46.90 -10.28 -24.84
C SER A 404 -45.43 -9.97 -24.95
N THR A 405 -45.10 -8.78 -24.42
CA THR A 405 -43.73 -8.31 -24.43
C THR A 405 -43.02 -8.30 -23.10
N ASP A 406 -43.69 -8.91 -22.13
CA ASP A 406 -43.23 -9.01 -20.76
C ASP A 406 -41.77 -9.31 -20.65
N LEU A 407 -41.12 -8.62 -19.73
CA LEU A 407 -39.70 -8.80 -19.54
C LEU A 407 -39.39 -10.05 -18.75
N MET A 408 -40.37 -10.56 -18.01
CA MET A 408 -40.07 -11.77 -17.28
C MET A 408 -40.19 -12.98 -18.20
N GLU A 409 -41.16 -12.96 -19.13
CA GLU A 409 -41.32 -14.00 -20.12
C GLU A 409 -40.05 -14.00 -20.93
N ALA A 410 -39.77 -12.82 -21.46
CA ALA A 410 -38.57 -12.56 -22.23
C ALA A 410 -37.32 -13.15 -21.57
N MET A 411 -37.27 -13.02 -20.25
CA MET A 411 -36.15 -13.51 -19.49
C MET A 411 -36.24 -15.01 -19.39
N ALA A 412 -37.45 -15.46 -19.21
CA ALA A 412 -37.74 -16.87 -19.14
C ALA A 412 -37.29 -17.58 -20.40
N MET A 413 -37.84 -17.15 -21.58
CA MET A 413 -37.50 -17.73 -22.91
C MET A 413 -36.01 -17.88 -23.18
N GLY A 414 -35.26 -16.85 -22.87
CA GLY A 414 -33.81 -16.91 -23.07
C GLY A 414 -33.07 -17.95 -22.24
N SER A 415 -33.46 -18.09 -20.99
CA SER A 415 -32.82 -19.04 -20.07
C SER A 415 -33.12 -20.47 -20.50
N VAL A 416 -34.38 -20.70 -20.86
CA VAL A 416 -34.73 -22.00 -21.36
C VAL A 416 -33.91 -22.28 -22.60
N GLU A 417 -33.93 -21.33 -23.57
CA GLU A 417 -33.15 -21.46 -24.80
C GLU A 417 -31.65 -21.66 -24.59
N ALA A 418 -31.12 -21.03 -23.58
CA ALA A 418 -29.72 -21.18 -23.30
C ALA A 418 -29.43 -22.53 -22.67
N SER A 419 -30.42 -23.11 -22.05
CA SER A 419 -30.22 -24.38 -21.38
C SER A 419 -30.33 -25.54 -22.35
N TYR A 420 -31.15 -25.32 -23.36
CA TYR A 420 -31.27 -26.36 -24.36
C TYR A 420 -29.90 -26.42 -25.01
N LYS A 421 -29.46 -25.27 -25.47
CA LYS A 421 -28.16 -25.15 -26.11
C LYS A 421 -26.95 -25.72 -25.40
N CYS A 422 -26.69 -25.33 -24.15
CA CYS A 422 -25.49 -25.84 -23.46
C CYS A 422 -25.76 -27.08 -22.67
N LEU A 423 -27.01 -27.49 -22.70
CA LEU A 423 -27.39 -28.68 -21.98
C LEU A 423 -27.13 -28.48 -20.48
N ALA A 424 -27.56 -27.32 -19.99
CA ALA A 424 -27.41 -27.00 -18.57
C ALA A 424 -28.04 -28.13 -17.79
N ALA A 425 -27.53 -28.37 -16.59
CA ALA A 425 -27.99 -29.44 -15.74
C ALA A 425 -29.21 -29.08 -14.93
N ALA A 426 -29.34 -27.77 -14.79
CA ALA A 426 -30.38 -27.17 -14.04
C ALA A 426 -30.30 -25.69 -14.13
N LEU A 427 -31.50 -25.16 -14.05
CA LEU A 427 -31.84 -23.79 -14.00
C LEU A 427 -32.07 -23.45 -12.50
N ILE A 428 -31.49 -22.36 -12.02
CA ILE A 428 -31.63 -21.95 -10.64
C ILE A 428 -32.28 -20.60 -10.53
N VAL A 429 -33.37 -20.56 -9.83
CA VAL A 429 -34.12 -19.33 -9.71
C VAL A 429 -34.31 -18.85 -8.29
N LEU A 430 -34.39 -17.55 -8.13
CA LEU A 430 -34.58 -16.93 -6.83
C LEU A 430 -35.80 -16.04 -6.87
N THR A 431 -36.85 -16.55 -6.28
CA THR A 431 -38.06 -15.79 -6.16
C THR A 431 -38.74 -16.00 -4.82
N GLU A 432 -39.56 -15.00 -4.44
CA GLU A 432 -40.35 -15.01 -3.21
C GLU A 432 -41.84 -15.12 -3.53
N SER A 433 -42.27 -14.45 -4.59
CA SER A 433 -43.65 -14.46 -5.11
C SER A 433 -44.00 -15.76 -5.83
N GLY A 434 -42.94 -16.34 -6.38
CA GLY A 434 -43.04 -17.53 -7.19
C GLY A 434 -42.95 -17.21 -8.70
N ARG A 435 -43.55 -16.09 -9.08
CA ARG A 435 -43.63 -15.62 -10.45
C ARG A 435 -42.41 -15.86 -11.35
N SER A 436 -41.25 -15.39 -10.93
CA SER A 436 -40.09 -15.55 -11.76
C SER A 436 -39.83 -17.01 -12.16
N ALA A 437 -40.19 -17.94 -11.30
CA ALA A 437 -39.98 -19.36 -11.59
C ALA A 437 -41.15 -19.98 -12.34
N HIS A 438 -42.29 -19.40 -12.16
CA HIS A 438 -43.47 -19.87 -12.81
C HIS A 438 -43.43 -19.59 -14.31
N GLN A 439 -42.71 -18.53 -14.65
CA GLN A 439 -42.62 -18.05 -16.01
C GLN A 439 -41.63 -18.82 -16.85
N VAL A 440 -40.79 -19.48 -16.12
CA VAL A 440 -39.79 -20.29 -16.72
C VAL A 440 -40.31 -21.70 -16.90
N ALA A 441 -40.94 -22.20 -15.87
CA ALA A 441 -41.47 -23.55 -15.93
C ALA A 441 -42.45 -23.64 -17.07
N ARG A 442 -43.08 -22.51 -17.34
CA ARG A 442 -44.03 -22.39 -18.44
C ARG A 442 -43.41 -22.62 -19.82
N TYR A 443 -42.08 -22.35 -19.97
CA TYR A 443 -41.32 -22.51 -21.22
C TYR A 443 -40.78 -23.90 -21.36
N ARG A 444 -41.04 -24.67 -20.36
CA ARG A 444 -40.72 -26.06 -20.33
C ARG A 444 -39.32 -26.41 -20.63
N PRO A 445 -38.45 -26.04 -19.71
CA PRO A 445 -37.08 -26.43 -19.84
C PRO A 445 -37.08 -27.91 -19.66
N ARG A 446 -35.98 -28.54 -20.04
CA ARG A 446 -35.78 -29.96 -19.96
C ARG A 446 -35.29 -30.28 -18.56
N ALA A 447 -34.41 -29.40 -18.16
CA ALA A 447 -33.74 -29.49 -16.91
C ALA A 447 -34.54 -28.98 -15.73
N PRO A 448 -34.28 -29.55 -14.55
CA PRO A 448 -34.93 -29.19 -13.31
C PRO A 448 -34.75 -27.73 -12.91
N ILE A 449 -35.87 -27.12 -12.51
CA ILE A 449 -35.87 -25.76 -12.06
C ILE A 449 -35.83 -25.68 -10.56
N ILE A 450 -34.65 -25.48 -10.00
CA ILE A 450 -34.53 -25.39 -8.57
C ILE A 450 -34.89 -23.98 -8.11
N ALA A 451 -36.10 -23.80 -7.56
CA ALA A 451 -36.53 -22.50 -7.08
C ALA A 451 -36.20 -22.35 -5.62
N VAL A 452 -35.45 -21.30 -5.30
CA VAL A 452 -35.05 -20.94 -3.95
C VAL A 452 -35.82 -19.76 -3.34
N THR A 453 -36.72 -20.10 -2.45
CA THR A 453 -37.53 -19.12 -1.77
C THR A 453 -37.26 -19.10 -0.27
N ARG A 454 -37.76 -18.03 0.34
CA ARG A 454 -37.65 -17.84 1.77
C ARG A 454 -39.04 -17.88 2.36
N ASN A 455 -40.05 -17.94 1.43
CA ASN A 455 -41.52 -18.00 1.64
C ASN A 455 -42.08 -19.44 1.45
N HIS A 456 -42.20 -20.18 2.59
CA HIS A 456 -42.64 -21.58 2.66
C HIS A 456 -43.80 -21.92 1.80
N GLN A 457 -44.77 -21.03 1.82
CA GLN A 457 -45.98 -21.19 1.05
C GLN A 457 -45.75 -21.10 -0.47
N THR A 458 -44.95 -20.13 -0.85
CA THR A 458 -44.62 -19.98 -2.24
C THR A 458 -43.96 -21.25 -2.74
N ALA A 459 -43.31 -21.94 -1.78
CA ALA A 459 -42.57 -23.17 -1.99
C ALA A 459 -43.47 -24.38 -1.98
N ARG A 460 -44.52 -24.31 -1.22
CA ARG A 460 -45.36 -25.46 -1.22
C ARG A 460 -46.17 -25.48 -2.49
N GLN A 461 -46.73 -24.30 -2.81
CA GLN A 461 -47.55 -24.15 -4.01
C GLN A 461 -46.75 -24.21 -5.30
N ALA A 462 -45.44 -24.14 -5.17
CA ALA A 462 -44.59 -24.25 -6.33
C ALA A 462 -44.81 -25.60 -7.02
N HIS A 463 -44.97 -26.61 -6.18
CA HIS A 463 -45.21 -27.98 -6.53
C HIS A 463 -46.21 -28.11 -7.67
N LEU A 464 -47.09 -27.16 -7.67
CA LEU A 464 -48.10 -27.12 -8.68
C LEU A 464 -47.55 -26.97 -10.12
N TYR A 465 -46.31 -26.43 -10.25
CA TYR A 465 -45.59 -26.15 -11.51
C TYR A 465 -44.58 -27.21 -11.95
N ARG A 466 -44.63 -27.42 -13.25
CA ARG A 466 -43.80 -28.38 -13.91
C ARG A 466 -42.32 -28.03 -13.91
N GLY A 467 -41.53 -28.84 -13.20
CA GLY A 467 -40.09 -28.62 -13.19
C GLY A 467 -39.54 -27.94 -11.95
N ILE A 468 -40.39 -27.19 -11.26
CA ILE A 468 -39.92 -26.52 -10.06
C ILE A 468 -39.75 -27.46 -8.91
N PHE A 469 -38.54 -27.48 -8.41
CA PHE A 469 -38.17 -28.24 -7.27
C PHE A 469 -37.86 -27.21 -6.18
N PRO A 470 -38.84 -26.89 -5.40
CA PRO A 470 -38.70 -25.88 -4.37
C PRO A 470 -37.66 -26.23 -3.37
N VAL A 471 -37.00 -25.18 -2.87
CA VAL A 471 -35.91 -25.25 -1.88
C VAL A 471 -36.06 -24.06 -0.96
N VAL A 472 -36.18 -24.31 0.34
CA VAL A 472 -36.43 -23.20 1.24
C VAL A 472 -35.21 -22.74 1.97
N CYS A 473 -34.98 -21.42 1.90
CA CYS A 473 -33.84 -20.84 2.55
C CYS A 473 -34.23 -20.41 3.95
N LYS A 474 -33.64 -21.08 4.93
CA LYS A 474 -33.93 -20.82 6.32
C LYS A 474 -33.05 -19.68 6.88
N ASP A 475 -31.81 -19.63 6.37
CA ASP A 475 -30.83 -18.62 6.75
C ASP A 475 -31.38 -17.17 6.71
N PRO A 476 -30.73 -16.29 7.42
CA PRO A 476 -31.24 -14.95 7.45
C PRO A 476 -30.64 -14.05 6.40
N VAL A 477 -31.45 -13.06 6.10
CA VAL A 477 -31.10 -12.06 5.15
C VAL A 477 -29.80 -11.37 5.44
N GLN A 478 -28.84 -11.60 4.56
CA GLN A 478 -27.57 -10.95 4.68
C GLN A 478 -27.76 -9.49 4.36
N GLU A 479 -26.95 -8.65 4.97
CA GLU A 479 -27.04 -7.21 4.77
C GLU A 479 -26.73 -6.83 3.34
N ALA A 480 -25.60 -7.34 2.84
CA ALA A 480 -25.20 -7.09 1.47
C ALA A 480 -25.91 -8.03 0.50
N TRP A 481 -26.51 -7.44 -0.53
CA TRP A 481 -27.22 -8.17 -1.56
C TRP A 481 -26.42 -9.36 -2.06
N ALA A 482 -25.25 -9.04 -2.61
CA ALA A 482 -24.33 -9.99 -3.21
C ALA A 482 -24.18 -11.26 -2.44
N GLU A 483 -24.02 -11.10 -1.16
CA GLU A 483 -23.81 -12.16 -0.21
C GLU A 483 -25.05 -12.97 0.00
N ASP A 484 -26.21 -12.28 -0.05
CA ASP A 484 -27.51 -12.91 0.15
C ASP A 484 -27.86 -13.75 -1.05
N VAL A 485 -27.47 -13.24 -2.22
CA VAL A 485 -27.69 -13.93 -3.46
C VAL A 485 -26.77 -15.13 -3.49
N ASP A 486 -25.51 -14.83 -3.32
CA ASP A 486 -24.49 -15.83 -3.35
C ASP A 486 -24.81 -16.94 -2.37
N LEU A 487 -25.52 -16.52 -1.33
CA LEU A 487 -25.93 -17.38 -0.23
C LEU A 487 -26.93 -18.48 -0.62
N ARG A 488 -28.04 -18.06 -1.28
CA ARG A 488 -29.11 -18.95 -1.75
C ARG A 488 -28.72 -19.80 -2.97
N VAL A 489 -27.84 -19.25 -3.77
CA VAL A 489 -27.28 -19.94 -4.91
C VAL A 489 -26.51 -21.17 -4.38
N ASN A 490 -25.65 -20.95 -3.37
CA ASN A 490 -24.91 -22.07 -2.77
C ASN A 490 -25.82 -23.13 -2.16
N LEU A 491 -26.91 -22.69 -1.60
CA LEU A 491 -27.84 -23.64 -1.07
C LEU A 491 -28.32 -24.52 -2.25
N ALA A 492 -28.79 -23.88 -3.33
CA ALA A 492 -29.27 -24.57 -4.50
C ALA A 492 -28.21 -25.50 -5.00
N MET A 493 -27.01 -24.98 -5.06
CA MET A 493 -25.90 -25.78 -5.53
C MET A 493 -25.74 -27.07 -4.77
N ASN A 494 -25.68 -26.91 -3.47
CA ASN A 494 -25.47 -28.01 -2.57
C ASN A 494 -26.56 -29.03 -2.64
N VAL A 495 -27.76 -28.49 -2.67
CA VAL A 495 -28.94 -29.30 -2.74
C VAL A 495 -28.90 -30.09 -4.03
N GLY A 496 -28.75 -29.37 -5.15
CA GLY A 496 -28.69 -30.01 -6.43
C GLY A 496 -27.63 -31.09 -6.45
N LYS A 497 -26.49 -30.74 -5.84
CA LYS A 497 -25.32 -31.60 -5.74
C LYS A 497 -25.57 -32.80 -4.86
N ALA A 498 -26.39 -32.56 -3.87
CA ALA A 498 -26.72 -33.60 -2.93
C ALA A 498 -27.80 -34.53 -3.45
N ARG A 499 -28.72 -34.00 -4.28
CA ARG A 499 -29.81 -34.79 -4.85
C ARG A 499 -29.41 -35.77 -5.98
N GLY A 500 -28.31 -35.46 -6.69
CA GLY A 500 -27.80 -36.26 -7.81
C GLY A 500 -28.02 -35.62 -9.21
N PHE A 501 -28.48 -34.34 -9.26
CA PHE A 501 -28.78 -33.58 -10.48
C PHE A 501 -27.58 -33.11 -11.27
N PHE A 502 -26.58 -32.63 -10.54
CA PHE A 502 -25.35 -32.17 -11.12
C PHE A 502 -24.13 -32.51 -10.30
N LYS A 503 -22.99 -32.25 -10.90
CA LYS A 503 -21.70 -32.59 -10.36
C LYS A 503 -20.84 -31.38 -10.35
N LYS A 504 -19.55 -31.64 -10.18
CA LYS A 504 -18.54 -30.60 -10.13
C LYS A 504 -18.32 -29.86 -11.46
N GLY A 505 -18.18 -30.58 -12.58
CA GLY A 505 -17.95 -29.90 -13.88
C GLY A 505 -19.22 -29.43 -14.61
N ASP A 506 -20.34 -29.65 -13.97
CA ASP A 506 -21.60 -29.29 -14.54
C ASP A 506 -21.77 -27.80 -14.77
N VAL A 507 -22.81 -27.49 -15.52
CA VAL A 507 -23.11 -26.15 -15.87
C VAL A 507 -24.56 -25.89 -15.66
N VAL A 508 -24.80 -24.85 -14.92
CA VAL A 508 -26.13 -24.44 -14.57
C VAL A 508 -26.40 -23.01 -15.05
N ILE A 509 -27.64 -22.62 -15.04
CA ILE A 509 -28.02 -21.31 -15.51
C ILE A 509 -28.64 -20.62 -14.33
N VAL A 510 -28.16 -19.45 -13.98
CA VAL A 510 -28.67 -18.74 -12.81
C VAL A 510 -29.40 -17.43 -13.02
N LEU A 511 -30.66 -17.45 -12.58
CA LEU A 511 -31.56 -16.31 -12.67
C LEU A 511 -31.74 -15.58 -11.34
N THR A 512 -31.35 -14.30 -11.28
CA THR A 512 -31.42 -13.49 -10.05
C THR A 512 -31.84 -12.03 -10.34
N GLY A 513 -32.02 -11.23 -9.27
CA GLY A 513 -32.37 -9.79 -9.35
C GLY A 513 -31.07 -9.02 -9.34
N TRP A 514 -30.98 -7.97 -10.16
CA TRP A 514 -29.70 -7.27 -10.19
C TRP A 514 -29.38 -6.67 -8.86
N ARG A 515 -30.38 -5.92 -8.41
CA ARG A 515 -30.41 -5.18 -7.18
C ARG A 515 -31.67 -5.57 -6.46
N PRO A 516 -31.68 -5.35 -5.15
CA PRO A 516 -32.84 -5.65 -4.31
C PRO A 516 -34.07 -4.88 -4.79
N GLY A 517 -35.18 -5.58 -4.94
CA GLY A 517 -36.38 -4.91 -5.41
C GLY A 517 -36.35 -4.76 -6.92
N SER A 518 -35.61 -5.65 -7.57
CA SER A 518 -35.50 -5.62 -9.00
C SER A 518 -36.87 -5.74 -9.70
N GLY A 519 -37.80 -6.50 -9.10
CA GLY A 519 -39.14 -6.69 -9.64
C GLY A 519 -39.39 -8.11 -10.21
N PHE A 520 -38.34 -8.64 -10.85
CA PHE A 520 -38.30 -9.96 -11.44
C PHE A 520 -36.82 -10.30 -11.53
N THR A 521 -36.54 -11.50 -12.01
CA THR A 521 -35.20 -11.94 -12.20
C THR A 521 -34.68 -11.29 -13.46
N ASN A 522 -33.74 -10.38 -13.35
CA ASN A 522 -33.31 -9.74 -14.55
C ASN A 522 -31.87 -9.96 -14.82
N THR A 523 -31.37 -11.07 -14.32
CA THR A 523 -30.00 -11.33 -14.59
C THR A 523 -29.76 -12.78 -14.72
N MET A 524 -29.30 -13.19 -15.90
CA MET A 524 -28.99 -14.57 -16.10
C MET A 524 -27.49 -14.79 -16.14
N ARG A 525 -27.04 -15.98 -15.75
CA ARG A 525 -25.62 -16.28 -15.73
C ARG A 525 -25.38 -17.76 -15.96
N VAL A 526 -24.45 -18.07 -16.86
CA VAL A 526 -24.13 -19.46 -17.11
C VAL A 526 -22.94 -19.67 -16.24
N VAL A 527 -23.16 -20.42 -15.18
CA VAL A 527 -22.16 -20.66 -14.16
C VAL A 527 -21.96 -22.16 -14.03
N PRO A 528 -20.76 -22.56 -13.63
CA PRO A 528 -20.41 -23.97 -13.43
C PRO A 528 -20.59 -24.45 -11.99
N VAL A 529 -20.99 -25.70 -11.88
CA VAL A 529 -21.15 -26.21 -10.57
C VAL A 529 -19.80 -26.26 -9.88
N PRO A 530 -19.77 -25.83 -8.64
CA PRO A 530 -18.51 -25.82 -7.92
C PRO A 530 -18.18 -27.18 -7.35
N ILE B 12 -49.55 2.49 -38.66
CA ILE B 12 -48.99 1.22 -39.12
C ILE B 12 -47.62 0.89 -38.50
N GLN B 13 -47.51 -0.37 -38.06
CA GLN B 13 -46.32 -0.91 -37.40
C GLN B 13 -45.00 -0.39 -37.90
N THR B 14 -43.95 -0.76 -37.18
CA THR B 14 -42.61 -0.36 -37.48
C THR B 14 -41.76 -1.56 -37.75
N GLN B 15 -40.59 -1.33 -38.33
CA GLN B 15 -39.64 -2.38 -38.63
C GLN B 15 -40.24 -3.63 -39.25
N GLN B 16 -41.29 -3.46 -40.06
CA GLN B 16 -41.97 -4.62 -40.64
C GLN B 16 -42.33 -5.63 -39.53
N LEU B 17 -42.77 -5.09 -38.39
CA LEU B 17 -43.09 -5.95 -37.27
C LEU B 17 -44.33 -6.73 -37.55
N HIS B 18 -45.19 -6.22 -38.40
CA HIS B 18 -46.36 -7.02 -38.71
C HIS B 18 -46.03 -8.28 -39.52
N ALA B 19 -45.19 -8.14 -40.52
CA ALA B 19 -44.83 -9.27 -41.36
C ALA B 19 -43.96 -10.24 -40.60
N ALA B 20 -43.17 -9.68 -39.68
CA ALA B 20 -42.23 -10.46 -38.90
C ALA B 20 -42.91 -11.48 -38.03
N MET B 21 -44.24 -11.30 -37.87
CA MET B 21 -45.16 -12.18 -37.11
C MET B 21 -45.75 -13.30 -37.98
N ALA B 22 -45.48 -13.25 -39.25
CA ALA B 22 -46.01 -14.23 -40.14
C ALA B 22 -45.62 -15.67 -39.75
N ASP B 23 -46.45 -16.62 -40.17
CA ASP B 23 -46.26 -18.01 -39.87
C ASP B 23 -45.45 -18.73 -40.93
N THR B 24 -45.63 -18.26 -42.14
CA THR B 24 -45.05 -18.84 -43.29
C THR B 24 -44.30 -17.78 -44.10
N PHE B 25 -43.26 -18.19 -44.89
CA PHE B 25 -42.46 -17.26 -45.72
C PHE B 25 -43.31 -16.37 -46.61
N LEU B 26 -44.20 -16.99 -47.31
CA LEU B 26 -45.15 -16.27 -48.17
C LEU B 26 -45.90 -15.15 -47.47
N GLU B 27 -46.31 -15.39 -46.25
CA GLU B 27 -47.09 -14.36 -45.63
C GLU B 27 -46.22 -13.22 -45.26
N HIS B 28 -45.01 -13.62 -44.86
CA HIS B 28 -44.02 -12.64 -44.52
C HIS B 28 -43.90 -11.66 -45.65
N MET B 29 -43.82 -12.19 -46.85
CA MET B 29 -43.78 -11.34 -48.01
C MET B 29 -45.03 -10.51 -48.14
N CYS B 30 -46.15 -11.21 -48.18
CA CYS B 30 -47.42 -10.52 -48.38
C CYS B 30 -47.69 -9.37 -47.47
N ARG B 31 -47.01 -9.36 -46.34
CA ARG B 31 -47.17 -8.35 -45.31
C ARG B 31 -46.23 -7.15 -45.40
N LEU B 32 -45.24 -7.21 -46.27
CA LEU B 32 -44.31 -6.14 -46.38
C LEU B 32 -44.99 -4.78 -46.64
N ASP B 33 -44.69 -3.79 -45.77
CA ASP B 33 -45.30 -2.48 -45.86
C ASP B 33 -44.36 -1.35 -46.17
N ILE B 34 -44.80 -0.42 -47.00
CA ILE B 34 -43.93 0.70 -47.33
C ILE B 34 -44.18 1.89 -46.48
N ASP B 35 -45.06 1.65 -45.55
CA ASP B 35 -45.44 2.62 -44.58
C ASP B 35 -44.86 2.24 -43.19
N SER B 36 -44.30 1.05 -43.15
CA SER B 36 -43.62 0.56 -42.00
C SER B 36 -42.19 1.05 -42.09
N ALA B 37 -41.90 2.00 -41.22
CA ALA B 37 -40.60 2.64 -41.10
C ALA B 37 -39.49 1.83 -40.41
N PRO B 38 -38.34 1.76 -41.06
CA PRO B 38 -37.22 1.08 -40.54
C PRO B 38 -36.74 1.81 -39.32
N ILE B 39 -35.80 1.21 -38.67
CA ILE B 39 -35.27 1.85 -37.50
C ILE B 39 -34.18 2.77 -37.98
N THR B 40 -33.50 3.40 -37.05
CA THR B 40 -32.44 4.32 -37.39
C THR B 40 -31.09 3.68 -37.69
N ALA B 41 -30.80 2.55 -37.04
CA ALA B 41 -29.52 1.83 -37.18
C ALA B 41 -29.39 0.92 -38.44
N ARG B 42 -28.17 0.88 -39.02
CA ARG B 42 -27.81 0.08 -40.21
C ARG B 42 -26.71 -0.94 -39.89
N ASN B 43 -27.13 -2.23 -39.84
CA ASN B 43 -26.25 -3.34 -39.46
C ASN B 43 -25.32 -3.88 -40.47
N THR B 44 -25.66 -3.55 -41.70
CA THR B 44 -24.81 -3.97 -42.76
C THR B 44 -23.65 -3.01 -42.94
N GLY B 45 -22.46 -3.57 -42.79
CA GLY B 45 -21.26 -2.79 -42.94
C GLY B 45 -21.13 -2.40 -44.39
N ILE B 46 -20.61 -1.17 -44.64
CA ILE B 46 -20.44 -0.63 -46.00
C ILE B 46 -18.99 -0.39 -46.33
N ILE B 47 -18.42 -1.22 -47.17
CA ILE B 47 -17.04 -1.03 -47.52
C ILE B 47 -16.91 -0.06 -48.71
N CYS B 48 -15.92 0.81 -48.68
CA CYS B 48 -15.71 1.74 -49.78
C CYS B 48 -14.32 1.62 -50.43
N THR B 49 -14.29 1.50 -51.76
CA THR B 49 -13.00 1.43 -52.38
C THR B 49 -12.51 2.83 -52.55
N ILE B 50 -11.36 3.08 -51.96
CA ILE B 50 -10.81 4.40 -51.99
C ILE B 50 -9.97 4.64 -53.20
N GLY B 51 -10.16 5.82 -53.73
CA GLY B 51 -9.42 6.21 -54.89
C GLY B 51 -9.60 7.68 -55.21
N PRO B 52 -9.11 8.01 -56.38
CA PRO B 52 -9.17 9.34 -56.96
C PRO B 52 -10.31 10.31 -56.57
N ALA B 53 -11.56 9.86 -56.51
CA ALA B 53 -12.62 10.77 -56.15
C ALA B 53 -12.85 10.91 -54.67
N SER B 54 -12.34 9.91 -53.95
CA SER B 54 -12.50 9.83 -52.51
C SER B 54 -11.18 9.63 -51.80
N ARG B 55 -10.19 10.45 -52.10
CA ARG B 55 -8.90 10.28 -51.47
C ARG B 55 -8.55 11.49 -50.64
N SER B 56 -9.22 12.58 -51.02
CA SER B 56 -9.02 13.84 -50.38
C SER B 56 -9.31 13.70 -48.92
N VAL B 57 -8.86 14.65 -48.09
CA VAL B 57 -9.22 14.42 -46.72
C VAL B 57 -10.61 14.92 -46.46
N GLU B 58 -11.00 15.96 -47.16
CA GLU B 58 -12.33 16.47 -46.93
C GLU B 58 -13.46 15.63 -47.46
N THR B 59 -13.12 14.69 -48.33
CA THR B 59 -14.14 13.83 -48.86
C THR B 59 -14.41 12.67 -47.91
N LEU B 60 -13.32 12.05 -47.53
CA LEU B 60 -13.32 10.96 -46.61
C LEU B 60 -14.16 11.28 -45.36
N LYS B 61 -14.02 12.48 -44.84
CA LYS B 61 -14.80 12.90 -43.69
C LYS B 61 -16.28 12.79 -44.02
N GLU B 62 -16.65 13.37 -45.15
CA GLU B 62 -18.02 13.36 -45.61
C GLU B 62 -18.47 11.95 -45.83
N MET B 63 -17.56 11.14 -46.27
CA MET B 63 -17.92 9.78 -46.45
C MET B 63 -18.09 9.11 -45.09
N ILE B 64 -17.06 9.22 -44.24
CA ILE B 64 -17.06 8.66 -42.89
C ILE B 64 -18.38 9.00 -42.16
N LYS B 65 -18.84 10.17 -42.48
CA LYS B 65 -20.03 10.79 -41.98
C LYS B 65 -21.28 10.19 -42.62
N SER B 66 -21.14 9.86 -43.89
CA SER B 66 -22.23 9.35 -44.69
C SER B 66 -22.55 7.87 -44.48
N GLY B 67 -21.55 7.12 -44.07
CA GLY B 67 -21.82 5.70 -43.86
C GLY B 67 -20.58 4.81 -43.89
N MET B 68 -19.46 5.32 -44.39
CA MET B 68 -18.23 4.54 -44.48
C MET B 68 -17.81 3.77 -43.24
N ASN B 69 -17.43 2.49 -43.46
CA ASN B 69 -16.97 1.60 -42.36
C ASN B 69 -15.63 0.96 -42.66
N VAL B 70 -15.40 0.58 -43.92
CA VAL B 70 -14.10 0.02 -44.25
C VAL B 70 -13.50 0.72 -45.44
N ALA B 71 -12.20 0.89 -45.40
CA ALA B 71 -11.52 1.54 -46.48
C ALA B 71 -10.71 0.51 -47.19
N ARG B 72 -11.01 0.41 -48.47
CA ARG B 72 -10.41 -0.58 -49.31
C ARG B 72 -9.45 0.03 -50.27
N MET B 73 -8.28 -0.60 -50.26
CA MET B 73 -7.11 -0.26 -51.04
C MET B 73 -6.83 -1.32 -52.06
N ASN B 74 -7.17 -1.06 -53.32
CA ASN B 74 -6.92 -2.07 -54.36
C ASN B 74 -5.46 -2.08 -54.83
N PHE B 75 -4.71 -3.05 -54.34
CA PHE B 75 -3.30 -3.13 -54.66
C PHE B 75 -2.99 -3.63 -56.05
N SER B 76 -4.01 -3.69 -56.95
CA SER B 76 -3.85 -4.17 -58.32
C SER B 76 -3.19 -3.07 -59.17
N HIS B 77 -3.14 -1.91 -58.52
CA HIS B 77 -2.63 -0.66 -59.03
C HIS B 77 -1.85 0.11 -57.98
N GLY B 78 -1.49 1.31 -58.35
CA GLY B 78 -0.79 2.16 -57.44
C GLY B 78 0.48 1.55 -56.84
N THR B 79 1.20 2.48 -56.25
CA THR B 79 2.46 2.23 -55.62
C THR B 79 2.33 2.55 -54.17
N HIS B 80 3.30 2.02 -53.46
CA HIS B 80 3.38 2.16 -52.03
C HIS B 80 3.11 3.53 -51.53
N GLU B 81 3.84 4.47 -52.06
CA GLU B 81 3.61 5.82 -51.61
C GLU B 81 2.24 6.33 -51.95
N TYR B 82 1.68 5.87 -53.05
CA TYR B 82 0.35 6.35 -53.33
C TYR B 82 -0.59 5.85 -52.24
N HIS B 83 -0.52 4.54 -52.01
CA HIS B 83 -1.32 3.88 -51.01
C HIS B 83 -1.07 4.46 -49.64
N ALA B 84 0.19 4.40 -49.22
CA ALA B 84 0.55 4.93 -47.92
C ALA B 84 0.05 6.34 -47.61
N GLU B 85 -0.37 7.08 -48.65
CA GLU B 85 -0.91 8.44 -48.50
C GLU B 85 -2.43 8.48 -48.46
N THR B 86 -3.02 7.56 -49.23
CA THR B 86 -4.45 7.48 -49.25
C THR B 86 -4.75 7.14 -47.83
N ILE B 87 -4.00 6.13 -47.37
CA ILE B 87 -4.11 5.65 -46.00
C ILE B 87 -3.95 6.71 -44.94
N LYS B 88 -2.83 7.41 -44.99
CA LYS B 88 -2.60 8.46 -44.06
C LYS B 88 -3.78 9.45 -44.03
N ASN B 89 -4.43 9.75 -45.17
CA ASN B 89 -5.58 10.68 -45.13
C ASN B 89 -6.83 10.07 -44.48
N VAL B 90 -7.01 8.75 -44.64
CA VAL B 90 -8.18 8.10 -44.06
C VAL B 90 -8.15 8.36 -42.58
N ARG B 91 -7.08 7.84 -42.01
CA ARG B 91 -6.80 7.95 -40.60
C ARG B 91 -6.94 9.38 -40.18
N THR B 92 -6.59 10.29 -41.05
CA THR B 92 -6.76 11.65 -40.64
C THR B 92 -8.21 12.02 -40.58
N ALA B 93 -8.95 11.62 -41.58
CA ALA B 93 -10.37 11.93 -41.57
C ALA B 93 -11.08 11.26 -40.41
N THR B 94 -10.68 10.04 -40.11
CA THR B 94 -11.33 9.29 -39.06
C THR B 94 -11.21 9.92 -37.69
N GLU B 95 -9.95 10.20 -37.35
CA GLU B 95 -9.56 10.78 -36.08
C GLU B 95 -9.86 12.24 -35.99
N SER B 96 -10.43 12.72 -37.05
CA SER B 96 -10.76 14.10 -37.06
C SER B 96 -11.78 14.27 -35.97
N PHE B 97 -12.60 13.26 -35.88
CA PHE B 97 -13.68 13.26 -34.93
C PHE B 97 -13.36 12.69 -33.58
N ALA B 98 -12.07 12.36 -33.32
CA ALA B 98 -11.59 11.76 -32.06
C ALA B 98 -12.01 12.46 -30.76
N SER B 99 -12.25 13.78 -30.89
CA SER B 99 -12.66 14.76 -29.86
C SER B 99 -13.78 14.33 -28.92
N ASP B 100 -14.84 13.79 -29.49
CA ASP B 100 -15.97 13.35 -28.73
C ASP B 100 -16.13 11.85 -28.84
N PRO B 101 -15.55 11.12 -27.89
CA PRO B 101 -15.59 9.67 -27.83
C PRO B 101 -17.00 9.15 -28.09
N ILE B 102 -17.98 10.04 -27.79
CA ILE B 102 -19.41 9.82 -28.03
C ILE B 102 -19.74 9.84 -29.53
N LEU B 103 -19.09 10.70 -30.30
CA LEU B 103 -19.44 10.76 -31.71
C LEU B 103 -18.39 10.32 -32.72
N TYR B 104 -17.48 9.47 -32.27
CA TYR B 104 -16.41 8.96 -33.09
C TYR B 104 -16.58 7.52 -33.56
N ARG B 105 -16.62 7.42 -34.87
CA ARG B 105 -16.74 6.15 -35.54
C ARG B 105 -15.40 5.72 -36.09
N PRO B 106 -14.99 4.54 -35.69
CA PRO B 106 -13.78 3.96 -36.19
C PRO B 106 -13.98 3.63 -37.66
N VAL B 107 -12.87 3.38 -38.30
CA VAL B 107 -12.88 3.09 -39.69
C VAL B 107 -11.71 2.19 -39.91
N ALA B 108 -12.04 1.00 -40.39
CA ALA B 108 -11.05 -0.01 -40.64
C ALA B 108 -10.30 0.25 -41.91
N VAL B 109 -9.26 -0.53 -42.12
CA VAL B 109 -8.50 -0.37 -43.34
C VAL B 109 -8.15 -1.70 -43.97
N ALA B 110 -8.40 -1.87 -45.26
CA ALA B 110 -8.10 -3.17 -45.80
C ALA B 110 -7.33 -3.20 -47.12
N LEU B 111 -6.49 -4.25 -47.26
CA LEU B 111 -5.65 -4.48 -48.42
C LEU B 111 -6.17 -5.57 -49.34
N ASP B 112 -6.51 -5.13 -50.54
CA ASP B 112 -6.98 -6.00 -51.55
C ASP B 112 -5.82 -6.32 -52.48
N THR B 113 -5.26 -7.45 -52.26
CA THR B 113 -4.12 -7.93 -53.01
C THR B 113 -4.40 -8.07 -54.46
N LYS B 114 -3.39 -7.79 -55.27
CA LYS B 114 -3.53 -7.94 -56.73
C LYS B 114 -3.56 -9.41 -57.10
N GLY B 115 -2.67 -10.14 -56.55
CA GLY B 115 -2.74 -11.55 -56.86
C GLY B 115 -2.09 -11.98 -58.17
N PRO B 116 -1.99 -13.31 -58.31
CA PRO B 116 -1.38 -14.04 -59.42
C PRO B 116 -2.14 -14.00 -60.75
N GLU B 117 -1.45 -13.68 -61.88
CA GLU B 117 -2.17 -13.62 -63.18
C GLU B 117 -1.59 -14.42 -64.32
N ILE B 118 -2.32 -14.35 -65.44
CA ILE B 118 -1.86 -14.94 -66.69
C ILE B 118 -1.96 -13.88 -67.78
N ARG B 119 -0.81 -13.51 -68.33
CA ARG B 119 -0.82 -12.53 -69.39
C ARG B 119 -0.28 -13.08 -70.73
N THR B 120 -0.76 -12.49 -71.84
CA THR B 120 -0.34 -12.79 -73.18
C THR B 120 0.86 -11.86 -73.52
N GLY B 121 1.63 -12.18 -74.56
CA GLY B 121 2.78 -11.38 -74.97
C GLY B 121 2.40 -10.19 -75.84
N LEU B 122 3.39 -9.65 -76.55
CA LEU B 122 3.21 -8.51 -77.44
C LEU B 122 2.69 -8.85 -78.82
N ILE B 123 1.69 -8.09 -79.27
CA ILE B 123 1.10 -8.29 -80.57
C ILE B 123 1.94 -7.61 -81.63
N LYS B 124 2.82 -8.34 -82.29
CA LYS B 124 3.65 -7.76 -83.32
C LYS B 124 4.70 -6.79 -82.79
N GLY B 125 5.31 -7.14 -81.67
CA GLY B 125 6.35 -6.25 -81.14
C GLY B 125 5.89 -4.93 -80.49
N SER B 126 4.63 -4.51 -80.70
CA SER B 126 4.16 -3.28 -80.05
C SER B 126 2.98 -3.46 -79.15
N GLY B 127 2.80 -2.49 -78.23
CA GLY B 127 1.70 -2.52 -77.27
C GLY B 127 0.31 -2.14 -77.81
N THR B 128 0.28 -1.14 -78.65
CA THR B 128 -0.96 -0.66 -79.23
C THR B 128 -1.57 -1.56 -80.31
N ALA B 129 -0.79 -2.54 -80.76
CA ALA B 129 -1.25 -3.40 -81.81
C ALA B 129 -2.36 -4.29 -81.37
N GLU B 130 -3.14 -4.66 -82.39
CA GLU B 130 -4.23 -5.56 -82.22
C GLU B 130 -4.36 -6.49 -83.40
N VAL B 131 -5.02 -7.60 -83.17
CA VAL B 131 -5.17 -8.56 -84.21
C VAL B 131 -6.56 -9.13 -84.22
N GLU B 132 -6.93 -9.62 -85.37
CA GLU B 132 -8.23 -10.20 -85.49
C GLU B 132 -8.27 -11.68 -85.37
N LEU B 133 -8.87 -12.05 -84.27
CA LEU B 133 -9.14 -13.41 -83.93
C LEU B 133 -10.48 -13.70 -84.58
N LYS B 134 -10.50 -14.58 -85.58
CA LYS B 134 -11.72 -14.90 -86.30
C LYS B 134 -12.31 -16.21 -85.86
N LYS B 135 -13.62 -16.34 -86.02
CA LYS B 135 -14.27 -17.58 -85.65
C LYS B 135 -13.77 -18.73 -86.51
N GLY B 136 -13.43 -19.86 -85.86
CA GLY B 136 -12.96 -21.09 -86.47
C GLY B 136 -11.45 -21.21 -86.67
N ALA B 137 -10.76 -20.06 -86.66
CA ALA B 137 -9.32 -20.06 -86.85
C ALA B 137 -8.61 -21.00 -85.90
N THR B 138 -7.35 -21.20 -86.20
CA THR B 138 -6.50 -22.00 -85.39
C THR B 138 -5.57 -21.02 -84.74
N LEU B 139 -4.91 -21.47 -83.69
CA LEU B 139 -4.03 -20.58 -82.97
C LEU B 139 -3.23 -21.40 -82.03
N LYS B 140 -1.96 -21.26 -82.21
CA LYS B 140 -1.04 -21.97 -81.38
C LYS B 140 -0.57 -21.08 -80.26
N ILE B 141 -0.56 -21.62 -79.09
CA ILE B 141 -0.05 -20.80 -78.03
C ILE B 141 1.15 -21.52 -77.58
N THR B 142 2.23 -20.80 -77.50
CA THR B 142 3.46 -21.41 -77.11
C THR B 142 3.94 -20.73 -75.88
N LEU B 143 4.98 -21.36 -75.26
CA LEU B 143 5.64 -20.88 -74.05
C LEU B 143 7.06 -20.44 -74.32
N ASP B 144 7.40 -20.53 -75.60
CA ASP B 144 8.68 -20.16 -76.16
C ASP B 144 8.95 -18.65 -76.11
N ASN B 145 9.83 -18.21 -75.23
CA ASN B 145 10.13 -16.81 -75.11
C ASN B 145 10.52 -16.14 -76.42
N ALA B 146 10.72 -16.95 -77.45
CA ALA B 146 11.07 -16.41 -78.73
C ALA B 146 9.92 -15.53 -79.19
N TYR B 147 8.71 -15.96 -78.82
CA TYR B 147 7.48 -15.23 -79.16
C TYR B 147 6.88 -14.32 -78.08
N MET B 148 7.68 -13.85 -77.19
CA MET B 148 7.10 -13.01 -76.21
C MET B 148 6.71 -11.66 -76.79
N GLU B 149 7.49 -11.22 -77.77
CA GLU B 149 7.27 -9.96 -78.42
C GLU B 149 6.75 -10.04 -79.88
N LYS B 150 6.38 -11.24 -80.30
CA LYS B 150 5.90 -11.46 -81.64
C LYS B 150 4.63 -12.30 -81.70
N CYS B 151 3.67 -11.99 -80.84
CA CYS B 151 2.43 -12.73 -80.83
C CYS B 151 1.60 -12.18 -81.96
N ASP B 152 1.10 -13.07 -82.74
CA ASP B 152 0.27 -12.64 -83.82
C ASP B 152 -1.00 -13.47 -83.85
N GLU B 153 -1.80 -13.24 -84.85
CA GLU B 153 -3.07 -13.91 -85.06
C GLU B 153 -2.94 -15.42 -85.26
N ASN B 154 -1.70 -15.90 -85.09
CA ASN B 154 -1.35 -17.30 -85.29
C ASN B 154 -0.57 -17.87 -84.10
N ILE B 155 0.12 -17.00 -83.39
CA ILE B 155 0.89 -17.48 -82.28
C ILE B 155 0.73 -16.66 -81.03
N LEU B 156 0.43 -17.36 -79.93
CA LEU B 156 0.25 -16.74 -78.65
C LEU B 156 1.20 -17.22 -77.59
N TRP B 157 1.64 -16.27 -76.85
CA TRP B 157 2.56 -16.59 -75.81
C TRP B 157 1.97 -16.11 -74.51
N LEU B 158 2.07 -16.96 -73.43
CA LEU B 158 1.61 -16.67 -72.05
C LEU B 158 2.78 -16.78 -71.11
N ASP B 159 2.69 -16.08 -69.97
CA ASP B 159 3.71 -16.15 -68.95
C ASP B 159 3.52 -17.36 -68.05
N TYR B 160 2.39 -18.03 -68.23
CA TYR B 160 2.10 -19.20 -67.43
C TYR B 160 2.84 -20.41 -67.93
N LYS B 161 4.04 -20.64 -67.39
CA LYS B 161 4.84 -21.80 -67.78
C LYS B 161 4.19 -23.21 -67.67
N ASN B 162 3.35 -23.42 -66.66
CA ASN B 162 2.74 -24.74 -66.43
C ASN B 162 1.44 -25.05 -67.16
N ILE B 163 0.95 -24.09 -67.92
CA ILE B 163 -0.31 -24.19 -68.59
C ILE B 163 -0.63 -25.53 -69.25
N CYS B 164 0.38 -26.30 -69.53
CA CYS B 164 0.12 -27.55 -70.22
C CYS B 164 -0.22 -28.74 -69.36
N LYS B 165 0.20 -28.68 -68.10
CA LYS B 165 -0.01 -29.72 -67.13
C LYS B 165 -1.41 -29.63 -66.55
N VAL B 166 -1.79 -28.37 -66.45
CA VAL B 166 -3.03 -27.91 -65.88
C VAL B 166 -4.27 -27.93 -66.78
N VAL B 167 -4.06 -28.02 -68.10
CA VAL B 167 -5.16 -28.09 -69.08
C VAL B 167 -5.02 -29.29 -69.98
N ASP B 168 -6.18 -29.85 -70.37
CA ASP B 168 -6.28 -31.04 -71.24
C ASP B 168 -7.11 -30.70 -72.48
N VAL B 169 -7.13 -31.63 -73.42
CA VAL B 169 -7.89 -31.46 -74.64
C VAL B 169 -9.37 -31.30 -74.37
N GLY B 170 -9.93 -30.21 -74.88
CA GLY B 170 -11.34 -29.91 -74.70
C GLY B 170 -11.52 -28.76 -73.72
N SER B 171 -10.47 -28.43 -72.99
CA SER B 171 -10.54 -27.38 -72.04
C SER B 171 -10.76 -26.10 -72.75
N LYS B 172 -11.21 -25.13 -72.00
CA LYS B 172 -11.41 -23.83 -72.54
C LYS B 172 -10.32 -22.90 -72.03
N VAL B 173 -10.09 -21.86 -72.85
CA VAL B 173 -9.13 -20.81 -72.59
C VAL B 173 -9.76 -19.45 -72.87
N TYR B 174 -9.74 -18.59 -71.86
CA TYR B 174 -10.34 -17.29 -71.98
C TYR B 174 -9.33 -16.19 -72.01
N VAL B 175 -9.41 -15.40 -73.05
CA VAL B 175 -8.51 -14.28 -73.19
C VAL B 175 -9.25 -12.94 -73.15
N ASP B 176 -8.58 -11.95 -72.56
CA ASP B 176 -9.12 -10.61 -72.41
C ASP B 176 -10.38 -10.54 -71.60
N ASP B 177 -10.29 -11.05 -70.40
CA ASP B 177 -11.43 -11.00 -69.53
C ASP B 177 -12.71 -11.54 -70.09
N GLY B 178 -12.58 -12.73 -70.66
CA GLY B 178 -13.68 -13.53 -71.19
C GLY B 178 -14.15 -13.27 -72.60
N LEU B 179 -13.56 -12.26 -73.25
CA LEU B 179 -13.93 -11.88 -74.61
C LEU B 179 -13.71 -12.89 -75.74
N ILE B 180 -12.54 -13.53 -75.72
CA ILE B 180 -12.18 -14.54 -76.69
C ILE B 180 -12.07 -15.81 -75.91
N SER B 181 -12.54 -16.86 -76.54
CA SER B 181 -12.57 -18.17 -75.95
C SER B 181 -11.98 -19.21 -76.89
N LEU B 182 -10.92 -19.90 -76.49
CA LEU B 182 -10.46 -20.93 -77.38
C LEU B 182 -10.55 -22.28 -76.75
N GLN B 183 -10.75 -23.26 -77.59
CA GLN B 183 -10.87 -24.62 -77.13
C GLN B 183 -9.63 -25.42 -77.39
N VAL B 184 -9.11 -26.10 -76.39
CA VAL B 184 -7.94 -26.88 -76.69
C VAL B 184 -8.30 -28.02 -77.60
N LYS B 185 -7.77 -27.97 -78.84
CA LYS B 185 -8.03 -28.96 -79.86
C LYS B 185 -6.93 -29.98 -79.96
N GLN B 186 -5.81 -29.60 -79.42
CA GLN B 186 -4.71 -30.50 -79.47
C GLN B 186 -3.65 -30.08 -78.49
N LYS B 187 -3.33 -30.98 -77.63
CA LYS B 187 -2.33 -30.62 -76.70
C LYS B 187 -0.98 -30.75 -77.36
N GLY B 188 0.05 -30.43 -76.60
CA GLY B 188 1.45 -30.45 -77.06
C GLY B 188 2.35 -30.39 -75.86
N PRO B 189 3.64 -30.58 -76.09
CA PRO B 189 4.61 -30.60 -74.99
C PRO B 189 5.05 -29.23 -74.42
N ASP B 190 5.04 -28.16 -75.31
CA ASP B 190 5.42 -26.75 -75.02
C ASP B 190 4.41 -25.72 -75.59
N PHE B 191 3.47 -26.22 -76.40
CA PHE B 191 2.45 -25.43 -77.08
C PHE B 191 1.06 -26.08 -76.94
N LEU B 192 0.06 -25.33 -77.31
CA LEU B 192 -1.30 -25.85 -77.29
C LEU B 192 -1.89 -25.43 -78.60
N VAL B 193 -2.69 -26.30 -79.15
CA VAL B 193 -3.34 -25.96 -80.38
C VAL B 193 -4.83 -25.82 -80.15
N THR B 194 -5.22 -24.57 -80.13
CA THR B 194 -6.57 -24.19 -79.87
C THR B 194 -7.24 -23.83 -81.14
N GLU B 195 -8.55 -23.82 -81.06
CA GLU B 195 -9.36 -23.39 -82.15
C GLU B 195 -10.12 -22.22 -81.57
N VAL B 196 -10.34 -21.23 -82.37
CA VAL B 196 -11.03 -20.11 -81.85
C VAL B 196 -12.53 -20.37 -81.81
N GLU B 197 -13.09 -20.10 -80.67
CA GLU B 197 -14.50 -20.25 -80.40
C GLU B 197 -14.87 -18.88 -79.90
N ASN B 198 -15.71 -18.16 -80.60
CA ASN B 198 -15.98 -16.81 -80.08
C ASN B 198 -14.72 -15.97 -80.09
N GLY B 199 -14.35 -15.52 -81.28
CA GLY B 199 -13.16 -14.71 -81.48
C GLY B 199 -13.49 -13.24 -81.49
N GLY B 200 -12.46 -12.43 -81.75
CA GLY B 200 -12.57 -10.99 -81.79
C GLY B 200 -11.21 -10.34 -81.90
N PHE B 201 -11.02 -9.27 -81.11
CA PHE B 201 -9.79 -8.51 -81.12
C PHE B 201 -8.85 -8.61 -79.97
N LEU B 202 -7.68 -9.10 -80.35
CA LEU B 202 -6.55 -9.37 -79.49
C LEU B 202 -5.49 -8.28 -79.37
N GLY B 203 -5.65 -7.43 -78.41
CA GLY B 203 -4.63 -6.46 -78.19
C GLY B 203 -3.47 -7.18 -77.48
N SER B 204 -2.62 -6.42 -76.84
CA SER B 204 -1.46 -6.98 -76.19
C SER B 204 -1.48 -6.92 -74.68
N LYS B 205 -0.85 -7.89 -74.07
CA LYS B 205 -0.75 -7.93 -72.63
C LYS B 205 -2.09 -7.83 -71.99
N LYS B 206 -2.83 -8.89 -72.27
CA LYS B 206 -4.20 -9.18 -71.90
C LYS B 206 -4.29 -10.37 -70.94
N GLY B 207 -5.39 -10.46 -70.19
CA GLY B 207 -5.53 -11.48 -69.18
C GLY B 207 -6.13 -12.79 -69.60
N VAL B 208 -5.53 -13.86 -69.08
CA VAL B 208 -5.96 -15.21 -69.35
C VAL B 208 -6.63 -15.79 -68.12
N ASN B 209 -7.51 -16.76 -68.38
CA ASN B 209 -8.31 -17.49 -67.39
C ASN B 209 -8.59 -18.90 -67.92
N LEU B 210 -8.38 -19.89 -67.08
CA LEU B 210 -8.63 -21.25 -67.49
C LEU B 210 -9.79 -21.82 -66.69
N PRO B 211 -10.98 -21.45 -67.06
CA PRO B 211 -12.18 -21.87 -66.39
C PRO B 211 -12.27 -23.35 -66.12
N GLY B 212 -12.61 -23.65 -64.89
CA GLY B 212 -12.75 -25.03 -64.50
C GLY B 212 -11.42 -25.76 -64.40
N ALA B 213 -10.36 -24.99 -64.18
CA ALA B 213 -9.05 -25.58 -64.05
C ALA B 213 -8.27 -25.33 -62.72
N ALA B 214 -7.39 -26.31 -62.48
CA ALA B 214 -6.55 -26.43 -61.31
C ALA B 214 -5.28 -25.62 -61.32
N VAL B 215 -5.45 -24.33 -61.40
CA VAL B 215 -4.30 -23.50 -61.40
C VAL B 215 -3.31 -23.70 -60.25
N ASP B 216 -2.14 -24.11 -60.72
CA ASP B 216 -0.89 -24.44 -60.10
C ASP B 216 -0.21 -23.23 -59.52
N LEU B 217 -0.74 -22.09 -59.86
CA LEU B 217 -0.07 -20.88 -59.43
C LEU B 217 0.10 -20.74 -57.93
N PRO B 218 1.14 -19.96 -57.60
CA PRO B 218 1.50 -19.57 -56.27
C PRO B 218 0.36 -18.88 -55.57
N ALA B 219 0.16 -19.23 -54.30
CA ALA B 219 -0.90 -18.63 -53.54
C ALA B 219 -0.78 -17.11 -53.55
N VAL B 220 0.44 -16.66 -53.73
CA VAL B 220 0.76 -15.25 -53.73
C VAL B 220 1.77 -14.94 -54.81
N SER B 221 2.04 -13.67 -55.05
CA SER B 221 3.04 -13.31 -56.03
C SER B 221 4.11 -12.41 -55.42
N GLU B 222 5.27 -12.37 -56.09
CA GLU B 222 6.42 -11.55 -55.71
C GLU B 222 5.99 -10.16 -55.29
N LYS B 223 5.08 -9.60 -56.07
CA LYS B 223 4.54 -8.30 -55.77
C LYS B 223 3.74 -8.41 -54.51
N ASP B 224 2.83 -9.38 -54.56
CA ASP B 224 1.92 -9.68 -53.48
C ASP B 224 2.65 -9.75 -52.18
N ILE B 225 3.83 -10.32 -52.26
CA ILE B 225 4.62 -10.43 -51.07
C ILE B 225 5.01 -9.10 -50.46
N GLN B 226 5.79 -8.30 -51.16
CA GLN B 226 6.18 -7.02 -50.60
C GLN B 226 4.95 -6.16 -50.32
N ASP B 227 3.89 -6.55 -50.98
CA ASP B 227 2.64 -5.84 -50.84
C ASP B 227 2.06 -6.11 -49.48
N LEU B 228 2.16 -7.35 -49.05
CA LEU B 228 1.63 -7.73 -47.76
C LEU B 228 2.42 -7.04 -46.69
N LYS B 229 3.73 -7.26 -46.75
CA LYS B 229 4.67 -6.67 -45.80
C LYS B 229 4.41 -5.22 -45.61
N PHE B 230 4.17 -4.56 -46.69
CA PHE B 230 3.88 -3.18 -46.59
C PHE B 230 2.60 -3.03 -45.81
N GLY B 231 1.68 -3.92 -46.09
CA GLY B 231 0.41 -3.84 -45.42
C GLY B 231 0.63 -4.05 -43.96
N VAL B 232 1.57 -4.92 -43.66
CA VAL B 232 1.82 -5.18 -42.27
C VAL B 232 2.34 -3.90 -41.58
N GLU B 233 3.36 -3.38 -42.19
CA GLU B 233 4.00 -2.19 -41.71
C GLU B 233 3.01 -1.07 -41.58
N GLN B 234 1.91 -1.19 -42.30
CA GLN B 234 0.90 -0.13 -42.29
C GLN B 234 -0.31 -0.34 -41.30
N ASP B 235 -0.26 -1.42 -40.56
CA ASP B 235 -1.35 -1.62 -39.62
C ASP B 235 -2.74 -1.73 -40.26
N VAL B 236 -2.79 -2.41 -41.37
CA VAL B 236 -4.06 -2.63 -41.98
C VAL B 236 -4.81 -3.62 -41.05
N ASP B 237 -6.12 -3.45 -40.95
CA ASP B 237 -6.97 -4.28 -40.11
C ASP B 237 -7.31 -5.65 -40.73
N MET B 238 -7.15 -5.77 -42.06
CA MET B 238 -7.47 -7.03 -42.71
C MET B 238 -6.95 -7.10 -44.14
N VAL B 239 -6.90 -8.31 -44.68
CA VAL B 239 -6.39 -8.51 -46.03
C VAL B 239 -7.27 -9.31 -46.95
N PHE B 240 -7.92 -8.62 -47.87
CA PHE B 240 -8.70 -9.31 -48.88
C PHE B 240 -7.66 -9.87 -49.83
N ALA B 241 -7.52 -11.16 -49.76
CA ALA B 241 -6.58 -11.87 -50.55
C ALA B 241 -7.20 -12.31 -51.88
N SER B 242 -6.48 -12.12 -52.99
CA SER B 242 -6.99 -12.47 -54.33
C SER B 242 -6.84 -13.93 -54.82
N PHE B 243 -7.89 -14.39 -55.47
CA PHE B 243 -7.90 -15.70 -56.09
C PHE B 243 -7.53 -16.82 -55.15
N ILE B 244 -8.41 -17.14 -54.18
CA ILE B 244 -8.20 -18.28 -53.29
C ILE B 244 -8.80 -19.46 -54.02
N ARG B 245 -8.02 -20.57 -54.12
CA ARG B 245 -8.46 -21.80 -54.80
C ARG B 245 -8.53 -22.99 -53.84
N LYS B 246 -7.80 -22.88 -52.74
CA LYS B 246 -7.78 -23.95 -51.80
C LYS B 246 -7.18 -23.52 -50.48
N ALA B 247 -7.33 -24.38 -49.50
CA ALA B 247 -6.84 -24.06 -48.18
C ALA B 247 -5.36 -23.78 -48.10
N ALA B 248 -4.60 -24.61 -48.83
CA ALA B 248 -3.17 -24.45 -48.86
C ALA B 248 -2.77 -23.02 -49.18
N ASP B 249 -3.64 -22.33 -49.90
CA ASP B 249 -3.38 -20.96 -50.28
C ASP B 249 -3.57 -19.99 -49.17
N VAL B 250 -4.64 -20.19 -48.40
CA VAL B 250 -4.92 -19.31 -47.29
C VAL B 250 -3.82 -19.46 -46.29
N HIS B 251 -3.25 -20.64 -46.34
CA HIS B 251 -2.15 -20.92 -45.48
C HIS B 251 -0.93 -20.14 -45.78
N GLU B 252 -0.63 -20.12 -47.04
CA GLU B 252 0.53 -19.42 -47.49
C GLU B 252 0.53 -17.96 -47.04
N VAL B 253 -0.64 -17.34 -47.14
CA VAL B 253 -0.75 -15.94 -46.78
C VAL B 253 -0.44 -15.62 -45.37
N ARG B 254 -0.72 -16.58 -44.51
CA ARG B 254 -0.46 -16.42 -43.09
C ARG B 254 1.04 -16.34 -42.87
N LYS B 255 1.71 -17.38 -43.38
CA LYS B 255 3.15 -17.55 -43.34
C LYS B 255 3.77 -16.23 -43.68
N ILE B 256 3.29 -15.70 -44.76
CA ILE B 256 3.75 -14.42 -45.19
C ILE B 256 3.48 -13.34 -44.13
N LEU B 257 2.26 -13.27 -43.65
CA LEU B 257 1.95 -12.25 -42.66
C LEU B 257 2.75 -12.53 -41.40
N GLY B 258 3.05 -13.83 -41.24
CA GLY B 258 3.83 -14.37 -40.12
C GLY B 258 3.44 -13.82 -38.76
N GLU B 259 4.44 -13.72 -37.87
CA GLU B 259 4.29 -13.24 -36.49
C GLU B 259 3.80 -11.77 -36.30
N LYS B 260 4.20 -10.82 -37.14
CA LYS B 260 3.74 -9.45 -36.91
C LYS B 260 2.22 -9.22 -37.11
N GLY B 261 1.66 -9.81 -38.17
CA GLY B 261 0.22 -9.64 -38.42
C GLY B 261 -0.56 -10.94 -38.29
N LYS B 262 -0.84 -11.33 -37.04
CA LYS B 262 -1.57 -12.55 -36.75
C LYS B 262 -2.98 -12.17 -36.39
N ASN B 263 -3.05 -10.91 -35.99
CA ASN B 263 -4.23 -10.18 -35.62
C ASN B 263 -4.84 -9.58 -36.89
N ILE B 264 -4.14 -9.82 -37.98
CA ILE B 264 -4.54 -9.40 -39.29
C ILE B 264 -5.58 -10.41 -39.81
N LYS B 265 -6.76 -9.92 -40.16
CA LYS B 265 -7.82 -10.77 -40.65
C LYS B 265 -7.75 -11.03 -42.14
N ILE B 266 -7.58 -12.31 -42.49
CA ILE B 266 -7.52 -12.75 -43.88
C ILE B 266 -8.89 -13.09 -44.48
N ILE B 267 -9.22 -12.41 -45.56
CA ILE B 267 -10.47 -12.63 -46.23
C ILE B 267 -10.25 -13.24 -47.56
N SER B 268 -10.63 -14.46 -47.69
CA SER B 268 -10.48 -15.18 -48.93
C SER B 268 -11.51 -14.74 -49.92
N LYS B 269 -11.02 -14.41 -51.14
CA LYS B 269 -11.84 -13.99 -52.28
C LYS B 269 -12.17 -15.15 -53.29
N ILE B 270 -13.44 -15.70 -53.30
CA ILE B 270 -13.83 -16.77 -54.26
C ILE B 270 -13.91 -16.20 -55.66
N GLU B 271 -12.86 -16.48 -56.43
CA GLU B 271 -12.73 -15.95 -57.76
C GLU B 271 -13.01 -16.94 -58.88
N ASN B 272 -13.06 -18.25 -58.60
CA ASN B 272 -13.27 -19.22 -59.69
C ASN B 272 -13.85 -20.60 -59.29
N HIS B 273 -14.19 -21.39 -60.33
CA HIS B 273 -14.71 -22.77 -60.22
C HIS B 273 -14.09 -23.56 -59.06
N GLU B 274 -12.75 -23.52 -58.85
CA GLU B 274 -12.08 -24.23 -57.73
C GLU B 274 -12.59 -23.83 -56.36
N GLY B 275 -12.31 -22.61 -56.04
CA GLY B 275 -12.64 -22.02 -54.78
C GLY B 275 -14.08 -22.25 -54.44
N VAL B 276 -14.90 -22.22 -55.42
CA VAL B 276 -16.30 -22.47 -55.17
C VAL B 276 -16.46 -23.94 -54.85
N ARG B 277 -15.94 -24.75 -55.73
CA ARG B 277 -16.03 -26.18 -55.57
C ARG B 277 -15.45 -26.63 -54.22
N ARG B 278 -14.26 -26.12 -53.86
CA ARG B 278 -13.61 -26.42 -52.58
C ARG B 278 -13.91 -25.37 -51.51
N PHE B 279 -15.06 -24.72 -51.59
CA PHE B 279 -15.42 -23.71 -50.63
C PHE B 279 -15.25 -24.11 -49.17
N ASP B 280 -15.72 -25.33 -48.92
CA ASP B 280 -15.69 -25.91 -47.60
C ASP B 280 -14.34 -25.72 -46.88
N GLU B 281 -13.28 -26.35 -47.37
CA GLU B 281 -11.97 -26.16 -46.76
C GLU B 281 -11.47 -24.71 -46.73
N ILE B 282 -11.92 -23.90 -47.63
CA ILE B 282 -11.49 -22.54 -47.63
C ILE B 282 -12.08 -21.80 -46.45
N LEU B 283 -13.38 -21.96 -46.22
CA LEU B 283 -14.03 -21.30 -45.10
C LEU B 283 -13.33 -21.54 -43.79
N GLU B 284 -13.18 -22.79 -43.53
CA GLU B 284 -12.52 -23.30 -42.37
C GLU B 284 -11.19 -22.63 -42.11
N ALA B 285 -10.55 -22.23 -43.21
CA ALA B 285 -9.23 -21.62 -43.12
C ALA B 285 -9.20 -20.12 -43.25
N SER B 286 -10.34 -19.49 -43.51
CA SER B 286 -10.31 -18.06 -43.70
C SER B 286 -10.91 -17.32 -42.54
N ASP B 287 -10.73 -16.01 -42.53
CA ASP B 287 -11.28 -15.20 -41.49
C ASP B 287 -12.63 -14.66 -41.92
N GLY B 288 -12.88 -14.75 -43.21
CA GLY B 288 -14.09 -14.21 -43.75
C GLY B 288 -14.04 -14.56 -45.20
N ILE B 289 -15.07 -14.24 -45.91
CA ILE B 289 -15.01 -14.60 -47.30
C ILE B 289 -15.60 -13.51 -48.13
N MET B 290 -15.02 -13.26 -49.30
CA MET B 290 -15.60 -12.23 -50.12
C MET B 290 -16.09 -12.74 -51.44
N VAL B 291 -17.38 -12.56 -51.77
CA VAL B 291 -17.85 -13.03 -53.08
C VAL B 291 -17.53 -12.04 -54.18
N ALA B 292 -16.38 -12.21 -54.81
CA ALA B 292 -15.96 -11.30 -55.88
C ALA B 292 -16.69 -11.65 -57.16
N ARG B 293 -17.92 -11.18 -57.30
CA ARG B 293 -18.67 -11.51 -58.48
C ARG B 293 -18.02 -11.17 -59.81
N GLY B 294 -17.18 -10.15 -59.79
CA GLY B 294 -16.53 -9.68 -60.98
C GLY B 294 -15.85 -10.80 -61.73
N ASP B 295 -14.76 -11.29 -61.16
CA ASP B 295 -14.02 -12.35 -61.78
C ASP B 295 -14.76 -13.69 -61.71
N LEU B 296 -15.66 -13.77 -60.77
CA LEU B 296 -16.40 -14.99 -60.64
C LEU B 296 -17.22 -15.24 -61.87
N GLY B 297 -17.81 -14.16 -62.35
CA GLY B 297 -18.68 -14.18 -63.51
C GLY B 297 -17.98 -14.30 -64.85
N ILE B 298 -16.65 -14.20 -64.79
CA ILE B 298 -15.81 -14.33 -65.97
C ILE B 298 -15.42 -15.80 -66.13
N GLU B 299 -15.03 -16.40 -65.03
CA GLU B 299 -14.67 -17.76 -65.06
C GLU B 299 -15.89 -18.66 -65.16
N ILE B 300 -16.98 -18.27 -64.49
CA ILE B 300 -18.22 -19.05 -64.52
C ILE B 300 -19.28 -18.26 -65.23
N PRO B 301 -20.30 -18.97 -65.64
CA PRO B 301 -21.38 -18.40 -66.38
C PRO B 301 -22.15 -17.42 -65.58
N ALA B 302 -22.42 -16.29 -66.20
CA ALA B 302 -23.09 -15.23 -65.51
C ALA B 302 -24.36 -15.70 -64.79
N GLU B 303 -25.16 -16.45 -65.53
CA GLU B 303 -26.41 -17.05 -65.07
C GLU B 303 -26.31 -17.82 -63.73
N LYS B 304 -25.14 -18.35 -63.40
CA LYS B 304 -24.94 -19.14 -62.21
C LYS B 304 -24.36 -18.36 -61.08
N VAL B 305 -24.09 -17.11 -61.30
CA VAL B 305 -23.49 -16.37 -60.22
C VAL B 305 -24.29 -16.33 -58.91
N PHE B 306 -25.55 -15.98 -59.02
CA PHE B 306 -26.43 -15.90 -57.88
C PHE B 306 -26.47 -17.21 -57.10
N LEU B 307 -26.14 -18.31 -57.73
CA LEU B 307 -26.15 -19.59 -57.03
C LEU B 307 -25.02 -19.62 -56.05
N ALA B 308 -23.90 -19.24 -56.59
CA ALA B 308 -22.69 -19.19 -55.84
C ALA B 308 -22.80 -18.14 -54.74
N GLN B 309 -23.57 -17.10 -54.96
CA GLN B 309 -23.66 -16.06 -53.94
C GLN B 309 -24.51 -16.50 -52.78
N LYS B 310 -25.71 -17.02 -53.09
CA LYS B 310 -26.60 -17.51 -52.04
C LYS B 310 -25.93 -18.62 -51.24
N MET B 311 -25.40 -19.57 -51.96
CA MET B 311 -24.74 -20.70 -51.34
C MET B 311 -23.65 -20.27 -50.37
N ILE B 312 -22.73 -19.48 -50.91
CA ILE B 312 -21.61 -18.94 -50.13
C ILE B 312 -22.05 -18.16 -48.91
N ILE B 313 -23.07 -17.38 -49.08
CA ILE B 313 -23.50 -16.64 -47.94
C ILE B 313 -24.23 -17.55 -46.95
N GLY B 314 -24.99 -18.55 -47.45
CA GLY B 314 -25.71 -19.45 -46.50
C GLY B 314 -24.71 -20.12 -45.59
N ARG B 315 -23.85 -20.81 -46.26
CA ARG B 315 -22.77 -21.47 -45.63
C ARG B 315 -21.96 -20.58 -44.66
N CYS B 316 -21.74 -19.30 -44.99
CA CYS B 316 -21.00 -18.43 -44.09
C CYS B 316 -21.86 -18.10 -42.91
N ASN B 317 -23.12 -17.80 -43.17
CA ASN B 317 -23.99 -17.48 -42.07
C ASN B 317 -24.01 -18.62 -41.08
N ARG B 318 -24.32 -19.73 -41.64
CA ARG B 318 -24.39 -20.98 -40.97
C ARG B 318 -23.23 -21.22 -39.98
N ALA B 319 -22.02 -20.82 -40.38
CA ALA B 319 -20.83 -21.01 -39.56
C ALA B 319 -20.39 -19.81 -38.77
N GLY B 320 -21.12 -18.72 -38.95
CA GLY B 320 -20.81 -17.50 -38.30
C GLY B 320 -19.45 -16.93 -38.74
N LYS B 321 -19.26 -16.83 -40.06
CA LYS B 321 -18.06 -16.25 -40.66
C LYS B 321 -18.54 -15.14 -41.60
N PRO B 322 -18.00 -13.92 -41.39
CA PRO B 322 -18.41 -12.74 -42.10
C PRO B 322 -18.20 -12.91 -43.59
N VAL B 323 -19.14 -12.36 -44.32
CA VAL B 323 -19.13 -12.46 -45.76
C VAL B 323 -19.57 -11.17 -46.37
N ILE B 324 -18.78 -10.74 -47.37
CA ILE B 324 -18.97 -9.52 -48.15
C ILE B 324 -19.49 -9.83 -49.55
N CYS B 325 -20.37 -8.96 -50.02
CA CYS B 325 -20.91 -9.09 -51.37
C CYS B 325 -20.30 -7.97 -52.14
N ALA B 326 -19.78 -8.26 -53.33
CA ALA B 326 -19.14 -7.18 -54.05
C ALA B 326 -19.45 -7.06 -55.52
N THR B 327 -19.03 -5.92 -56.06
CA THR B 327 -19.04 -5.69 -57.48
C THR B 327 -20.30 -5.35 -58.24
N GLN B 328 -20.24 -4.19 -58.87
CA GLN B 328 -21.32 -3.65 -59.68
C GLN B 328 -22.62 -3.44 -58.94
N MET B 329 -22.52 -3.26 -57.61
CA MET B 329 -23.71 -3.06 -56.84
C MET B 329 -24.50 -1.81 -57.23
N LEU B 330 -23.85 -0.68 -57.37
CA LEU B 330 -24.56 0.53 -57.77
C LEU B 330 -23.75 1.15 -58.89
N GLU B 331 -23.41 0.40 -59.95
CA GLU B 331 -22.58 0.89 -61.05
C GLU B 331 -23.07 2.12 -61.78
N SER B 332 -24.34 2.11 -62.11
CA SER B 332 -24.89 3.19 -62.89
C SER B 332 -24.67 4.51 -62.23
N MET B 333 -24.44 4.42 -60.92
CA MET B 333 -24.25 5.59 -60.05
C MET B 333 -22.98 6.37 -60.31
N ILE B 334 -22.00 5.65 -60.79
CA ILE B 334 -20.70 6.18 -61.15
C ILE B 334 -20.81 7.40 -61.97
N LYS B 335 -21.78 7.38 -62.85
CA LYS B 335 -21.97 8.53 -63.68
C LYS B 335 -23.36 9.11 -63.47
N LYS B 336 -24.25 8.37 -62.80
CA LYS B 336 -25.59 8.93 -62.57
C LYS B 336 -25.83 9.04 -61.07
N PRO B 337 -26.57 10.05 -60.68
CA PRO B 337 -26.83 10.36 -59.28
C PRO B 337 -27.88 9.49 -58.63
N ARG B 338 -28.45 8.60 -59.45
CA ARG B 338 -29.46 7.66 -59.02
C ARG B 338 -29.14 6.28 -59.55
N PRO B 339 -29.82 5.26 -59.02
CA PRO B 339 -29.57 3.88 -59.40
C PRO B 339 -30.65 3.18 -60.21
N THR B 340 -30.25 2.14 -60.91
CA THR B 340 -31.31 1.50 -61.60
C THR B 340 -32.04 0.66 -60.61
N ARG B 341 -33.22 0.30 -61.04
CA ARG B 341 -34.05 -0.54 -60.21
C ARG B 341 -33.42 -1.89 -59.85
N ALA B 342 -32.72 -2.51 -60.80
CA ALA B 342 -32.05 -3.74 -60.44
C ALA B 342 -30.87 -3.39 -59.53
N GLU B 343 -30.41 -2.15 -59.61
CA GLU B 343 -29.36 -1.77 -58.69
C GLU B 343 -29.94 -1.79 -57.28
N GLY B 344 -31.12 -1.22 -57.07
CA GLY B 344 -31.72 -1.35 -55.74
C GLY B 344 -32.04 -2.83 -55.28
N SER B 345 -32.54 -3.69 -56.16
CA SER B 345 -32.84 -5.07 -55.79
C SER B 345 -31.59 -5.80 -55.30
N ASP B 346 -30.48 -5.59 -56.01
CA ASP B 346 -29.26 -6.27 -55.71
C ASP B 346 -28.86 -6.07 -54.31
N VAL B 347 -28.81 -4.80 -53.94
CA VAL B 347 -28.43 -4.40 -52.60
C VAL B 347 -29.40 -4.97 -51.59
N ALA B 348 -30.71 -4.73 -51.79
CA ALA B 348 -31.73 -5.28 -50.88
C ALA B 348 -31.60 -6.77 -50.80
N ASN B 349 -31.44 -7.37 -51.94
CA ASN B 349 -31.34 -8.79 -51.97
C ASN B 349 -30.09 -9.36 -51.33
N ALA B 350 -28.97 -8.69 -51.50
CA ALA B 350 -27.80 -9.24 -50.86
C ALA B 350 -28.00 -9.16 -49.37
N VAL B 351 -28.71 -8.11 -48.98
CA VAL B 351 -28.98 -7.86 -47.58
C VAL B 351 -29.93 -8.90 -47.03
N LEU B 352 -30.96 -9.17 -47.78
CA LEU B 352 -31.85 -10.22 -47.32
C LEU B 352 -31.10 -11.56 -47.28
N ASP B 353 -30.14 -11.68 -48.19
CA ASP B 353 -29.37 -12.90 -48.31
C ASP B 353 -28.61 -13.25 -47.07
N GLY B 354 -28.16 -12.24 -46.31
CA GLY B 354 -27.42 -12.48 -45.06
C GLY B 354 -25.98 -11.99 -45.09
N ALA B 355 -25.62 -11.28 -46.14
CA ALA B 355 -24.26 -10.78 -46.23
C ALA B 355 -23.89 -9.84 -45.11
N ASP B 356 -22.74 -10.05 -44.49
CA ASP B 356 -22.33 -9.14 -43.44
C ASP B 356 -22.11 -7.68 -43.90
N CYS B 357 -21.51 -7.50 -45.10
CA CYS B 357 -21.28 -6.17 -45.66
C CYS B 357 -21.34 -6.14 -47.14
N ILE B 358 -21.83 -5.00 -47.60
CA ILE B 358 -21.93 -4.76 -48.99
C ILE B 358 -20.74 -3.91 -49.41
N MET B 359 -20.60 -3.66 -50.71
CA MET B 359 -19.43 -2.95 -51.21
C MET B 359 -19.66 -2.00 -52.39
N LEU B 360 -18.78 -0.99 -52.43
CA LEU B 360 -18.76 0.01 -53.50
C LEU B 360 -17.37 0.06 -54.02
N SER B 361 -17.24 -0.13 -55.33
CA SER B 361 -15.94 -0.13 -55.98
C SER B 361 -15.72 1.20 -56.66
N GLY B 362 -15.88 1.14 -57.97
CA GLY B 362 -15.76 2.31 -58.81
C GLY B 362 -16.75 3.39 -58.39
N GLU B 363 -17.90 2.94 -57.87
CA GLU B 363 -18.94 3.84 -57.41
C GLU B 363 -18.36 4.99 -56.57
N THR B 364 -17.35 4.64 -55.76
CA THR B 364 -16.68 5.54 -54.83
C THR B 364 -15.24 5.90 -55.19
N ALA B 365 -14.57 5.04 -55.90
CA ALA B 365 -13.19 5.35 -56.26
C ALA B 365 -13.04 6.35 -57.43
N LYS B 366 -13.73 6.10 -58.56
CA LYS B 366 -13.66 6.94 -59.77
C LYS B 366 -14.93 7.70 -60.05
N GLY B 367 -15.97 7.33 -59.36
CA GLY B 367 -17.26 7.91 -59.59
C GLY B 367 -17.36 9.42 -59.50
N ASP B 368 -18.52 9.85 -59.92
CA ASP B 368 -18.88 11.23 -59.91
C ASP B 368 -19.83 11.45 -58.76
N TYR B 369 -20.28 10.38 -58.14
CA TYR B 369 -21.20 10.54 -57.04
C TYR B 369 -20.85 9.60 -55.94
N PRO B 370 -19.60 9.71 -55.52
CA PRO B 370 -19.07 8.86 -54.51
C PRO B 370 -19.96 8.78 -53.31
N LEU B 371 -20.27 9.94 -52.79
CA LEU B 371 -21.08 10.01 -51.61
C LEU B 371 -22.50 9.59 -51.87
N GLU B 372 -23.03 10.05 -52.98
CA GLU B 372 -24.42 9.77 -53.30
C GLU B 372 -24.72 8.28 -53.24
N ALA B 373 -23.71 7.49 -53.58
CA ALA B 373 -23.77 6.05 -53.52
C ALA B 373 -23.85 5.48 -52.07
N VAL B 374 -22.92 5.89 -51.20
CA VAL B 374 -22.88 5.45 -49.79
C VAL B 374 -24.25 5.51 -49.12
N ARG B 375 -24.80 6.70 -49.18
CA ARG B 375 -26.10 6.98 -48.66
C ARG B 375 -27.11 6.01 -49.18
N MET B 376 -27.05 5.81 -50.46
CA MET B 376 -28.00 4.92 -51.02
C MET B 376 -27.85 3.49 -50.63
N GLN B 377 -26.62 3.08 -50.35
CA GLN B 377 -26.43 1.71 -49.92
C GLN B 377 -26.87 1.62 -48.47
N HIS B 378 -27.03 2.76 -47.90
CA HIS B 378 -27.39 2.84 -46.53
C HIS B 378 -28.87 2.81 -46.33
N LEU B 379 -29.60 3.46 -47.22
CA LEU B 379 -31.06 3.52 -47.16
C LEU B 379 -31.79 2.22 -47.37
N ILE B 380 -31.27 1.45 -48.32
CA ILE B 380 -31.81 0.14 -48.66
C ILE B 380 -31.43 -0.85 -47.58
N ALA B 381 -30.17 -0.79 -47.16
CA ALA B 381 -29.71 -1.63 -46.08
C ALA B 381 -30.59 -1.51 -44.86
N ARG B 382 -31.25 -0.39 -44.65
CA ARG B 382 -32.11 -0.38 -43.47
C ARG B 382 -33.43 -1.05 -43.78
N GLU B 383 -33.99 -0.65 -44.90
CA GLU B 383 -35.27 -1.17 -45.30
C GLU B 383 -35.34 -2.67 -45.28
N ALA B 384 -34.26 -3.30 -45.77
CA ALA B 384 -34.14 -4.76 -45.89
C ALA B 384 -33.70 -5.45 -44.60
N GLU B 385 -32.92 -4.75 -43.83
CA GLU B 385 -32.46 -5.32 -42.58
C GLU B 385 -33.66 -5.65 -41.69
N ALA B 386 -34.74 -4.90 -41.92
CA ALA B 386 -36.02 -5.05 -41.22
C ALA B 386 -36.96 -6.07 -41.88
N ALA B 387 -36.90 -6.09 -43.20
CA ALA B 387 -37.74 -6.98 -43.94
C ALA B 387 -37.29 -8.39 -43.85
N MET B 388 -36.13 -8.65 -43.20
CA MET B 388 -35.73 -10.04 -43.08
C MET B 388 -36.77 -10.82 -42.24
N PHE B 389 -36.62 -12.13 -42.06
CA PHE B 389 -37.61 -12.95 -41.29
C PHE B 389 -36.90 -13.63 -40.15
N HIS B 390 -36.43 -12.82 -39.23
CA HIS B 390 -35.67 -13.25 -38.10
C HIS B 390 -36.07 -14.55 -37.41
N ARG B 391 -37.36 -14.68 -37.09
CA ARG B 391 -37.87 -15.83 -36.39
C ARG B 391 -37.43 -17.10 -37.03
N LYS B 392 -37.77 -17.22 -38.29
CA LYS B 392 -37.41 -18.38 -39.02
C LYS B 392 -35.91 -18.54 -39.18
N LEU B 393 -35.26 -17.45 -39.35
CA LEU B 393 -33.83 -17.54 -39.54
C LEU B 393 -33.11 -17.94 -38.32
N PHE B 394 -33.63 -17.48 -37.18
CA PHE B 394 -32.97 -17.83 -35.93
C PHE B 394 -33.16 -19.31 -35.69
N GLU B 395 -34.38 -19.77 -35.99
CA GLU B 395 -34.67 -21.18 -35.85
C GLU B 395 -33.74 -21.99 -36.69
N GLU B 396 -33.72 -21.69 -37.99
CA GLU B 396 -32.88 -22.45 -38.94
C GLU B 396 -31.40 -22.44 -38.58
N LEU B 397 -31.01 -21.27 -38.08
CA LEU B 397 -29.68 -20.94 -37.65
C LEU B 397 -29.32 -21.87 -36.50
N ALA B 398 -30.33 -22.16 -35.65
CA ALA B 398 -30.26 -23.02 -34.45
C ALA B 398 -30.09 -24.50 -34.76
N ARG B 399 -30.82 -24.99 -35.79
CA ARG B 399 -30.74 -26.39 -36.21
C ARG B 399 -29.32 -26.72 -36.73
N SER B 400 -28.70 -25.72 -37.38
CA SER B 400 -27.34 -25.84 -37.91
C SER B 400 -26.32 -26.19 -36.85
N SER B 401 -26.27 -25.28 -35.84
CA SER B 401 -25.35 -25.31 -34.72
C SER B 401 -25.69 -26.36 -33.68
N SER B 402 -26.79 -27.09 -33.86
CA SER B 402 -27.23 -28.11 -32.92
C SER B 402 -26.14 -29.00 -32.31
N HIS B 403 -25.04 -29.21 -33.04
CA HIS B 403 -23.92 -30.04 -32.58
C HIS B 403 -23.13 -29.44 -31.41
N SER B 404 -23.11 -28.08 -31.37
CA SER B 404 -22.37 -27.30 -30.40
C SER B 404 -23.16 -26.78 -29.24
N THR B 405 -22.50 -27.01 -28.08
CA THR B 405 -22.91 -26.66 -26.74
C THR B 405 -22.04 -25.60 -26.10
N ASP B 406 -21.39 -24.80 -26.92
CA ASP B 406 -20.52 -23.75 -26.40
C ASP B 406 -21.28 -22.87 -25.45
N LEU B 407 -20.61 -22.46 -24.37
CA LEU B 407 -21.24 -21.61 -23.38
C LEU B 407 -21.65 -20.28 -23.91
N MET B 408 -20.77 -19.69 -24.71
CA MET B 408 -20.99 -18.38 -25.26
C MET B 408 -22.07 -18.36 -26.35
N GLU B 409 -22.10 -19.43 -27.12
CA GLU B 409 -23.08 -19.57 -28.17
C GLU B 409 -24.41 -19.47 -27.48
N ALA B 410 -24.52 -20.32 -26.43
CA ALA B 410 -25.70 -20.45 -25.58
C ALA B 410 -26.18 -19.09 -25.07
N MET B 411 -25.19 -18.40 -24.58
CA MET B 411 -25.36 -17.07 -24.09
C MET B 411 -25.88 -16.14 -25.21
N ALA B 412 -25.32 -16.27 -26.41
CA ALA B 412 -25.73 -15.47 -27.53
C ALA B 412 -27.17 -15.77 -27.96
N MET B 413 -27.51 -17.07 -27.99
CA MET B 413 -28.85 -17.46 -28.40
C MET B 413 -29.88 -16.97 -27.42
N GLY B 414 -29.49 -17.02 -26.14
CA GLY B 414 -30.39 -16.57 -25.10
C GLY B 414 -30.70 -15.10 -25.30
N SER B 415 -29.64 -14.30 -25.38
CA SER B 415 -29.79 -12.86 -25.53
C SER B 415 -30.58 -12.50 -26.75
N VAL B 416 -30.19 -13.12 -27.89
CA VAL B 416 -30.88 -12.83 -29.15
C VAL B 416 -32.37 -13.00 -28.97
N GLU B 417 -32.76 -14.22 -28.62
CA GLU B 417 -34.15 -14.56 -28.37
C GLU B 417 -34.86 -13.58 -27.45
N ALA B 418 -34.26 -13.33 -26.29
CA ALA B 418 -34.84 -12.44 -25.31
C ALA B 418 -35.11 -11.10 -25.98
N SER B 419 -34.07 -10.64 -26.62
CA SER B 419 -34.11 -9.41 -27.38
C SER B 419 -35.28 -9.48 -28.38
N TYR B 420 -35.55 -10.65 -28.92
CA TYR B 420 -36.66 -10.72 -29.84
C TYR B 420 -37.93 -10.51 -29.08
N LYS B 421 -38.06 -11.25 -27.97
CA LYS B 421 -39.23 -11.25 -27.07
C LYS B 421 -39.71 -9.93 -26.50
N CYS B 422 -38.82 -9.10 -25.99
CA CYS B 422 -39.31 -7.86 -25.45
C CYS B 422 -39.06 -6.71 -26.36
N LEU B 423 -38.67 -7.01 -27.58
CA LEU B 423 -38.42 -5.93 -28.48
C LEU B 423 -37.33 -4.97 -27.95
N ALA B 424 -36.24 -5.55 -27.43
CA ALA B 424 -35.13 -4.77 -26.91
C ALA B 424 -34.74 -3.84 -28.02
N ALA B 425 -34.28 -2.66 -27.63
CA ALA B 425 -33.89 -1.62 -28.57
C ALA B 425 -32.44 -1.71 -28.99
N ALA B 426 -31.74 -2.63 -28.36
CA ALA B 426 -30.36 -2.82 -28.66
C ALA B 426 -29.75 -3.87 -27.78
N LEU B 427 -28.44 -4.16 -27.98
CA LEU B 427 -27.73 -5.11 -27.14
C LEU B 427 -26.36 -4.59 -26.86
N ILE B 428 -26.01 -4.48 -25.60
CA ILE B 428 -24.71 -3.98 -25.29
C ILE B 428 -23.79 -5.09 -24.91
N VAL B 429 -22.63 -5.09 -25.55
CA VAL B 429 -21.65 -6.11 -25.28
C VAL B 429 -20.29 -5.53 -25.00
N LEU B 430 -19.67 -6.04 -23.94
CA LEU B 430 -18.37 -5.54 -23.57
C LEU B 430 -17.34 -6.51 -24.00
N THR B 431 -16.44 -6.11 -24.92
CA THR B 431 -15.45 -7.06 -25.34
C THR B 431 -14.10 -6.49 -25.69
N GLU B 432 -13.12 -7.41 -25.68
CA GLU B 432 -11.74 -7.08 -26.00
C GLU B 432 -11.19 -8.05 -27.05
N SER B 433 -11.72 -9.27 -27.03
CA SER B 433 -11.31 -10.27 -28.00
C SER B 433 -12.13 -10.06 -29.26
N GLY B 434 -13.33 -9.59 -28.95
CA GLY B 434 -14.36 -9.36 -29.89
C GLY B 434 -15.25 -10.58 -30.00
N ARG B 435 -14.72 -11.78 -29.65
CA ARG B 435 -15.43 -13.04 -29.78
C ARG B 435 -16.84 -12.97 -29.34
N SER B 436 -16.96 -12.66 -28.07
CA SER B 436 -18.21 -12.54 -27.41
C SER B 436 -19.20 -11.76 -28.28
N ALA B 437 -18.88 -10.55 -28.75
CA ALA B 437 -19.82 -9.82 -29.63
C ALA B 437 -20.12 -10.52 -30.93
N HIS B 438 -19.13 -11.22 -31.47
CA HIS B 438 -19.23 -11.96 -32.70
C HIS B 438 -20.33 -12.99 -32.68
N GLN B 439 -20.38 -13.76 -31.60
CA GLN B 439 -21.40 -14.76 -31.48
C GLN B 439 -22.82 -14.26 -31.46
N VAL B 440 -23.02 -13.13 -30.82
CA VAL B 440 -24.31 -12.52 -30.75
C VAL B 440 -24.81 -12.16 -32.13
N ALA B 441 -23.90 -11.62 -32.94
CA ALA B 441 -24.23 -11.21 -34.30
C ALA B 441 -24.54 -12.38 -35.22
N ARG B 442 -23.86 -13.48 -34.97
CA ARG B 442 -24.04 -14.74 -35.69
C ARG B 442 -25.51 -15.11 -35.71
N TYR B 443 -26.18 -14.88 -34.56
CA TYR B 443 -27.59 -15.23 -34.34
C TYR B 443 -28.67 -14.29 -34.84
N ARG B 444 -28.23 -13.41 -35.70
CA ARG B 444 -29.06 -12.45 -36.35
C ARG B 444 -30.12 -11.75 -35.56
N PRO B 445 -29.67 -10.90 -34.68
CA PRO B 445 -30.61 -10.12 -33.94
C PRO B 445 -31.23 -9.09 -34.88
N ARG B 446 -32.25 -8.38 -34.42
CA ARG B 446 -32.86 -7.38 -35.29
C ARG B 446 -32.41 -5.95 -34.96
N ALA B 447 -31.94 -5.80 -33.72
CA ALA B 447 -31.41 -4.59 -33.14
C ALA B 447 -29.89 -4.55 -33.19
N PRO B 448 -29.33 -3.41 -32.82
CA PRO B 448 -27.91 -3.30 -32.88
C PRO B 448 -27.16 -3.82 -31.71
N ILE B 449 -26.01 -4.36 -32.05
CA ILE B 449 -25.11 -4.74 -31.03
C ILE B 449 -24.13 -3.58 -30.93
N ILE B 450 -23.86 -3.15 -29.73
CA ILE B 450 -22.94 -2.07 -29.51
C ILE B 450 -21.82 -2.66 -28.73
N ALA B 451 -20.72 -2.94 -29.38
CA ALA B 451 -19.61 -3.57 -28.68
C ALA B 451 -18.65 -2.52 -28.17
N VAL B 452 -18.41 -2.51 -26.87
CA VAL B 452 -17.51 -1.55 -26.23
C VAL B 452 -16.18 -2.20 -25.97
N THR B 453 -15.17 -1.60 -26.58
CA THR B 453 -13.84 -2.14 -26.47
C THR B 453 -12.79 -1.07 -26.24
N ARG B 454 -11.66 -1.56 -25.78
CA ARG B 454 -10.49 -0.76 -25.47
C ARG B 454 -9.43 -1.07 -26.50
N ASN B 455 -9.73 -2.11 -27.29
CA ASN B 455 -8.89 -2.52 -28.40
C ASN B 455 -9.43 -1.89 -29.68
N HIS B 456 -8.56 -1.12 -30.32
CA HIS B 456 -8.88 -0.45 -31.55
C HIS B 456 -9.06 -1.45 -32.65
N GLN B 457 -8.05 -2.33 -32.76
CA GLN B 457 -8.06 -3.39 -33.75
C GLN B 457 -9.38 -4.13 -33.72
N THR B 458 -9.69 -4.65 -32.54
CA THR B 458 -10.91 -5.37 -32.27
C THR B 458 -12.13 -4.59 -32.78
N ALA B 459 -12.15 -3.31 -32.44
CA ALA B 459 -13.23 -2.43 -32.84
C ALA B 459 -13.16 -2.07 -34.32
N ARG B 460 -12.00 -2.25 -34.91
CA ARG B 460 -11.86 -1.95 -36.30
C ARG B 460 -12.41 -3.10 -37.11
N GLN B 461 -12.10 -4.29 -36.63
CA GLN B 461 -12.55 -5.46 -37.32
C GLN B 461 -13.97 -5.86 -36.96
N ALA B 462 -14.52 -5.26 -35.96
CA ALA B 462 -15.85 -5.75 -35.66
C ALA B 462 -16.88 -5.36 -36.69
N HIS B 463 -16.44 -4.50 -37.58
CA HIS B 463 -17.31 -3.97 -38.63
C HIS B 463 -17.73 -5.07 -39.58
N LEU B 464 -16.82 -6.03 -39.73
CA LEU B 464 -17.02 -7.19 -40.56
C LEU B 464 -18.29 -7.89 -40.20
N TYR B 465 -18.76 -7.64 -38.98
CA TYR B 465 -19.97 -8.25 -38.46
C TYR B 465 -21.23 -7.41 -38.63
N ARG B 466 -22.23 -8.13 -38.99
CA ARG B 466 -23.52 -7.55 -39.25
C ARG B 466 -24.12 -7.16 -37.95
N GLY B 467 -24.73 -5.98 -37.87
CA GLY B 467 -25.34 -5.60 -36.58
C GLY B 467 -24.40 -4.88 -35.59
N ILE B 468 -23.15 -5.33 -35.50
CA ILE B 468 -22.16 -4.69 -34.62
C ILE B 468 -21.90 -3.23 -35.03
N PHE B 469 -21.67 -2.43 -33.98
CA PHE B 469 -21.38 -1.00 -33.95
C PHE B 469 -20.30 -0.71 -32.92
N PRO B 470 -19.03 -0.81 -33.30
CA PRO B 470 -17.99 -0.58 -32.35
C PRO B 470 -18.01 0.81 -31.72
N VAL B 471 -17.63 0.75 -30.46
CA VAL B 471 -17.48 1.87 -29.57
C VAL B 471 -16.22 1.65 -28.77
N VAL B 472 -15.33 2.65 -28.89
CA VAL B 472 -14.03 2.64 -28.24
C VAL B 472 -13.97 3.37 -26.92
N CYS B 473 -13.46 2.64 -25.95
CA CYS B 473 -13.31 3.18 -24.63
C CYS B 473 -11.90 3.68 -24.47
N LYS B 474 -11.83 4.99 -24.30
CA LYS B 474 -10.57 5.64 -24.11
C LYS B 474 -10.34 5.82 -22.63
N ASP B 475 -11.48 5.90 -21.91
CA ASP B 475 -11.49 6.04 -20.48
C ASP B 475 -10.57 5.02 -19.84
N PRO B 476 -9.92 5.39 -18.73
CA PRO B 476 -8.95 4.50 -18.14
C PRO B 476 -9.60 3.52 -17.20
N VAL B 477 -8.88 2.42 -16.93
CA VAL B 477 -9.33 1.33 -16.05
C VAL B 477 -9.52 1.73 -14.58
N GLN B 478 -10.58 1.15 -14.03
CA GLN B 478 -11.00 1.29 -12.65
C GLN B 478 -10.66 0.03 -11.90
N GLU B 479 -10.12 0.23 -10.71
CA GLU B 479 -9.68 -0.86 -9.85
C GLU B 479 -10.76 -1.91 -9.62
N ALA B 480 -11.97 -1.41 -9.61
CA ALA B 480 -13.14 -2.23 -9.36
C ALA B 480 -13.85 -2.62 -10.64
N TRP B 481 -13.87 -3.94 -10.92
CA TRP B 481 -14.49 -4.52 -12.08
C TRP B 481 -15.83 -3.86 -12.36
N ALA B 482 -16.67 -3.94 -11.35
CA ALA B 482 -18.00 -3.35 -11.35
C ALA B 482 -18.07 -1.87 -11.75
N GLU B 483 -16.98 -1.13 -11.51
CA GLU B 483 -16.95 0.28 -11.87
C GLU B 483 -16.72 0.35 -13.36
N ASP B 484 -15.61 -0.27 -13.73
CA ASP B 484 -15.15 -0.36 -15.09
C ASP B 484 -16.27 -0.73 -16.00
N VAL B 485 -16.88 -1.83 -15.66
CA VAL B 485 -17.96 -2.32 -16.43
C VAL B 485 -19.02 -1.30 -16.54
N ASP B 486 -19.53 -0.99 -15.38
CA ASP B 486 -20.58 -0.02 -15.28
C ASP B 486 -20.29 1.26 -16.01
N LEU B 487 -19.02 1.49 -16.29
CA LEU B 487 -18.59 2.69 -16.99
C LEU B 487 -18.87 2.60 -18.50
N ARG B 488 -18.34 1.54 -19.07
CA ARG B 488 -18.47 1.25 -20.47
C ARG B 488 -19.93 1.31 -20.90
N VAL B 489 -20.79 0.76 -20.07
CA VAL B 489 -22.21 0.75 -20.36
C VAL B 489 -22.76 2.10 -20.58
N ASN B 490 -22.43 3.03 -19.67
CA ASN B 490 -22.97 4.34 -19.86
C ASN B 490 -22.43 4.92 -21.12
N LEU B 491 -21.20 4.48 -21.47
CA LEU B 491 -20.66 4.93 -22.74
C LEU B 491 -21.65 4.52 -23.83
N ALA B 492 -21.88 3.20 -23.89
CA ALA B 492 -22.85 2.62 -24.82
C ALA B 492 -24.19 3.34 -24.77
N MET B 493 -24.67 3.58 -23.57
CA MET B 493 -25.93 4.24 -23.52
C MET B 493 -25.86 5.64 -24.04
N ASN B 494 -24.77 6.32 -23.75
CA ASN B 494 -24.67 7.71 -24.18
C ASN B 494 -24.67 7.84 -25.65
N VAL B 495 -24.00 6.87 -26.25
CA VAL B 495 -23.92 6.79 -27.67
C VAL B 495 -25.28 6.49 -28.30
N GLY B 496 -25.89 5.35 -27.92
CA GLY B 496 -27.18 4.94 -28.46
C GLY B 496 -28.20 6.07 -28.42
N LYS B 497 -28.21 6.75 -27.31
CA LYS B 497 -29.11 7.84 -27.09
C LYS B 497 -28.86 8.96 -28.09
N ALA B 498 -27.56 9.25 -28.27
CA ALA B 498 -26.99 10.29 -29.14
C ALA B 498 -27.33 10.10 -30.58
N ARG B 499 -26.90 8.93 -31.04
CA ARG B 499 -27.09 8.44 -32.38
C ARG B 499 -28.57 8.30 -32.74
N GLY B 500 -29.42 8.16 -31.72
CA GLY B 500 -30.85 8.06 -31.92
C GLY B 500 -31.42 6.65 -31.94
N PHE B 501 -30.62 5.65 -31.57
CA PHE B 501 -31.03 4.25 -31.53
C PHE B 501 -32.09 3.97 -30.48
N PHE B 502 -31.94 4.68 -29.38
CA PHE B 502 -32.85 4.57 -28.27
C PHE B 502 -32.98 5.85 -27.43
N LYS B 503 -34.13 5.89 -26.77
CA LYS B 503 -34.59 6.94 -25.88
C LYS B 503 -34.42 6.50 -24.42
N LYS B 504 -35.19 7.09 -23.52
CA LYS B 504 -35.06 6.74 -22.13
C LYS B 504 -35.78 5.47 -21.74
N GLY B 505 -37.09 5.51 -21.90
CA GLY B 505 -37.95 4.40 -21.52
C GLY B 505 -37.65 2.99 -22.06
N ASP B 506 -36.97 2.90 -23.20
CA ASP B 506 -36.68 1.65 -23.84
C ASP B 506 -35.88 0.70 -23.01
N VAL B 507 -35.78 -0.52 -23.52
CA VAL B 507 -35.10 -1.59 -22.88
C VAL B 507 -33.91 -2.04 -23.68
N VAL B 508 -32.90 -2.61 -23.01
CA VAL B 508 -31.69 -3.05 -23.65
C VAL B 508 -31.08 -4.34 -23.07
N ILE B 509 -30.63 -5.25 -23.91
CA ILE B 509 -30.00 -6.45 -23.37
C ILE B 509 -28.51 -6.17 -23.24
N VAL B 510 -28.03 -6.24 -22.02
CA VAL B 510 -26.64 -5.97 -21.72
C VAL B 510 -25.86 -7.21 -21.43
N LEU B 511 -24.80 -7.40 -22.21
CA LEU B 511 -24.01 -8.59 -21.98
C LEU B 511 -22.67 -8.26 -21.42
N THR B 512 -22.41 -8.83 -20.25
CA THR B 512 -21.18 -8.60 -19.54
C THR B 512 -20.69 -9.84 -18.86
N GLY B 513 -19.38 -9.88 -18.59
CA GLY B 513 -18.79 -10.99 -17.82
C GLY B 513 -19.09 -10.76 -16.34
N TRP B 514 -19.21 -11.84 -15.59
CA TRP B 514 -19.52 -11.76 -14.16
C TRP B 514 -18.44 -10.98 -13.40
N ARG B 515 -17.20 -11.36 -13.69
CA ARG B 515 -16.01 -10.79 -13.11
C ARG B 515 -14.88 -10.82 -14.12
N PRO B 516 -13.87 -9.97 -13.91
CA PRO B 516 -12.73 -9.87 -14.80
C PRO B 516 -12.17 -11.23 -15.10
N GLY B 517 -11.63 -11.39 -16.31
CA GLY B 517 -11.05 -12.65 -16.71
C GLY B 517 -12.08 -13.75 -16.68
N SER B 518 -13.31 -13.35 -16.98
CA SER B 518 -14.39 -14.30 -16.99
C SER B 518 -14.27 -15.36 -18.10
N GLY B 519 -13.81 -14.92 -19.28
CA GLY B 519 -13.60 -15.79 -20.45
C GLY B 519 -14.51 -15.46 -21.63
N PHE B 520 -15.75 -15.14 -21.25
CA PHE B 520 -16.82 -14.73 -22.14
C PHE B 520 -17.86 -13.97 -21.36
N THR B 521 -18.87 -13.56 -22.05
CA THR B 521 -19.93 -12.85 -21.42
C THR B 521 -20.94 -13.87 -20.86
N ASN B 522 -20.84 -14.12 -19.55
CA ASN B 522 -21.70 -15.07 -18.86
C ASN B 522 -22.79 -14.41 -18.06
N THR B 523 -23.00 -13.12 -18.34
CA THR B 523 -24.01 -12.35 -17.65
C THR B 523 -24.88 -11.52 -18.56
N MET B 524 -26.19 -11.81 -18.57
CA MET B 524 -27.09 -11.07 -19.42
C MET B 524 -28.10 -10.34 -18.57
N ARG B 525 -28.45 -9.09 -18.95
CA ARG B 525 -29.44 -8.34 -18.20
C ARG B 525 -30.44 -7.53 -18.97
N VAL B 526 -31.54 -7.26 -18.29
CA VAL B 526 -32.55 -6.48 -18.91
C VAL B 526 -32.75 -5.19 -18.17
N VAL B 527 -31.95 -4.30 -18.65
CA VAL B 527 -31.80 -2.95 -18.23
C VAL B 527 -32.58 -1.99 -19.10
N PRO B 528 -33.21 -0.99 -18.46
CA PRO B 528 -33.92 0.06 -19.15
C PRO B 528 -32.93 1.21 -19.42
N VAL B 529 -33.29 2.13 -20.31
CA VAL B 529 -32.42 3.21 -20.65
C VAL B 529 -32.55 4.38 -19.67
N PRO B 530 -31.42 4.80 -19.14
CA PRO B 530 -31.34 5.89 -18.19
C PRO B 530 -31.71 7.23 -18.84
N ILE C 12 -71.71 -26.17 -35.07
CA ILE C 12 -70.40 -26.73 -34.75
C ILE C 12 -69.87 -27.74 -35.77
N GLN C 13 -68.60 -27.56 -36.16
CA GLN C 13 -67.89 -28.38 -37.15
C GLN C 13 -67.56 -29.78 -36.69
N THR C 14 -67.96 -30.69 -37.54
CA THR C 14 -67.85 -32.12 -37.44
C THR C 14 -66.46 -32.62 -37.76
N GLN C 15 -66.26 -33.90 -37.45
CA GLN C 15 -65.02 -34.56 -37.77
C GLN C 15 -63.76 -33.83 -37.31
N GLN C 16 -63.94 -32.94 -36.34
CA GLN C 16 -62.88 -32.20 -35.63
C GLN C 16 -62.06 -31.32 -36.60
N LEU C 17 -62.79 -30.75 -37.55
CA LEU C 17 -62.24 -29.97 -38.65
C LEU C 17 -61.56 -28.72 -38.27
N HIS C 18 -62.18 -28.03 -37.38
CA HIS C 18 -61.62 -26.82 -36.97
C HIS C 18 -60.23 -27.01 -36.36
N ALA C 19 -59.92 -28.19 -35.78
CA ALA C 19 -58.61 -28.41 -35.19
C ALA C 19 -57.61 -28.72 -36.29
N ALA C 20 -58.16 -29.28 -37.38
CA ALA C 20 -57.45 -29.70 -38.58
C ALA C 20 -56.77 -28.56 -39.31
N MET C 21 -57.17 -27.35 -38.89
CA MET C 21 -56.64 -26.10 -39.43
C MET C 21 -55.66 -25.37 -38.56
N ALA C 22 -55.40 -25.93 -37.40
CA ALA C 22 -54.40 -25.40 -36.52
C ALA C 22 -53.10 -25.34 -37.31
N ASP C 23 -52.36 -24.30 -37.09
CA ASP C 23 -51.12 -24.14 -37.73
C ASP C 23 -50.10 -24.94 -36.92
N THR C 24 -50.33 -25.01 -35.59
CA THR C 24 -49.40 -25.72 -34.68
C THR C 24 -50.02 -26.90 -33.96
N PHE C 25 -49.16 -27.71 -33.35
CA PHE C 25 -49.63 -28.86 -32.54
C PHE C 25 -50.39 -28.42 -31.27
N LEU C 26 -49.87 -27.47 -30.53
CA LEU C 26 -50.57 -26.96 -29.38
C LEU C 26 -51.91 -26.42 -29.83
N GLU C 27 -51.96 -25.64 -30.89
CA GLU C 27 -53.29 -25.18 -31.30
C GLU C 27 -54.19 -26.32 -31.74
N HIS C 28 -53.63 -27.37 -32.26
CA HIS C 28 -54.49 -28.46 -32.68
C HIS C 28 -55.18 -29.03 -31.46
N MET C 29 -54.40 -29.29 -30.44
CA MET C 29 -54.93 -29.81 -29.21
C MET C 29 -55.98 -28.86 -28.68
N CYS C 30 -55.58 -27.62 -28.51
CA CYS C 30 -56.49 -26.60 -28.00
C CYS C 30 -57.83 -26.52 -28.68
N ARG C 31 -58.01 -27.04 -29.89
CA ARG C 31 -59.33 -26.92 -30.56
C ARG C 31 -60.18 -28.18 -30.55
N LEU C 32 -59.65 -29.22 -29.96
CA LEU C 32 -60.40 -30.43 -29.89
C LEU C 32 -61.73 -30.13 -29.16
N ASP C 33 -62.81 -30.46 -29.80
CA ASP C 33 -64.15 -30.21 -29.32
C ASP C 33 -64.93 -31.50 -29.25
N ILE C 34 -65.49 -31.74 -28.07
CA ILE C 34 -66.24 -32.94 -27.84
C ILE C 34 -67.64 -32.80 -28.38
N ASP C 35 -67.92 -31.67 -28.93
CA ASP C 35 -69.23 -31.49 -29.50
C ASP C 35 -69.13 -31.66 -31.03
N SER C 36 -67.88 -31.92 -31.46
CA SER C 36 -67.60 -32.14 -32.86
C SER C 36 -67.72 -33.62 -33.14
N ALA C 37 -68.82 -33.92 -33.83
CA ALA C 37 -69.16 -35.26 -34.19
C ALA C 37 -68.20 -35.94 -35.14
N PRO C 38 -67.87 -37.20 -34.85
CA PRO C 38 -67.00 -37.97 -35.69
C PRO C 38 -67.81 -38.46 -36.87
N ILE C 39 -67.25 -39.34 -37.67
CA ILE C 39 -68.03 -39.78 -38.79
C ILE C 39 -68.50 -41.18 -38.56
N THR C 40 -69.32 -41.61 -39.45
CA THR C 40 -69.86 -42.91 -39.34
C THR C 40 -68.78 -43.99 -39.43
N ALA C 41 -67.86 -43.83 -40.36
CA ALA C 41 -66.83 -44.82 -40.54
C ALA C 41 -65.66 -44.83 -39.53
N ARG C 42 -65.26 -46.08 -39.16
CA ARG C 42 -64.12 -46.35 -38.28
C ARG C 42 -63.03 -47.04 -39.08
N ASN C 43 -61.77 -46.50 -39.03
CA ASN C 43 -60.65 -47.07 -39.80
C ASN C 43 -59.69 -48.04 -39.07
N THR C 44 -59.64 -47.97 -37.73
CA THR C 44 -58.74 -48.84 -36.98
C THR C 44 -59.32 -50.21 -36.85
N GLY C 45 -58.60 -51.17 -37.35
CA GLY C 45 -59.20 -52.47 -37.27
C GLY C 45 -59.25 -52.99 -35.85
N ILE C 46 -60.24 -53.86 -35.60
CA ILE C 46 -60.40 -54.51 -34.32
C ILE C 46 -60.15 -56.00 -34.47
N ILE C 47 -59.21 -56.46 -33.65
CA ILE C 47 -58.81 -57.88 -33.59
C ILE C 47 -59.23 -58.51 -32.26
N CYS C 48 -60.29 -59.27 -32.33
CA CYS C 48 -60.86 -59.94 -31.20
C CYS C 48 -60.32 -61.32 -30.97
N THR C 49 -59.91 -61.59 -29.70
CA THR C 49 -59.46 -62.90 -29.33
C THR C 49 -60.66 -63.76 -29.02
N ILE C 50 -60.68 -64.88 -29.69
CA ILE C 50 -61.76 -65.80 -29.61
C ILE C 50 -61.60 -66.98 -28.67
N GLY C 51 -62.62 -67.16 -27.90
CA GLY C 51 -62.65 -68.26 -26.95
C GLY C 51 -64.09 -68.53 -26.49
N PRO C 52 -64.15 -69.17 -25.35
CA PRO C 52 -65.38 -69.57 -24.68
C PRO C 52 -66.51 -68.58 -24.72
N ALA C 53 -66.24 -67.33 -24.44
CA ALA C 53 -67.33 -66.37 -24.45
C ALA C 53 -67.64 -65.84 -25.81
N SER C 54 -66.84 -66.18 -26.80
CA SER C 54 -67.11 -65.57 -28.07
C SER C 54 -67.06 -66.57 -29.20
N ARG C 55 -66.95 -67.81 -28.80
CA ARG C 55 -66.81 -68.91 -29.69
C ARG C 55 -68.10 -69.34 -30.33
N SER C 56 -69.19 -69.10 -29.67
CA SER C 56 -70.39 -69.52 -30.33
C SER C 56 -70.65 -68.65 -31.54
N VAL C 57 -71.22 -69.31 -32.51
CA VAL C 57 -71.64 -68.75 -33.75
C VAL C 57 -72.44 -67.47 -33.56
N GLU C 58 -73.56 -67.59 -32.84
CA GLU C 58 -74.47 -66.47 -32.60
C GLU C 58 -73.76 -65.30 -32.05
N THR C 59 -72.90 -65.58 -31.06
CA THR C 59 -72.10 -64.56 -30.42
C THR C 59 -71.26 -63.89 -31.50
N LEU C 60 -70.60 -64.74 -32.28
CA LEU C 60 -69.79 -64.30 -33.38
C LEU C 60 -70.57 -63.31 -34.28
N LYS C 61 -71.73 -63.73 -34.82
CA LYS C 61 -72.57 -62.85 -35.66
C LYS C 61 -72.76 -61.50 -35.06
N GLU C 62 -72.90 -61.50 -33.77
CA GLU C 62 -73.11 -60.22 -33.17
C GLU C 62 -71.80 -59.48 -33.13
N MET C 63 -70.76 -60.17 -32.72
CA MET C 63 -69.47 -59.55 -32.69
C MET C 63 -69.09 -59.14 -34.07
N ILE C 64 -69.60 -59.84 -35.03
CA ILE C 64 -69.19 -59.48 -36.34
C ILE C 64 -69.89 -58.21 -36.67
N LYS C 65 -71.02 -58.09 -36.03
CA LYS C 65 -71.88 -56.96 -36.21
C LYS C 65 -71.42 -55.73 -35.47
N SER C 66 -70.74 -55.92 -34.35
CA SER C 66 -70.32 -54.79 -33.51
C SER C 66 -69.11 -54.01 -34.00
N GLY C 67 -68.30 -54.68 -34.84
CA GLY C 67 -67.11 -54.10 -35.41
C GLY C 67 -65.94 -55.08 -35.53
N MET C 68 -66.14 -56.38 -35.27
CA MET C 68 -65.00 -57.31 -35.37
C MET C 68 -64.50 -57.43 -36.78
N ASN C 69 -63.18 -57.47 -36.92
CA ASN C 69 -62.62 -57.60 -38.24
C ASN C 69 -61.65 -58.73 -38.33
N VAL C 70 -61.07 -59.09 -37.22
CA VAL C 70 -60.10 -60.15 -37.31
C VAL C 70 -60.23 -61.05 -36.13
N ALA C 71 -60.39 -62.35 -36.38
CA ALA C 71 -60.51 -63.35 -35.35
C ALA C 71 -59.16 -63.92 -35.00
N ARG C 72 -58.74 -63.74 -33.78
CA ARG C 72 -57.43 -64.27 -33.50
C ARG C 72 -57.51 -65.56 -32.71
N MET C 73 -56.66 -66.49 -33.08
CA MET C 73 -56.61 -67.79 -32.46
C MET C 73 -55.33 -67.96 -31.65
N ASN C 74 -55.48 -68.13 -30.36
CA ASN C 74 -54.29 -68.29 -29.57
C ASN C 74 -53.88 -69.74 -29.39
N PHE C 75 -52.79 -70.10 -30.04
CA PHE C 75 -52.31 -71.46 -30.01
C PHE C 75 -51.38 -71.74 -28.85
N SER C 76 -51.46 -70.93 -27.82
CA SER C 76 -50.64 -71.26 -26.67
C SER C 76 -51.38 -72.38 -25.91
N HIS C 77 -52.58 -72.60 -26.37
CA HIS C 77 -53.48 -73.58 -25.83
C HIS C 77 -54.35 -74.19 -26.87
N GLY C 78 -55.20 -75.04 -26.36
CA GLY C 78 -56.15 -75.73 -27.17
C GLY C 78 -55.48 -76.70 -28.11
N THR C 79 -56.32 -77.61 -28.59
CA THR C 79 -55.91 -78.64 -29.51
C THR C 79 -56.48 -78.29 -30.85
N HIS C 80 -55.78 -78.81 -31.85
CA HIS C 80 -56.13 -78.59 -33.22
C HIS C 80 -57.61 -78.69 -33.48
N GLU C 81 -58.20 -79.64 -32.75
CA GLU C 81 -59.62 -79.95 -32.84
C GLU C 81 -60.50 -78.81 -32.37
N TYR C 82 -60.03 -78.19 -31.29
CA TYR C 82 -60.71 -77.07 -30.69
C TYR C 82 -60.75 -75.91 -31.69
N HIS C 83 -59.56 -75.50 -32.06
CA HIS C 83 -59.38 -74.41 -33.00
C HIS C 83 -60.17 -74.59 -34.27
N ALA C 84 -59.98 -75.76 -34.84
CA ALA C 84 -60.64 -76.14 -36.05
C ALA C 84 -62.12 -75.88 -35.96
N GLU C 85 -62.56 -75.95 -34.75
CA GLU C 85 -63.97 -75.72 -34.49
C GLU C 85 -64.25 -74.26 -34.41
N THR C 86 -63.37 -73.57 -33.68
CA THR C 86 -63.56 -72.15 -33.51
C THR C 86 -63.60 -71.57 -34.86
N ILE C 87 -62.56 -71.89 -35.60
CA ILE C 87 -62.42 -71.42 -36.95
C ILE C 87 -63.65 -71.66 -37.79
N LYS C 88 -64.25 -72.83 -37.58
CA LYS C 88 -65.44 -73.25 -38.30
C LYS C 88 -66.68 -72.40 -38.03
N ASN C 89 -66.79 -71.88 -36.81
CA ASN C 89 -67.92 -71.03 -36.44
C ASN C 89 -67.82 -69.63 -37.00
N VAL C 90 -66.58 -69.15 -37.02
CA VAL C 90 -66.31 -67.83 -37.53
C VAL C 90 -66.85 -67.76 -38.91
N ARG C 91 -66.34 -68.70 -39.65
CA ARG C 91 -66.69 -68.78 -41.01
C ARG C 91 -68.16 -68.88 -41.22
N THR C 92 -68.77 -69.65 -40.39
CA THR C 92 -70.21 -69.81 -40.48
C THR C 92 -70.96 -68.53 -40.23
N ALA C 93 -70.55 -67.85 -39.14
CA ALA C 93 -71.12 -66.60 -38.69
C ALA C 93 -70.93 -65.56 -39.77
N THR C 94 -69.69 -65.50 -40.18
CA THR C 94 -69.24 -64.59 -41.18
C THR C 94 -70.07 -64.65 -42.43
N GLU C 95 -70.29 -65.88 -42.87
CA GLU C 95 -71.01 -66.14 -44.08
C GLU C 95 -72.53 -66.08 -43.98
N SER C 96 -72.99 -65.93 -42.77
CA SER C 96 -74.42 -65.85 -42.58
C SER C 96 -74.97 -64.55 -43.19
N PHE C 97 -74.03 -63.73 -43.67
CA PHE C 97 -74.36 -62.41 -44.20
C PHE C 97 -74.10 -62.22 -45.71
N ALA C 98 -73.47 -63.20 -46.39
CA ALA C 98 -73.14 -63.05 -47.81
C ALA C 98 -74.34 -62.95 -48.73
N SER C 99 -75.50 -63.26 -48.18
CA SER C 99 -76.74 -63.23 -48.92
C SER C 99 -76.88 -61.91 -49.61
N ASP C 100 -76.33 -60.89 -48.94
CA ASP C 100 -76.31 -59.53 -49.40
C ASP C 100 -74.86 -59.10 -49.55
N PRO C 101 -74.37 -58.99 -50.78
CA PRO C 101 -72.98 -58.64 -51.03
C PRO C 101 -72.62 -57.27 -50.45
N ILE C 102 -73.67 -56.43 -50.28
CA ILE C 102 -73.56 -55.07 -49.72
C ILE C 102 -73.22 -55.06 -48.21
N LEU C 103 -74.08 -55.72 -47.41
CA LEU C 103 -73.97 -55.89 -45.96
C LEU C 103 -73.04 -57.02 -45.52
N TYR C 104 -72.41 -57.63 -46.50
CA TYR C 104 -71.47 -58.69 -46.24
C TYR C 104 -70.12 -58.09 -45.86
N ARG C 105 -69.70 -58.39 -44.66
CA ARG C 105 -68.41 -57.91 -44.22
C ARG C 105 -67.47 -59.10 -44.00
N PRO C 106 -66.31 -59.04 -44.64
CA PRO C 106 -65.35 -60.08 -44.51
C PRO C 106 -64.72 -60.02 -43.15
N VAL C 107 -64.21 -61.17 -42.71
CA VAL C 107 -63.53 -61.36 -41.44
C VAL C 107 -62.31 -62.26 -41.61
N ALA C 108 -61.14 -61.78 -41.16
CA ALA C 108 -59.88 -62.49 -41.29
C ALA C 108 -59.67 -63.49 -40.22
N VAL C 109 -58.64 -64.31 -40.39
CA VAL C 109 -58.32 -65.32 -39.40
C VAL C 109 -56.82 -65.36 -39.07
N ALA C 110 -56.53 -65.26 -37.77
CA ALA C 110 -55.16 -65.23 -37.29
C ALA C 110 -54.69 -66.43 -36.43
N LEU C 111 -53.48 -66.90 -36.70
CA LEU C 111 -52.89 -67.97 -35.98
C LEU C 111 -51.83 -67.38 -35.11
N ASP C 112 -52.10 -67.37 -33.79
CA ASP C 112 -51.21 -66.83 -32.80
C ASP C 112 -50.35 -67.90 -32.15
N THR C 113 -49.15 -68.03 -32.71
CA THR C 113 -48.13 -69.00 -32.35
C THR C 113 -47.65 -68.97 -30.92
N LYS C 114 -47.64 -70.15 -30.32
CA LYS C 114 -47.11 -70.29 -28.98
C LYS C 114 -45.59 -70.09 -28.98
N GLY C 115 -44.88 -70.60 -29.94
CA GLY C 115 -43.44 -70.27 -29.83
C GLY C 115 -42.54 -70.93 -28.74
N PRO C 116 -41.24 -70.66 -28.88
CA PRO C 116 -40.17 -71.13 -28.01
C PRO C 116 -40.30 -70.67 -26.57
N GLU C 117 -39.95 -71.55 -25.61
CA GLU C 117 -40.04 -71.22 -24.18
C GLU C 117 -38.92 -71.80 -23.31
N ILE C 118 -38.78 -71.28 -22.09
CA ILE C 118 -37.81 -71.82 -21.13
C ILE C 118 -38.55 -72.20 -19.86
N ARG C 119 -38.46 -73.45 -19.46
CA ARG C 119 -39.17 -73.89 -18.27
C ARG C 119 -38.31 -74.66 -17.26
N THR C 120 -38.78 -74.57 -15.99
CA THR C 120 -38.21 -75.23 -14.81
C THR C 120 -38.72 -76.67 -14.63
N GLY C 121 -38.05 -77.37 -13.75
CA GLY C 121 -38.39 -78.73 -13.44
C GLY C 121 -39.44 -78.85 -12.36
N LEU C 122 -39.56 -80.09 -11.86
CA LEU C 122 -40.50 -80.41 -10.81
C LEU C 122 -39.99 -80.06 -9.44
N ILE C 123 -40.85 -79.44 -8.68
CA ILE C 123 -40.45 -79.05 -7.36
C ILE C 123 -40.58 -80.21 -6.45
N LYS C 124 -39.48 -80.58 -5.76
CA LYS C 124 -39.46 -81.71 -4.80
C LYS C 124 -40.27 -82.87 -5.33
N GLY C 125 -40.26 -83.03 -6.65
CA GLY C 125 -40.99 -84.10 -7.33
C GLY C 125 -42.47 -83.86 -7.66
N SER C 126 -43.15 -83.02 -6.91
CA SER C 126 -44.56 -82.83 -7.20
C SER C 126 -44.77 -81.71 -8.19
N GLY C 127 -45.91 -81.75 -8.87
CA GLY C 127 -46.25 -80.72 -9.84
C GLY C 127 -47.16 -79.69 -9.18
N THR C 128 -47.56 -80.03 -7.96
CA THR C 128 -48.43 -79.21 -7.17
C THR C 128 -47.76 -78.74 -5.89
N ALA C 129 -46.43 -78.59 -5.98
CA ALA C 129 -45.62 -78.17 -4.84
C ALA C 129 -45.04 -76.79 -4.97
N GLU C 130 -44.62 -76.28 -3.82
CA GLU C 130 -44.04 -74.99 -3.77
C GLU C 130 -42.95 -74.97 -2.75
N VAL C 131 -42.04 -74.12 -3.08
CA VAL C 131 -40.90 -73.85 -2.32
C VAL C 131 -40.94 -72.35 -2.05
N GLU C 132 -40.33 -71.87 -0.99
CA GLU C 132 -40.38 -70.44 -0.81
C GLU C 132 -38.99 -69.91 -0.95
N LEU C 133 -38.88 -68.85 -1.76
CA LEU C 133 -37.61 -68.22 -2.04
C LEU C 133 -37.48 -66.88 -1.36
N LYS C 134 -36.52 -66.77 -0.48
CA LYS C 134 -36.43 -65.50 0.17
C LYS C 134 -35.36 -64.60 -0.38
N LYS C 135 -35.55 -63.32 -0.12
CA LYS C 135 -34.63 -62.29 -0.51
C LYS C 135 -33.21 -62.59 -0.08
N GLY C 136 -32.26 -62.22 -0.95
CA GLY C 136 -30.83 -62.40 -0.69
C GLY C 136 -30.41 -63.85 -0.47
N ALA C 137 -31.16 -64.76 -1.06
CA ALA C 137 -30.88 -66.17 -0.94
C ALA C 137 -30.09 -66.70 -2.13
N THR C 138 -29.28 -67.71 -1.82
CA THR C 138 -28.49 -68.38 -2.82
C THR C 138 -29.26 -69.53 -3.43
N LEU C 139 -29.60 -69.37 -4.68
CA LEU C 139 -30.30 -70.43 -5.33
C LEU C 139 -29.47 -70.85 -6.51
N LYS C 140 -29.15 -72.14 -6.59
CA LYS C 140 -28.33 -72.59 -7.68
C LYS C 140 -29.06 -73.23 -8.89
N ILE C 141 -28.64 -72.86 -10.08
CA ILE C 141 -29.27 -73.46 -11.26
C ILE C 141 -28.31 -74.26 -12.06
N THR C 142 -28.80 -75.46 -12.35
CA THR C 142 -28.05 -76.47 -13.01
C THR C 142 -28.79 -77.13 -14.13
N LEU C 143 -27.94 -77.78 -14.95
CA LEU C 143 -28.26 -78.57 -16.12
C LEU C 143 -28.09 -80.09 -15.95
N ASP C 144 -27.83 -80.52 -14.70
CA ASP C 144 -27.70 -81.94 -14.36
C ASP C 144 -29.10 -82.55 -14.41
N ASN C 145 -29.31 -83.34 -15.46
CA ASN C 145 -30.59 -83.97 -15.73
C ASN C 145 -31.21 -84.58 -14.52
N ALA C 146 -30.40 -84.85 -13.53
CA ALA C 146 -30.91 -85.48 -12.32
C ALA C 146 -32.02 -84.67 -11.63
N TYR C 147 -31.69 -83.42 -11.34
CA TYR C 147 -32.63 -82.51 -10.68
C TYR C 147 -33.87 -82.19 -11.45
N MET C 148 -33.93 -82.69 -12.68
CA MET C 148 -35.03 -82.47 -13.58
C MET C 148 -36.38 -82.62 -12.87
N GLU C 149 -36.42 -83.45 -11.83
CA GLU C 149 -37.67 -83.63 -11.11
C GLU C 149 -37.51 -83.33 -9.62
N LYS C 150 -36.26 -83.03 -9.23
CA LYS C 150 -35.89 -82.72 -7.86
C LYS C 150 -35.56 -81.23 -7.60
N CYS C 151 -36.29 -80.33 -8.20
CA CYS C 151 -35.97 -78.93 -7.96
C CYS C 151 -36.54 -78.57 -6.63
N ASP C 152 -35.77 -77.81 -5.94
CA ASP C 152 -36.14 -77.33 -4.63
C ASP C 152 -35.71 -75.90 -4.55
N GLU C 153 -35.45 -75.43 -3.34
CA GLU C 153 -35.04 -74.05 -3.12
C GLU C 153 -33.56 -73.78 -3.21
N ASN C 154 -32.73 -74.81 -3.26
CA ASN C 154 -31.30 -74.53 -3.32
C ASN C 154 -30.75 -74.82 -4.70
N ILE C 155 -31.52 -75.66 -5.40
CA ILE C 155 -31.20 -76.14 -6.72
C ILE C 155 -32.37 -76.05 -7.67
N LEU C 156 -32.07 -75.38 -8.77
CA LEU C 156 -33.04 -75.16 -9.81
C LEU C 156 -32.58 -75.70 -11.13
N TRP C 157 -33.46 -76.48 -11.75
CA TRP C 157 -33.15 -77.10 -13.02
C TRP C 157 -33.99 -76.53 -14.15
N LEU C 158 -33.30 -76.25 -15.26
CA LEU C 158 -33.85 -75.63 -16.45
C LEU C 158 -33.86 -76.53 -17.63
N ASP C 159 -34.56 -76.08 -18.67
CA ASP C 159 -34.68 -76.81 -19.91
C ASP C 159 -34.08 -76.07 -21.09
N TYR C 160 -33.05 -75.26 -20.79
CA TYR C 160 -32.32 -74.46 -21.76
C TYR C 160 -30.83 -74.68 -21.66
N LYS C 161 -30.42 -75.69 -22.40
CA LYS C 161 -29.06 -76.19 -22.49
C LYS C 161 -27.97 -75.15 -22.54
N ASN C 162 -28.27 -74.05 -23.18
CA ASN C 162 -27.19 -73.12 -23.38
C ASN C 162 -27.22 -71.93 -22.48
N ILE C 163 -28.04 -72.02 -21.44
CA ILE C 163 -28.19 -70.95 -20.48
C ILE C 163 -26.92 -70.29 -20.02
N CYS C 164 -25.82 -71.05 -19.99
CA CYS C 164 -24.56 -70.47 -19.56
C CYS C 164 -23.89 -69.60 -20.60
N LYS C 165 -23.96 -70.04 -21.84
CA LYS C 165 -23.30 -69.35 -22.92
C LYS C 165 -23.85 -67.98 -23.23
N VAL C 166 -25.12 -67.82 -22.88
CA VAL C 166 -25.90 -66.65 -23.20
C VAL C 166 -25.96 -65.61 -22.10
N VAL C 167 -25.85 -66.10 -20.90
CA VAL C 167 -25.87 -65.22 -19.77
C VAL C 167 -24.42 -65.06 -19.32
N ASP C 168 -24.16 -64.03 -18.50
CA ASP C 168 -22.82 -63.69 -17.95
C ASP C 168 -22.98 -63.29 -16.50
N VAL C 169 -21.87 -63.02 -15.84
CA VAL C 169 -21.90 -62.62 -14.45
C VAL C 169 -22.60 -61.29 -14.22
N GLY C 170 -23.61 -61.29 -13.35
CA GLY C 170 -24.36 -60.07 -13.09
C GLY C 170 -25.66 -59.93 -13.89
N SER C 171 -25.93 -60.84 -14.83
CA SER C 171 -27.17 -60.77 -15.61
C SER C 171 -28.37 -61.13 -14.76
N LYS C 172 -29.53 -61.18 -15.37
CA LYS C 172 -30.67 -61.53 -14.57
C LYS C 172 -31.50 -62.66 -15.13
N VAL C 173 -32.24 -63.33 -14.22
CA VAL C 173 -33.14 -64.42 -14.57
C VAL C 173 -34.49 -64.11 -13.96
N TYR C 174 -35.58 -64.41 -14.65
CA TYR C 174 -36.89 -64.09 -14.11
C TYR C 174 -37.78 -65.29 -14.11
N VAL C 175 -38.01 -65.82 -12.97
CA VAL C 175 -38.85 -66.98 -12.93
C VAL C 175 -40.32 -66.62 -12.77
N ASP C 176 -41.18 -67.59 -13.13
CA ASP C 176 -42.64 -67.45 -13.07
C ASP C 176 -43.20 -66.11 -13.55
N ASP C 177 -42.68 -65.61 -14.68
CA ASP C 177 -43.14 -64.36 -15.30
C ASP C 177 -42.89 -63.06 -14.53
N GLY C 178 -41.63 -62.71 -14.28
CA GLY C 178 -41.30 -61.47 -13.59
C GLY C 178 -41.35 -61.51 -12.06
N LEU C 179 -42.22 -62.40 -11.48
CA LEU C 179 -42.39 -62.56 -10.02
C LEU C 179 -41.08 -62.70 -9.28
N ILE C 180 -40.40 -63.79 -9.58
CA ILE C 180 -39.14 -64.07 -9.03
C ILE C 180 -38.07 -63.56 -9.99
N SER C 181 -37.03 -62.98 -9.41
CA SER C 181 -35.89 -62.45 -10.13
C SER C 181 -34.61 -62.88 -9.41
N LEU C 182 -33.55 -63.12 -10.17
CA LEU C 182 -32.31 -63.53 -9.55
C LEU C 182 -31.11 -62.98 -10.28
N GLN C 183 -30.10 -62.64 -9.51
CA GLN C 183 -28.92 -62.10 -10.11
C GLN C 183 -27.83 -63.13 -10.10
N VAL C 184 -27.25 -63.37 -11.28
CA VAL C 184 -26.20 -64.34 -11.38
C VAL C 184 -24.98 -63.80 -10.69
N LYS C 185 -24.60 -64.48 -9.62
CA LYS C 185 -23.46 -64.04 -8.87
C LYS C 185 -22.25 -64.95 -9.02
N GLN C 186 -22.35 -65.92 -9.92
CA GLN C 186 -21.29 -66.85 -10.25
C GLN C 186 -21.60 -67.69 -11.48
N LYS C 187 -20.62 -67.72 -12.35
CA LYS C 187 -20.74 -68.37 -13.63
C LYS C 187 -19.82 -69.58 -13.79
N GLY C 188 -20.50 -70.73 -13.82
CA GLY C 188 -19.92 -72.03 -14.01
C GLY C 188 -20.14 -72.45 -15.45
N PRO C 189 -19.89 -73.72 -15.74
CA PRO C 189 -20.04 -74.26 -17.07
C PRO C 189 -21.36 -75.01 -17.30
N ASP C 190 -22.00 -75.42 -16.22
CA ASP C 190 -23.25 -76.14 -16.36
C ASP C 190 -24.18 -75.81 -15.22
N PHE C 191 -23.79 -74.75 -14.53
CA PHE C 191 -24.48 -74.22 -13.38
C PHE C 191 -24.18 -72.75 -13.28
N LEU C 192 -25.00 -72.07 -12.52
CA LEU C 192 -24.84 -70.68 -12.26
C LEU C 192 -25.15 -70.55 -10.82
N VAL C 193 -24.63 -69.52 -10.21
CA VAL C 193 -24.96 -69.26 -8.83
C VAL C 193 -25.63 -67.91 -8.75
N THR C 194 -26.94 -67.96 -8.45
CA THR C 194 -27.79 -66.79 -8.35
C THR C 194 -28.02 -66.38 -6.92
N GLU C 195 -28.48 -65.16 -6.77
CA GLU C 195 -28.81 -64.59 -5.49
C GLU C 195 -30.24 -64.12 -5.60
N VAL C 196 -31.14 -64.68 -4.80
CA VAL C 196 -32.51 -64.25 -4.94
C VAL C 196 -32.55 -62.79 -4.64
N GLU C 197 -33.15 -62.14 -5.55
CA GLU C 197 -33.26 -60.74 -5.43
C GLU C 197 -34.67 -60.52 -5.81
N ASN C 198 -35.48 -60.09 -4.89
CA ASN C 198 -36.90 -59.90 -5.22
C ASN C 198 -37.56 -61.24 -5.48
N GLY C 199 -37.52 -62.09 -4.45
CA GLY C 199 -38.09 -63.43 -4.41
C GLY C 199 -39.59 -63.52 -4.12
N GLY C 200 -40.04 -64.77 -3.89
CA GLY C 200 -41.43 -65.15 -3.62
C GLY C 200 -41.65 -66.68 -3.52
N PHE C 201 -42.71 -67.14 -4.15
CA PHE C 201 -43.09 -68.55 -4.20
C PHE C 201 -42.79 -69.15 -5.55
N LEU C 202 -42.14 -70.28 -5.52
CA LEU C 202 -41.75 -70.98 -6.74
C LEU C 202 -42.52 -72.27 -6.90
N GLY C 203 -42.98 -72.52 -8.11
CA GLY C 203 -43.74 -73.71 -8.36
C GLY C 203 -43.10 -74.57 -9.43
N SER C 204 -43.89 -75.50 -9.93
CA SER C 204 -43.43 -76.43 -10.93
C SER C 204 -43.68 -75.95 -12.36
N LYS C 205 -42.70 -76.15 -13.22
CA LYS C 205 -42.80 -75.80 -14.63
C LYS C 205 -43.34 -74.41 -14.93
N LYS C 206 -42.59 -73.41 -14.45
CA LYS C 206 -42.86 -71.97 -14.58
C LYS C 206 -41.98 -71.33 -15.64
N GLY C 207 -42.48 -70.30 -16.34
CA GLY C 207 -41.69 -69.65 -17.37
C GLY C 207 -40.49 -68.85 -16.88
N VAL C 208 -39.38 -68.99 -17.61
CA VAL C 208 -38.13 -68.29 -17.38
C VAL C 208 -37.86 -67.23 -18.45
N ASN C 209 -37.37 -66.07 -18.00
CA ASN C 209 -37.07 -64.95 -18.88
C ASN C 209 -35.68 -64.46 -18.57
N LEU C 210 -34.94 -64.14 -19.64
CA LEU C 210 -33.57 -63.66 -19.56
C LEU C 210 -33.44 -62.30 -20.23
N PRO C 211 -33.96 -61.30 -19.59
CA PRO C 211 -33.89 -59.97 -20.12
C PRO C 211 -32.47 -59.57 -20.37
N GLY C 212 -32.31 -58.83 -21.47
CA GLY C 212 -31.05 -58.27 -21.90
C GLY C 212 -30.19 -59.22 -22.71
N ALA C 213 -30.69 -60.44 -22.84
CA ALA C 213 -29.97 -61.49 -23.53
C ALA C 213 -30.35 -61.80 -24.94
N ALA C 214 -29.38 -62.48 -25.48
CA ALA C 214 -29.35 -62.93 -26.82
C ALA C 214 -29.57 -64.44 -26.87
N VAL C 215 -30.83 -64.82 -26.68
CA VAL C 215 -31.25 -66.21 -26.67
C VAL C 215 -31.08 -66.97 -28.00
N ASP C 216 -30.31 -68.08 -27.87
CA ASP C 216 -29.96 -69.11 -28.88
C ASP C 216 -31.19 -69.76 -29.45
N LEU C 217 -32.19 -69.98 -28.59
CA LEU C 217 -33.45 -70.64 -28.88
C LEU C 217 -33.89 -70.55 -30.33
N PRO C 218 -34.36 -71.68 -30.83
CA PRO C 218 -34.81 -71.71 -32.20
C PRO C 218 -35.97 -70.77 -32.40
N ALA C 219 -36.08 -70.36 -33.63
CA ALA C 219 -37.12 -69.48 -34.08
C ALA C 219 -38.51 -70.05 -33.76
N VAL C 220 -38.60 -71.35 -34.03
CA VAL C 220 -39.77 -72.16 -33.92
C VAL C 220 -39.60 -73.43 -33.07
N SER C 221 -40.63 -73.75 -32.30
CA SER C 221 -40.68 -74.93 -31.45
C SER C 221 -41.17 -76.13 -32.26
N GLU C 222 -41.02 -77.31 -31.69
CA GLU C 222 -41.51 -78.45 -32.40
C GLU C 222 -43.04 -78.29 -32.54
N LYS C 223 -43.68 -77.82 -31.47
CA LYS C 223 -45.13 -77.58 -31.48
C LYS C 223 -45.52 -76.53 -32.50
N ASP C 224 -44.62 -75.58 -32.67
CA ASP C 224 -44.86 -74.46 -33.55
C ASP C 224 -45.14 -74.93 -34.94
N ILE C 225 -44.33 -75.89 -35.31
CA ILE C 225 -44.40 -76.47 -36.62
C ILE C 225 -45.72 -77.16 -36.90
N GLN C 226 -46.18 -78.03 -36.02
CA GLN C 226 -47.46 -78.60 -36.38
C GLN C 226 -48.58 -77.59 -36.36
N ASP C 227 -48.35 -76.48 -35.63
CA ASP C 227 -49.31 -75.40 -35.56
C ASP C 227 -49.34 -74.61 -36.87
N LEU C 228 -48.17 -74.20 -37.40
CA LEU C 228 -48.15 -73.50 -38.67
C LEU C 228 -48.74 -74.35 -39.80
N LYS C 229 -48.34 -75.63 -39.89
CA LYS C 229 -48.85 -76.56 -40.90
C LYS C 229 -50.35 -76.53 -40.89
N PHE C 230 -50.86 -76.72 -39.69
CA PHE C 230 -52.27 -76.70 -39.40
C PHE C 230 -52.95 -75.40 -39.83
N GLY C 231 -52.21 -74.30 -39.82
CA GLY C 231 -52.78 -73.04 -40.25
C GLY C 231 -52.87 -73.01 -41.77
N VAL C 232 -51.78 -73.44 -42.41
CA VAL C 232 -51.76 -73.46 -43.85
C VAL C 232 -52.89 -74.30 -44.38
N GLU C 233 -53.24 -75.32 -43.59
CA GLU C 233 -54.28 -76.27 -43.93
C GLU C 233 -55.64 -75.66 -43.74
N GLN C 234 -55.76 -74.90 -42.66
CA GLN C 234 -57.00 -74.26 -42.32
C GLN C 234 -57.25 -73.02 -43.17
N ASP C 235 -56.29 -72.66 -44.04
CA ASP C 235 -56.41 -71.49 -44.92
C ASP C 235 -56.39 -70.18 -44.08
N VAL C 236 -55.52 -70.10 -43.12
CA VAL C 236 -55.49 -68.87 -42.33
C VAL C 236 -54.88 -67.72 -43.09
N ASP C 237 -55.49 -66.54 -42.93
CA ASP C 237 -55.07 -65.30 -43.55
C ASP C 237 -53.71 -64.81 -43.09
N MET C 238 -53.35 -65.07 -41.82
CA MET C 238 -52.05 -64.63 -41.31
C MET C 238 -51.62 -65.32 -40.07
N VAL C 239 -50.39 -65.04 -39.76
CA VAL C 239 -49.76 -65.63 -38.64
C VAL C 239 -49.06 -64.59 -37.80
N PHE C 240 -49.38 -64.64 -36.52
CA PHE C 240 -48.78 -63.80 -35.51
C PHE C 240 -47.66 -64.60 -34.87
N ALA C 241 -46.39 -64.29 -35.22
CA ALA C 241 -45.22 -65.05 -34.77
C ALA C 241 -44.49 -64.54 -33.55
N SER C 242 -44.38 -65.44 -32.60
CA SER C 242 -43.83 -65.22 -31.30
C SER C 242 -42.36 -65.12 -31.17
N PHE C 243 -42.02 -64.41 -30.11
CA PHE C 243 -40.67 -64.19 -29.71
C PHE C 243 -39.65 -63.92 -30.84
N ILE C 244 -40.04 -63.13 -31.85
CA ILE C 244 -39.14 -62.76 -32.96
C ILE C 244 -37.98 -61.92 -32.49
N ARG C 245 -36.79 -62.44 -32.65
CA ARG C 245 -35.61 -61.71 -32.22
C ARG C 245 -34.75 -61.09 -33.29
N LYS C 246 -34.82 -61.62 -34.49
CA LYS C 246 -33.96 -61.12 -35.57
C LYS C 246 -34.63 -61.33 -36.92
N ALA C 247 -33.93 -61.06 -38.00
CA ALA C 247 -34.57 -61.29 -39.27
C ALA C 247 -34.53 -62.77 -39.57
N ALA C 248 -33.41 -63.40 -39.22
CA ALA C 248 -33.19 -64.82 -39.43
C ALA C 248 -34.38 -65.68 -38.95
N ASP C 249 -34.96 -65.22 -37.85
CA ASP C 249 -36.09 -65.86 -37.24
C ASP C 249 -37.29 -65.80 -38.16
N VAL C 250 -37.43 -64.68 -38.85
CA VAL C 250 -38.56 -64.52 -39.74
C VAL C 250 -38.50 -65.45 -40.95
N HIS C 251 -37.29 -65.60 -41.48
CA HIS C 251 -37.05 -66.45 -42.61
C HIS C 251 -37.49 -67.87 -42.32
N GLU C 252 -37.18 -68.32 -41.09
CA GLU C 252 -37.56 -69.66 -40.58
C GLU C 252 -39.07 -69.91 -40.67
N VAL C 253 -39.88 -69.00 -40.17
CA VAL C 253 -41.33 -69.20 -40.29
C VAL C 253 -41.75 -69.13 -41.74
N ARG C 254 -41.04 -68.30 -42.43
CA ARG C 254 -41.28 -68.14 -43.82
C ARG C 254 -41.12 -69.50 -44.51
N LYS C 255 -40.08 -70.25 -44.10
CA LYS C 255 -39.71 -71.57 -44.63
C LYS C 255 -40.76 -72.61 -44.33
N ILE C 256 -41.13 -72.62 -43.07
CA ILE C 256 -42.12 -73.54 -42.62
C ILE C 256 -43.40 -73.38 -43.38
N LEU C 257 -43.76 -72.14 -43.65
CA LEU C 257 -44.99 -71.92 -44.37
C LEU C 257 -44.93 -72.61 -45.74
N GLY C 258 -43.71 -72.64 -46.28
CA GLY C 258 -43.42 -73.27 -47.56
C GLY C 258 -44.09 -72.55 -48.71
N GLU C 259 -44.21 -73.25 -49.84
CA GLU C 259 -44.86 -72.67 -51.00
C GLU C 259 -46.37 -72.65 -50.85
N LYS C 260 -46.92 -73.55 -50.07
CA LYS C 260 -48.37 -73.53 -49.97
C LYS C 260 -48.95 -72.30 -49.26
N GLY C 261 -48.18 -71.70 -48.37
CA GLY C 261 -48.67 -70.54 -47.67
C GLY C 261 -47.77 -69.32 -47.85
N LYS C 262 -47.40 -69.06 -49.08
CA LYS C 262 -46.54 -67.94 -49.34
C LYS C 262 -47.32 -66.66 -49.31
N ASN C 263 -48.64 -66.84 -49.36
CA ASN C 263 -49.54 -65.70 -49.35
C ASN C 263 -49.95 -65.33 -47.95
N ILE C 264 -49.71 -66.23 -47.04
CA ILE C 264 -50.03 -66.00 -45.66
C ILE C 264 -49.11 -64.95 -45.06
N LYS C 265 -49.72 -63.89 -44.49
CA LYS C 265 -48.96 -62.82 -43.86
C LYS C 265 -48.39 -63.13 -42.49
N ILE C 266 -47.12 -62.83 -42.38
CA ILE C 266 -46.28 -63.01 -41.22
C ILE C 266 -46.12 -61.74 -40.43
N ILE C 267 -46.69 -61.76 -39.21
CA ILE C 267 -46.69 -60.59 -38.35
C ILE C 267 -45.76 -60.93 -37.21
N SER C 268 -44.59 -60.31 -37.23
CA SER C 268 -43.54 -60.57 -36.25
C SER C 268 -43.88 -59.93 -34.90
N LYS C 269 -43.79 -60.69 -33.81
CA LYS C 269 -44.16 -60.18 -32.50
C LYS C 269 -42.98 -59.79 -31.67
N ILE C 270 -42.92 -58.50 -31.29
CA ILE C 270 -41.87 -57.93 -30.48
C ILE C 270 -42.03 -58.20 -28.95
N GLU C 271 -41.12 -59.03 -28.40
CA GLU C 271 -41.24 -59.53 -27.08
C GLU C 271 -40.07 -59.30 -26.14
N ASN C 272 -38.98 -58.72 -26.61
CA ASN C 272 -37.88 -58.52 -25.69
C ASN C 272 -36.88 -57.49 -26.14
N HIS C 273 -35.78 -57.45 -25.43
CA HIS C 273 -34.77 -56.48 -25.79
C HIS C 273 -34.32 -56.58 -27.23
N GLU C 274 -33.88 -57.77 -27.61
CA GLU C 274 -33.43 -58.03 -28.96
C GLU C 274 -34.34 -57.52 -30.03
N GLY C 275 -35.59 -57.95 -29.98
CA GLY C 275 -36.57 -57.60 -30.99
C GLY C 275 -36.60 -56.12 -31.25
N VAL C 276 -36.39 -55.41 -30.14
CA VAL C 276 -36.35 -53.96 -30.10
C VAL C 276 -35.05 -53.46 -30.70
N ARG C 277 -33.96 -53.78 -30.01
CA ARG C 277 -32.70 -53.35 -30.54
C ARG C 277 -32.36 -53.71 -32.00
N ARG C 278 -33.10 -54.67 -32.57
CA ARG C 278 -32.89 -55.09 -33.94
C ARG C 278 -34.17 -54.96 -34.66
N PHE C 279 -34.90 -53.99 -34.30
CA PHE C 279 -36.17 -53.88 -34.93
C PHE C 279 -36.04 -53.62 -36.43
N ASP C 280 -35.08 -52.83 -36.83
CA ASP C 280 -35.01 -52.52 -38.24
C ASP C 280 -34.92 -53.73 -39.18
N GLU C 281 -34.04 -54.65 -38.84
CA GLU C 281 -33.89 -55.86 -39.61
C GLU C 281 -35.11 -56.82 -39.64
N ILE C 282 -35.92 -56.73 -38.59
CA ILE C 282 -37.11 -57.54 -38.40
C ILE C 282 -38.26 -56.98 -39.25
N LEU C 283 -38.39 -55.63 -39.28
CA LEU C 283 -39.40 -54.88 -40.04
C LEU C 283 -39.25 -55.11 -41.55
N GLU C 284 -38.01 -55.09 -41.98
CA GLU C 284 -37.67 -55.29 -43.36
C GLU C 284 -38.10 -56.67 -43.89
N ALA C 285 -38.01 -57.65 -43.00
CA ALA C 285 -38.36 -59.03 -43.25
C ALA C 285 -39.79 -59.43 -42.91
N SER C 286 -40.50 -58.65 -42.08
CA SER C 286 -41.86 -58.98 -41.64
C SER C 286 -42.87 -58.38 -42.59
N ASP C 287 -44.15 -58.77 -42.45
CA ASP C 287 -45.22 -58.29 -43.32
C ASP C 287 -46.07 -57.28 -42.59
N GLY C 288 -45.78 -57.20 -41.33
CA GLY C 288 -46.49 -56.37 -40.42
C GLY C 288 -45.81 -56.59 -39.09
N ILE C 289 -46.20 -55.81 -38.12
CA ILE C 289 -45.57 -55.94 -36.82
C ILE C 289 -46.53 -55.91 -35.61
N MET C 290 -46.18 -56.59 -34.51
CA MET C 290 -47.02 -56.60 -33.30
C MET C 290 -46.34 -56.11 -32.01
N VAL C 291 -46.97 -55.19 -31.26
CA VAL C 291 -46.37 -54.68 -30.05
C VAL C 291 -46.93 -55.51 -28.94
N ALA C 292 -46.22 -56.54 -28.56
CA ALA C 292 -46.77 -57.39 -27.54
C ALA C 292 -46.45 -56.82 -26.22
N ARG C 293 -47.25 -55.81 -25.87
CA ARG C 293 -47.03 -55.09 -24.63
C ARG C 293 -46.90 -56.04 -23.47
N GLY C 294 -47.71 -57.06 -23.50
CA GLY C 294 -47.67 -58.05 -22.45
C GLY C 294 -46.31 -58.64 -22.22
N ASP C 295 -45.91 -59.58 -23.08
CA ASP C 295 -44.60 -60.18 -22.85
C ASP C 295 -43.47 -59.15 -22.84
N LEU C 296 -43.69 -58.09 -23.56
CA LEU C 296 -42.68 -57.09 -23.59
C LEU C 296 -42.42 -56.47 -22.23
N GLY C 297 -43.52 -56.21 -21.54
CA GLY C 297 -43.54 -55.61 -20.21
C GLY C 297 -42.78 -56.41 -19.16
N ILE C 298 -42.64 -57.71 -19.42
CA ILE C 298 -41.92 -58.61 -18.54
C ILE C 298 -40.41 -58.51 -18.82
N GLU C 299 -40.06 -58.55 -20.10
CA GLU C 299 -38.68 -58.50 -20.49
C GLU C 299 -37.98 -57.16 -20.24
N ILE C 300 -38.69 -56.03 -20.49
CA ILE C 300 -38.17 -54.67 -20.30
C ILE C 300 -38.95 -53.99 -19.23
N PRO C 301 -38.38 -52.98 -18.64
CA PRO C 301 -39.07 -52.26 -17.61
C PRO C 301 -40.32 -51.59 -18.16
N ALA C 302 -41.38 -51.77 -17.38
CA ALA C 302 -42.72 -51.27 -17.63
C ALA C 302 -42.81 -49.78 -17.93
N GLU C 303 -41.93 -49.00 -17.32
CA GLU C 303 -41.88 -47.56 -17.55
C GLU C 303 -41.34 -47.28 -18.95
N LYS C 304 -40.64 -48.24 -19.57
CA LYS C 304 -40.01 -48.09 -20.90
C LYS C 304 -40.82 -48.69 -22.00
N VAL C 305 -41.97 -49.21 -21.65
CA VAL C 305 -42.84 -49.81 -22.63
C VAL C 305 -43.40 -48.84 -23.64
N PHE C 306 -43.85 -47.70 -23.16
CA PHE C 306 -44.38 -46.66 -24.04
C PHE C 306 -43.34 -46.18 -25.09
N LEU C 307 -42.06 -46.28 -24.75
CA LEU C 307 -40.98 -45.90 -25.65
C LEU C 307 -41.05 -46.89 -26.82
N ALA C 308 -40.87 -48.14 -26.49
CA ALA C 308 -40.91 -49.21 -27.45
C ALA C 308 -42.17 -49.18 -28.33
N GLN C 309 -43.30 -48.90 -27.73
CA GLN C 309 -44.54 -48.85 -28.50
C GLN C 309 -44.62 -47.71 -29.51
N LYS C 310 -44.21 -46.49 -29.13
CA LYS C 310 -44.19 -45.35 -30.06
C LYS C 310 -43.11 -45.53 -31.14
N MET C 311 -41.91 -45.95 -30.74
CA MET C 311 -40.85 -46.13 -31.72
C MET C 311 -41.25 -47.18 -32.72
N ILE C 312 -41.80 -48.28 -32.24
CA ILE C 312 -42.22 -49.35 -33.12
C ILE C 312 -43.29 -48.87 -34.05
N ILE C 313 -44.25 -48.14 -33.54
CA ILE C 313 -45.30 -47.65 -34.41
C ILE C 313 -44.79 -46.65 -35.48
N GLY C 314 -44.01 -45.64 -35.07
CA GLY C 314 -43.49 -44.65 -35.99
C GLY C 314 -42.78 -45.31 -37.14
N ARG C 315 -41.78 -46.08 -36.75
CA ARG C 315 -40.98 -46.88 -37.65
C ARG C 315 -41.84 -47.63 -38.70
N CYS C 316 -42.89 -48.30 -38.23
CA CYS C 316 -43.81 -49.03 -39.08
C CYS C 316 -44.57 -48.06 -40.00
N ASN C 317 -45.15 -47.00 -39.42
CA ASN C 317 -45.91 -45.97 -40.14
C ASN C 317 -45.08 -45.41 -41.28
N ARG C 318 -43.89 -45.07 -40.90
CA ARG C 318 -42.88 -44.51 -41.75
C ARG C 318 -42.51 -45.40 -42.90
N ALA C 319 -42.54 -46.72 -42.66
CA ALA C 319 -42.19 -47.75 -43.64
C ALA C 319 -43.37 -48.36 -44.38
N GLY C 320 -44.59 -47.92 -44.07
CA GLY C 320 -45.80 -48.41 -44.70
C GLY C 320 -46.14 -49.90 -44.41
N LYS C 321 -45.73 -50.46 -43.22
CA LYS C 321 -46.01 -51.86 -42.79
C LYS C 321 -46.95 -51.86 -41.60
N PRO C 322 -48.14 -52.49 -41.72
CA PRO C 322 -49.09 -52.50 -40.61
C PRO C 322 -48.48 -52.95 -39.30
N VAL C 323 -48.88 -52.20 -38.24
CA VAL C 323 -48.46 -52.39 -36.84
C VAL C 323 -49.74 -52.47 -36.03
N ILE C 324 -49.75 -53.42 -35.08
CA ILE C 324 -50.84 -53.79 -34.18
C ILE C 324 -50.45 -53.57 -32.72
N CYS C 325 -51.34 -52.92 -31.98
CA CYS C 325 -51.08 -52.66 -30.57
C CYS C 325 -51.94 -53.60 -29.79
N ALA C 326 -51.30 -54.33 -28.91
CA ALA C 326 -52.02 -55.34 -28.20
C ALA C 326 -51.92 -55.40 -26.69
N THR C 327 -52.88 -56.19 -26.12
CA THR C 327 -52.90 -56.55 -24.70
C THR C 327 -53.29 -55.52 -23.59
N GLN C 328 -54.27 -55.84 -22.72
CA GLN C 328 -54.70 -54.97 -21.59
C GLN C 328 -55.28 -53.60 -21.97
N MET C 329 -55.82 -53.57 -23.13
CA MET C 329 -56.33 -52.32 -23.53
C MET C 329 -57.54 -51.93 -22.75
N LEU C 330 -58.47 -52.84 -22.64
CA LEU C 330 -59.73 -52.61 -21.96
C LEU C 330 -59.91 -53.63 -20.83
N GLU C 331 -58.82 -54.09 -20.26
CA GLU C 331 -58.85 -55.12 -19.21
C GLU C 331 -59.93 -55.10 -18.15
N SER C 332 -60.10 -54.00 -17.42
CA SER C 332 -61.10 -53.88 -16.38
C SER C 332 -62.45 -54.43 -16.81
N MET C 333 -62.64 -54.38 -18.11
CA MET C 333 -63.83 -54.79 -18.81
C MET C 333 -64.05 -56.29 -18.97
N ILE C 334 -63.23 -57.07 -18.36
CA ILE C 334 -63.44 -58.48 -18.46
C ILE C 334 -64.50 -58.83 -17.47
N LYS C 335 -64.54 -57.99 -16.43
CA LYS C 335 -65.43 -58.14 -15.31
C LYS C 335 -66.47 -57.02 -15.12
N LYS C 336 -66.25 -55.82 -15.75
CA LYS C 336 -67.17 -54.66 -15.66
C LYS C 336 -67.60 -54.20 -17.04
N PRO C 337 -68.74 -53.52 -17.11
CA PRO C 337 -69.40 -53.01 -18.32
C PRO C 337 -68.83 -51.71 -18.84
N ARG C 338 -67.94 -51.14 -18.05
CA ARG C 338 -67.33 -49.88 -18.39
C ARG C 338 -65.86 -49.88 -18.03
N PRO C 339 -65.04 -49.31 -18.95
CA PRO C 339 -63.58 -49.26 -18.84
C PRO C 339 -63.10 -48.12 -17.99
N THR C 340 -61.88 -48.23 -17.52
CA THR C 340 -61.30 -47.17 -16.71
C THR C 340 -60.93 -45.98 -17.59
N ARG C 341 -60.60 -44.89 -16.94
CA ARG C 341 -60.24 -43.71 -17.68
C ARG C 341 -58.91 -43.93 -18.31
N ALA C 342 -58.11 -44.81 -17.76
CA ALA C 342 -56.82 -45.09 -18.37
C ALA C 342 -56.99 -45.98 -19.60
N GLU C 343 -58.00 -46.80 -19.53
CA GLU C 343 -58.26 -47.68 -20.62
C GLU C 343 -58.72 -46.90 -21.84
N GLY C 344 -59.70 -46.05 -21.65
CA GLY C 344 -60.17 -45.21 -22.73
C GLY C 344 -59.00 -44.37 -23.25
N SER C 345 -58.08 -44.02 -22.38
CA SER C 345 -56.98 -43.23 -22.86
C SER C 345 -55.91 -44.03 -23.56
N ASP C 346 -55.81 -45.32 -23.22
CA ASP C 346 -54.81 -46.21 -23.86
C ASP C 346 -55.17 -46.44 -25.33
N VAL C 347 -56.46 -46.61 -25.51
CA VAL C 347 -57.03 -46.83 -26.78
C VAL C 347 -56.93 -45.63 -27.68
N ALA C 348 -57.30 -44.45 -27.18
CA ALA C 348 -57.24 -43.25 -28.00
C ALA C 348 -55.84 -42.91 -28.43
N ASN C 349 -54.95 -43.14 -27.55
CA ASN C 349 -53.58 -42.83 -27.82
C ASN C 349 -52.89 -43.71 -28.81
N ALA C 350 -53.30 -44.97 -28.84
CA ALA C 350 -52.74 -46.00 -29.70
C ALA C 350 -52.97 -45.62 -31.16
N VAL C 351 -54.21 -45.37 -31.41
CA VAL C 351 -54.63 -44.91 -32.67
C VAL C 351 -53.84 -43.66 -33.02
N LEU C 352 -53.89 -42.67 -32.11
CA LEU C 352 -53.20 -41.41 -32.29
C LEU C 352 -51.75 -41.65 -32.60
N ASP C 353 -51.22 -42.70 -32.05
CA ASP C 353 -49.85 -42.95 -32.35
C ASP C 353 -49.77 -43.44 -33.79
N GLY C 354 -50.89 -43.89 -34.35
CA GLY C 354 -50.87 -44.35 -35.72
C GLY C 354 -50.96 -45.86 -35.88
N ALA C 355 -51.57 -46.52 -34.93
CA ALA C 355 -51.68 -47.94 -35.06
C ALA C 355 -52.64 -48.37 -36.17
N ASP C 356 -52.28 -49.42 -36.85
CA ASP C 356 -53.15 -49.83 -37.93
C ASP C 356 -54.36 -50.44 -37.38
N CYS C 357 -54.08 -51.25 -36.35
CA CYS C 357 -55.12 -51.91 -35.63
C CYS C 357 -54.84 -52.19 -34.16
N ILE C 358 -55.92 -52.29 -33.36
CA ILE C 358 -55.82 -52.54 -31.93
C ILE C 358 -56.46 -53.88 -31.63
N MET C 359 -56.19 -54.44 -30.43
CA MET C 359 -56.70 -55.77 -30.10
C MET C 359 -57.30 -56.01 -28.71
N LEU C 360 -58.15 -57.05 -28.62
CA LEU C 360 -58.80 -57.49 -27.37
C LEU C 360 -58.42 -58.91 -27.02
N SER C 361 -57.66 -59.13 -25.93
CA SER C 361 -57.27 -60.51 -25.58
C SER C 361 -58.34 -61.12 -24.67
N GLY C 362 -58.08 -61.03 -23.37
CA GLY C 362 -59.03 -61.51 -22.37
C GLY C 362 -60.45 -60.96 -22.57
N GLU C 363 -60.50 -59.66 -22.82
CA GLU C 363 -61.72 -58.94 -23.01
C GLU C 363 -62.84 -59.66 -23.79
N THR C 364 -62.49 -60.33 -24.92
CA THR C 364 -63.48 -61.04 -25.75
C THR C 364 -63.34 -62.54 -25.68
N ALA C 365 -62.17 -62.97 -25.26
CA ALA C 365 -61.92 -64.38 -25.12
C ALA C 365 -62.64 -65.01 -23.91
N LYS C 366 -62.32 -64.49 -22.71
CA LYS C 366 -62.83 -64.97 -21.43
C LYS C 366 -63.94 -64.13 -20.80
N GLY C 367 -63.85 -62.83 -21.04
CA GLY C 367 -64.74 -61.82 -20.47
C GLY C 367 -66.26 -62.04 -20.44
N ASP C 368 -66.87 -61.19 -19.60
CA ASP C 368 -68.30 -61.17 -19.37
C ASP C 368 -68.94 -60.12 -20.25
N TYR C 369 -68.11 -59.33 -20.91
CA TYR C 369 -68.66 -58.30 -21.75
C TYR C 369 -67.84 -58.13 -23.00
N PRO C 370 -67.88 -59.13 -23.85
CA PRO C 370 -67.12 -59.13 -25.08
C PRO C 370 -67.71 -58.16 -26.12
N LEU C 371 -69.02 -58.12 -26.20
CA LEU C 371 -69.61 -57.27 -27.19
C LEU C 371 -69.41 -55.85 -26.84
N GLU C 372 -69.61 -55.61 -25.58
CA GLU C 372 -69.48 -54.29 -25.09
C GLU C 372 -68.05 -53.84 -25.25
N ALA C 373 -67.12 -54.79 -25.27
CA ALA C 373 -65.73 -54.43 -25.45
C ALA C 373 -65.42 -54.05 -26.89
N VAL C 374 -66.06 -54.74 -27.80
CA VAL C 374 -65.83 -54.41 -29.18
C VAL C 374 -66.33 -53.02 -29.44
N ARG C 375 -67.62 -52.85 -29.13
CA ARG C 375 -68.25 -51.55 -29.32
C ARG C 375 -67.46 -50.36 -28.78
N MET C 376 -66.86 -50.54 -27.58
CA MET C 376 -66.10 -49.47 -26.97
C MET C 376 -64.88 -49.11 -27.83
N GLN C 377 -64.13 -50.12 -28.24
CA GLN C 377 -62.98 -49.89 -29.11
C GLN C 377 -63.46 -49.22 -30.40
N HIS C 378 -64.56 -49.72 -30.96
CA HIS C 378 -65.12 -49.16 -32.15
C HIS C 378 -65.34 -47.65 -32.02
N LEU C 379 -65.85 -47.28 -30.85
CA LEU C 379 -66.19 -45.93 -30.39
C LEU C 379 -65.04 -44.92 -30.13
N ILE C 380 -64.06 -45.33 -29.36
CA ILE C 380 -62.87 -44.52 -29.09
C ILE C 380 -62.05 -44.27 -30.33
N ALA C 381 -61.90 -45.30 -31.13
CA ALA C 381 -61.15 -45.21 -32.35
C ALA C 381 -61.72 -44.09 -33.20
N ARG C 382 -63.04 -44.09 -33.50
CA ARG C 382 -63.55 -43.04 -34.36
C ARG C 382 -63.28 -41.64 -33.89
N GLU C 383 -63.36 -41.49 -32.59
CA GLU C 383 -63.16 -40.21 -31.99
C GLU C 383 -61.73 -39.75 -32.15
N ALA C 384 -60.80 -40.66 -31.84
CA ALA C 384 -59.38 -40.40 -31.98
C ALA C 384 -59.00 -40.28 -33.45
N GLU C 385 -59.64 -41.02 -34.30
CA GLU C 385 -59.27 -40.94 -35.70
C GLU C 385 -59.49 -39.55 -36.28
N ALA C 386 -60.44 -38.84 -35.70
CA ALA C 386 -60.73 -37.52 -36.21
C ALA C 386 -59.88 -36.49 -35.51
N ALA C 387 -59.27 -36.88 -34.39
CA ALA C 387 -58.44 -35.98 -33.66
C ALA C 387 -56.99 -36.06 -34.02
N MET C 388 -56.69 -36.69 -35.13
CA MET C 388 -55.30 -36.72 -35.56
C MET C 388 -55.08 -35.44 -36.27
N PHE C 389 -53.83 -35.20 -36.61
CA PHE C 389 -53.49 -33.96 -37.31
C PHE C 389 -53.03 -34.31 -38.73
N HIS C 390 -54.00 -34.57 -39.60
CA HIS C 390 -53.68 -35.02 -40.94
C HIS C 390 -52.62 -34.22 -41.68
N ARG C 391 -52.92 -32.95 -41.90
CA ARG C 391 -52.00 -32.03 -42.56
C ARG C 391 -50.51 -32.15 -42.20
N LYS C 392 -50.18 -32.31 -40.91
CA LYS C 392 -48.78 -32.39 -40.45
C LYS C 392 -48.17 -33.78 -40.55
N LEU C 393 -49.00 -34.78 -40.27
CA LEU C 393 -48.59 -36.18 -40.37
C LEU C 393 -48.26 -36.47 -41.82
N PHE C 394 -49.19 -36.06 -42.70
CA PHE C 394 -49.01 -36.20 -44.11
C PHE C 394 -47.65 -35.64 -44.56
N GLU C 395 -47.35 -34.39 -44.27
CA GLU C 395 -46.05 -33.87 -44.67
C GLU C 395 -44.90 -34.66 -44.14
N GLU C 396 -44.95 -34.90 -42.85
CA GLU C 396 -43.90 -35.61 -42.17
C GLU C 396 -43.63 -36.95 -42.78
N LEU C 397 -44.72 -37.58 -43.18
CA LEU C 397 -44.74 -38.88 -43.81
C LEU C 397 -44.09 -38.81 -45.21
N ALA C 398 -44.54 -37.86 -46.04
CA ALA C 398 -44.02 -37.62 -47.36
C ALA C 398 -42.51 -37.36 -47.35
N ARG C 399 -42.05 -36.53 -46.44
CA ARG C 399 -40.63 -36.23 -46.33
C ARG C 399 -39.80 -37.45 -46.04
N SER C 400 -40.37 -38.44 -45.40
CA SER C 400 -39.63 -39.66 -45.03
C SER C 400 -39.42 -40.59 -46.22
N SER C 401 -40.36 -40.48 -47.16
CA SER C 401 -40.44 -41.24 -48.38
C SER C 401 -39.91 -40.46 -49.58
N SER C 402 -39.25 -39.35 -49.34
CA SER C 402 -38.80 -38.53 -50.43
C SER C 402 -37.83 -39.26 -51.30
N HIS C 403 -37.13 -40.19 -50.68
CA HIS C 403 -36.15 -40.98 -51.38
C HIS C 403 -36.78 -41.85 -52.46
N SER C 404 -38.13 -42.05 -52.38
CA SER C 404 -38.93 -42.89 -53.29
C SER C 404 -39.66 -42.08 -54.39
N THR C 405 -39.68 -42.64 -55.58
CA THR C 405 -40.27 -42.01 -56.71
C THR C 405 -41.20 -42.97 -57.38
N ASP C 406 -41.64 -43.95 -56.57
CA ASP C 406 -42.55 -45.00 -57.04
C ASP C 406 -43.72 -44.32 -57.66
N LEU C 407 -44.35 -44.95 -58.67
CA LEU C 407 -45.51 -44.32 -59.28
C LEU C 407 -46.78 -44.47 -58.47
N MET C 408 -47.04 -45.67 -57.95
CA MET C 408 -48.24 -45.89 -57.15
C MET C 408 -48.22 -45.02 -55.88
N GLU C 409 -47.04 -44.68 -55.41
CA GLU C 409 -46.94 -43.80 -54.27
C GLU C 409 -47.41 -42.42 -54.72
N ALA C 410 -46.87 -42.00 -55.85
CA ALA C 410 -47.23 -40.71 -56.37
C ALA C 410 -48.73 -40.58 -56.56
N MET C 411 -49.37 -41.66 -56.94
CA MET C 411 -50.79 -41.53 -57.07
C MET C 411 -51.43 -41.52 -55.74
N ALA C 412 -50.78 -42.17 -54.78
CA ALA C 412 -51.37 -42.18 -53.45
C ALA C 412 -51.38 -40.79 -52.90
N MET C 413 -50.16 -40.21 -52.83
CA MET C 413 -49.99 -38.85 -52.37
C MET C 413 -50.95 -37.88 -53.04
N GLY C 414 -50.95 -37.81 -54.34
CA GLY C 414 -51.83 -36.86 -54.97
C GLY C 414 -53.30 -37.10 -54.68
N SER C 415 -53.66 -38.37 -54.54
CA SER C 415 -55.05 -38.72 -54.25
C SER C 415 -55.46 -38.23 -52.89
N VAL C 416 -54.59 -38.43 -51.88
CA VAL C 416 -54.84 -38.02 -50.49
C VAL C 416 -54.96 -36.52 -50.31
N GLU C 417 -54.05 -35.78 -50.99
CA GLU C 417 -54.10 -34.33 -50.96
C GLU C 417 -55.37 -33.79 -51.53
N ALA C 418 -55.81 -34.43 -52.52
CA ALA C 418 -57.02 -33.96 -53.11
C ALA C 418 -58.16 -34.26 -52.20
N SER C 419 -58.04 -35.36 -51.47
CA SER C 419 -59.09 -35.78 -50.57
C SER C 419 -59.19 -34.81 -49.44
N TYR C 420 -58.08 -34.18 -49.09
CA TYR C 420 -58.19 -33.22 -48.00
C TYR C 420 -58.75 -31.89 -48.51
N LYS C 421 -58.35 -31.55 -49.71
CA LYS C 421 -58.69 -30.28 -50.29
C LYS C 421 -60.14 -30.01 -50.48
N CYS C 422 -60.80 -30.98 -51.00
CA CYS C 422 -62.20 -30.81 -51.29
C CYS C 422 -63.05 -31.60 -50.36
N LEU C 423 -62.46 -32.13 -49.32
CA LEU C 423 -63.28 -32.85 -48.39
C LEU C 423 -64.03 -34.07 -49.01
N ALA C 424 -63.30 -35.01 -49.54
CA ALA C 424 -63.98 -36.16 -50.10
C ALA C 424 -64.60 -36.96 -48.98
N ALA C 425 -65.71 -37.59 -49.29
CA ALA C 425 -66.35 -38.43 -48.36
C ALA C 425 -65.66 -39.77 -48.29
N ALA C 426 -64.97 -40.18 -49.36
CA ALA C 426 -64.31 -41.49 -49.40
C ALA C 426 -63.37 -41.59 -50.56
N LEU C 427 -62.60 -42.64 -50.55
CA LEU C 427 -61.70 -42.94 -51.62
C LEU C 427 -61.96 -44.36 -52.06
N ILE C 428 -62.31 -44.48 -53.30
CA ILE C 428 -62.54 -45.79 -53.82
C ILE C 428 -61.32 -46.34 -54.56
N VAL C 429 -61.01 -47.60 -54.34
CA VAL C 429 -59.84 -48.17 -55.00
C VAL C 429 -60.10 -49.56 -55.51
N LEU C 430 -59.94 -49.82 -56.82
CA LEU C 430 -60.15 -51.18 -57.29
C LEU C 430 -58.78 -51.84 -57.29
N THR C 431 -58.63 -53.03 -56.69
CA THR C 431 -57.37 -53.74 -56.61
C THR C 431 -57.58 -55.21 -56.33
N GLU C 432 -56.61 -56.04 -56.78
CA GLU C 432 -56.62 -57.49 -56.58
C GLU C 432 -55.52 -57.96 -55.60
N SER C 433 -54.36 -57.32 -55.70
CA SER C 433 -53.21 -57.57 -54.82
C SER C 433 -53.47 -56.89 -53.48
N GLY C 434 -53.90 -55.63 -53.63
CA GLY C 434 -54.20 -54.73 -52.56
C GLY C 434 -53.16 -53.60 -52.44
N ARG C 435 -51.96 -53.83 -52.95
CA ARG C 435 -50.84 -52.88 -52.91
C ARG C 435 -51.25 -51.46 -53.21
N SER C 436 -52.15 -51.36 -54.19
CA SER C 436 -52.59 -50.05 -54.58
C SER C 436 -53.24 -49.35 -53.40
N ALA C 437 -54.23 -50.01 -52.76
CA ALA C 437 -54.86 -49.45 -51.56
C ALA C 437 -53.90 -49.32 -50.39
N HIS C 438 -53.03 -50.28 -50.24
CA HIS C 438 -52.09 -50.22 -49.14
C HIS C 438 -51.25 -48.97 -49.25
N GLN C 439 -50.96 -48.63 -50.48
CA GLN C 439 -50.14 -47.49 -50.75
C GLN C 439 -50.78 -46.21 -50.22
N VAL C 440 -52.05 -46.08 -50.53
CA VAL C 440 -52.90 -44.97 -50.11
C VAL C 440 -52.99 -44.87 -48.59
N ALA C 441 -53.57 -45.94 -47.95
CA ALA C 441 -53.71 -46.07 -46.48
C ALA C 441 -52.47 -45.57 -45.75
N ARG C 442 -51.36 -45.92 -46.34
CA ARG C 442 -50.04 -45.59 -45.90
C ARG C 442 -49.85 -44.09 -45.75
N TYR C 443 -50.74 -43.33 -46.42
CA TYR C 443 -50.71 -41.87 -46.48
C TYR C 443 -51.77 -41.22 -45.66
N ARG C 444 -52.61 -42.02 -45.05
CA ARG C 444 -53.55 -41.47 -44.13
C ARG C 444 -54.55 -40.45 -44.55
N PRO C 445 -55.38 -40.80 -45.46
CA PRO C 445 -56.44 -39.95 -45.87
C PRO C 445 -57.31 -39.79 -44.66
N ARG C 446 -58.15 -38.91 -44.55
CA ARG C 446 -58.93 -38.86 -43.40
C ARG C 446 -60.18 -39.67 -43.63
N ALA C 447 -60.55 -39.73 -44.87
CA ALA C 447 -61.71 -40.47 -45.27
C ALA C 447 -61.41 -41.95 -45.45
N PRO C 448 -62.48 -42.70 -45.49
CA PRO C 448 -62.45 -44.13 -45.66
C PRO C 448 -61.98 -44.56 -47.05
N ILE C 449 -61.17 -45.59 -47.08
CA ILE C 449 -60.69 -46.09 -48.33
C ILE C 449 -61.46 -47.35 -48.62
N ILE C 450 -62.46 -47.30 -49.46
CA ILE C 450 -63.24 -48.49 -49.79
C ILE C 450 -62.59 -49.32 -50.91
N ALA C 451 -61.91 -50.39 -50.57
CA ALA C 451 -61.24 -51.20 -51.56
C ALA C 451 -62.18 -52.27 -52.04
N VAL C 452 -62.32 -52.37 -53.38
CA VAL C 452 -63.16 -53.34 -54.11
C VAL C 452 -62.32 -54.36 -54.84
N THR C 453 -62.32 -55.59 -54.31
CA THR C 453 -61.55 -56.72 -54.81
C THR C 453 -62.43 -57.93 -55.13
N ARG C 454 -61.92 -58.82 -55.99
CA ARG C 454 -62.65 -60.04 -56.36
C ARG C 454 -61.97 -61.22 -55.69
N ASN C 455 -60.79 -60.95 -55.15
CA ASN C 455 -60.01 -61.90 -54.44
C ASN C 455 -60.34 -61.78 -52.97
N HIS C 456 -60.99 -62.80 -52.41
CA HIS C 456 -61.38 -62.90 -51.01
C HIS C 456 -60.25 -62.64 -50.02
N GLN C 457 -59.16 -63.38 -50.19
CA GLN C 457 -58.03 -63.28 -49.30
C GLN C 457 -57.50 -61.89 -49.25
N THR C 458 -57.54 -61.26 -50.39
CA THR C 458 -57.03 -59.92 -50.45
C THR C 458 -57.84 -59.01 -49.56
N ALA C 459 -59.15 -59.21 -49.61
CA ALA C 459 -60.11 -58.48 -48.81
C ALA C 459 -59.95 -58.79 -47.33
N ARG C 460 -59.53 -60.00 -46.99
CA ARG C 460 -59.36 -60.37 -45.60
C ARG C 460 -58.13 -59.75 -44.98
N GLN C 461 -57.03 -59.73 -45.72
CA GLN C 461 -55.79 -59.18 -45.19
C GLN C 461 -55.69 -57.65 -45.22
N ALA C 462 -56.67 -57.02 -45.86
CA ALA C 462 -56.73 -55.56 -46.00
C ALA C 462 -57.01 -54.81 -44.69
N HIS C 463 -57.73 -55.48 -43.84
CA HIS C 463 -58.05 -55.02 -42.52
C HIS C 463 -56.80 -54.52 -41.75
N LEU C 464 -55.66 -55.19 -42.02
CA LEU C 464 -54.39 -54.86 -41.40
C LEU C 464 -54.06 -53.44 -41.65
N TYR C 465 -54.74 -52.82 -42.58
CA TYR C 465 -54.44 -51.44 -42.85
C TYR C 465 -55.48 -50.49 -42.30
N ARG C 466 -54.99 -49.33 -42.00
CA ARG C 466 -55.84 -48.30 -41.49
C ARG C 466 -56.68 -47.65 -42.55
N GLY C 467 -58.00 -47.67 -42.38
CA GLY C 467 -58.81 -46.95 -43.36
C GLY C 467 -59.50 -47.83 -44.34
N ILE C 468 -58.83 -48.94 -44.59
CA ILE C 468 -59.37 -49.93 -45.51
C ILE C 468 -60.55 -50.71 -44.92
N PHE C 469 -61.61 -50.58 -45.70
CA PHE C 469 -62.88 -51.21 -45.55
C PHE C 469 -63.05 -52.05 -46.80
N PRO C 470 -62.70 -53.31 -46.73
CA PRO C 470 -62.77 -54.12 -47.90
C PRO C 470 -64.15 -54.56 -48.23
N VAL C 471 -64.44 -54.42 -49.52
CA VAL C 471 -65.70 -54.82 -50.12
C VAL C 471 -65.45 -55.95 -51.17
N VAL C 472 -66.12 -57.12 -51.09
CA VAL C 472 -65.83 -58.20 -52.05
C VAL C 472 -66.82 -58.28 -53.20
N CYS C 473 -66.28 -58.20 -54.43
CA CYS C 473 -67.10 -58.27 -55.65
C CYS C 473 -67.28 -59.71 -56.10
N LYS C 474 -68.53 -60.14 -56.08
CA LYS C 474 -68.95 -61.49 -56.38
C LYS C 474 -69.40 -61.64 -57.82
N ASP C 475 -69.54 -60.50 -58.48
CA ASP C 475 -69.93 -60.48 -59.87
C ASP C 475 -68.78 -60.87 -60.79
N PRO C 476 -69.16 -61.52 -61.86
CA PRO C 476 -68.24 -61.99 -62.85
C PRO C 476 -67.77 -60.87 -63.72
N VAL C 477 -66.65 -61.16 -64.34
CA VAL C 477 -65.99 -60.23 -65.20
C VAL C 477 -66.74 -59.96 -66.47
N GLN C 478 -67.01 -58.66 -66.67
CA GLN C 478 -67.68 -58.22 -67.88
C GLN C 478 -66.77 -58.33 -69.07
N GLU C 479 -67.41 -58.22 -70.23
CA GLU C 479 -66.66 -58.33 -71.44
C GLU C 479 -65.66 -57.19 -71.60
N ALA C 480 -66.17 -56.00 -71.24
CA ALA C 480 -65.47 -54.71 -71.32
C ALA C 480 -65.02 -54.08 -69.99
N TRP C 481 -63.76 -53.73 -69.95
CA TRP C 481 -63.13 -53.11 -68.82
C TRP C 481 -63.94 -51.93 -68.28
N ALA C 482 -64.36 -51.02 -69.18
CA ALA C 482 -65.14 -49.86 -68.75
C ALA C 482 -66.33 -50.28 -67.94
N GLU C 483 -67.02 -51.25 -68.47
CA GLU C 483 -68.17 -51.70 -67.76
C GLU C 483 -67.86 -52.40 -66.47
N ASP C 484 -66.85 -53.24 -66.50
CA ASP C 484 -66.48 -53.98 -65.29
C ASP C 484 -65.94 -52.99 -64.28
N VAL C 485 -65.18 -52.04 -64.76
CA VAL C 485 -64.70 -51.03 -63.85
C VAL C 485 -65.91 -50.27 -63.25
N ASP C 486 -66.85 -49.83 -64.09
CA ASP C 486 -68.03 -49.11 -63.63
C ASP C 486 -68.97 -49.89 -62.74
N LEU C 487 -68.81 -51.19 -62.72
CA LEU C 487 -69.68 -52.02 -61.93
C LEU C 487 -69.16 -52.11 -60.53
N ARG C 488 -67.89 -52.37 -60.48
CA ARG C 488 -67.18 -52.44 -59.25
C ARG C 488 -67.32 -51.12 -58.48
N VAL C 489 -67.36 -50.02 -59.24
CA VAL C 489 -67.47 -48.69 -58.63
C VAL C 489 -68.85 -48.52 -58.01
N ASN C 490 -69.86 -48.89 -58.77
CA ASN C 490 -71.19 -48.77 -58.26
C ASN C 490 -71.40 -49.55 -56.98
N LEU C 491 -70.77 -50.72 -56.94
CA LEU C 491 -70.85 -51.58 -55.81
C LEU C 491 -70.45 -50.78 -54.58
N ALA C 492 -69.24 -50.20 -54.65
CA ALA C 492 -68.68 -49.37 -53.58
C ALA C 492 -69.56 -48.20 -53.25
N MET C 493 -70.27 -47.70 -54.24
CA MET C 493 -71.12 -46.56 -53.96
C MET C 493 -72.36 -46.95 -53.26
N ASN C 494 -72.80 -48.16 -53.46
CA ASN C 494 -74.04 -48.63 -52.87
C ASN C 494 -73.82 -49.01 -51.43
N VAL C 495 -72.69 -49.62 -51.27
CA VAL C 495 -72.23 -50.08 -49.99
C VAL C 495 -72.00 -48.88 -49.12
N GLY C 496 -71.35 -47.88 -49.66
CA GLY C 496 -71.10 -46.69 -48.89
C GLY C 496 -72.41 -45.98 -48.59
N LYS C 497 -73.33 -45.95 -49.54
CA LYS C 497 -74.57 -45.26 -49.24
C LYS C 497 -75.36 -45.98 -48.16
N ALA C 498 -75.41 -47.29 -48.26
CA ALA C 498 -76.13 -48.06 -47.26
C ALA C 498 -75.48 -48.01 -45.87
N ARG C 499 -74.17 -48.25 -45.79
CA ARG C 499 -73.43 -48.18 -44.52
C ARG C 499 -73.40 -46.74 -43.93
N GLY C 500 -74.05 -45.76 -44.55
CA GLY C 500 -74.06 -44.40 -44.06
C GLY C 500 -72.74 -43.59 -44.21
N PHE C 501 -71.78 -44.01 -45.05
CA PHE C 501 -70.55 -43.24 -45.25
C PHE C 501 -70.78 -41.99 -46.06
N PHE C 502 -71.80 -42.01 -46.91
CA PHE C 502 -72.08 -40.89 -47.76
C PHE C 502 -73.48 -40.83 -48.41
N LYS C 503 -73.82 -39.64 -48.81
CA LYS C 503 -75.09 -39.42 -49.39
C LYS C 503 -74.91 -39.30 -50.85
N LYS C 504 -75.90 -38.72 -51.45
CA LYS C 504 -75.95 -38.54 -52.84
C LYS C 504 -75.26 -37.30 -53.36
N GLY C 505 -74.95 -36.35 -52.55
CA GLY C 505 -74.26 -35.22 -53.20
C GLY C 505 -72.77 -35.16 -52.89
N ASP C 506 -72.37 -36.13 -52.12
CA ASP C 506 -71.02 -36.18 -51.68
C ASP C 506 -70.05 -36.36 -52.79
N VAL C 507 -68.83 -36.02 -52.48
CA VAL C 507 -67.80 -36.13 -53.45
C VAL C 507 -66.89 -37.25 -53.01
N VAL C 508 -66.50 -38.03 -53.99
CA VAL C 508 -65.66 -39.16 -53.75
C VAL C 508 -64.44 -39.18 -54.66
N ILE C 509 -63.36 -39.74 -54.19
CA ILE C 509 -62.20 -39.83 -55.05
C ILE C 509 -62.06 -41.26 -55.53
N VAL C 510 -61.94 -41.45 -56.84
CA VAL C 510 -61.87 -42.78 -57.43
C VAL C 510 -60.59 -43.12 -58.15
N LEU C 511 -60.01 -44.26 -57.77
CA LEU C 511 -58.77 -44.77 -58.35
C LEU C 511 -58.95 -46.14 -59.02
N THR C 512 -58.54 -46.22 -60.27
CA THR C 512 -58.66 -47.41 -61.04
C THR C 512 -57.54 -47.46 -62.05
N GLY C 513 -57.61 -48.53 -62.86
CA GLY C 513 -56.66 -48.78 -63.96
C GLY C 513 -57.18 -48.22 -65.28
N TRP C 514 -56.30 -47.56 -66.02
CA TRP C 514 -56.73 -47.02 -67.30
C TRP C 514 -57.25 -48.17 -68.17
N ARG C 515 -56.43 -49.19 -68.28
CA ARG C 515 -56.77 -50.36 -69.03
C ARG C 515 -56.52 -51.64 -68.22
N PRO C 516 -57.20 -52.71 -68.60
CA PRO C 516 -57.07 -53.99 -67.96
C PRO C 516 -55.65 -54.36 -67.88
N GLY C 517 -55.25 -54.89 -66.74
CA GLY C 517 -53.85 -55.21 -66.55
C GLY C 517 -52.98 -53.97 -66.81
N SER C 518 -53.10 -52.94 -65.96
CA SER C 518 -52.34 -51.66 -66.06
C SER C 518 -51.06 -51.65 -65.20
N GLY C 519 -51.20 -52.11 -63.94
CA GLY C 519 -50.11 -52.22 -62.96
C GLY C 519 -50.40 -51.63 -61.58
N PHE C 520 -51.14 -50.57 -61.59
CA PHE C 520 -51.52 -49.94 -60.38
C PHE C 520 -52.62 -48.99 -60.77
N THR C 521 -53.39 -48.44 -59.82
CA THR C 521 -54.43 -47.50 -60.23
C THR C 521 -53.68 -46.24 -60.67
N ASN C 522 -53.63 -46.03 -61.96
CA ASN C 522 -52.91 -44.91 -62.50
C ASN C 522 -53.87 -43.87 -62.97
N THR C 523 -55.11 -44.07 -62.60
CA THR C 523 -56.16 -43.15 -62.95
C THR C 523 -56.92 -42.63 -61.71
N MET C 524 -57.20 -41.35 -61.69
CA MET C 524 -57.85 -40.76 -60.55
C MET C 524 -58.84 -39.72 -60.97
N ARG C 525 -60.07 -39.85 -60.47
CA ARG C 525 -61.09 -38.90 -60.77
C ARG C 525 -61.85 -38.55 -59.54
N VAL C 526 -62.44 -37.37 -59.61
CA VAL C 526 -63.28 -36.77 -58.60
C VAL C 526 -64.66 -36.91 -59.14
N VAL C 527 -65.39 -37.76 -58.50
CA VAL C 527 -66.73 -38.10 -58.88
C VAL C 527 -67.71 -37.87 -57.72
N PRO C 528 -68.93 -37.39 -58.03
CA PRO C 528 -70.01 -37.14 -57.10
C PRO C 528 -70.88 -38.35 -56.90
N VAL C 529 -71.26 -38.59 -55.65
CA VAL C 529 -72.07 -39.72 -55.38
C VAL C 529 -73.35 -39.62 -56.10
N PRO C 530 -73.70 -40.66 -56.79
CA PRO C 530 -74.94 -40.67 -57.46
C PRO C 530 -75.92 -41.21 -56.45
N ILE D 12 -23.05 -35.04 -60.30
CA ILE D 12 -23.89 -34.15 -59.50
C ILE D 12 -25.30 -33.90 -60.05
N GLN D 13 -26.29 -34.22 -59.21
CA GLN D 13 -27.72 -34.07 -59.50
C GLN D 13 -28.10 -32.78 -60.25
N THR D 14 -29.01 -32.94 -61.18
CA THR D 14 -29.56 -31.88 -62.00
C THR D 14 -30.55 -31.06 -61.21
N GLN D 15 -31.18 -30.14 -61.91
CA GLN D 15 -32.24 -29.30 -61.38
C GLN D 15 -32.14 -28.84 -59.92
N GLN D 16 -30.95 -28.79 -59.35
CA GLN D 16 -30.84 -28.28 -57.98
C GLN D 16 -31.62 -29.11 -56.95
N LEU D 17 -31.83 -30.39 -57.28
CA LEU D 17 -32.55 -31.43 -56.51
C LEU D 17 -31.91 -31.84 -55.17
N HIS D 18 -30.65 -31.55 -54.99
CA HIS D 18 -30.08 -31.87 -53.72
C HIS D 18 -30.70 -30.90 -52.77
N ALA D 19 -30.58 -29.64 -53.16
CA ALA D 19 -31.07 -28.50 -52.44
C ALA D 19 -32.54 -28.54 -52.19
N ALA D 20 -33.25 -29.35 -52.95
CA ALA D 20 -34.71 -29.40 -52.83
C ALA D 20 -35.19 -30.31 -51.75
N MET D 21 -34.25 -31.06 -51.23
CA MET D 21 -34.48 -32.01 -50.19
C MET D 21 -34.12 -31.40 -48.84
N ALA D 22 -33.60 -30.13 -48.85
CA ALA D 22 -33.25 -29.39 -47.64
C ALA D 22 -34.48 -29.27 -46.78
N ASP D 23 -34.28 -29.39 -45.49
CA ASP D 23 -35.42 -29.33 -44.59
C ASP D 23 -35.69 -27.93 -44.16
N THR D 24 -34.69 -27.11 -44.41
CA THR D 24 -34.73 -25.73 -44.00
C THR D 24 -34.28 -24.81 -45.12
N PHE D 25 -34.74 -23.59 -45.10
CA PHE D 25 -34.34 -22.61 -46.10
C PHE D 25 -32.85 -22.34 -46.09
N LEU D 26 -32.29 -22.17 -44.91
CA LEU D 26 -30.86 -21.99 -44.82
C LEU D 26 -30.14 -23.20 -45.47
N GLU D 27 -30.58 -24.42 -45.19
CA GLU D 27 -29.95 -25.57 -45.83
C GLU D 27 -30.15 -25.57 -47.35
N HIS D 28 -31.32 -25.17 -47.77
CA HIS D 28 -31.59 -25.18 -49.18
C HIS D 28 -30.62 -24.27 -49.90
N MET D 29 -30.49 -23.08 -49.40
CA MET D 29 -29.57 -22.14 -49.98
C MET D 29 -28.15 -22.68 -49.97
N CYS D 30 -27.84 -23.33 -48.88
CA CYS D 30 -26.49 -23.82 -48.70
C CYS D 30 -26.16 -24.90 -49.70
N ARG D 31 -27.21 -25.51 -50.25
CA ARG D 31 -27.08 -26.66 -51.16
C ARG D 31 -27.07 -26.37 -52.66
N LEU D 32 -27.19 -25.10 -53.04
CA LEU D 32 -27.19 -24.69 -54.45
C LEU D 32 -25.81 -25.02 -55.05
N ASP D 33 -25.83 -25.68 -56.22
CA ASP D 33 -24.64 -26.18 -56.90
C ASP D 33 -24.44 -25.58 -58.28
N ILE D 34 -23.35 -24.85 -58.51
CA ILE D 34 -23.15 -24.31 -59.85
C ILE D 34 -23.06 -25.41 -60.88
N ASP D 35 -22.94 -26.61 -60.41
CA ASP D 35 -22.82 -27.74 -61.29
C ASP D 35 -24.05 -28.57 -61.40
N SER D 36 -25.13 -28.04 -60.88
CA SER D 36 -26.36 -28.78 -61.00
C SER D 36 -27.17 -28.17 -62.13
N ALA D 37 -27.04 -28.84 -63.25
CA ALA D 37 -27.63 -28.41 -64.48
C ALA D 37 -29.11 -28.30 -64.48
N PRO D 38 -29.57 -27.16 -65.05
CA PRO D 38 -30.96 -26.82 -65.22
C PRO D 38 -31.61 -27.75 -66.22
N ILE D 39 -32.86 -27.44 -66.59
CA ILE D 39 -33.60 -28.23 -67.57
C ILE D 39 -33.79 -27.48 -68.87
N THR D 40 -34.19 -28.19 -69.86
CA THR D 40 -34.34 -27.54 -71.09
C THR D 40 -35.41 -26.44 -71.10
N ALA D 41 -36.52 -26.71 -70.40
CA ALA D 41 -37.67 -25.80 -70.35
C ALA D 41 -37.64 -24.67 -69.32
N ARG D 42 -37.96 -23.47 -69.81
CA ARG D 42 -38.06 -22.22 -69.05
C ARG D 42 -39.51 -22.01 -68.64
N ASN D 43 -39.76 -21.70 -67.36
CA ASN D 43 -41.15 -21.50 -66.96
C ASN D 43 -41.75 -20.09 -67.04
N THR D 44 -40.91 -19.06 -66.78
CA THR D 44 -41.26 -17.64 -66.74
C THR D 44 -41.53 -16.95 -68.08
N GLY D 45 -42.70 -16.37 -68.27
CA GLY D 45 -42.90 -15.73 -69.55
C GLY D 45 -41.96 -14.57 -69.75
N ILE D 46 -41.54 -14.33 -71.03
CA ILE D 46 -40.66 -13.21 -71.34
C ILE D 46 -41.40 -12.18 -72.16
N ILE D 47 -41.56 -10.97 -71.62
CA ILE D 47 -42.27 -9.90 -72.29
C ILE D 47 -41.28 -8.91 -72.90
N CYS D 48 -41.35 -8.81 -74.22
CA CYS D 48 -40.51 -7.93 -74.97
C CYS D 48 -41.28 -6.73 -75.53
N THR D 49 -40.70 -5.53 -75.35
CA THR D 49 -41.32 -4.31 -75.84
C THR D 49 -40.77 -4.01 -77.23
N ILE D 50 -41.64 -4.03 -78.24
CA ILE D 50 -41.23 -3.80 -79.61
C ILE D 50 -41.16 -2.33 -80.02
N GLY D 51 -40.04 -2.06 -80.61
CA GLY D 51 -39.77 -0.75 -81.14
C GLY D 51 -38.84 -0.83 -82.36
N PRO D 52 -38.17 0.29 -82.63
CA PRO D 52 -37.25 0.46 -83.75
C PRO D 52 -36.24 -0.67 -83.91
N ALA D 53 -35.51 -0.91 -82.84
CA ALA D 53 -34.52 -1.97 -82.79
C ALA D 53 -35.07 -3.36 -83.11
N SER D 54 -36.38 -3.60 -82.98
CA SER D 54 -36.86 -4.95 -83.26
C SER D 54 -38.19 -5.03 -83.94
N ARG D 55 -38.52 -4.09 -84.77
CA ARG D 55 -39.81 -4.06 -85.41
C ARG D 55 -39.85 -4.82 -86.73
N SER D 56 -38.67 -5.26 -87.16
CA SER D 56 -38.53 -5.99 -88.41
C SER D 56 -38.94 -7.46 -88.26
N VAL D 57 -39.68 -7.94 -89.26
CA VAL D 57 -40.08 -9.33 -89.33
C VAL D 57 -38.88 -10.24 -89.12
N GLU D 58 -37.73 -9.86 -89.66
CA GLU D 58 -36.53 -10.65 -89.49
C GLU D 58 -36.12 -10.68 -88.01
N THR D 59 -36.00 -9.50 -87.40
CA THR D 59 -35.56 -9.47 -86.03
C THR D 59 -36.57 -10.18 -85.17
N LEU D 60 -37.85 -9.87 -85.39
CA LEU D 60 -38.97 -10.48 -84.69
C LEU D 60 -38.89 -12.04 -84.74
N LYS D 61 -38.69 -12.63 -85.91
CA LYS D 61 -38.59 -14.09 -86.02
C LYS D 61 -37.50 -14.62 -85.15
N GLU D 62 -36.45 -13.83 -85.02
CA GLU D 62 -35.31 -14.29 -84.22
C GLU D 62 -35.60 -14.17 -82.75
N MET D 63 -36.49 -13.27 -82.44
CA MET D 63 -36.90 -13.05 -81.09
C MET D 63 -37.81 -14.15 -80.57
N ILE D 64 -38.70 -14.58 -81.42
CA ILE D 64 -39.57 -15.65 -81.04
C ILE D 64 -38.69 -16.89 -80.74
N LYS D 65 -37.74 -17.15 -81.65
CA LYS D 65 -36.80 -18.26 -81.55
C LYS D 65 -36.04 -18.16 -80.30
N SER D 66 -35.66 -16.92 -80.03
CA SER D 66 -34.85 -16.63 -78.88
C SER D 66 -35.60 -16.77 -77.57
N GLY D 67 -36.92 -16.66 -77.60
CA GLY D 67 -37.55 -16.80 -76.33
C GLY D 67 -38.81 -15.96 -76.08
N MET D 68 -38.97 -14.85 -76.82
CA MET D 68 -40.12 -13.98 -76.67
C MET D 68 -41.43 -14.76 -76.59
N ASN D 69 -42.31 -14.28 -75.72
CA ASN D 69 -43.61 -14.86 -75.48
C ASN D 69 -44.71 -13.83 -75.67
N VAL D 70 -44.35 -12.59 -75.45
CA VAL D 70 -45.36 -11.60 -75.61
C VAL D 70 -44.77 -10.35 -76.16
N ALA D 71 -45.47 -9.76 -77.11
CA ALA D 71 -44.97 -8.56 -77.67
C ALA D 71 -45.72 -7.39 -77.15
N ARG D 72 -45.00 -6.43 -76.60
CA ARG D 72 -45.69 -5.32 -76.04
C ARG D 72 -45.55 -4.05 -76.82
N MET D 73 -46.68 -3.39 -76.98
CA MET D 73 -46.76 -2.14 -77.68
C MET D 73 -47.01 -0.92 -76.78
N ASN D 74 -45.98 -0.21 -76.45
CA ASN D 74 -46.13 0.96 -75.60
C ASN D 74 -46.84 2.16 -76.27
N PHE D 75 -48.12 2.25 -76.09
CA PHE D 75 -48.87 3.35 -76.65
C PHE D 75 -48.51 4.75 -76.08
N SER D 76 -47.45 4.87 -75.28
CA SER D 76 -47.10 6.21 -74.75
C SER D 76 -46.63 7.02 -75.95
N HIS D 77 -46.38 6.27 -77.02
CA HIS D 77 -45.84 6.79 -78.28
C HIS D 77 -46.57 6.36 -79.54
N GLY D 78 -45.88 6.62 -80.64
CA GLY D 78 -46.30 6.31 -81.98
C GLY D 78 -47.75 6.61 -82.27
N THR D 79 -48.06 6.46 -83.54
CA THR D 79 -49.39 6.67 -84.03
C THR D 79 -49.95 5.30 -84.21
N HIS D 80 -51.25 5.23 -84.47
CA HIS D 80 -51.93 3.96 -84.71
C HIS D 80 -51.37 3.29 -85.95
N GLU D 81 -50.99 4.11 -86.92
CA GLU D 81 -50.41 3.61 -88.14
C GLU D 81 -49.22 2.73 -87.80
N TYR D 82 -48.33 3.30 -87.04
CA TYR D 82 -47.14 2.61 -86.59
C TYR D 82 -47.42 1.24 -85.95
N HIS D 83 -48.09 1.32 -84.85
CA HIS D 83 -48.52 0.21 -84.06
C HIS D 83 -49.16 -0.88 -84.88
N ALA D 84 -50.20 -0.50 -85.63
CA ALA D 84 -50.91 -1.47 -86.48
C ALA D 84 -50.00 -2.24 -87.37
N GLU D 85 -48.90 -1.58 -87.72
CA GLU D 85 -47.89 -2.15 -88.55
C GLU D 85 -46.97 -2.98 -87.71
N THR D 86 -46.59 -2.45 -86.54
CA THR D 86 -45.71 -3.22 -85.69
C THR D 86 -46.40 -4.51 -85.35
N ILE D 87 -47.69 -4.35 -85.15
CA ILE D 87 -48.48 -5.49 -84.83
C ILE D 87 -48.48 -6.53 -85.94
N LYS D 88 -48.78 -6.08 -87.15
CA LYS D 88 -48.79 -6.94 -88.31
C LYS D 88 -47.55 -7.81 -88.46
N ASN D 89 -46.38 -7.23 -88.13
CA ASN D 89 -45.10 -7.91 -88.24
C ASN D 89 -44.89 -8.95 -87.20
N VAL D 90 -45.56 -8.72 -86.11
CA VAL D 90 -45.41 -9.70 -85.09
C VAL D 90 -46.24 -10.88 -85.52
N ARG D 91 -47.42 -10.57 -86.01
CA ARG D 91 -48.27 -11.63 -86.48
C ARG D 91 -47.63 -12.30 -87.68
N THR D 92 -46.82 -11.55 -88.41
CA THR D 92 -46.18 -12.18 -89.52
C THR D 92 -45.20 -13.23 -89.01
N ALA D 93 -44.15 -12.77 -88.33
CA ALA D 93 -43.13 -13.66 -87.75
C ALA D 93 -43.70 -14.91 -87.06
N THR D 94 -44.68 -14.72 -86.21
CA THR D 94 -45.31 -15.77 -85.44
C THR D 94 -45.72 -16.94 -86.31
N GLU D 95 -46.41 -16.55 -87.38
CA GLU D 95 -46.98 -17.47 -88.34
C GLU D 95 -46.01 -18.06 -89.34
N SER D 96 -44.83 -17.52 -89.31
CA SER D 96 -43.81 -17.99 -90.16
C SER D 96 -43.46 -19.45 -89.82
N PHE D 97 -43.88 -19.89 -88.62
CA PHE D 97 -43.56 -21.22 -88.12
C PHE D 97 -44.72 -22.14 -88.15
N ALA D 98 -45.84 -21.60 -88.57
CA ALA D 98 -47.05 -22.35 -88.59
C ALA D 98 -47.05 -23.54 -89.51
N SER D 99 -46.04 -23.59 -90.37
CA SER D 99 -45.93 -24.70 -91.28
C SER D 99 -45.89 -25.99 -90.46
N ASP D 100 -45.06 -25.98 -89.42
CA ASP D 100 -44.86 -27.10 -88.49
C ASP D 100 -45.57 -26.86 -87.19
N PRO D 101 -46.65 -27.60 -87.00
CA PRO D 101 -47.48 -27.50 -85.82
C PRO D 101 -46.75 -27.88 -84.55
N ILE D 102 -45.62 -28.59 -84.70
CA ILE D 102 -44.81 -29.02 -83.57
C ILE D 102 -43.78 -27.95 -83.23
N LEU D 103 -43.57 -27.04 -84.18
CA LEU D 103 -42.59 -25.96 -84.01
C LEU D 103 -43.28 -24.62 -83.80
N TYR D 104 -44.56 -24.63 -84.01
CA TYR D 104 -45.21 -23.39 -83.86
C TYR D 104 -45.32 -22.96 -82.43
N ARG D 105 -45.09 -21.69 -82.22
CA ARG D 105 -45.16 -21.15 -80.87
C ARG D 105 -45.97 -19.88 -80.88
N PRO D 106 -47.09 -19.87 -80.14
CA PRO D 106 -47.93 -18.70 -80.07
C PRO D 106 -47.25 -17.54 -79.37
N VAL D 107 -47.55 -16.35 -79.86
CA VAL D 107 -47.04 -15.10 -79.33
C VAL D 107 -48.18 -14.15 -78.97
N ALA D 108 -48.02 -13.48 -77.85
CA ALA D 108 -49.07 -12.61 -77.46
C ALA D 108 -48.76 -11.15 -77.76
N VAL D 109 -49.87 -10.41 -77.93
CA VAL D 109 -49.86 -8.98 -78.19
C VAL D 109 -50.57 -8.25 -77.08
N ALA D 110 -49.85 -7.35 -76.46
CA ALA D 110 -50.38 -6.55 -75.40
C ALA D 110 -50.26 -5.09 -75.76
N LEU D 111 -51.29 -4.36 -75.36
CA LEU D 111 -51.41 -2.92 -75.57
C LEU D 111 -51.17 -2.23 -74.24
N ASP D 112 -50.20 -1.35 -74.22
CA ASP D 112 -49.81 -0.63 -73.02
C ASP D 112 -50.22 0.87 -73.15
N THR D 113 -51.13 1.25 -72.30
CA THR D 113 -51.75 2.56 -72.30
C THR D 113 -50.88 3.68 -71.85
N LYS D 114 -51.06 4.82 -72.50
CA LYS D 114 -50.27 5.97 -72.12
C LYS D 114 -50.71 6.37 -70.71
N GLY D 115 -51.99 6.29 -70.49
CA GLY D 115 -52.46 6.58 -69.17
C GLY D 115 -52.45 8.07 -68.94
N PRO D 116 -53.25 8.48 -67.99
CA PRO D 116 -53.41 9.87 -67.69
C PRO D 116 -52.17 10.47 -67.07
N GLU D 117 -51.85 11.75 -67.44
CA GLU D 117 -50.70 12.51 -66.92
C GLU D 117 -50.92 13.99 -66.52
N ILE D 118 -49.83 14.56 -65.98
CA ILE D 118 -49.72 15.95 -65.55
C ILE D 118 -48.52 16.62 -66.22
N ARG D 119 -48.81 17.74 -66.87
CA ARG D 119 -47.79 18.48 -67.57
C ARG D 119 -47.65 19.93 -67.13
N THR D 120 -46.57 20.50 -67.61
CA THR D 120 -46.31 21.88 -67.34
C THR D 120 -46.70 22.68 -68.56
N GLY D 121 -46.49 23.98 -68.50
CA GLY D 121 -46.80 24.83 -69.63
C GLY D 121 -45.51 25.13 -70.36
N LEU D 122 -45.56 26.09 -71.24
CA LEU D 122 -44.33 26.38 -71.91
C LEU D 122 -43.39 27.18 -71.03
N ILE D 123 -42.09 27.01 -71.25
CA ILE D 123 -41.10 27.77 -70.49
C ILE D 123 -40.67 28.96 -71.33
N LYS D 124 -41.02 30.17 -70.88
CA LYS D 124 -40.66 31.39 -71.61
C LYS D 124 -41.21 31.41 -73.05
N GLY D 125 -42.40 30.82 -73.26
CA GLY D 125 -43.01 30.78 -74.58
C GLY D 125 -42.35 29.77 -75.51
N SER D 126 -41.02 29.77 -75.49
CA SER D 126 -40.17 28.90 -76.31
C SER D 126 -40.08 27.49 -75.74
N GLY D 127 -40.58 26.53 -76.52
CA GLY D 127 -40.61 25.10 -76.19
C GLY D 127 -39.25 24.51 -75.80
N THR D 128 -38.16 25.05 -76.37
CA THR D 128 -36.80 24.58 -76.09
C THR D 128 -36.18 25.30 -74.87
N ALA D 129 -36.93 26.29 -74.33
CA ALA D 129 -36.49 27.07 -73.18
C ALA D 129 -36.30 26.24 -71.92
N GLU D 130 -35.16 26.46 -71.26
CA GLU D 130 -34.83 25.76 -70.06
C GLU D 130 -34.50 26.71 -68.91
N VAL D 131 -35.29 26.71 -67.83
CA VAL D 131 -35.04 27.62 -66.69
C VAL D 131 -34.20 26.97 -65.58
N GLU D 132 -33.64 27.77 -64.66
CA GLU D 132 -32.86 27.19 -63.57
C GLU D 132 -33.57 27.30 -62.24
N LEU D 133 -33.92 26.16 -61.66
CA LEU D 133 -34.57 26.18 -60.38
C LEU D 133 -33.47 26.06 -59.35
N LYS D 134 -33.58 26.75 -58.25
CA LYS D 134 -32.53 26.62 -57.28
C LYS D 134 -33.14 26.25 -55.94
N LYS D 135 -32.32 25.91 -54.95
CA LYS D 135 -32.85 25.55 -53.63
C LYS D 135 -33.24 26.73 -52.71
N GLY D 136 -34.35 26.55 -51.97
CA GLY D 136 -34.85 27.57 -51.05
C GLY D 136 -35.70 28.63 -51.75
N ALA D 137 -35.65 28.66 -53.10
CA ALA D 137 -36.40 29.62 -53.89
C ALA D 137 -37.88 29.64 -53.57
N THR D 138 -38.64 30.13 -54.52
CA THR D 138 -40.06 30.24 -54.38
C THR D 138 -40.67 30.12 -55.77
N LEU D 139 -41.58 29.16 -55.92
CA LEU D 139 -42.21 28.92 -57.20
C LEU D 139 -43.70 28.89 -57.07
N LYS D 140 -44.32 29.99 -57.44
CA LYS D 140 -45.73 30.00 -57.32
C LYS D 140 -46.34 29.34 -58.52
N ILE D 141 -46.78 28.11 -58.35
CA ILE D 141 -47.38 27.46 -59.49
C ILE D 141 -48.83 27.84 -59.53
N THR D 142 -49.27 28.11 -60.73
CA THR D 142 -50.64 28.54 -60.97
C THR D 142 -51.29 27.76 -62.08
N LEU D 143 -52.60 27.84 -62.01
CA LEU D 143 -53.47 27.23 -62.96
C LEU D 143 -54.00 28.27 -63.95
N ASP D 144 -53.30 29.41 -64.00
CA ASP D 144 -53.71 30.49 -64.89
C ASP D 144 -53.27 30.31 -66.32
N ASN D 145 -54.24 30.05 -67.22
CA ASN D 145 -53.97 29.86 -68.65
C ASN D 145 -53.09 30.92 -69.22
N ALA D 146 -53.09 32.03 -68.50
CA ALA D 146 -52.27 33.17 -68.83
C ALA D 146 -50.85 32.67 -69.00
N TYR D 147 -50.30 32.16 -67.90
CA TYR D 147 -48.96 31.64 -67.83
C TYR D 147 -48.70 30.39 -68.69
N MET D 148 -49.78 29.79 -69.19
CA MET D 148 -49.76 28.57 -69.98
C MET D 148 -48.61 28.41 -70.97
N GLU D 149 -48.11 29.55 -71.41
CA GLU D 149 -47.02 29.57 -72.35
C GLU D 149 -45.86 30.45 -71.88
N LYS D 150 -45.87 30.80 -70.61
CA LYS D 150 -44.80 31.63 -70.13
C LYS D 150 -44.43 31.20 -68.75
N CYS D 151 -44.29 29.89 -68.64
CA CYS D 151 -43.91 29.31 -67.35
C CYS D 151 -42.48 29.71 -67.03
N ASP D 152 -42.32 30.73 -66.20
CA ASP D 152 -40.98 31.18 -65.85
C ASP D 152 -40.47 30.65 -64.52
N GLU D 153 -39.18 30.86 -64.31
CA GLU D 153 -38.50 30.46 -63.10
C GLU D 153 -39.19 30.96 -61.82
N ASN D 154 -40.25 31.76 -61.96
CA ASN D 154 -40.93 32.25 -60.77
C ASN D 154 -42.30 31.61 -60.72
N ILE D 155 -42.91 31.56 -61.92
CA ILE D 155 -44.26 31.01 -62.08
C ILE D 155 -44.29 29.71 -62.83
N LEU D 156 -45.35 28.92 -62.58
CA LEU D 156 -45.52 27.63 -63.24
C LEU D 156 -46.96 27.31 -63.59
N TRP D 157 -47.12 26.60 -64.71
CA TRP D 157 -48.43 26.19 -65.18
C TRP D 157 -48.61 24.69 -65.37
N LEU D 158 -49.72 24.16 -64.87
CA LEU D 158 -50.06 22.74 -64.92
C LEU D 158 -51.41 22.47 -65.53
N ASP D 159 -51.58 21.26 -66.03
CA ASP D 159 -52.88 20.91 -66.58
C ASP D 159 -53.81 20.40 -65.48
N TYR D 160 -53.20 20.08 -64.33
CA TYR D 160 -53.98 19.51 -63.26
C TYR D 160 -54.87 20.48 -62.55
N LYS D 161 -56.03 20.73 -63.16
CA LYS D 161 -57.01 21.64 -62.59
C LYS D 161 -57.24 21.46 -61.07
N ASN D 162 -57.71 20.29 -60.65
CA ASN D 162 -58.03 20.01 -59.25
C ASN D 162 -56.87 19.87 -58.29
N ILE D 163 -55.67 20.21 -58.75
CA ILE D 163 -54.44 20.07 -57.95
C ILE D 163 -54.46 20.77 -56.60
N CYS D 164 -55.39 21.70 -56.46
CA CYS D 164 -55.49 22.41 -55.21
C CYS D 164 -56.33 21.60 -54.28
N LYS D 165 -57.37 21.04 -54.87
CA LYS D 165 -58.29 20.20 -54.18
C LYS D 165 -57.56 19.03 -53.54
N VAL D 166 -56.63 18.51 -54.31
CA VAL D 166 -55.86 17.32 -54.00
C VAL D 166 -54.57 17.48 -53.19
N VAL D 167 -54.00 18.67 -53.16
CA VAL D 167 -52.77 18.88 -52.42
C VAL D 167 -52.99 19.83 -51.25
N ASP D 168 -52.49 19.44 -50.07
CA ASP D 168 -52.61 20.21 -48.81
C ASP D 168 -51.24 20.80 -48.57
N VAL D 169 -51.03 21.41 -47.43
CA VAL D 169 -49.73 21.98 -47.09
C VAL D 169 -48.71 20.91 -46.70
N GLY D 170 -47.41 21.15 -47.00
CA GLY D 170 -46.31 20.24 -46.63
C GLY D 170 -46.06 19.13 -47.62
N SER D 171 -47.06 18.93 -48.48
CA SER D 171 -47.05 17.91 -49.48
C SER D 171 -46.04 18.22 -50.55
N LYS D 172 -45.38 17.18 -51.03
CA LYS D 172 -44.39 17.36 -52.07
C LYS D 172 -44.96 17.21 -53.49
N VAL D 173 -44.26 17.84 -54.46
CA VAL D 173 -44.57 17.89 -55.91
C VAL D 173 -43.32 17.65 -56.75
N TYR D 174 -43.35 16.63 -57.61
CA TYR D 174 -42.17 16.37 -58.39
C TYR D 174 -42.27 16.77 -59.85
N VAL D 175 -41.21 17.42 -60.28
CA VAL D 175 -41.05 17.87 -61.64
C VAL D 175 -39.85 17.22 -62.32
N ASP D 176 -40.12 16.83 -63.56
CA ASP D 176 -39.18 16.16 -64.46
C ASP D 176 -38.74 14.82 -63.92
N ASP D 177 -39.71 13.89 -63.92
CA ASP D 177 -39.50 12.55 -63.42
C ASP D 177 -38.77 12.56 -62.12
N GLY D 178 -39.30 13.34 -61.19
CA GLY D 178 -38.73 13.49 -59.86
C GLY D 178 -37.40 14.26 -59.78
N LEU D 179 -37.03 15.05 -60.79
CA LEU D 179 -35.77 15.77 -60.65
C LEU D 179 -35.89 16.98 -59.74
N ILE D 180 -37.04 17.60 -59.77
CA ILE D 180 -37.24 18.71 -58.93
C ILE D 180 -38.27 18.40 -57.88
N SER D 181 -37.87 18.49 -56.65
CA SER D 181 -38.82 18.29 -55.60
C SER D 181 -39.22 19.67 -55.12
N LEU D 182 -40.52 19.94 -54.98
CA LEU D 182 -40.97 21.25 -54.52
C LEU D 182 -41.92 21.07 -53.37
N GLN D 183 -41.70 21.78 -52.27
CA GLN D 183 -42.59 21.64 -51.15
C GLN D 183 -43.63 22.72 -51.13
N VAL D 184 -44.89 22.28 -50.98
CA VAL D 184 -45.99 23.23 -50.94
C VAL D 184 -46.05 23.83 -49.57
N LYS D 185 -45.43 25.01 -49.42
CA LYS D 185 -45.40 25.72 -48.15
C LYS D 185 -46.66 26.54 -47.82
N GLN D 186 -47.42 26.94 -48.86
CA GLN D 186 -48.67 27.70 -48.68
C GLN D 186 -49.65 27.46 -49.82
N LYS D 187 -50.78 26.85 -49.49
CA LYS D 187 -51.74 26.55 -50.53
C LYS D 187 -52.68 27.70 -50.81
N GLY D 188 -52.95 27.87 -52.09
CA GLY D 188 -53.84 28.91 -52.54
C GLY D 188 -55.15 28.31 -53.05
N PRO D 189 -55.96 29.14 -53.71
CA PRO D 189 -57.21 28.65 -54.23
C PRO D 189 -56.98 28.16 -55.63
N ASP D 190 -55.87 28.63 -56.21
CA ASP D 190 -55.50 28.27 -57.56
C ASP D 190 -54.00 28.44 -57.83
N PHE D 191 -53.27 28.61 -56.75
CA PHE D 191 -51.83 28.73 -56.82
C PHE D 191 -51.33 27.90 -55.70
N LEU D 192 -50.06 27.61 -55.81
CA LEU D 192 -49.44 26.83 -54.77
C LEU D 192 -48.08 27.43 -54.59
N VAL D 193 -47.86 27.95 -53.39
CA VAL D 193 -46.57 28.54 -53.10
C VAL D 193 -45.65 27.47 -52.57
N THR D 194 -44.71 27.11 -53.41
CA THR D 194 -43.79 26.05 -53.09
C THR D 194 -42.40 26.55 -52.99
N GLU D 195 -41.71 26.02 -52.01
CA GLU D 195 -40.33 26.31 -51.81
C GLU D 195 -39.58 25.13 -52.41
N VAL D 196 -38.62 25.43 -53.28
CA VAL D 196 -37.84 24.40 -53.92
C VAL D 196 -36.94 23.60 -52.99
N GLU D 197 -37.25 22.33 -52.84
CA GLU D 197 -36.45 21.40 -52.07
C GLU D 197 -35.79 20.55 -53.14
N ASN D 198 -34.47 20.69 -53.31
CA ASN D 198 -33.81 19.97 -54.40
C ASN D 198 -34.28 20.58 -55.71
N GLY D 199 -33.41 21.39 -56.28
CA GLY D 199 -33.74 22.04 -57.51
C GLY D 199 -32.89 21.55 -58.65
N GLY D 200 -33.40 21.83 -59.86
CA GLY D 200 -32.77 21.46 -61.12
C GLY D 200 -33.11 22.40 -62.28
N PHE D 201 -33.11 21.83 -63.50
CA PHE D 201 -33.38 22.55 -64.72
C PHE D 201 -34.77 22.40 -65.33
N LEU D 202 -35.76 23.11 -64.79
CA LEU D 202 -37.12 23.07 -65.29
C LEU D 202 -37.15 23.34 -66.79
N GLY D 203 -37.45 22.28 -67.51
CA GLY D 203 -37.58 22.33 -68.93
C GLY D 203 -39.02 22.60 -69.30
N SER D 204 -39.30 22.53 -70.59
CA SER D 204 -40.66 22.80 -71.01
C SER D 204 -41.41 21.53 -71.29
N LYS D 205 -42.65 21.49 -70.81
CA LYS D 205 -43.53 20.35 -71.03
C LYS D 205 -43.17 19.06 -70.29
N LYS D 206 -42.90 19.19 -68.98
CA LYS D 206 -42.54 18.08 -68.12
C LYS D 206 -43.71 17.43 -67.39
N GLY D 207 -43.57 16.16 -67.07
CA GLY D 207 -44.63 15.45 -66.37
C GLY D 207 -44.43 15.63 -64.89
N VAL D 208 -45.55 15.81 -64.19
CA VAL D 208 -45.53 15.98 -62.74
C VAL D 208 -45.95 14.70 -62.00
N ASN D 209 -45.60 14.67 -60.73
CA ASN D 209 -45.93 13.58 -59.87
C ASN D 209 -46.30 14.12 -58.49
N LEU D 210 -47.43 13.68 -57.97
CA LEU D 210 -47.90 14.13 -56.66
C LEU D 210 -47.79 13.01 -55.65
N PRO D 211 -46.59 12.75 -55.19
CA PRO D 211 -46.38 11.64 -54.24
C PRO D 211 -47.30 11.64 -53.02
N GLY D 212 -47.99 10.49 -52.86
CA GLY D 212 -48.93 10.22 -51.76
C GLY D 212 -50.33 10.79 -51.95
N ALA D 213 -50.52 11.46 -53.10
CA ALA D 213 -51.76 12.09 -53.46
C ALA D 213 -52.86 11.22 -54.05
N ALA D 214 -54.06 11.66 -53.69
CA ALA D 214 -55.31 11.08 -54.12
C ALA D 214 -55.79 11.74 -55.40
N VAL D 215 -55.10 11.42 -56.50
CA VAL D 215 -55.45 11.91 -57.81
C VAL D 215 -56.90 11.60 -58.30
N ASP D 216 -57.57 12.70 -58.64
CA ASP D 216 -58.94 12.83 -59.12
C ASP D 216 -59.11 12.30 -60.52
N LEU D 217 -58.02 12.47 -61.28
CA LEU D 217 -57.92 12.12 -62.67
C LEU D 217 -58.72 10.91 -63.00
N PRO D 218 -59.15 10.94 -64.23
CA PRO D 218 -59.94 9.92 -64.84
C PRO D 218 -59.13 8.64 -65.00
N ALA D 219 -59.83 7.51 -64.87
CA ALA D 219 -59.21 6.20 -64.99
C ALA D 219 -58.38 6.07 -66.26
N VAL D 220 -59.04 6.54 -67.32
CA VAL D 220 -58.54 6.51 -68.67
C VAL D 220 -58.67 7.87 -69.38
N SER D 221 -57.60 8.33 -70.06
CA SER D 221 -57.57 9.60 -70.80
C SER D 221 -58.30 9.48 -72.17
N GLU D 222 -58.65 10.64 -72.79
CA GLU D 222 -59.31 10.66 -74.08
C GLU D 222 -58.52 9.82 -75.07
N LYS D 223 -57.21 9.98 -75.04
CA LYS D 223 -56.38 9.17 -75.92
C LYS D 223 -56.62 7.68 -75.66
N ASP D 224 -56.47 7.32 -74.37
CA ASP D 224 -56.62 5.96 -73.91
C ASP D 224 -57.86 5.35 -74.47
N ILE D 225 -58.90 6.14 -74.51
CA ILE D 225 -60.13 5.65 -75.08
C ILE D 225 -60.02 5.28 -76.55
N GLN D 226 -59.36 6.13 -77.31
CA GLN D 226 -59.23 5.82 -78.71
C GLN D 226 -58.44 4.57 -78.83
N ASP D 227 -57.30 4.63 -78.14
CA ASP D 227 -56.37 3.53 -78.11
C ASP D 227 -57.04 2.22 -77.72
N LEU D 228 -57.96 2.30 -76.80
CA LEU D 228 -58.58 1.07 -76.40
C LEU D 228 -59.46 0.49 -77.46
N LYS D 229 -60.26 1.35 -78.03
CA LYS D 229 -61.12 0.85 -79.05
C LYS D 229 -60.32 0.32 -80.21
N PHE D 230 -59.15 0.89 -80.37
CA PHE D 230 -58.27 0.44 -81.43
C PHE D 230 -57.77 -0.96 -81.08
N GLY D 231 -57.29 -1.07 -79.84
CA GLY D 231 -56.77 -2.30 -79.29
C GLY D 231 -57.81 -3.37 -79.52
N VAL D 232 -59.05 -2.96 -79.38
CA VAL D 232 -60.14 -3.88 -79.56
C VAL D 232 -60.34 -4.35 -80.99
N GLU D 233 -60.16 -3.43 -81.90
CA GLU D 233 -60.28 -3.71 -83.31
C GLU D 233 -59.09 -4.54 -83.78
N GLN D 234 -57.95 -4.31 -83.18
CA GLN D 234 -56.76 -5.04 -83.59
C GLN D 234 -56.69 -6.43 -82.95
N ASP D 235 -57.69 -6.83 -82.22
CA ASP D 235 -57.63 -8.13 -81.56
C ASP D 235 -56.42 -8.31 -80.62
N VAL D 236 -56.23 -7.34 -79.73
CA VAL D 236 -55.16 -7.45 -78.77
C VAL D 236 -55.54 -8.61 -77.86
N ASP D 237 -54.62 -9.08 -77.03
CA ASP D 237 -54.93 -10.23 -76.18
C ASP D 237 -55.07 -9.83 -74.69
N MET D 238 -54.50 -8.70 -74.37
CA MET D 238 -54.52 -8.24 -73.01
C MET D 238 -54.08 -6.79 -72.96
N VAL D 239 -54.64 -6.06 -72.01
CA VAL D 239 -54.30 -4.67 -71.91
C VAL D 239 -53.60 -4.32 -70.60
N PHE D 240 -52.40 -3.71 -70.66
CA PHE D 240 -51.71 -3.32 -69.42
C PHE D 240 -52.20 -1.95 -69.09
N ALA D 241 -53.24 -1.82 -68.26
CA ALA D 241 -53.77 -0.50 -67.93
C ALA D 241 -52.83 0.30 -67.04
N SER D 242 -52.58 1.57 -67.39
CA SER D 242 -51.69 2.39 -66.58
C SER D 242 -52.39 3.18 -65.54
N PHE D 243 -51.57 3.55 -64.57
CA PHE D 243 -51.92 4.41 -63.46
C PHE D 243 -53.20 4.02 -62.70
N ILE D 244 -53.33 2.74 -62.34
CA ILE D 244 -54.48 2.26 -61.61
C ILE D 244 -54.31 2.56 -60.14
N ARG D 245 -55.33 3.17 -59.53
CA ARG D 245 -55.23 3.54 -58.12
C ARG D 245 -56.30 2.95 -57.20
N LYS D 246 -57.41 2.49 -57.80
CA LYS D 246 -58.55 1.92 -57.10
C LYS D 246 -59.28 0.83 -57.95
N ALA D 247 -60.32 0.21 -57.46
CA ALA D 247 -60.92 -0.81 -58.31
C ALA D 247 -61.76 -0.17 -59.37
N ALA D 248 -62.26 0.99 -59.01
CA ALA D 248 -63.09 1.71 -59.94
C ALA D 248 -62.41 1.99 -61.28
N ASP D 249 -61.09 2.14 -61.25
CA ASP D 249 -60.34 2.42 -62.46
C ASP D 249 -60.33 1.23 -63.41
N VAL D 250 -60.10 0.05 -62.83
CA VAL D 250 -60.09 -1.17 -63.56
C VAL D 250 -61.48 -1.28 -64.12
N HIS D 251 -62.42 -0.99 -63.25
CA HIS D 251 -63.80 -1.07 -63.68
C HIS D 251 -64.16 -0.17 -64.89
N GLU D 252 -63.51 0.96 -64.99
CA GLU D 252 -63.80 1.84 -66.10
C GLU D 252 -63.23 1.29 -67.38
N VAL D 253 -62.03 0.75 -67.25
CA VAL D 253 -61.35 0.23 -68.39
C VAL D 253 -62.14 -0.86 -69.04
N ARG D 254 -62.82 -1.64 -68.19
CA ARG D 254 -63.61 -2.70 -68.76
C ARG D 254 -64.79 -2.15 -69.56
N LYS D 255 -65.38 -1.11 -68.99
CA LYS D 255 -66.50 -0.44 -69.57
C LYS D 255 -66.18 -0.11 -71.02
N ILE D 256 -64.97 0.43 -71.18
CA ILE D 256 -64.49 0.85 -72.47
C ILE D 256 -64.33 -0.28 -73.48
N LEU D 257 -63.56 -1.32 -73.11
CA LEU D 257 -63.36 -2.51 -73.96
C LEU D 257 -64.76 -3.06 -74.36
N GLY D 258 -65.72 -2.87 -73.46
CA GLY D 258 -67.10 -3.29 -73.67
C GLY D 258 -67.30 -4.78 -73.86
N GLU D 259 -68.32 -5.09 -74.66
CA GLU D 259 -68.69 -6.46 -74.97
C GLU D 259 -67.79 -7.14 -75.99
N LYS D 260 -67.34 -6.37 -76.97
CA LYS D 260 -66.47 -6.92 -78.00
C LYS D 260 -65.14 -7.43 -77.40
N GLY D 261 -64.64 -6.67 -76.41
CA GLY D 261 -63.37 -6.95 -75.75
C GLY D 261 -63.50 -7.51 -74.36
N LYS D 262 -64.48 -8.38 -74.22
CA LYS D 262 -64.73 -9.03 -72.96
C LYS D 262 -63.63 -10.05 -72.62
N ASN D 263 -63.15 -10.78 -73.64
CA ASN D 263 -62.13 -11.81 -73.42
C ASN D 263 -60.74 -11.22 -73.29
N ILE D 264 -60.68 -9.89 -73.24
CA ILE D 264 -59.39 -9.22 -73.14
C ILE D 264 -58.95 -9.12 -71.71
N LYS D 265 -57.79 -9.63 -71.44
CA LYS D 265 -57.37 -9.53 -70.08
C LYS D 265 -56.82 -8.18 -69.80
N ILE D 266 -57.13 -7.73 -68.62
CA ILE D 266 -56.67 -6.46 -68.15
C ILE D 266 -55.62 -6.60 -67.05
N ILE D 267 -54.41 -6.07 -67.30
CA ILE D 267 -53.30 -6.09 -66.35
C ILE D 267 -53.05 -4.70 -65.81
N SER D 268 -53.51 -4.55 -64.60
CA SER D 268 -53.38 -3.32 -63.90
C SER D 268 -51.96 -3.06 -63.49
N LYS D 269 -51.45 -1.91 -63.92
CA LYS D 269 -50.12 -1.44 -63.59
C LYS D 269 -50.12 -0.59 -62.29
N ILE D 270 -49.37 -1.03 -61.22
CA ILE D 270 -49.25 -0.34 -59.92
C ILE D 270 -48.11 0.67 -59.91
N GLU D 271 -48.39 1.92 -60.32
CA GLU D 271 -47.40 3.02 -60.43
C GLU D 271 -47.35 4.02 -59.27
N ASN D 272 -48.00 3.74 -58.11
CA ASN D 272 -48.03 4.75 -57.05
C ASN D 272 -48.63 4.37 -55.68
N HIS D 273 -48.28 5.19 -54.70
CA HIS D 273 -48.69 5.07 -53.29
C HIS D 273 -50.13 4.61 -53.10
N GLU D 274 -51.03 5.22 -53.79
CA GLU D 274 -52.39 4.81 -53.64
C GLU D 274 -52.58 3.39 -54.09
N GLY D 275 -52.38 3.16 -55.40
CA GLY D 275 -52.51 1.85 -56.04
C GLY D 275 -51.88 0.76 -55.18
N VAL D 276 -50.79 1.12 -54.53
CA VAL D 276 -50.15 0.19 -53.64
C VAL D 276 -51.04 0.00 -52.44
N ARG D 277 -51.32 1.10 -51.75
CA ARG D 277 -52.18 1.11 -50.58
C ARG D 277 -53.49 0.33 -50.74
N ARG D 278 -54.22 0.59 -51.83
CA ARG D 278 -55.47 -0.13 -52.10
C ARG D 278 -55.21 -1.31 -53.00
N PHE D 279 -54.09 -1.95 -52.78
CA PHE D 279 -53.73 -3.04 -53.59
C PHE D 279 -54.77 -4.14 -53.71
N ASP D 280 -55.29 -4.63 -52.58
CA ASP D 280 -56.27 -5.72 -52.62
C ASP D 280 -57.52 -5.50 -53.49
N GLU D 281 -58.06 -4.30 -53.49
CA GLU D 281 -59.28 -4.06 -54.26
C GLU D 281 -59.07 -4.13 -55.75
N ILE D 282 -57.85 -3.79 -56.13
CA ILE D 282 -57.43 -3.82 -57.51
C ILE D 282 -57.19 -5.22 -57.98
N LEU D 283 -56.52 -5.98 -57.10
CA LEU D 283 -56.21 -7.35 -57.47
C LEU D 283 -57.45 -8.10 -57.83
N GLU D 284 -58.45 -7.92 -57.00
CA GLU D 284 -59.70 -8.59 -57.21
C GLU D 284 -60.34 -8.22 -58.53
N ALA D 285 -60.36 -6.92 -58.85
CA ALA D 285 -60.98 -6.43 -60.06
C ALA D 285 -60.23 -6.75 -61.36
N SER D 286 -58.92 -6.99 -61.25
CA SER D 286 -58.05 -7.28 -62.38
C SER D 286 -57.86 -8.75 -62.75
N ASP D 287 -57.36 -8.95 -63.96
CA ASP D 287 -57.12 -10.28 -64.43
C ASP D 287 -55.69 -10.63 -64.15
N GLY D 288 -54.93 -9.58 -63.70
CA GLY D 288 -53.50 -9.70 -63.39
C GLY D 288 -52.84 -8.38 -63.00
N ILE D 289 -51.55 -8.43 -62.66
CA ILE D 289 -50.90 -7.22 -62.18
C ILE D 289 -49.48 -7.04 -62.69
N MET D 290 -49.07 -5.79 -62.75
CA MET D 290 -47.76 -5.46 -63.18
C MET D 290 -47.06 -4.50 -62.24
N VAL D 291 -45.87 -4.86 -61.82
CA VAL D 291 -45.13 -3.99 -60.93
C VAL D 291 -44.31 -3.02 -61.77
N ALA D 292 -44.88 -1.87 -62.12
CA ALA D 292 -44.17 -0.85 -62.90
C ALA D 292 -43.11 -0.13 -62.08
N ARG D 293 -41.94 -0.77 -61.90
CA ARG D 293 -40.90 -0.14 -61.08
C ARG D 293 -40.49 1.23 -61.48
N GLY D 294 -40.56 1.45 -62.79
CA GLY D 294 -40.18 2.71 -63.36
C GLY D 294 -40.85 3.82 -62.59
N ASP D 295 -42.13 4.01 -62.88
CA ASP D 295 -42.98 4.99 -62.23
C ASP D 295 -43.00 4.84 -60.69
N LEU D 296 -43.02 3.62 -60.24
CA LEU D 296 -43.07 3.35 -58.82
C LEU D 296 -41.94 4.01 -58.06
N GLY D 297 -40.72 3.75 -58.50
CA GLY D 297 -39.57 4.36 -57.85
C GLY D 297 -39.46 5.88 -58.06
N ILE D 298 -40.48 6.49 -58.66
CA ILE D 298 -40.43 7.93 -58.80
C ILE D 298 -41.34 8.45 -57.73
N GLU D 299 -42.54 7.83 -57.73
CA GLU D 299 -43.60 8.15 -56.82
C GLU D 299 -43.29 7.78 -55.35
N ILE D 300 -42.54 6.70 -55.17
CA ILE D 300 -42.11 6.31 -53.84
C ILE D 300 -40.60 6.26 -53.82
N PRO D 301 -40.05 6.15 -52.63
CA PRO D 301 -38.63 6.08 -52.46
C PRO D 301 -38.06 4.76 -52.88
N ALA D 302 -37.03 4.84 -53.68
CA ALA D 302 -36.37 3.67 -54.21
C ALA D 302 -36.13 2.57 -53.19
N GLU D 303 -35.50 2.94 -52.05
CA GLU D 303 -35.18 1.98 -50.98
C GLU D 303 -36.35 1.09 -50.65
N LYS D 304 -37.52 1.57 -50.97
CA LYS D 304 -38.73 0.85 -50.72
C LYS D 304 -39.29 0.08 -51.92
N VAL D 305 -38.72 0.18 -53.11
CA VAL D 305 -39.36 -0.52 -54.20
C VAL D 305 -39.43 -1.99 -54.03
N PHE D 306 -38.33 -2.55 -53.60
CA PHE D 306 -38.27 -3.98 -53.41
C PHE D 306 -39.38 -4.50 -52.52
N LEU D 307 -39.76 -3.69 -51.53
CA LEU D 307 -40.81 -4.11 -50.60
C LEU D 307 -42.10 -4.37 -51.36
N ALA D 308 -42.44 -3.44 -52.23
CA ALA D 308 -43.68 -3.58 -53.02
C ALA D 308 -43.63 -4.70 -54.00
N GLN D 309 -42.52 -4.87 -54.65
CA GLN D 309 -42.46 -5.93 -55.59
C GLN D 309 -42.66 -7.24 -54.88
N LYS D 310 -42.00 -7.40 -53.73
CA LYS D 310 -42.18 -8.62 -52.97
C LYS D 310 -43.60 -8.84 -52.47
N MET D 311 -44.20 -7.79 -51.98
CA MET D 311 -45.56 -7.83 -51.47
C MET D 311 -46.52 -8.12 -52.60
N ILE D 312 -46.43 -7.29 -53.65
CA ILE D 312 -47.27 -7.39 -54.86
C ILE D 312 -47.29 -8.80 -55.43
N ILE D 313 -46.12 -9.35 -55.51
CA ILE D 313 -45.95 -10.68 -56.02
C ILE D 313 -46.40 -11.73 -55.03
N GLY D 314 -46.02 -11.59 -53.74
CA GLY D 314 -46.40 -12.59 -52.77
C GLY D 314 -47.89 -12.70 -52.80
N ARG D 315 -48.54 -11.54 -52.77
CA ARG D 315 -50.00 -11.48 -52.81
C ARG D 315 -50.70 -12.03 -54.05
N CYS D 316 -50.09 -11.83 -55.23
CA CYS D 316 -50.66 -12.32 -56.48
C CYS D 316 -50.56 -13.84 -56.51
N ASN D 317 -49.39 -14.41 -56.14
CA ASN D 317 -49.17 -15.87 -56.09
C ASN D 317 -50.21 -16.55 -55.22
N ARG D 318 -50.47 -15.94 -54.07
CA ARG D 318 -51.44 -16.38 -53.07
C ARG D 318 -52.81 -16.61 -53.71
N ALA D 319 -53.27 -15.58 -54.42
CA ALA D 319 -54.56 -15.53 -55.10
C ALA D 319 -54.73 -16.23 -56.44
N GLY D 320 -53.66 -16.60 -57.09
CA GLY D 320 -53.81 -17.21 -58.44
C GLY D 320 -53.95 -16.23 -59.64
N LYS D 321 -53.28 -15.06 -59.55
CA LYS D 321 -53.29 -14.02 -60.58
C LYS D 321 -51.88 -13.78 -61.09
N PRO D 322 -51.75 -13.83 -62.39
CA PRO D 322 -50.50 -13.64 -63.06
C PRO D 322 -49.87 -12.36 -62.62
N VAL D 323 -48.56 -12.38 -62.50
CA VAL D 323 -47.89 -11.18 -62.11
C VAL D 323 -46.68 -11.00 -62.98
N ILE D 324 -46.44 -9.73 -63.41
CA ILE D 324 -45.34 -9.29 -64.26
C ILE D 324 -44.44 -8.27 -63.57
N CYS D 325 -43.11 -8.50 -63.52
CA CYS D 325 -42.12 -7.57 -62.90
C CYS D 325 -41.42 -6.83 -64.01
N ALA D 326 -41.35 -5.50 -63.93
CA ALA D 326 -40.77 -4.73 -65.04
C ALA D 326 -39.71 -3.69 -64.81
N THR D 327 -39.15 -3.21 -65.95
CA THR D 327 -38.28 -2.07 -65.96
C THR D 327 -36.88 -2.11 -65.39
N GLN D 328 -35.87 -1.98 -66.25
CA GLN D 328 -34.48 -1.91 -65.82
C GLN D 328 -33.87 -3.19 -65.36
N MET D 329 -34.45 -4.34 -65.72
CA MET D 329 -33.84 -5.55 -65.25
C MET D 329 -32.48 -5.83 -65.83
N LEU D 330 -32.30 -5.37 -67.07
CA LEU D 330 -31.10 -5.58 -67.85
C LEU D 330 -30.73 -4.34 -68.63
N GLU D 331 -30.94 -3.14 -68.04
CA GLU D 331 -30.66 -1.86 -68.69
C GLU D 331 -29.28 -1.65 -69.23
N SER D 332 -28.33 -2.32 -68.59
CA SER D 332 -26.95 -2.19 -69.01
C SER D 332 -26.88 -2.51 -70.48
N MET D 333 -27.60 -3.58 -70.83
CA MET D 333 -27.67 -4.13 -72.18
C MET D 333 -28.16 -3.24 -73.33
N ILE D 334 -28.59 -2.05 -72.99
CA ILE D 334 -29.02 -1.11 -74.01
C ILE D 334 -27.83 -0.76 -74.87
N LYS D 335 -26.69 -0.62 -74.22
CA LYS D 335 -25.42 -0.28 -74.83
C LYS D 335 -24.27 -1.28 -74.62
N LYS D 336 -24.52 -2.37 -73.96
CA LYS D 336 -23.50 -3.37 -73.78
C LYS D 336 -24.11 -4.71 -74.00
N PRO D 337 -23.29 -5.61 -74.41
CA PRO D 337 -23.69 -6.95 -74.80
C PRO D 337 -23.73 -7.88 -73.63
N ARG D 338 -23.42 -7.31 -72.50
CA ARG D 338 -23.32 -8.07 -71.29
C ARG D 338 -23.80 -7.24 -70.14
N PRO D 339 -24.74 -7.80 -69.37
CA PRO D 339 -25.35 -7.11 -68.23
C PRO D 339 -24.43 -7.11 -67.03
N THR D 340 -24.75 -6.26 -66.03
CA THR D 340 -23.96 -6.16 -64.80
C THR D 340 -24.33 -7.25 -63.82
N ARG D 341 -23.42 -7.52 -62.89
CA ARG D 341 -23.66 -8.55 -61.88
C ARG D 341 -24.95 -8.31 -61.14
N ALA D 342 -25.27 -7.03 -61.02
CA ALA D 342 -26.49 -6.61 -60.37
C ALA D 342 -27.76 -6.92 -61.17
N GLU D 343 -27.68 -6.95 -62.51
CA GLU D 343 -28.88 -7.23 -63.28
C GLU D 343 -29.27 -8.72 -63.32
N GLY D 344 -28.24 -9.53 -63.15
CA GLY D 344 -28.39 -10.97 -63.13
C GLY D 344 -29.17 -11.35 -61.92
N SER D 345 -28.78 -10.74 -60.77
CA SER D 345 -29.48 -10.96 -59.49
C SER D 345 -30.94 -10.51 -59.59
N ASP D 346 -31.14 -9.30 -60.11
CA ASP D 346 -32.50 -8.77 -60.28
C ASP D 346 -33.40 -9.71 -61.03
N VAL D 347 -32.86 -10.23 -62.11
CA VAL D 347 -33.69 -11.10 -62.89
C VAL D 347 -33.95 -12.40 -62.19
N ALA D 348 -32.92 -12.92 -61.58
CA ALA D 348 -33.04 -14.18 -60.91
C ALA D 348 -33.79 -14.03 -59.63
N ASN D 349 -33.62 -12.92 -58.97
CA ASN D 349 -34.38 -12.83 -57.76
C ASN D 349 -35.87 -12.70 -58.04
N ALA D 350 -36.20 -11.91 -59.05
CA ALA D 350 -37.60 -11.73 -59.38
C ALA D 350 -38.22 -13.02 -59.68
N VAL D 351 -37.39 -13.91 -60.19
CA VAL D 351 -37.87 -15.20 -60.56
C VAL D 351 -38.15 -16.03 -59.36
N LEU D 352 -37.28 -15.84 -58.37
CA LEU D 352 -37.40 -16.50 -57.08
C LEU D 352 -38.58 -15.91 -56.30
N ASP D 353 -38.70 -14.56 -56.31
CA ASP D 353 -39.83 -13.90 -55.66
C ASP D 353 -41.09 -14.53 -56.22
N GLY D 354 -41.02 -15.10 -57.42
CA GLY D 354 -42.22 -15.73 -57.95
C GLY D 354 -42.91 -15.02 -59.09
N ALA D 355 -42.22 -14.19 -59.85
CA ALA D 355 -42.89 -13.53 -60.95
C ALA D 355 -43.27 -14.48 -62.03
N ASP D 356 -44.46 -14.28 -62.56
CA ASP D 356 -44.94 -15.12 -63.62
C ASP D 356 -44.20 -14.78 -64.90
N CYS D 357 -44.04 -13.50 -65.11
CA CYS D 357 -43.37 -13.01 -66.29
C CYS D 357 -42.32 -11.99 -65.98
N ILE D 358 -41.33 -11.93 -66.90
CA ILE D 358 -40.28 -10.95 -66.80
C ILE D 358 -40.28 -10.01 -67.97
N MET D 359 -39.82 -8.76 -67.75
CA MET D 359 -39.94 -7.81 -68.83
C MET D 359 -38.80 -6.91 -69.31
N LEU D 360 -38.81 -6.78 -70.64
CA LEU D 360 -37.84 -5.99 -71.33
C LEU D 360 -38.45 -4.79 -72.02
N SER D 361 -37.85 -3.62 -71.81
CA SER D 361 -38.36 -2.40 -72.39
C SER D 361 -37.39 -1.79 -73.41
N GLY D 362 -36.68 -0.77 -73.03
CA GLY D 362 -35.76 -0.21 -73.99
C GLY D 362 -34.66 -1.20 -74.41
N GLU D 363 -34.45 -2.24 -73.58
CA GLU D 363 -33.45 -3.23 -73.87
C GLU D 363 -33.71 -3.91 -75.21
N THR D 364 -34.99 -4.02 -75.54
CA THR D 364 -35.41 -4.62 -76.79
C THR D 364 -36.14 -3.63 -77.64
N ALA D 365 -36.48 -2.47 -77.11
CA ALA D 365 -37.20 -1.57 -77.97
C ALA D 365 -36.29 -0.55 -78.63
N LYS D 366 -35.13 -0.31 -78.06
CA LYS D 366 -34.25 0.68 -78.66
C LYS D 366 -32.79 0.31 -78.57
N GLY D 367 -32.50 -0.67 -77.78
CA GLY D 367 -31.13 -1.06 -77.60
C GLY D 367 -30.48 -1.67 -78.80
N ASP D 368 -29.16 -1.69 -78.68
CA ASP D 368 -28.21 -2.23 -79.64
C ASP D 368 -28.12 -3.76 -79.51
N TYR D 369 -28.56 -4.29 -78.34
CA TYR D 369 -28.48 -5.72 -78.09
C TYR D 369 -29.76 -6.41 -77.71
N PRO D 370 -30.75 -6.27 -78.52
CA PRO D 370 -32.05 -6.85 -78.30
C PRO D 370 -32.00 -8.36 -78.10
N LEU D 371 -31.57 -9.09 -79.10
CA LEU D 371 -31.57 -10.53 -78.94
C LEU D 371 -30.67 -10.97 -77.84
N GLU D 372 -29.62 -10.21 -77.63
CA GLU D 372 -28.67 -10.58 -76.61
C GLU D 372 -29.32 -10.45 -75.24
N ALA D 373 -30.33 -9.64 -75.22
CA ALA D 373 -31.01 -9.46 -73.98
C ALA D 373 -32.01 -10.58 -73.63
N VAL D 374 -32.83 -10.99 -74.59
CA VAL D 374 -33.80 -12.04 -74.33
C VAL D 374 -33.10 -13.32 -73.91
N ARG D 375 -32.04 -13.58 -74.64
CA ARG D 375 -31.25 -14.75 -74.41
C ARG D 375 -30.79 -14.80 -72.98
N MET D 376 -30.34 -13.66 -72.49
CA MET D 376 -29.91 -13.61 -71.12
C MET D 376 -31.05 -13.82 -70.15
N GLN D 377 -32.19 -13.30 -70.50
CA GLN D 377 -33.28 -13.53 -69.59
C GLN D 377 -33.63 -14.98 -69.56
N HIS D 378 -33.48 -15.60 -70.70
CA HIS D 378 -33.83 -16.96 -70.64
C HIS D 378 -32.86 -17.88 -69.95
N LEU D 379 -31.61 -17.54 -69.98
CA LEU D 379 -30.67 -18.40 -69.33
C LEU D 379 -30.88 -18.42 -67.83
N ILE D 380 -31.03 -17.23 -67.26
CA ILE D 380 -31.25 -16.97 -65.85
C ILE D 380 -32.51 -17.62 -65.32
N ALA D 381 -33.66 -17.28 -65.94
CA ALA D 381 -34.90 -17.87 -65.50
C ALA D 381 -34.86 -19.36 -65.36
N ARG D 382 -34.09 -20.06 -66.20
CA ARG D 382 -34.10 -21.50 -66.10
C ARG D 382 -33.34 -21.95 -64.93
N GLU D 383 -32.49 -21.10 -64.52
CA GLU D 383 -31.57 -21.49 -63.52
C GLU D 383 -32.12 -21.19 -62.14
N ALA D 384 -32.81 -20.05 -62.06
CA ALA D 384 -33.46 -19.59 -60.83
C ALA D 384 -34.62 -20.48 -60.52
N GLU D 385 -35.27 -20.84 -61.58
CA GLU D 385 -36.41 -21.70 -61.46
C GLU D 385 -36.07 -23.04 -60.80
N ALA D 386 -34.84 -23.47 -60.91
CA ALA D 386 -34.52 -24.75 -60.31
C ALA D 386 -34.18 -24.59 -58.86
N ALA D 387 -33.78 -23.38 -58.59
CA ALA D 387 -33.33 -22.91 -57.31
C ALA D 387 -34.48 -22.65 -56.34
N MET D 388 -35.69 -22.70 -56.84
CA MET D 388 -36.79 -22.46 -55.93
C MET D 388 -36.92 -23.68 -55.03
N PHE D 389 -37.62 -23.44 -53.93
CA PHE D 389 -37.91 -24.40 -52.89
C PHE D 389 -39.33 -24.83 -52.99
N HIS D 390 -39.61 -25.70 -53.92
CA HIS D 390 -40.97 -26.07 -54.18
C HIS D 390 -41.74 -26.72 -53.07
N ARG D 391 -41.11 -27.61 -52.34
CA ARG D 391 -41.86 -28.25 -51.27
C ARG D 391 -42.42 -27.25 -50.27
N LYS D 392 -41.55 -26.37 -49.77
CA LYS D 392 -42.01 -25.30 -48.89
C LYS D 392 -43.06 -24.47 -49.54
N LEU D 393 -42.72 -23.85 -50.65
CA LEU D 393 -43.67 -23.00 -51.41
C LEU D 393 -45.03 -23.63 -51.58
N PHE D 394 -45.01 -24.89 -52.01
CA PHE D 394 -46.21 -25.65 -52.20
C PHE D 394 -47.04 -25.71 -50.90
N GLU D 395 -46.38 -26.04 -49.77
CA GLU D 395 -47.08 -26.09 -48.49
C GLU D 395 -47.68 -24.73 -48.13
N GLU D 396 -46.93 -23.67 -48.38
CA GLU D 396 -47.38 -22.35 -48.02
C GLU D 396 -48.54 -21.87 -48.83
N LEU D 397 -48.50 -22.22 -50.10
CA LEU D 397 -49.57 -21.89 -51.03
C LEU D 397 -50.81 -22.70 -50.67
N ALA D 398 -50.60 -23.94 -50.35
CA ALA D 398 -51.76 -24.74 -50.04
C ALA D 398 -52.46 -24.21 -48.80
N ARG D 399 -51.67 -23.82 -47.78
CA ARG D 399 -52.22 -23.27 -46.54
C ARG D 399 -53.02 -22.05 -46.80
N SER D 400 -52.52 -21.21 -47.64
CA SER D 400 -53.27 -20.02 -47.85
C SER D 400 -54.51 -20.22 -48.64
N SER D 401 -54.70 -21.40 -49.25
CA SER D 401 -55.93 -21.58 -50.02
C SER D 401 -56.90 -22.45 -49.29
N SER D 402 -56.43 -22.99 -48.15
CA SER D 402 -57.18 -23.86 -47.25
C SER D 402 -58.68 -23.59 -47.13
N HIS D 403 -59.08 -22.34 -47.25
CA HIS D 403 -60.48 -21.95 -47.13
C HIS D 403 -61.25 -22.27 -48.42
N SER D 404 -60.54 -22.94 -49.33
CA SER D 404 -61.13 -23.35 -50.60
C SER D 404 -61.30 -24.87 -50.69
N THR D 405 -62.46 -25.33 -51.17
CA THR D 405 -62.80 -26.75 -51.36
C THR D 405 -63.27 -26.98 -52.79
N ASP D 406 -62.57 -26.28 -53.69
CA ASP D 406 -62.81 -26.29 -55.11
C ASP D 406 -62.31 -27.56 -55.75
N LEU D 407 -63.21 -28.20 -56.52
CA LEU D 407 -62.90 -29.41 -57.21
C LEU D 407 -61.72 -29.19 -58.12
N MET D 408 -61.75 -28.13 -58.89
CA MET D 408 -60.56 -27.97 -59.72
C MET D 408 -59.28 -27.72 -58.99
N GLU D 409 -59.27 -26.95 -57.92
CA GLU D 409 -57.97 -26.75 -57.25
C GLU D 409 -57.45 -28.06 -56.69
N ALA D 410 -58.36 -28.86 -56.18
CA ALA D 410 -58.03 -30.12 -55.59
C ALA D 410 -57.23 -30.95 -56.60
N MET D 411 -57.84 -31.06 -57.74
CA MET D 411 -57.28 -31.76 -58.88
C MET D 411 -55.92 -31.13 -59.21
N ALA D 412 -55.85 -29.80 -59.45
CA ALA D 412 -54.57 -29.13 -59.68
C ALA D 412 -53.57 -29.45 -58.58
N MET D 413 -54.04 -29.64 -57.33
CA MET D 413 -53.15 -29.93 -56.20
C MET D 413 -52.58 -31.34 -56.14
N GLY D 414 -53.41 -32.36 -56.35
CA GLY D 414 -52.94 -33.76 -56.28
C GLY D 414 -51.90 -34.04 -57.35
N SER D 415 -52.23 -33.50 -58.53
CA SER D 415 -51.38 -33.57 -59.70
C SER D 415 -50.01 -32.99 -59.41
N VAL D 416 -49.99 -31.66 -59.06
CA VAL D 416 -48.74 -30.99 -58.75
C VAL D 416 -47.89 -31.83 -57.80
N GLU D 417 -48.57 -32.35 -56.76
CA GLU D 417 -47.90 -33.20 -55.77
C GLU D 417 -47.39 -34.54 -56.31
N ALA D 418 -48.20 -35.17 -57.12
CA ALA D 418 -47.74 -36.40 -57.66
C ALA D 418 -46.50 -36.11 -58.49
N SER D 419 -46.52 -34.97 -59.18
CA SER D 419 -45.40 -34.58 -60.02
C SER D 419 -44.09 -34.47 -59.28
N TYR D 420 -44.16 -34.03 -58.05
CA TYR D 420 -42.90 -33.94 -57.36
C TYR D 420 -42.54 -35.31 -56.89
N LYS D 421 -43.55 -36.02 -56.46
CA LYS D 421 -43.34 -37.34 -55.94
C LYS D 421 -42.54 -38.25 -56.88
N CYS D 422 -43.01 -38.42 -58.15
CA CYS D 422 -42.32 -39.25 -59.16
C CYS D 422 -41.43 -38.50 -60.11
N LEU D 423 -41.22 -37.21 -59.86
CA LEU D 423 -40.33 -36.45 -60.71
C LEU D 423 -40.77 -36.47 -62.16
N ALA D 424 -42.06 -36.24 -62.40
CA ALA D 424 -42.60 -36.22 -63.77
C ALA D 424 -41.82 -35.19 -64.51
N ALA D 425 -41.79 -35.37 -65.80
CA ALA D 425 -41.06 -34.50 -66.67
C ALA D 425 -41.95 -33.41 -67.25
N ALA D 426 -43.22 -33.52 -66.92
CA ALA D 426 -44.19 -32.58 -67.38
C ALA D 426 -45.58 -32.95 -66.93
N LEU D 427 -46.50 -31.99 -67.12
CA LEU D 427 -47.89 -32.16 -66.83
C LEU D 427 -48.63 -31.84 -68.07
N ILE D 428 -49.54 -32.67 -68.46
CA ILE D 428 -50.23 -32.31 -69.65
C ILE D 428 -51.61 -31.92 -69.30
N VAL D 429 -52.06 -30.82 -69.85
CA VAL D 429 -53.42 -30.42 -69.53
C VAL D 429 -54.16 -30.06 -70.77
N LEU D 430 -55.35 -30.63 -70.94
CA LEU D 430 -56.21 -30.30 -72.05
C LEU D 430 -57.23 -29.22 -71.61
N THR D 431 -57.21 -28.02 -72.22
CA THR D 431 -58.14 -27.00 -71.80
C THR D 431 -58.51 -26.04 -72.90
N GLU D 432 -59.77 -25.61 -72.84
CA GLU D 432 -60.28 -24.63 -73.79
C GLU D 432 -60.45 -23.27 -73.12
N SER D 433 -60.85 -23.24 -71.84
CA SER D 433 -60.98 -21.97 -71.12
C SER D 433 -59.60 -21.50 -70.72
N GLY D 434 -58.79 -22.49 -70.30
CA GLY D 434 -57.45 -22.26 -69.82
C GLY D 434 -57.43 -22.28 -68.28
N ARG D 435 -58.61 -22.27 -67.69
CA ARG D 435 -58.71 -22.28 -66.26
C ARG D 435 -58.06 -23.46 -65.55
N SER D 436 -58.39 -24.64 -66.06
CA SER D 436 -57.92 -25.93 -65.56
C SER D 436 -56.40 -25.98 -65.52
N ALA D 437 -55.80 -25.13 -66.37
CA ALA D 437 -54.34 -25.03 -66.47
C ALA D 437 -53.77 -24.01 -65.52
N HIS D 438 -54.49 -22.89 -65.47
CA HIS D 438 -54.18 -21.79 -64.61
C HIS D 438 -53.98 -22.36 -63.20
N GLN D 439 -55.03 -23.05 -62.73
CA GLN D 439 -55.12 -23.77 -61.43
C GLN D 439 -53.84 -24.56 -61.09
N VAL D 440 -53.39 -25.41 -62.00
CA VAL D 440 -52.17 -26.18 -61.80
C VAL D 440 -50.94 -25.32 -61.72
N ALA D 441 -50.96 -24.30 -62.54
CA ALA D 441 -49.86 -23.36 -62.62
C ALA D 441 -49.66 -22.61 -61.30
N ARG D 442 -50.77 -22.17 -60.74
CA ARG D 442 -50.80 -21.45 -59.47
C ARG D 442 -50.10 -22.21 -58.40
N TYR D 443 -50.17 -23.52 -58.51
CA TYR D 443 -49.54 -24.37 -57.56
C TYR D 443 -48.11 -24.63 -57.79
N ARG D 444 -47.55 -24.02 -58.78
CA ARG D 444 -46.14 -24.11 -58.97
C ARG D 444 -45.44 -25.48 -59.05
N PRO D 445 -45.72 -26.18 -60.12
CA PRO D 445 -45.06 -27.46 -60.32
C PRO D 445 -43.63 -27.18 -60.68
N ARG D 446 -42.79 -28.20 -60.78
CA ARG D 446 -41.38 -27.98 -61.17
C ARG D 446 -41.25 -28.22 -62.68
N ALA D 447 -42.03 -29.15 -63.19
CA ALA D 447 -42.01 -29.46 -64.58
C ALA D 447 -42.93 -28.56 -65.39
N PRO D 448 -42.68 -28.51 -66.65
CA PRO D 448 -43.46 -27.70 -67.55
C PRO D 448 -44.89 -28.12 -67.64
N ILE D 449 -45.80 -27.17 -67.80
CA ILE D 449 -47.21 -27.47 -67.96
C ILE D 449 -47.55 -27.26 -69.41
N ILE D 450 -47.71 -28.36 -70.14
CA ILE D 450 -48.04 -28.32 -71.55
C ILE D 450 -49.53 -28.20 -71.70
N ALA D 451 -50.02 -27.05 -72.14
CA ALA D 451 -51.44 -26.93 -72.28
C ALA D 451 -51.85 -27.03 -73.72
N VAL D 452 -52.81 -27.92 -73.99
CA VAL D 452 -53.32 -28.17 -75.31
C VAL D 452 -54.72 -27.67 -75.55
N THR D 453 -54.81 -26.58 -76.23
CA THR D 453 -56.10 -26.04 -76.48
C THR D 453 -56.32 -25.98 -77.94
N ARG D 454 -57.56 -25.78 -78.27
CA ARG D 454 -58.01 -25.58 -79.61
C ARG D 454 -58.42 -24.09 -79.80
N ASN D 455 -58.32 -23.33 -78.71
CA ASN D 455 -58.71 -21.93 -78.69
C ASN D 455 -57.49 -21.05 -78.68
N HIS D 456 -57.33 -20.23 -79.73
CA HIS D 456 -56.15 -19.35 -79.92
C HIS D 456 -55.88 -18.29 -78.87
N GLN D 457 -56.89 -17.48 -78.54
CA GLN D 457 -56.72 -16.45 -77.54
C GLN D 457 -56.16 -17.04 -76.26
N THR D 458 -56.75 -18.20 -75.94
CA THR D 458 -56.36 -18.97 -74.75
C THR D 458 -54.88 -19.25 -74.78
N ALA D 459 -54.48 -19.85 -75.86
CA ALA D 459 -53.11 -20.19 -76.05
C ALA D 459 -52.26 -18.95 -75.95
N ARG D 460 -52.78 -17.87 -76.41
CA ARG D 460 -51.93 -16.73 -76.34
C ARG D 460 -51.83 -16.24 -74.97
N GLN D 461 -53.02 -16.00 -74.42
CA GLN D 461 -53.13 -15.46 -73.08
C GLN D 461 -52.43 -16.29 -71.95
N ALA D 462 -52.28 -17.58 -72.19
CA ALA D 462 -51.68 -18.50 -71.27
C ALA D 462 -50.26 -18.21 -70.92
N HIS D 463 -49.58 -17.44 -71.72
CA HIS D 463 -48.17 -17.16 -71.42
C HIS D 463 -48.03 -16.35 -70.22
N LEU D 464 -49.14 -15.69 -69.94
CA LEU D 464 -49.26 -14.80 -68.82
C LEU D 464 -48.91 -15.53 -67.55
N TYR D 465 -49.11 -16.87 -67.60
CA TYR D 465 -48.88 -17.81 -66.48
C TYR D 465 -47.56 -18.61 -66.52
N ARG D 466 -46.99 -18.72 -65.33
CA ARG D 466 -45.80 -19.48 -65.13
C ARG D 466 -46.07 -20.95 -65.45
N GLY D 467 -45.03 -21.67 -65.84
CA GLY D 467 -45.18 -23.08 -66.17
C GLY D 467 -45.97 -23.41 -67.47
N ILE D 468 -46.99 -22.62 -67.79
CA ILE D 468 -47.72 -22.95 -68.99
C ILE D 468 -46.95 -22.64 -70.23
N PHE D 469 -46.91 -23.68 -71.07
CA PHE D 469 -46.30 -23.74 -72.37
C PHE D 469 -47.40 -24.14 -73.34
N PRO D 470 -48.15 -23.17 -73.87
CA PRO D 470 -49.28 -23.45 -74.75
C PRO D 470 -48.95 -24.05 -76.12
N VAL D 471 -49.71 -25.10 -76.45
CA VAL D 471 -49.67 -25.85 -77.70
C VAL D 471 -51.05 -25.77 -78.37
N VAL D 472 -51.09 -25.32 -79.60
CA VAL D 472 -52.35 -25.25 -80.31
C VAL D 472 -52.64 -26.45 -81.18
N CYS D 473 -53.87 -26.90 -81.09
CA CYS D 473 -54.32 -28.07 -81.78
C CYS D 473 -55.18 -27.63 -82.90
N LYS D 474 -54.66 -27.85 -84.09
CA LYS D 474 -55.32 -27.44 -85.31
C LYS D 474 -56.29 -28.50 -85.86
N ASP D 475 -55.97 -29.77 -85.60
CA ASP D 475 -56.80 -30.87 -86.04
C ASP D 475 -58.22 -30.86 -85.51
N PRO D 476 -59.12 -30.94 -86.44
CA PRO D 476 -60.55 -30.97 -86.20
C PRO D 476 -61.00 -31.95 -85.12
N VAL D 477 -62.14 -31.62 -84.53
CA VAL D 477 -62.74 -32.44 -83.49
C VAL D 477 -63.17 -33.80 -83.98
N GLN D 478 -62.77 -34.79 -83.21
CA GLN D 478 -63.14 -36.15 -83.50
C GLN D 478 -64.51 -36.38 -82.97
N GLU D 479 -65.14 -37.43 -83.44
CA GLU D 479 -66.49 -37.69 -83.00
C GLU D 479 -66.49 -38.40 -81.68
N ALA D 480 -65.48 -39.27 -81.54
CA ALA D 480 -65.30 -40.07 -80.33
C ALA D 480 -64.33 -39.48 -79.35
N TRP D 481 -64.94 -39.02 -78.24
CA TRP D 481 -64.33 -38.37 -77.10
C TRP D 481 -62.93 -38.86 -76.78
N ALA D 482 -62.82 -40.16 -76.55
CA ALA D 482 -61.52 -40.76 -76.24
C ALA D 482 -60.51 -40.42 -77.31
N GLU D 483 -60.92 -40.52 -78.59
CA GLU D 483 -60.02 -40.21 -79.72
C GLU D 483 -59.55 -38.76 -79.79
N ASP D 484 -60.51 -37.84 -79.68
CA ASP D 484 -60.17 -36.44 -79.66
C ASP D 484 -59.19 -36.18 -78.51
N VAL D 485 -59.51 -36.69 -77.30
CA VAL D 485 -58.56 -36.56 -76.21
C VAL D 485 -57.18 -37.11 -76.58
N ASP D 486 -57.08 -38.41 -76.82
CA ASP D 486 -55.78 -39.06 -77.16
C ASP D 486 -54.99 -38.40 -78.26
N LEU D 487 -55.71 -37.82 -79.20
CA LEU D 487 -55.08 -37.13 -80.29
C LEU D 487 -54.30 -36.00 -79.71
N ARG D 488 -55.05 -35.20 -78.93
CA ARG D 488 -54.51 -34.07 -78.24
C ARG D 488 -53.43 -34.51 -77.29
N VAL D 489 -53.60 -35.66 -76.67
CA VAL D 489 -52.49 -36.01 -75.81
C VAL D 489 -51.23 -36.28 -76.60
N ASN D 490 -51.39 -36.94 -77.74
CA ASN D 490 -50.24 -37.24 -78.55
C ASN D 490 -49.42 -36.06 -78.98
N LEU D 491 -50.15 -35.05 -79.45
CA LEU D 491 -49.55 -33.78 -79.85
C LEU D 491 -48.58 -33.31 -78.79
N ALA D 492 -49.09 -33.03 -77.54
CA ALA D 492 -48.19 -32.61 -76.45
C ALA D 492 -46.99 -33.55 -76.30
N MET D 493 -47.26 -34.81 -76.45
CA MET D 493 -46.21 -35.79 -76.36
C MET D 493 -45.14 -35.54 -77.40
N ASN D 494 -45.55 -35.46 -78.66
CA ASN D 494 -44.63 -35.22 -79.81
C ASN D 494 -43.83 -33.98 -79.63
N VAL D 495 -44.57 -32.92 -79.35
CA VAL D 495 -43.95 -31.64 -79.08
C VAL D 495 -42.93 -31.69 -77.93
N GLY D 496 -43.29 -32.30 -76.81
CA GLY D 496 -42.35 -32.33 -75.72
C GLY D 496 -41.09 -33.04 -76.08
N LYS D 497 -41.24 -34.17 -76.75
CA LYS D 497 -40.13 -34.99 -77.18
C LYS D 497 -39.23 -34.20 -78.12
N ALA D 498 -39.88 -33.40 -78.95
CA ALA D 498 -39.21 -32.58 -79.94
C ALA D 498 -38.44 -31.39 -79.37
N ARG D 499 -39.10 -30.65 -78.48
CA ARG D 499 -38.51 -29.49 -77.83
C ARG D 499 -37.42 -29.91 -76.81
N GLY D 500 -37.36 -31.22 -76.57
CA GLY D 500 -36.38 -31.80 -75.67
C GLY D 500 -36.73 -31.86 -74.22
N PHE D 501 -38.03 -31.78 -73.92
CA PHE D 501 -38.51 -31.81 -72.54
C PHE D 501 -38.46 -33.20 -71.87
N PHE D 502 -38.76 -34.20 -72.66
CA PHE D 502 -38.78 -35.55 -72.20
C PHE D 502 -38.49 -36.56 -73.30
N LYS D 503 -38.14 -37.74 -72.84
CA LYS D 503 -37.81 -38.85 -73.70
C LYS D 503 -38.89 -39.91 -73.67
N LYS D 504 -38.49 -41.11 -74.04
CA LYS D 504 -39.33 -42.27 -74.10
C LYS D 504 -39.57 -42.86 -72.73
N GLY D 505 -38.50 -42.94 -71.96
CA GLY D 505 -38.62 -43.49 -70.61
C GLY D 505 -39.55 -42.72 -69.67
N ASP D 506 -39.42 -41.40 -69.74
CA ASP D 506 -40.12 -40.39 -68.96
C ASP D 506 -41.60 -40.57 -68.58
N VAL D 507 -41.93 -40.04 -67.39
CA VAL D 507 -43.30 -40.10 -66.87
C VAL D 507 -43.90 -38.74 -66.99
N VAL D 508 -45.20 -38.71 -67.09
CA VAL D 508 -45.90 -37.51 -67.29
C VAL D 508 -47.27 -37.64 -66.72
N ILE D 509 -47.78 -36.54 -66.25
CA ILE D 509 -49.09 -36.53 -65.66
C ILE D 509 -50.08 -35.90 -66.58
N VAL D 510 -51.15 -36.63 -66.84
CA VAL D 510 -52.15 -36.15 -67.75
C VAL D 510 -53.49 -35.83 -67.15
N LEU D 511 -53.87 -34.60 -67.44
CA LEU D 511 -55.10 -34.08 -66.99
C LEU D 511 -56.01 -33.84 -68.13
N THR D 512 -57.16 -34.49 -68.03
CA THR D 512 -58.19 -34.47 -69.03
C THR D 512 -59.60 -34.51 -68.42
N GLY D 513 -60.59 -34.20 -69.25
CA GLY D 513 -61.98 -34.25 -68.86
C GLY D 513 -62.53 -35.68 -69.06
N TRP D 514 -63.21 -36.23 -68.07
CA TRP D 514 -63.73 -37.57 -68.20
C TRP D 514 -64.64 -37.67 -69.40
N ARG D 515 -65.50 -36.66 -69.53
CA ARG D 515 -66.47 -36.56 -70.63
C ARG D 515 -66.54 -35.14 -71.15
N PRO D 516 -67.01 -35.01 -72.36
CA PRO D 516 -67.09 -33.70 -72.91
C PRO D 516 -68.06 -32.96 -72.04
N GLY D 517 -67.78 -31.72 -71.81
CA GLY D 517 -68.67 -30.98 -70.95
C GLY D 517 -68.53 -31.47 -69.54
N SER D 518 -67.32 -31.71 -69.10
CA SER D 518 -67.14 -32.13 -67.73
C SER D 518 -67.02 -30.86 -66.87
N GLY D 519 -66.64 -29.74 -67.50
CA GLY D 519 -66.48 -28.45 -66.81
C GLY D 519 -65.06 -28.13 -66.41
N PHE D 520 -64.35 -29.18 -65.98
CA PHE D 520 -62.98 -29.07 -65.58
C PHE D 520 -62.33 -30.39 -65.78
N THR D 521 -61.02 -30.37 -65.75
CA THR D 521 -60.23 -31.57 -65.91
C THR D 521 -60.39 -32.52 -64.71
N ASN D 522 -61.46 -33.29 -64.65
CA ASN D 522 -61.61 -34.18 -63.51
C ASN D 522 -60.94 -35.55 -63.57
N THR D 523 -60.03 -35.76 -64.50
CA THR D 523 -59.37 -37.04 -64.64
C THR D 523 -57.85 -36.88 -64.50
N MET D 524 -57.19 -37.77 -63.77
CA MET D 524 -55.77 -37.61 -63.61
C MET D 524 -55.01 -38.90 -63.88
N ARG D 525 -53.87 -38.82 -64.55
CA ARG D 525 -53.17 -40.06 -64.82
C ARG D 525 -51.68 -39.95 -64.97
N VAL D 526 -51.04 -41.02 -64.61
CA VAL D 526 -49.62 -41.11 -64.71
C VAL D 526 -49.33 -41.95 -65.88
N VAL D 527 -48.76 -41.34 -66.87
CA VAL D 527 -48.44 -42.07 -68.08
C VAL D 527 -46.98 -41.89 -68.53
N PRO D 528 -46.46 -42.88 -69.26
CA PRO D 528 -45.10 -42.85 -69.78
C PRO D 528 -45.07 -42.41 -71.22
N VAL D 529 -44.06 -41.60 -71.49
CA VAL D 529 -43.86 -41.11 -72.81
C VAL D 529 -43.59 -42.31 -73.68
N PRO D 530 -44.39 -42.42 -74.72
CA PRO D 530 -44.30 -43.49 -75.68
C PRO D 530 -43.06 -43.36 -76.55
N ILE E 12 14.61 26.21 43.07
CA ILE E 12 15.59 25.29 43.68
C ILE E 12 16.23 24.26 42.74
N GLN E 13 17.56 24.14 42.84
CA GLN E 13 18.38 23.25 42.04
C GLN E 13 18.46 21.82 42.55
N THR E 14 18.64 20.91 41.62
CA THR E 14 18.74 19.50 41.89
C THR E 14 20.18 18.98 41.98
N GLN E 15 20.29 17.74 42.48
CA GLN E 15 21.53 17.05 42.55
C GLN E 15 22.68 17.84 43.13
N GLN E 16 22.37 18.88 43.88
CA GLN E 16 23.41 19.66 44.55
C GLN E 16 24.31 20.44 43.59
N LEU E 17 23.66 20.95 42.57
CA LEU E 17 24.26 21.68 41.49
C LEU E 17 24.76 23.01 41.91
N HIS E 18 24.13 23.56 42.91
CA HIS E 18 24.59 24.84 43.37
C HIS E 18 25.97 24.66 44.02
N ALA E 19 26.09 23.64 44.82
CA ALA E 19 27.33 23.36 45.45
C ALA E 19 28.37 22.84 44.46
N ALA E 20 27.90 22.24 43.37
CA ALA E 20 28.79 21.66 42.37
C ALA E 20 29.73 22.69 41.81
N MET E 21 29.18 23.86 41.73
CA MET E 21 29.86 25.00 41.23
C MET E 21 30.64 25.77 42.28
N ALA E 22 30.82 25.20 43.46
CA ALA E 22 31.58 25.94 44.46
C ALA E 22 33.03 26.10 43.95
N ASP E 23 33.71 27.17 44.37
CA ASP E 23 35.10 27.49 43.97
C ASP E 23 36.16 26.82 44.86
N THR E 24 35.80 26.79 46.15
CA THR E 24 36.54 26.25 47.27
C THR E 24 35.80 25.05 47.87
N PHE E 25 36.44 24.36 48.78
CA PHE E 25 35.77 23.21 49.35
C PHE E 25 34.77 23.63 50.41
N LEU E 26 35.17 24.60 51.19
CA LEU E 26 34.36 25.13 52.23
C LEU E 26 33.01 25.53 51.69
N GLU E 27 33.04 26.21 50.55
CA GLU E 27 31.81 26.68 49.92
C GLU E 27 31.02 25.55 49.37
N HIS E 28 31.71 24.46 49.06
CA HIS E 28 30.98 23.31 48.58
C HIS E 28 30.09 22.79 49.70
N MET E 29 30.71 22.71 50.86
CA MET E 29 30.07 22.27 52.08
C MET E 29 28.91 23.18 52.44
N CYS E 30 29.24 24.48 52.63
CA CYS E 30 28.24 25.50 52.98
C CYS E 30 27.05 25.61 52.02
N ARG E 31 27.06 24.96 50.84
CA ARG E 31 25.97 25.10 49.87
C ARG E 31 25.08 23.86 49.78
N LEU E 32 25.38 22.89 50.62
CA LEU E 32 24.62 21.68 50.66
C LEU E 32 23.19 22.09 51.05
N ASP E 33 22.21 21.45 50.45
CA ASP E 33 20.81 21.80 50.59
C ASP E 33 19.92 20.58 50.79
N ILE E 34 19.28 20.52 51.92
CA ILE E 34 18.47 19.37 52.12
C ILE E 34 17.27 19.38 51.21
N ASP E 35 17.15 20.43 50.39
CA ASP E 35 16.05 20.48 49.45
C ASP E 35 16.47 20.22 48.02
N SER E 36 17.79 20.08 47.80
CA SER E 36 18.27 19.79 46.46
C SER E 36 18.06 18.32 46.23
N ALA E 37 17.08 17.97 45.40
CA ALA E 37 16.82 16.55 45.18
C ALA E 37 17.83 15.76 44.33
N PRO E 38 18.04 14.54 44.80
CA PRO E 38 18.88 13.52 44.19
C PRO E 38 18.26 12.85 42.94
N ILE E 39 19.11 12.16 42.17
CA ILE E 39 18.66 11.48 40.95
C ILE E 39 18.06 10.14 41.24
N THR E 40 17.33 9.58 40.31
CA THR E 40 16.77 8.30 40.68
C THR E 40 17.78 7.18 40.73
N ALA E 41 18.99 7.41 40.21
CA ALA E 41 20.05 6.40 40.13
C ALA E 41 21.08 6.41 41.22
N ARG E 42 21.45 5.19 41.67
CA ARG E 42 22.46 4.93 42.72
C ARG E 42 23.71 4.22 42.17
N ASN E 43 24.81 4.96 42.24
CA ASN E 43 26.09 4.56 41.70
C ASN E 43 26.92 3.60 42.51
N THR E 44 26.86 3.74 43.84
CA THR E 44 27.55 2.89 44.81
C THR E 44 26.90 1.52 44.90
N GLY E 45 27.70 0.48 45.01
CA GLY E 45 27.08 -0.83 45.06
C GLY E 45 26.95 -1.42 46.44
N ILE E 46 25.84 -2.11 46.59
CA ILE E 46 25.54 -2.74 47.83
C ILE E 46 25.81 -4.22 47.78
N ILE E 47 26.77 -4.66 48.59
CA ILE E 47 27.07 -6.05 48.66
C ILE E 47 26.42 -6.57 49.90
N CYS E 48 25.47 -7.52 49.76
CA CYS E 48 24.71 -8.09 50.91
C CYS E 48 25.14 -9.47 51.36
N THR E 49 25.60 -9.54 52.60
CA THR E 49 25.97 -10.83 53.05
C THR E 49 24.72 -11.59 53.21
N ILE E 50 24.62 -12.69 52.50
CA ILE E 50 23.45 -13.53 52.58
C ILE E 50 23.59 -14.51 53.74
N GLY E 51 22.44 -14.80 54.34
CA GLY E 51 22.33 -15.68 55.48
C GLY E 51 20.90 -16.26 55.60
N PRO E 52 20.60 -16.80 56.77
CA PRO E 52 19.31 -17.43 57.10
C PRO E 52 18.09 -16.55 57.01
N ALA E 53 18.32 -15.26 57.12
CA ALA E 53 17.28 -14.27 57.16
C ALA E 53 16.84 -13.84 55.79
N SER E 54 17.80 -13.96 54.90
CA SER E 54 17.70 -13.58 53.52
C SER E 54 18.20 -14.66 52.60
N ARG E 55 17.98 -15.89 53.00
CA ARG E 55 18.41 -17.01 52.20
C ARG E 55 17.18 -17.43 51.44
N SER E 56 16.05 -17.00 51.96
CA SER E 56 14.80 -17.36 51.33
C SER E 56 14.71 -16.76 49.94
N VAL E 57 14.14 -17.53 49.02
CA VAL E 57 13.99 -17.02 47.67
C VAL E 57 13.13 -15.76 47.59
N GLU E 58 12.00 -15.79 48.28
CA GLU E 58 11.08 -14.68 48.26
C GLU E 58 11.63 -13.41 48.87
N THR E 59 12.55 -13.57 49.78
CA THR E 59 13.20 -12.44 50.39
C THR E 59 14.28 -11.87 49.48
N LEU E 60 14.83 -12.74 48.62
CA LEU E 60 15.87 -12.36 47.69
C LEU E 60 15.30 -11.41 46.66
N LYS E 61 14.25 -11.89 46.02
CA LYS E 61 13.51 -11.17 45.03
C LYS E 61 13.21 -9.82 45.52
N GLU E 62 12.97 -9.78 46.85
CA GLU E 62 12.64 -8.59 47.62
C GLU E 62 13.87 -7.77 47.88
N MET E 63 14.96 -8.47 48.02
CA MET E 63 16.21 -7.82 48.26
C MET E 63 16.78 -7.29 46.98
N ILE E 64 16.62 -8.08 45.93
CA ILE E 64 17.12 -7.64 44.67
C ILE E 64 16.34 -6.42 44.26
N LYS E 65 15.01 -6.55 44.39
CA LYS E 65 14.07 -5.52 44.03
C LYS E 65 14.34 -4.21 44.74
N SER E 66 15.10 -4.35 45.85
CA SER E 66 15.44 -3.28 46.79
C SER E 66 16.81 -2.66 46.62
N GLY E 67 17.57 -3.13 45.65
CA GLY E 67 18.86 -2.55 45.43
C GLY E 67 20.06 -3.48 45.50
N MET E 68 19.87 -4.73 45.92
CA MET E 68 21.00 -5.63 46.00
C MET E 68 21.72 -5.74 44.65
N ASN E 69 23.05 -5.85 44.75
CA ASN E 69 23.94 -5.95 43.58
C ASN E 69 24.87 -7.17 43.68
N VAL E 70 25.39 -7.38 44.88
CA VAL E 70 26.25 -8.52 45.12
C VAL E 70 25.84 -9.34 46.33
N ALA E 71 25.71 -10.66 46.14
CA ALA E 71 25.36 -11.63 47.18
C ALA E 71 26.61 -12.34 47.71
N ARG E 72 26.96 -12.06 48.98
CA ARG E 72 28.15 -12.61 49.59
C ARG E 72 27.91 -13.78 50.51
N MET E 73 28.73 -14.82 50.33
CA MET E 73 28.68 -16.05 51.10
C MET E 73 29.80 -16.15 52.12
N ASN E 74 29.49 -16.07 53.41
CA ASN E 74 30.58 -16.19 54.37
C ASN E 74 31.14 -17.58 54.51
N PHE E 75 32.27 -17.79 53.84
CA PHE E 75 32.90 -19.09 53.90
C PHE E 75 33.42 -19.49 55.25
N SER E 76 33.42 -18.53 56.18
CA SER E 76 33.89 -18.84 57.50
C SER E 76 32.89 -19.75 58.20
N HIS E 77 31.79 -19.98 57.52
CA HIS E 77 30.73 -20.76 58.10
C HIS E 77 30.07 -21.62 57.09
N GLY E 78 29.37 -22.60 57.63
CA GLY E 78 28.62 -23.48 56.81
C GLY E 78 29.47 -24.44 56.07
N THR E 79 28.76 -25.23 55.33
CA THR E 79 29.33 -26.26 54.54
C THR E 79 28.99 -25.95 53.13
N HIS E 80 29.51 -26.80 52.28
CA HIS E 80 29.21 -26.64 50.91
C HIS E 80 27.70 -26.74 50.67
N GLU E 81 27.12 -27.92 50.90
CA GLU E 81 25.69 -28.20 50.67
C GLU E 81 24.76 -27.07 51.04
N TYR E 82 25.17 -26.35 52.07
CA TYR E 82 24.42 -25.21 52.52
C TYR E 82 24.56 -24.13 51.48
N HIS E 83 25.77 -23.56 51.45
CA HIS E 83 26.18 -22.50 50.55
C HIS E 83 25.58 -22.61 49.15
N ALA E 84 25.78 -23.77 48.52
CA ALA E 84 25.27 -24.04 47.19
C ALA E 84 23.81 -23.72 47.10
N GLU E 85 23.13 -24.04 48.19
CA GLU E 85 21.70 -23.82 48.24
C GLU E 85 21.37 -22.35 48.29
N THR E 86 22.16 -21.62 49.06
CA THR E 86 21.97 -20.20 49.10
C THR E 86 22.22 -19.71 47.67
N ILE E 87 23.39 -20.08 47.17
CA ILE E 87 23.80 -19.73 45.84
C ILE E 87 22.74 -20.07 44.84
N LYS E 88 22.22 -21.24 44.97
CA LYS E 88 21.22 -21.64 44.04
C LYS E 88 20.00 -20.77 44.11
N ASN E 89 19.65 -20.40 45.32
CA ASN E 89 18.44 -19.59 45.46
C ASN E 89 18.55 -18.25 44.82
N VAL E 90 19.70 -17.67 45.14
CA VAL E 90 20.12 -16.40 44.65
C VAL E 90 19.86 -16.40 43.20
N ARG E 91 20.37 -17.47 42.57
CA ARG E 91 20.28 -17.66 41.14
C ARG E 91 18.88 -17.84 40.61
N THR E 92 18.00 -18.32 41.47
CA THR E 92 16.64 -18.53 41.06
C THR E 92 15.88 -17.24 41.10
N ALA E 93 16.18 -16.52 42.19
CA ALA E 93 15.67 -15.21 42.52
C ALA E 93 16.07 -14.23 41.43
N THR E 94 17.40 -14.10 41.23
CA THR E 94 17.99 -13.23 40.20
C THR E 94 17.36 -13.43 38.82
N GLU E 95 17.17 -14.69 38.47
CA GLU E 95 16.63 -15.05 37.18
C GLU E 95 15.15 -14.89 37.00
N SER E 96 14.40 -14.99 38.08
CA SER E 96 12.97 -14.84 37.98
C SER E 96 12.49 -13.52 37.37
N PHE E 97 13.46 -12.67 36.98
CA PHE E 97 13.20 -11.36 36.35
C PHE E 97 13.85 -11.29 34.99
N ALA E 98 14.24 -12.44 34.44
CA ALA E 98 14.92 -12.46 33.15
C ALA E 98 14.01 -12.44 31.90
N SER E 99 12.70 -12.39 32.15
CA SER E 99 11.66 -12.34 31.11
C SER E 99 11.55 -10.97 30.45
N ASP E 100 12.21 -10.00 31.09
CA ASP E 100 12.25 -8.62 30.66
C ASP E 100 13.68 -8.15 30.68
N PRO E 101 14.32 -8.17 29.51
CA PRO E 101 15.69 -7.73 29.38
C PRO E 101 15.83 -6.32 29.94
N ILE E 102 14.68 -5.65 30.00
CA ILE E 102 14.50 -4.31 30.53
C ILE E 102 14.32 -4.21 32.05
N LEU E 103 13.85 -5.25 32.72
CA LEU E 103 13.74 -5.12 34.15
C LEU E 103 14.64 -6.07 34.87
N TYR E 104 15.34 -6.73 34.02
CA TYR E 104 16.29 -7.67 34.48
C TYR E 104 17.51 -7.02 35.09
N ARG E 105 17.70 -7.34 36.34
CA ARG E 105 18.83 -6.81 37.04
C ARG E 105 19.73 -7.96 37.42
N PRO E 106 20.94 -7.95 36.88
CA PRO E 106 21.99 -8.92 37.16
C PRO E 106 22.50 -8.85 38.59
N VAL E 107 22.84 -10.02 39.12
CA VAL E 107 23.38 -10.18 40.47
C VAL E 107 24.65 -11.07 40.45
N ALA E 108 25.69 -10.52 41.06
CA ALA E 108 26.97 -11.14 41.21
C ALA E 108 26.94 -12.04 42.45
N VAL E 109 27.87 -12.98 42.56
CA VAL E 109 27.95 -13.91 43.67
C VAL E 109 29.40 -14.01 44.03
N ALA E 110 29.68 -13.84 45.30
CA ALA E 110 31.05 -13.84 45.76
C ALA E 110 31.42 -14.78 46.92
N LEU E 111 32.68 -15.24 46.91
CA LEU E 111 33.18 -16.11 47.94
C LEU E 111 34.11 -15.43 48.91
N ASP E 112 33.60 -15.17 50.10
CA ASP E 112 34.45 -14.65 51.12
C ASP E 112 35.00 -15.89 51.79
N THR E 113 36.30 -15.98 51.81
CA THR E 113 37.07 -17.10 52.35
C THR E 113 37.32 -16.98 53.85
N LYS E 114 37.53 -18.06 54.61
CA LYS E 114 37.77 -17.93 56.04
C LYS E 114 39.24 -17.58 56.38
N GLY E 115 40.12 -18.27 55.69
CA GLY E 115 41.56 -18.10 55.84
C GLY E 115 42.10 -18.64 57.19
N PRO E 116 43.35 -18.26 57.45
CA PRO E 116 44.18 -18.64 58.61
C PRO E 116 43.87 -17.95 59.96
N GLU E 117 44.07 -18.67 61.16
CA GLU E 117 43.80 -18.24 62.59
C GLU E 117 45.04 -18.28 63.52
N PRO E 211 50.07 -8.49 65.94
CA PRO E 211 49.91 -6.99 65.69
C PRO E 211 51.29 -6.43 65.55
N GLY E 212 51.49 -5.79 64.39
CA GLY E 212 52.78 -5.11 64.10
C GLY E 212 53.73 -6.21 63.69
N ALA E 213 53.08 -7.39 63.58
CA ALA E 213 53.64 -8.68 63.23
C ALA E 213 53.66 -9.03 61.76
N ALA E 214 54.60 -9.92 61.45
CA ALA E 214 54.85 -10.51 60.14
C ALA E 214 54.49 -12.00 60.20
N VAL E 215 53.23 -12.30 59.92
CA VAL E 215 52.83 -13.67 60.02
C VAL E 215 53.27 -14.57 58.90
N ASP E 216 53.84 -15.68 59.35
CA ASP E 216 54.42 -16.75 58.57
C ASP E 216 53.41 -17.63 57.84
N LEU E 217 52.18 -17.62 58.33
CA LEU E 217 51.09 -18.42 57.82
C LEU E 217 50.93 -18.50 56.30
N PRO E 218 50.47 -19.68 55.86
CA PRO E 218 50.26 -19.94 54.45
C PRO E 218 49.25 -18.94 53.93
N ALA E 219 49.44 -18.49 52.69
CA ALA E 219 48.54 -17.55 52.07
C ALA E 219 47.10 -18.03 52.21
N VAL E 220 46.94 -19.33 52.05
CA VAL E 220 45.64 -19.97 52.13
C VAL E 220 45.52 -20.90 53.35
N SER E 221 44.44 -21.67 53.35
CA SER E 221 44.17 -22.65 54.38
C SER E 221 43.67 -23.89 53.65
N GLU E 222 44.00 -25.07 54.18
CA GLU E 222 43.61 -26.34 53.58
C GLU E 222 42.12 -26.31 53.25
N LYS E 223 41.41 -25.51 54.05
CA LYS E 223 39.97 -25.25 53.95
C LYS E 223 39.70 -24.34 52.77
N ASP E 224 40.37 -23.17 52.83
CA ASP E 224 40.28 -22.13 51.82
C ASP E 224 40.43 -22.79 50.47
N ILE E 225 41.43 -23.67 50.42
CA ILE E 225 41.70 -24.43 49.24
C ILE E 225 40.44 -25.13 48.70
N GLN E 226 39.91 -26.11 49.42
CA GLN E 226 38.71 -26.80 48.96
C GLN E 226 37.54 -25.85 48.71
N ASP E 227 37.62 -24.70 49.38
CA ASP E 227 36.63 -23.65 49.28
C ASP E 227 36.68 -23.07 47.88
N LEU E 228 37.86 -22.56 47.59
CA LEU E 228 38.18 -21.96 46.32
C LEU E 228 37.71 -22.85 45.19
N LYS E 229 38.15 -24.10 45.28
CA LYS E 229 37.83 -25.07 44.27
C LYS E 229 36.36 -25.15 44.13
N PHE E 230 35.75 -25.10 45.27
CA PHE E 230 34.34 -25.19 45.32
C PHE E 230 33.71 -23.94 44.75
N GLY E 231 34.45 -22.85 44.80
CA GLY E 231 33.96 -21.60 44.28
C GLY E 231 34.01 -21.63 42.79
N VAL E 232 35.17 -21.98 42.30
CA VAL E 232 35.41 -22.12 40.88
C VAL E 232 34.29 -22.93 40.17
N GLU E 233 33.93 -24.04 40.80
CA GLU E 233 32.92 -24.98 40.35
C GLU E 233 31.52 -24.40 40.28
N GLN E 234 31.39 -23.33 41.02
CA GLN E 234 30.13 -22.60 41.15
C GLN E 234 30.02 -21.34 40.28
N ASP E 235 31.00 -21.02 39.48
CA ASP E 235 30.94 -19.83 38.66
C ASP E 235 30.81 -18.60 39.55
N VAL E 236 31.58 -18.56 40.61
CA VAL E 236 31.54 -17.41 41.48
C VAL E 236 32.22 -16.25 40.79
N ASP E 237 31.52 -15.14 40.70
CA ASP E 237 32.04 -13.97 40.05
C ASP E 237 33.36 -13.43 40.60
N MET E 238 33.69 -13.73 41.87
CA MET E 238 34.91 -13.19 42.46
C MET E 238 35.03 -13.68 43.86
N VAL E 239 36.17 -13.43 44.48
CA VAL E 239 36.40 -13.96 45.80
C VAL E 239 37.02 -12.95 46.74
N PHE E 240 36.64 -12.94 48.01
CA PHE E 240 37.32 -11.99 48.87
C PHE E 240 38.35 -12.72 49.65
N ALA E 241 39.59 -12.50 49.25
CA ALA E 241 40.75 -13.11 49.87
C ALA E 241 41.01 -12.57 51.25
N SER E 242 40.72 -13.38 52.27
CA SER E 242 40.95 -12.98 53.64
C SER E 242 42.41 -12.99 54.05
N PHE E 243 42.70 -12.13 55.00
CA PHE E 243 44.01 -11.96 55.57
C PHE E 243 45.09 -11.89 54.52
N ILE E 244 45.27 -10.68 53.96
CA ILE E 244 46.29 -10.47 52.93
C ILE E 244 47.40 -9.57 53.46
N ARG E 245 48.66 -9.94 53.25
CA ARG E 245 49.70 -9.11 53.81
C ARG E 245 50.75 -8.73 52.83
N LYS E 246 50.94 -9.60 51.89
CA LYS E 246 51.97 -9.34 50.94
C LYS E 246 51.45 -9.82 49.62
N ALA E 247 52.09 -9.40 48.56
CA ALA E 247 51.65 -9.83 47.23
C ALA E 247 51.64 -11.34 47.10
N ALA E 248 52.63 -11.99 47.70
CA ALA E 248 52.76 -13.42 47.67
C ALA E 248 51.47 -14.12 48.03
N ASP E 249 50.80 -13.54 49.02
CA ASP E 249 49.58 -14.14 49.44
C ASP E 249 48.61 -14.19 48.28
N VAL E 250 48.48 -13.05 47.57
CA VAL E 250 47.59 -12.92 46.41
C VAL E 250 47.92 -13.89 45.30
N HIS E 251 49.23 -14.01 45.08
CA HIS E 251 49.78 -14.89 44.08
C HIS E 251 49.31 -16.32 44.25
N GLU E 252 49.50 -16.83 45.48
CA GLU E 252 49.12 -18.20 45.86
C GLU E 252 47.66 -18.47 45.58
N VAL E 253 46.88 -17.45 45.80
CA VAL E 253 45.47 -17.60 45.56
C VAL E 253 45.20 -17.91 44.10
N ARG E 254 45.61 -16.94 43.28
CA ARG E 254 45.47 -17.00 41.86
C ARG E 254 45.89 -18.37 41.32
N LYS E 255 46.97 -18.89 41.93
CA LYS E 255 47.55 -20.18 41.55
C LYS E 255 46.56 -21.31 41.72
N ILE E 256 45.84 -21.21 42.82
CA ILE E 256 44.86 -22.20 43.15
C ILE E 256 43.79 -22.29 42.07
N LEU E 257 43.07 -21.19 41.91
CA LEU E 257 41.99 -21.07 40.94
C LEU E 257 42.49 -21.52 39.60
N GLY E 258 43.70 -21.06 39.36
CA GLY E 258 44.46 -21.31 38.17
C GLY E 258 43.76 -20.86 36.91
N GLU E 259 43.81 -21.76 35.96
CA GLU E 259 43.26 -21.55 34.67
C GLU E 259 41.76 -21.74 34.65
N LYS E 260 41.26 -22.61 35.49
CA LYS E 260 39.83 -22.76 35.43
C LYS E 260 39.15 -21.48 35.85
N GLY E 261 39.68 -20.87 36.91
CA GLY E 261 39.14 -19.62 37.40
C GLY E 261 40.13 -18.51 37.14
N LYS E 262 40.10 -17.94 35.95
CA LYS E 262 41.07 -16.90 35.65
C LYS E 262 40.42 -15.56 35.48
N ASN E 263 39.12 -15.60 35.24
CA ASN E 263 38.42 -14.35 35.15
C ASN E 263 37.77 -14.11 36.49
N ILE E 264 38.15 -14.92 37.47
CA ILE E 264 37.60 -14.70 38.79
C ILE E 264 38.33 -13.52 39.36
N LYS E 265 37.58 -12.46 39.72
CA LYS E 265 38.23 -11.29 40.29
C LYS E 265 38.56 -11.52 41.75
N ILE E 266 39.79 -11.14 42.10
CA ILE E 266 40.35 -11.29 43.43
C ILE E 266 40.36 -9.99 44.24
N ILE E 267 39.62 -9.99 45.36
CA ILE E 267 39.54 -8.87 46.28
C ILE E 267 40.26 -9.16 47.59
N SER E 268 41.36 -8.47 47.75
CA SER E 268 42.15 -8.65 48.92
C SER E 268 41.53 -8.02 50.14
N LYS E 269 41.67 -8.69 51.26
CA LYS E 269 41.09 -8.13 52.43
C LYS E 269 42.14 -7.64 53.37
N ILE E 270 42.16 -6.33 53.62
CA ILE E 270 43.15 -5.77 54.53
C ILE E 270 42.71 -5.85 55.98
N GLU E 271 43.14 -6.91 56.66
CA GLU E 271 42.76 -7.16 58.04
C GLU E 271 43.87 -6.75 59.02
N ASN E 272 45.03 -6.26 58.56
CA ASN E 272 46.09 -5.97 59.52
C ASN E 272 47.15 -4.94 59.15
N HIS E 273 48.17 -4.87 60.05
CA HIS E 273 49.33 -3.97 59.99
C HIS E 273 50.18 -4.14 58.76
N GLU E 274 50.41 -5.39 58.45
CA GLU E 274 51.22 -5.66 57.32
C GLU E 274 50.54 -5.12 56.08
N GLY E 275 49.46 -5.83 55.70
CA GLY E 275 48.64 -5.55 54.52
C GLY E 275 48.52 -4.07 54.26
N VAL E 276 48.47 -3.34 55.36
CA VAL E 276 48.40 -1.92 55.30
C VAL E 276 49.75 -1.34 54.92
N ARG E 277 50.74 -1.71 55.69
CA ARG E 277 52.06 -1.21 55.42
C ARG E 277 52.60 -1.64 54.06
N ARG E 278 52.10 -2.79 53.56
CA ARG E 278 52.46 -3.36 52.26
C ARG E 278 51.33 -3.19 51.28
N PHE E 279 50.64 -2.07 51.41
CA PHE E 279 49.49 -1.87 50.59
C PHE E 279 49.79 -1.75 49.13
N ASP E 280 50.77 -0.92 48.85
CA ASP E 280 51.20 -0.69 47.50
C ASP E 280 51.35 -1.95 46.65
N GLU E 281 52.20 -2.87 47.10
CA GLU E 281 52.42 -4.12 46.36
C GLU E 281 51.20 -5.02 46.29
N ILE E 282 50.35 -4.90 47.31
CA ILE E 282 49.14 -5.70 47.41
C ILE E 282 48.09 -5.23 46.43
N LEU E 283 48.04 -3.92 46.23
CA LEU E 283 47.08 -3.33 45.30
C LEU E 283 47.43 -3.78 43.91
N GLU E 284 48.72 -3.85 43.73
CA GLU E 284 49.32 -4.23 42.49
C GLU E 284 48.85 -5.57 41.95
N ALA E 285 48.92 -6.56 42.82
CA ALA E 285 48.53 -7.90 42.40
C ALA E 285 47.03 -8.20 42.56
N SER E 286 46.31 -7.26 43.16
CA SER E 286 44.90 -7.43 43.37
C SER E 286 44.02 -6.89 42.24
N ASP E 287 42.90 -7.55 42.06
CA ASP E 287 41.93 -7.16 41.07
C ASP E 287 41.02 -6.08 41.62
N GLY E 288 40.90 -6.08 42.96
CA GLY E 288 40.10 -5.17 43.78
C GLY E 288 40.51 -5.22 45.27
N ILE E 289 39.95 -4.34 46.09
CA ILE E 289 40.32 -4.34 47.49
C ILE E 289 39.18 -4.09 48.43
N MET E 290 39.21 -4.76 49.59
CA MET E 290 38.20 -4.62 50.64
C MET E 290 38.75 -4.10 51.97
N VAL E 291 38.17 -3.01 52.52
CA VAL E 291 38.58 -2.43 53.82
C VAL E 291 37.86 -3.19 54.92
N ALA E 292 38.39 -4.31 55.32
CA ALA E 292 37.73 -5.06 56.35
C ALA E 292 37.90 -4.35 57.67
N ARG E 293 37.06 -3.35 57.92
CA ARG E 293 37.23 -2.61 59.16
C ARG E 293 37.09 -3.38 60.45
N GLY E 294 36.50 -4.57 60.37
CA GLY E 294 36.30 -5.40 61.56
C GLY E 294 37.60 -5.88 62.19
N ASP E 295 38.03 -7.02 61.68
CA ASP E 295 39.26 -7.68 62.06
C ASP E 295 40.40 -6.62 62.11
N LEU E 296 40.29 -5.58 61.24
CA LEU E 296 41.29 -4.49 61.23
C LEU E 296 41.24 -3.66 62.54
N GLY E 297 40.05 -3.31 63.00
CA GLY E 297 39.89 -2.49 64.21
C GLY E 297 40.50 -3.17 65.41
N ILE E 298 40.85 -4.43 65.19
CA ILE E 298 41.44 -5.31 66.18
C ILE E 298 42.94 -5.12 66.26
N GLU E 299 43.62 -5.68 65.23
CA GLU E 299 45.05 -5.65 65.06
C GLU E 299 45.65 -4.27 65.18
N ILE E 300 44.83 -3.28 64.85
CA ILE E 300 45.19 -1.86 64.91
C ILE E 300 44.28 -1.02 65.82
N PRO E 301 44.83 0.02 66.39
CA PRO E 301 44.05 0.87 67.25
C PRO E 301 42.83 1.51 66.57
N ALA E 302 41.66 1.12 67.09
CA ALA E 302 40.33 1.54 66.65
C ALA E 302 40.19 2.95 66.11
N GLU E 303 40.99 3.87 66.69
CA GLU E 303 41.06 5.30 66.39
C GLU E 303 41.87 5.63 65.17
N LYS E 304 42.51 4.63 64.58
CA LYS E 304 43.31 4.92 63.41
C LYS E 304 42.61 4.41 62.17
N VAL E 305 41.57 3.58 62.40
CA VAL E 305 40.77 2.99 61.32
C VAL E 305 40.44 3.93 60.20
N PHE E 306 39.88 5.09 60.53
CA PHE E 306 39.59 6.02 59.48
C PHE E 306 40.88 6.40 58.70
N LEU E 307 42.02 6.54 59.38
CA LEU E 307 43.31 6.83 58.73
C LEU E 307 43.56 5.86 57.58
N ALA E 308 43.32 4.59 57.86
CA ALA E 308 43.48 3.51 56.89
C ALA E 308 42.55 3.67 55.70
N GLN E 309 41.27 3.40 56.00
CA GLN E 309 40.17 3.44 55.08
C GLN E 309 40.29 4.57 54.11
N LYS E 310 40.50 5.77 54.64
CA LYS E 310 40.68 6.94 53.80
C LYS E 310 41.77 6.70 52.80
N MET E 311 42.95 6.47 53.32
CA MET E 311 44.08 6.22 52.50
C MET E 311 43.87 5.09 51.50
N ILE E 312 43.36 3.96 51.98
CA ILE E 312 43.13 2.78 51.12
C ILE E 312 42.30 3.08 49.90
N ILE E 313 41.23 3.82 50.13
CA ILE E 313 40.31 4.19 49.08
C ILE E 313 40.93 5.22 48.16
N GLY E 314 41.70 6.13 48.75
CA GLY E 314 42.35 7.16 47.94
C GLY E 314 43.28 6.46 46.97
N ARG E 315 44.01 5.56 47.54
CA ARG E 315 44.90 4.79 46.78
C ARG E 315 44.19 4.02 45.73
N CYS E 316 43.15 3.32 46.14
CA CYS E 316 42.41 2.54 45.16
C CYS E 316 41.79 3.46 44.09
N ASN E 317 41.24 4.60 44.51
CA ASN E 317 40.61 5.53 43.57
C ASN E 317 41.63 6.09 42.62
N ARG E 318 42.84 6.18 43.14
CA ARG E 318 43.95 6.72 42.37
C ARG E 318 44.38 5.80 41.24
N ALA E 319 44.49 4.56 41.63
CA ALA E 319 44.91 3.46 40.79
C ALA E 319 43.86 2.92 39.85
N GLY E 320 42.60 3.25 40.14
CA GLY E 320 41.53 2.77 39.29
C GLY E 320 41.03 1.35 39.60
N LYS E 321 41.27 0.89 40.84
CA LYS E 321 40.85 -0.43 41.34
C LYS E 321 39.68 -0.25 42.30
N PRO E 322 38.57 -0.93 42.01
CA PRO E 322 37.38 -0.85 42.82
C PRO E 322 37.76 -1.16 44.24
N VAL E 323 36.99 -0.60 45.18
CA VAL E 323 37.24 -0.77 46.59
C VAL E 323 35.96 -0.78 47.36
N ILE E 324 35.85 -1.79 48.23
CA ILE E 324 34.67 -2.04 49.05
C ILE E 324 34.93 -1.67 50.47
N CYS E 325 34.00 -0.89 51.06
CA CYS E 325 34.10 -0.51 52.49
C CYS E 325 33.10 -1.32 53.28
N ALA E 326 33.54 -1.95 54.39
CA ALA E 326 32.61 -2.82 55.07
C ALA E 326 32.70 -2.96 56.56
N THR E 327 31.62 -3.55 57.11
CA THR E 327 31.51 -3.84 58.51
C THR E 327 30.92 -2.79 59.43
N GLN E 328 29.77 -3.13 59.96
CA GLN E 328 29.13 -2.29 60.92
C GLN E 328 28.63 -0.98 60.46
N MET E 329 28.39 -0.84 59.18
CA MET E 329 27.89 0.46 58.79
C MET E 329 26.54 0.81 59.40
N LEU E 330 25.63 -0.15 59.43
CA LEU E 330 24.29 0.02 59.96
C LEU E 330 24.08 -1.13 60.93
N GLU E 331 24.89 -1.22 61.97
CA GLU E 331 24.70 -2.36 62.82
C GLU E 331 23.46 -2.40 63.62
N SER E 332 23.14 -1.29 64.27
CA SER E 332 21.96 -1.19 65.12
C SER E 332 20.75 -1.81 64.45
N MET E 333 20.72 -1.59 63.14
CA MET E 333 19.71 -2.06 62.21
C MET E 333 19.50 -3.56 62.23
N ILE E 334 20.38 -4.25 62.94
CA ILE E 334 20.24 -5.68 63.01
C ILE E 334 18.99 -6.03 63.78
N LYS E 335 18.82 -5.24 64.83
CA LYS E 335 17.71 -5.32 65.75
C LYS E 335 16.64 -4.26 65.49
N LYS E 336 17.04 -3.02 65.19
CA LYS E 336 16.07 -1.97 64.90
C LYS E 336 15.86 -1.75 63.37
N PRO E 337 14.88 -0.90 62.99
CA PRO E 337 14.54 -0.65 61.59
C PRO E 337 14.85 0.76 61.17
N ARG E 338 15.80 1.30 61.91
CA ARG E 338 16.32 2.62 61.74
C ARG E 338 17.71 2.74 62.34
N PRO E 339 18.64 3.14 61.53
CA PRO E 339 19.99 3.28 61.98
C PRO E 339 20.08 4.51 62.87
N THR E 340 21.25 4.65 63.52
CA THR E 340 21.65 5.75 64.40
C THR E 340 22.28 6.94 63.65
N ARG E 341 22.39 8.10 64.30
CA ARG E 341 22.95 9.24 63.58
C ARG E 341 24.32 9.02 63.04
N ALA E 342 25.10 8.23 63.78
CA ALA E 342 26.43 7.86 63.36
C ALA E 342 26.44 7.01 62.09
N GLU E 343 25.80 5.84 62.11
CA GLU E 343 25.73 4.96 60.95
C GLU E 343 25.36 5.66 59.63
N GLY E 344 24.37 6.51 59.70
CA GLY E 344 23.91 7.28 58.54
C GLY E 344 25.03 8.18 58.02
N SER E 345 25.96 8.49 58.92
CA SER E 345 27.13 9.29 58.63
C SER E 345 28.34 8.44 58.18
N ASP E 346 28.40 7.17 58.60
CA ASP E 346 29.47 6.28 58.19
C ASP E 346 29.23 5.87 56.76
N VAL E 347 27.96 5.71 56.46
CA VAL E 347 27.59 5.35 55.13
C VAL E 347 27.92 6.50 54.16
N ALA E 348 27.29 7.67 54.34
CA ALA E 348 27.48 8.84 53.49
C ALA E 348 28.92 9.24 53.36
N ASN E 349 29.63 9.15 54.46
CA ASN E 349 31.04 9.48 54.39
C ASN E 349 31.83 8.51 53.56
N ALA E 350 31.64 7.21 53.79
CA ALA E 350 32.32 6.20 52.99
C ALA E 350 32.12 6.47 51.46
N VAL E 351 30.93 6.89 51.10
CA VAL E 351 30.64 7.17 49.71
C VAL E 351 31.38 8.40 49.30
N LEU E 352 31.26 9.39 50.17
CA LEU E 352 31.94 10.63 49.97
C LEU E 352 33.44 10.36 49.76
N ASP E 353 34.01 9.45 50.61
CA ASP E 353 35.42 9.08 50.53
C ASP E 353 35.77 8.54 49.12
N GLY E 354 34.92 7.69 48.54
CA GLY E 354 35.19 7.22 47.20
C GLY E 354 35.01 5.75 46.97
N ALA E 355 34.54 5.09 47.99
CA ALA E 355 34.33 3.67 47.95
C ALA E 355 33.43 3.23 46.82
N ASP E 356 33.85 2.24 46.05
CA ASP E 356 32.97 1.82 44.97
C ASP E 356 31.79 1.09 45.51
N CYS E 357 32.08 0.44 46.63
CA CYS E 357 31.10 -0.42 47.19
C CYS E 357 30.96 -0.34 48.67
N ILE E 358 29.75 -0.68 49.12
CA ILE E 358 29.37 -0.76 50.53
C ILE E 358 28.72 -2.09 50.81
N MET E 359 28.93 -2.51 52.07
CA MET E 359 28.51 -3.82 52.55
C MET E 359 27.72 -4.00 53.84
N LEU E 360 26.73 -4.90 53.73
CA LEU E 360 25.86 -5.32 54.82
C LEU E 360 26.20 -6.75 55.24
N SER E 361 26.68 -6.88 56.44
CA SER E 361 27.02 -8.20 56.91
C SER E 361 25.88 -8.85 57.70
N GLY E 362 25.97 -8.69 59.02
CA GLY E 362 24.94 -9.23 59.85
C GLY E 362 23.58 -8.64 59.45
N GLU E 363 23.53 -7.30 59.34
CA GLU E 363 22.37 -6.47 59.03
C GLU E 363 21.42 -7.16 58.08
N THR E 364 22.04 -7.88 57.10
CA THR E 364 21.33 -8.65 56.09
C THR E 364 21.35 -10.14 56.34
N ALA E 365 22.43 -10.68 56.91
CA ALA E 365 22.48 -12.13 57.18
C ALA E 365 21.58 -12.61 58.35
N LYS E 366 21.80 -12.06 59.57
CA LYS E 366 21.05 -12.42 60.79
C LYS E 366 19.89 -11.47 61.17
N GLY E 367 20.08 -10.19 60.83
CA GLY E 367 19.19 -9.04 61.06
C GLY E 367 17.70 -9.32 61.03
N ASP E 368 16.94 -8.41 61.58
CA ASP E 368 15.54 -8.68 61.58
C ASP E 368 14.91 -7.78 60.60
N TYR E 369 15.73 -6.81 60.11
CA TYR E 369 15.30 -5.80 59.15
C TYR E 369 16.14 -5.71 57.91
N PRO E 370 16.46 -6.83 57.38
CA PRO E 370 17.25 -6.97 56.19
C PRO E 370 16.86 -6.01 55.05
N LEU E 371 15.59 -6.06 54.67
CA LEU E 371 15.13 -5.23 53.60
C LEU E 371 15.21 -3.76 53.93
N GLU E 372 15.03 -3.48 55.17
CA GLU E 372 15.03 -2.11 55.61
C GLU E 372 16.44 -1.57 55.70
N ALA E 373 17.40 -2.49 55.71
CA ALA E 373 18.80 -2.13 55.79
C ALA E 373 19.31 -1.79 54.39
N VAL E 374 18.85 -2.57 53.42
CA VAL E 374 19.24 -2.28 52.08
C VAL E 374 18.79 -0.89 51.69
N ARG E 375 17.49 -0.62 51.80
CA ARG E 375 16.93 0.68 51.45
C ARG E 375 17.66 1.83 52.03
N MET E 376 18.05 1.64 53.24
CA MET E 376 18.76 2.69 53.94
C MET E 376 20.08 3.03 53.30
N GLN E 377 20.82 2.01 52.93
CA GLN E 377 22.08 2.29 52.32
C GLN E 377 21.81 3.02 51.02
N HIS E 378 20.83 2.49 50.34
CA HIS E 378 20.41 2.96 49.09
C HIS E 378 20.19 4.44 49.08
N LEU E 379 19.25 4.85 49.91
CA LEU E 379 18.85 6.25 50.07
C LEU E 379 19.99 7.18 50.35
N ILE E 380 20.86 6.76 51.29
CA ILE E 380 22.07 7.51 51.65
C ILE E 380 22.99 7.73 50.47
N ALA E 381 23.31 6.66 49.77
CA ALA E 381 24.14 6.70 48.58
C ALA E 381 23.72 7.84 47.63
N ARG E 382 22.45 7.80 47.25
CA ARG E 382 21.89 8.74 46.31
C ARG E 382 22.18 10.15 46.65
N GLU E 383 22.19 10.31 47.93
CA GLU E 383 22.40 11.58 48.53
C GLU E 383 23.85 12.00 48.54
N ALA E 384 24.70 11.21 49.16
CA ALA E 384 26.13 11.51 49.23
C ALA E 384 26.76 11.61 47.83
N GLU E 385 26.29 10.78 46.95
CA GLU E 385 26.76 10.73 45.59
C GLU E 385 26.71 12.11 44.94
N ALA E 386 25.57 12.75 45.14
CA ALA E 386 25.26 14.06 44.62
C ALA E 386 26.04 15.11 45.28
N ALA E 387 26.53 14.77 46.44
CA ALA E 387 27.26 15.71 47.24
C ALA E 387 28.77 15.65 47.13
N MET E 388 29.25 14.82 46.25
CA MET E 388 30.68 14.79 46.13
C MET E 388 31.08 16.11 45.48
N PHE E 389 32.38 16.30 45.32
CA PHE E 389 32.86 17.49 44.67
C PHE E 389 33.43 17.14 43.30
N HIS E 390 32.53 16.95 42.33
CA HIS E 390 32.95 16.52 41.02
C HIS E 390 34.14 17.16 40.33
N ARG E 391 34.06 18.47 40.10
CA ARG E 391 35.14 19.21 39.45
C ARG E 391 36.51 18.86 40.06
N LYS E 392 36.68 19.24 41.34
CA LYS E 392 37.88 19.05 42.16
C LYS E 392 38.42 17.61 42.18
N LEU E 393 37.54 16.65 42.34
CA LEU E 393 37.98 15.26 42.33
C LEU E 393 38.61 14.90 40.97
N PHE E 394 37.83 15.09 39.91
CA PHE E 394 38.25 14.86 38.54
C PHE E 394 39.60 15.48 38.21
N GLU E 395 39.80 16.72 38.62
CA GLU E 395 41.06 17.38 38.35
C GLU E 395 42.23 16.69 38.99
N GLU E 396 41.96 16.35 40.24
CA GLU E 396 42.87 15.69 41.13
C GLU E 396 43.13 14.24 40.71
N LEU E 397 42.15 13.63 40.02
CA LEU E 397 42.24 12.26 39.54
C LEU E 397 43.16 12.25 38.35
N ALA E 398 42.87 13.22 37.50
CA ALA E 398 43.56 13.50 36.27
C ALA E 398 45.06 13.67 36.52
N ARG E 399 45.40 14.70 37.32
CA ARG E 399 46.78 15.04 37.70
C ARG E 399 47.62 13.81 37.92
N SER E 400 47.20 13.04 38.88
CA SER E 400 47.81 11.79 39.31
C SER E 400 48.15 10.78 38.24
N SER E 401 47.38 10.78 37.16
CA SER E 401 47.60 9.82 36.10
C SER E 401 48.17 10.56 34.90
N SER E 402 48.72 11.73 35.17
CA SER E 402 49.23 12.59 34.13
C SER E 402 50.26 11.89 33.28
N HIS E 403 50.89 10.93 33.94
CA HIS E 403 51.93 10.12 33.34
C HIS E 403 51.45 9.08 32.29
N SER E 404 50.20 8.60 32.37
CA SER E 404 49.62 7.65 31.42
C SER E 404 48.93 8.40 30.26
N THR E 405 49.17 7.98 29.02
CA THR E 405 48.63 8.65 27.85
C THR E 405 47.68 7.77 27.13
N ASP E 406 47.24 6.72 27.81
CA ASP E 406 46.33 5.76 27.21
C ASP E 406 45.14 6.37 26.54
N LEU E 407 44.83 5.78 25.40
CA LEU E 407 43.72 6.21 24.59
C LEU E 407 42.39 6.15 25.36
N MET E 408 42.07 4.98 25.90
CA MET E 408 40.85 4.77 26.68
C MET E 408 40.77 5.74 27.83
N GLU E 409 41.90 5.98 28.48
CA GLU E 409 41.90 6.94 29.53
C GLU E 409 41.53 8.29 28.88
N ALA E 410 42.17 8.62 27.76
CA ALA E 410 41.86 9.88 27.09
C ALA E 410 40.40 9.99 26.69
N MET E 411 39.87 8.92 26.15
CA MET E 411 38.48 8.76 25.72
C MET E 411 37.53 8.93 26.91
N ALA E 412 37.85 8.23 28.01
CA ALA E 412 37.08 8.31 29.28
C ALA E 412 37.02 9.75 29.72
N MET E 413 38.18 10.29 30.14
CA MET E 413 38.38 11.72 30.50
C MET E 413 37.52 12.67 29.64
N GLY E 414 37.58 12.54 28.30
CA GLY E 414 36.77 13.38 27.41
C GLY E 414 35.27 13.16 27.62
N SER E 415 34.83 11.92 27.62
CA SER E 415 33.42 11.67 27.87
C SER E 415 32.90 12.24 29.20
N VAL E 416 33.62 11.97 30.28
CA VAL E 416 33.27 12.45 31.61
C VAL E 416 33.15 13.96 31.68
N GLU E 417 34.20 14.63 31.22
CA GLU E 417 34.23 16.09 31.19
C GLU E 417 32.98 16.66 30.55
N ALA E 418 32.73 16.24 29.34
CA ALA E 418 31.58 16.67 28.56
C ALA E 418 30.27 16.40 29.30
N SER E 419 30.25 15.26 29.97
CA SER E 419 29.06 14.92 30.69
C SER E 419 28.77 16.00 31.75
N TYR E 420 29.83 16.65 32.19
CA TYR E 420 29.66 17.68 33.22
C TYR E 420 29.32 19.01 32.60
N LYS E 421 29.77 19.18 31.38
CA LYS E 421 29.56 20.44 30.74
C LYS E 421 28.16 20.64 30.31
N CYS E 422 27.58 19.60 29.71
CA CYS E 422 26.21 19.66 29.23
C CYS E 422 25.25 18.98 30.17
N LEU E 423 25.79 18.34 31.19
CA LEU E 423 24.93 17.67 32.14
C LEU E 423 24.19 16.45 31.52
N ALA E 424 24.93 15.47 31.06
CA ALA E 424 24.27 14.33 30.45
C ALA E 424 23.41 13.61 31.43
N ALA E 425 22.21 13.26 31.01
CA ALA E 425 21.34 12.49 31.85
C ALA E 425 22.09 11.21 32.18
N ALA E 426 22.87 10.75 31.18
CA ALA E 426 23.69 9.55 31.34
C ALA E 426 24.91 9.42 30.41
N LEU E 427 25.59 8.27 30.55
CA LEU E 427 26.72 7.79 29.73
C LEU E 427 26.49 6.31 29.41
N ILE E 428 26.23 5.98 28.13
CA ILE E 428 26.02 4.60 27.69
C ILE E 428 27.32 4.00 27.14
N VAL E 429 27.69 2.85 27.61
CA VAL E 429 28.90 2.22 27.11
C VAL E 429 28.71 0.78 26.70
N LEU E 430 29.13 0.49 25.47
CA LEU E 430 29.08 -0.87 24.91
C LEU E 430 30.38 -1.62 25.24
N THR E 431 30.35 -2.64 26.09
CA THR E 431 31.58 -3.32 26.38
C THR E 431 31.40 -4.78 26.61
N GLU E 432 32.32 -5.53 26.03
CA GLU E 432 32.29 -6.94 26.20
C GLU E 432 33.28 -7.31 27.29
N SER E 433 34.44 -6.60 27.35
CA SER E 433 35.47 -6.84 28.39
C SER E 433 35.17 -6.07 29.66
N GLY E 434 34.44 -4.98 29.52
CA GLY E 434 34.17 -4.16 30.66
C GLY E 434 35.13 -2.98 30.78
N ARG E 435 36.39 -3.28 30.51
CA ARG E 435 37.50 -2.34 30.57
C ARG E 435 37.16 -0.90 30.14
N SER E 436 36.41 -0.80 29.06
CA SER E 436 36.06 0.51 28.57
C SER E 436 35.28 1.25 29.61
N ALA E 437 34.29 0.57 30.12
CA ALA E 437 33.43 1.14 31.12
C ALA E 437 34.22 1.47 32.38
N HIS E 438 35.00 0.50 32.75
CA HIS E 438 35.86 0.59 33.92
C HIS E 438 36.66 1.86 33.94
N GLN E 439 37.13 2.24 32.76
CA GLN E 439 37.96 3.41 32.67
C GLN E 439 37.15 4.66 32.78
N VAL E 440 35.94 4.54 32.35
CA VAL E 440 35.06 5.66 32.44
C VAL E 440 34.53 5.83 33.85
N ALA E 441 34.42 4.74 34.56
CA ALA E 441 33.96 4.83 35.94
C ALA E 441 35.03 5.47 36.83
N ARG E 442 36.26 5.20 36.47
CA ARG E 442 37.44 5.67 37.17
C ARG E 442 37.49 7.19 37.42
N TYR E 443 36.86 7.93 36.50
CA TYR E 443 36.89 9.38 36.52
C TYR E 443 35.72 10.09 37.19
N ARG E 444 34.84 9.30 37.73
CA ARG E 444 33.74 9.85 38.43
C ARG E 444 32.79 10.83 37.70
N PRO E 445 32.10 10.38 36.67
CA PRO E 445 31.15 11.27 36.04
C PRO E 445 30.05 11.53 37.06
N ARG E 446 29.08 12.39 36.78
CA ARG E 446 28.09 12.54 37.82
C ARG E 446 26.95 11.57 37.56
N ALA E 447 26.71 11.41 36.30
CA ALA E 447 25.67 10.55 35.88
C ALA E 447 26.11 9.07 35.80
N PRO E 448 25.13 8.16 35.93
CA PRO E 448 25.36 6.71 35.91
C PRO E 448 25.77 6.21 34.53
N ILE E 449 26.53 5.15 34.53
CA ILE E 449 27.02 4.61 33.29
C ILE E 449 26.24 3.38 33.01
N ILE E 450 25.58 3.30 31.87
CA ILE E 450 24.83 2.07 31.57
C ILE E 450 25.57 1.24 30.54
N ALA E 451 26.19 0.17 30.97
CA ALA E 451 26.94 -0.64 30.04
C ALA E 451 26.18 -1.81 29.52
N VAL E 452 26.04 -1.83 28.21
CA VAL E 452 25.38 -2.92 27.52
C VAL E 452 26.44 -3.95 27.08
N THR E 453 26.27 -5.17 27.56
CA THR E 453 27.18 -6.24 27.27
C THR E 453 26.42 -7.51 27.02
N ARG E 454 26.99 -8.36 26.18
CA ARG E 454 26.39 -9.63 25.84
C ARG E 454 26.95 -10.76 26.70
N ASN E 455 27.89 -10.37 27.57
CA ASN E 455 28.52 -11.31 28.46
C ASN E 455 28.10 -11.09 29.90
N HIS E 456 27.67 -12.17 30.53
CA HIS E 456 27.18 -12.14 31.90
C HIS E 456 28.17 -11.87 32.99
N GLN E 457 29.24 -12.59 32.92
CA GLN E 457 30.31 -12.47 33.90
C GLN E 457 30.76 -11.03 34.00
N THR E 458 30.68 -10.33 32.89
CA THR E 458 31.11 -8.95 32.89
C THR E 458 30.10 -8.09 33.61
N ALA E 459 28.87 -8.21 33.12
CA ALA E 459 27.77 -7.49 33.65
C ALA E 459 27.73 -7.70 35.13
N ARG E 460 28.03 -8.95 35.55
CA ARG E 460 28.03 -9.26 36.99
C ARG E 460 29.16 -8.59 37.72
N GLN E 461 30.37 -8.72 37.22
CA GLN E 461 31.44 -8.04 37.93
C GLN E 461 31.51 -6.52 37.72
N ALA E 462 30.72 -6.01 36.78
CA ALA E 462 30.73 -4.58 36.54
C ALA E 462 30.38 -3.82 37.82
N HIS E 463 29.50 -4.43 38.60
CA HIS E 463 28.98 -3.94 39.88
C HIS E 463 30.05 -3.49 40.86
N LEU E 464 31.27 -3.96 40.65
CA LEU E 464 32.38 -3.63 41.52
C LEU E 464 32.84 -2.21 41.30
N TYR E 465 32.26 -1.52 40.31
CA TYR E 465 32.66 -0.15 39.99
C TYR E 465 31.57 0.91 40.09
N ARG E 466 31.92 1.96 40.77
CA ARG E 466 31.04 3.08 40.94
C ARG E 466 30.40 3.71 39.72
N GLY E 467 29.10 3.64 39.63
CA GLY E 467 28.34 4.28 38.59
C GLY E 467 27.90 3.38 37.46
N ILE E 468 28.55 2.22 37.43
CA ILE E 468 28.23 1.26 36.41
C ILE E 468 26.98 0.49 36.82
N PHE E 469 26.09 0.40 35.83
CA PHE E 469 24.77 -0.22 35.85
C PHE E 469 24.69 -1.16 34.63
N PRO E 470 25.07 -2.39 34.88
CA PRO E 470 25.11 -3.36 33.85
C PRO E 470 23.76 -3.77 33.34
N VAL E 471 23.67 -3.68 32.02
CA VAL E 471 22.55 -4.13 31.21
C VAL E 471 23.06 -5.22 30.30
N VAL E 472 22.39 -6.35 30.31
CA VAL E 472 22.79 -7.42 29.45
C VAL E 472 21.91 -7.49 28.24
N CYS E 473 22.57 -7.64 27.10
CA CYS E 473 21.90 -7.77 25.82
C CYS E 473 21.78 -9.22 25.50
N LYS E 474 20.56 -9.68 25.26
CA LYS E 474 20.36 -11.07 24.93
C LYS E 474 20.11 -11.33 23.45
N ASP E 475 20.05 -10.25 22.71
CA ASP E 475 19.80 -10.34 21.31
C ASP E 475 21.03 -10.81 20.49
N PRO E 476 20.76 -11.74 19.60
CA PRO E 476 21.77 -12.32 18.75
C PRO E 476 22.50 -11.22 18.02
N VAL E 477 23.79 -11.46 17.67
CA VAL E 477 24.58 -10.50 16.93
C VAL E 477 23.92 -10.27 15.59
N GLN E 478 24.16 -9.09 15.06
CA GLN E 478 23.58 -8.72 13.79
C GLN E 478 24.62 -8.58 12.70
N GLU E 479 24.17 -8.83 11.47
CA GLU E 479 24.99 -8.80 10.27
C GLU E 479 25.92 -7.62 10.29
N ALA E 480 25.22 -6.50 10.30
CA ALA E 480 25.84 -5.21 10.29
C ALA E 480 26.19 -4.64 11.67
N TRP E 481 27.43 -4.24 11.82
CA TRP E 481 27.91 -3.66 13.05
C TRP E 481 27.00 -2.52 13.46
N ALA E 482 26.70 -1.68 12.48
CA ALA E 482 25.87 -0.51 12.65
C ALA E 482 24.61 -0.79 13.39
N GLU E 483 23.95 -1.83 12.93
CA GLU E 483 22.71 -2.21 13.52
C GLU E 483 22.93 -2.84 14.88
N ASP E 484 24.02 -3.59 15.04
CA ASP E 484 24.34 -4.22 16.31
C ASP E 484 24.41 -3.15 17.35
N VAL E 485 25.32 -2.24 17.05
CA VAL E 485 25.56 -1.11 17.91
C VAL E 485 24.31 -0.39 18.29
N ASP E 486 23.66 0.08 17.25
CA ASP E 486 22.45 0.82 17.45
C ASP E 486 21.40 0.02 18.16
N LEU E 487 21.50 -1.28 18.10
CA LEU E 487 20.43 -2.01 18.74
C LEU E 487 20.69 -2.03 20.20
N ARG E 488 21.98 -2.05 20.50
CA ARG E 488 22.45 -2.16 21.85
C ARG E 488 22.26 -0.85 22.61
N VAL E 489 22.32 0.25 21.87
CA VAL E 489 22.14 1.55 22.48
C VAL E 489 20.71 1.71 22.94
N ASN E 490 19.81 1.44 21.99
CA ASN E 490 18.39 1.50 22.23
C ASN E 490 17.99 0.69 23.43
N LEU E 491 18.65 -0.45 23.59
CA LEU E 491 18.40 -1.24 24.75
C LEU E 491 18.73 -0.40 25.99
N ALA E 492 19.92 0.22 25.97
CA ALA E 492 20.30 1.07 27.07
C ALA E 492 19.28 2.16 27.23
N MET E 493 18.82 2.66 26.10
CA MET E 493 17.84 3.72 26.16
C MET E 493 16.51 3.33 26.71
N ASN E 494 16.12 2.10 26.43
CA ASN E 494 14.82 1.65 26.86
C ASN E 494 14.74 1.31 28.32
N VAL E 495 15.87 0.87 28.79
CA VAL E 495 16.08 0.50 30.16
C VAL E 495 16.27 1.75 31.05
N GLY E 496 16.74 2.86 30.51
CA GLY E 496 16.98 4.01 31.36
C GLY E 496 15.73 4.83 31.50
N LYS E 497 14.95 4.81 30.45
CA LYS E 497 13.70 5.52 30.34
C LYS E 497 12.65 4.89 31.26
N ALA E 498 12.88 3.60 31.57
CA ALA E 498 12.00 2.78 32.40
C ALA E 498 12.39 2.72 33.85
N ARG E 499 13.70 2.74 34.10
CA ARG E 499 14.19 2.71 35.46
C ARG E 499 14.05 4.11 36.05
N GLY E 500 13.77 5.08 35.13
CA GLY E 500 13.60 6.51 35.39
C GLY E 500 14.89 7.33 35.31
N PHE E 501 15.86 6.87 34.56
CA PHE E 501 17.10 7.59 34.47
C PHE E 501 17.03 8.85 33.67
N PHE E 502 16.18 8.87 32.68
CA PHE E 502 16.03 10.04 31.86
C PHE E 502 14.80 9.92 31.07
N LYS E 503 14.47 11.00 30.37
CA LYS E 503 13.31 11.09 29.53
C LYS E 503 13.70 11.27 28.09
N LYS E 504 12.79 11.87 27.34
CA LYS E 504 12.94 12.04 25.93
C LYS E 504 13.74 13.24 25.45
N GLY E 505 13.71 14.34 26.18
CA GLY E 505 14.48 15.48 25.69
C GLY E 505 15.94 15.41 26.08
N ASP E 506 16.19 14.58 27.08
CA ASP E 506 17.47 14.37 27.67
C ASP E 506 18.60 14.03 26.74
N VAL E 507 19.77 14.49 27.17
CA VAL E 507 20.99 14.26 26.49
C VAL E 507 21.71 13.13 27.16
N VAL E 508 22.35 12.36 26.33
CA VAL E 508 23.09 11.23 26.77
C VAL E 508 24.41 11.25 26.02
N ILE E 509 25.42 10.65 26.61
CA ILE E 509 26.75 10.59 26.02
C ILE E 509 27.07 9.16 25.68
N VAL E 510 27.00 8.78 24.39
CA VAL E 510 27.25 7.40 23.98
C VAL E 510 28.67 7.11 23.55
N LEU E 511 29.18 6.00 24.04
CA LEU E 511 30.50 5.57 23.70
C LEU E 511 30.46 4.24 22.98
N THR E 512 31.11 4.15 21.84
CA THR E 512 31.05 2.93 21.07
C THR E 512 32.33 2.69 20.30
N GLY E 513 32.42 1.51 19.70
CA GLY E 513 33.58 1.18 18.86
C GLY E 513 33.30 1.58 17.40
N TRP E 514 34.23 2.25 16.77
CA TRP E 514 33.99 2.70 15.42
C TRP E 514 33.62 1.56 14.47
N ARG E 515 34.35 0.45 14.60
CA ARG E 515 34.17 -0.73 13.78
C ARG E 515 34.30 -1.97 14.66
N PRO E 516 33.80 -3.11 14.14
CA PRO E 516 33.87 -4.37 14.85
C PRO E 516 35.29 -4.57 15.26
N GLY E 517 35.43 -5.00 16.49
CA GLY E 517 36.74 -5.19 17.04
C GLY E 517 37.58 -3.92 16.88
N SER E 518 37.23 -2.89 17.61
CA SER E 518 38.04 -1.71 17.47
C SER E 518 39.10 -1.75 18.55
N GLY E 519 38.76 -2.41 19.68
CA GLY E 519 39.71 -2.55 20.78
C GLY E 519 39.30 -1.83 22.05
N PHE E 520 38.66 -0.70 21.85
CA PHE E 520 38.17 0.13 22.90
C PHE E 520 37.17 1.09 22.30
N THR E 521 36.29 1.61 23.14
CA THR E 521 35.30 2.60 22.73
C THR E 521 36.10 3.80 22.26
N ASN E 522 36.27 3.90 20.96
CA ASN E 522 37.05 4.92 20.31
C ASN E 522 36.23 6.05 19.72
N THR E 523 34.92 5.86 19.79
CA THR E 523 33.92 6.80 19.29
C THR E 523 32.97 7.31 20.39
N MET E 524 32.90 8.64 20.52
CA MET E 524 32.07 9.32 21.49
C MET E 524 31.07 10.25 20.85
N ARG E 525 29.80 10.17 21.26
CA ARG E 525 28.85 11.11 20.76
C ARG E 525 27.83 11.52 21.78
N VAL E 526 27.28 12.72 21.53
CA VAL E 526 26.20 13.34 22.29
C VAL E 526 24.87 13.18 21.57
N VAL E 527 24.05 12.32 22.11
CA VAL E 527 22.79 12.05 21.51
C VAL E 527 21.71 12.35 22.49
N PRO E 528 20.64 12.85 21.92
CA PRO E 528 19.44 13.17 22.66
C PRO E 528 18.53 11.98 22.73
N VAL E 529 18.06 11.70 23.93
CA VAL E 529 17.16 10.61 24.16
C VAL E 529 15.93 10.63 23.23
N PRO E 530 15.65 9.47 22.69
CA PRO E 530 14.53 9.35 21.81
C PRO E 530 13.30 9.17 22.70
N ILE F 12 65.76 15.07 26.36
CA ILE F 12 64.95 16.15 26.97
C ILE F 12 63.65 16.47 26.26
N GLN F 13 62.65 16.68 27.10
CA GLN F 13 61.30 16.95 26.68
C GLN F 13 61.12 18.08 25.72
N THR F 14 60.33 17.74 24.76
CA THR F 14 60.00 18.62 23.70
C THR F 14 58.83 19.45 24.19
N GLN F 15 58.37 20.34 23.33
CA GLN F 15 57.26 21.19 23.55
C GLN F 15 57.07 21.71 24.98
N GLN F 16 58.15 21.87 25.70
CA GLN F 16 58.07 22.32 27.09
C GLN F 16 57.08 21.54 27.94
N LEU F 17 57.09 20.24 27.72
CA LEU F 17 56.21 19.31 28.43
C LEU F 17 56.56 19.12 29.87
N HIS F 18 57.84 19.30 30.22
CA HIS F 18 58.22 19.18 31.63
C HIS F 18 57.61 20.35 32.43
N ALA F 19 57.56 21.51 31.82
CA ALA F 19 56.94 22.63 32.46
C ALA F 19 55.42 22.39 32.44
N ALA F 20 54.90 21.85 31.33
CA ALA F 20 53.48 21.62 31.19
C ALA F 20 52.85 20.87 32.37
N MET F 21 53.72 20.14 33.03
CA MET F 21 53.36 19.37 34.18
C MET F 21 53.61 20.12 35.50
N ALA F 22 53.87 21.40 35.43
CA ALA F 22 54.06 22.12 36.67
C ALA F 22 52.76 22.08 37.50
N ASP F 23 52.88 21.95 38.84
CA ASP F 23 51.69 22.01 39.69
C ASP F 23 51.31 23.43 40.08
N THR F 24 52.21 24.38 39.78
CA THR F 24 52.01 25.78 40.10
C THR F 24 52.50 26.74 39.01
N PHE F 25 52.04 27.98 39.04
CA PHE F 25 52.51 28.90 38.02
C PHE F 25 54.03 29.05 38.09
N LEU F 26 54.51 29.45 39.23
CA LEU F 26 55.94 29.58 39.50
C LEU F 26 56.79 28.38 38.99
N GLU F 27 56.40 27.17 39.32
CA GLU F 27 57.16 26.02 38.86
C GLU F 27 57.16 25.90 37.35
N HIS F 28 56.05 26.25 36.71
CA HIS F 28 55.95 26.20 35.27
C HIS F 28 57.10 27.01 34.74
N MET F 29 57.10 28.25 35.17
CA MET F 29 58.15 29.17 34.85
C MET F 29 59.54 28.64 35.17
N CYS F 30 59.76 28.10 36.37
CA CYS F 30 61.07 27.58 36.75
C CYS F 30 61.56 26.41 35.90
N ARG F 31 60.68 25.80 35.13
CA ARG F 31 61.04 24.63 34.33
C ARG F 31 61.22 24.87 32.81
N LEU F 32 60.94 26.07 32.31
CA LEU F 32 61.08 26.37 30.91
C LEU F 32 62.50 26.05 30.47
N ASP F 33 62.63 25.35 29.33
CA ASP F 33 63.90 24.87 28.80
C ASP F 33 64.24 25.32 27.39
N ILE F 34 65.36 25.98 27.30
CA ILE F 34 65.83 26.48 26.02
C ILE F 34 66.24 25.33 25.12
N ASP F 35 66.17 24.15 25.68
CA ASP F 35 66.51 22.97 24.92
C ASP F 35 65.25 22.18 24.64
N SER F 36 64.15 22.68 25.14
CA SER F 36 62.97 21.98 24.81
C SER F 36 62.52 22.55 23.48
N ALA F 37 62.78 21.74 22.49
CA ALA F 37 62.48 22.00 21.11
C ALA F 37 60.98 22.06 20.89
N PRO F 38 60.49 23.10 20.20
CA PRO F 38 59.06 23.31 19.92
C PRO F 38 58.47 22.35 18.90
N ILE F 39 57.27 22.68 18.43
CA ILE F 39 56.68 21.84 17.42
C ILE F 39 56.79 22.56 16.13
N THR F 40 56.38 21.89 15.10
CA THR F 40 56.51 22.49 13.83
C THR F 40 55.43 23.49 13.53
N ALA F 41 54.25 23.24 14.08
CA ALA F 41 53.09 24.08 13.83
C ALA F 41 52.97 25.36 14.66
N ARG F 42 52.63 26.46 13.98
CA ARG F 42 52.43 27.76 14.62
C ARG F 42 50.94 28.04 14.66
N ASN F 43 50.40 28.38 15.86
CA ASN F 43 48.95 28.60 16.09
C ASN F 43 48.40 30.02 15.92
N THR F 44 49.18 30.96 16.43
CA THR F 44 48.89 32.38 16.38
C THR F 44 48.89 32.90 14.96
N GLY F 45 47.78 33.44 14.51
CA GLY F 45 47.76 33.96 13.15
C GLY F 45 48.66 35.18 13.01
N ILE F 46 49.16 35.41 11.81
CA ILE F 46 50.01 36.55 11.54
C ILE F 46 49.39 37.37 10.44
N ILE F 47 49.32 38.63 10.73
CA ILE F 47 48.71 39.58 9.88
C ILE F 47 49.70 40.55 9.33
N CYS F 48 49.84 40.62 8.01
CA CYS F 48 50.75 41.57 7.45
C CYS F 48 50.05 42.68 6.76
N THR F 49 50.56 43.87 7.02
CA THR F 49 50.02 45.07 6.39
C THR F 49 50.72 45.20 5.06
N ILE F 50 49.97 45.02 4.00
CA ILE F 50 50.57 45.07 2.70
C ILE F 50 50.88 46.47 2.29
N GLY F 51 52.13 46.71 1.98
CA GLY F 51 52.52 48.05 1.60
C GLY F 51 53.40 48.08 0.37
N PRO F 52 54.08 49.18 0.20
CA PRO F 52 54.95 49.36 -0.95
C PRO F 52 56.12 48.37 -0.92
N ALA F 53 56.53 47.95 0.26
CA ALA F 53 57.61 47.00 0.41
C ALA F 53 57.24 45.56 0.08
N SER F 54 55.96 45.25 0.22
CA SER F 54 55.44 43.89 0.05
C SER F 54 54.33 43.74 -0.96
N ARG F 55 54.07 44.81 -1.69
CA ARG F 55 52.98 44.88 -2.64
C ARG F 55 53.12 43.97 -3.85
N SER F 56 54.34 43.61 -4.17
CA SER F 56 54.57 42.76 -5.33
C SER F 56 54.14 41.32 -5.15
N VAL F 57 53.73 40.73 -6.25
CA VAL F 57 53.34 39.35 -6.22
C VAL F 57 54.45 38.46 -5.67
N GLU F 58 55.62 38.66 -6.21
CA GLU F 58 56.75 37.83 -5.86
C GLU F 58 57.05 37.83 -4.42
N THR F 59 56.92 39.00 -3.87
CA THR F 59 57.21 39.20 -2.48
C THR F 59 56.07 38.56 -1.70
N LEU F 60 54.89 38.69 -2.27
CA LEU F 60 53.70 38.13 -1.65
C LEU F 60 53.88 36.65 -1.47
N LYS F 61 54.20 36.00 -2.56
CA LYS F 61 54.46 34.58 -2.55
C LYS F 61 55.46 34.26 -1.46
N GLU F 62 56.53 35.01 -1.46
CA GLU F 62 57.54 34.77 -0.48
C GLU F 62 57.05 35.09 0.91
N MET F 63 55.94 35.77 1.02
CA MET F 63 55.44 36.06 2.37
C MET F 63 54.48 34.98 2.84
N ILE F 64 53.67 34.54 1.92
CA ILE F 64 52.76 33.51 2.25
C ILE F 64 53.56 32.28 2.59
N LYS F 65 54.69 32.18 1.90
CA LYS F 65 55.58 31.04 2.09
C LYS F 65 56.21 31.16 3.45
N SER F 66 56.46 32.40 3.84
CA SER F 66 57.09 32.62 5.11
C SER F 66 56.13 32.59 6.31
N GLY F 67 54.83 32.73 6.07
CA GLY F 67 53.94 32.67 7.22
C GLY F 67 52.66 33.47 7.13
N MET F 68 52.63 34.55 6.30
CA MET F 68 51.47 35.42 6.12
C MET F 68 50.15 34.67 6.17
N ASN F 69 49.26 35.18 7.01
CA ASN F 69 47.97 34.58 7.25
C ASN F 69 46.87 35.54 6.85
N VAL F 70 47.18 36.84 6.94
CA VAL F 70 46.23 37.89 6.62
C VAL F 70 46.90 39.12 6.00
N ALA F 71 46.26 39.58 4.95
CA ALA F 71 46.76 40.72 4.24
C ALA F 71 45.95 41.89 4.67
N ARG F 72 46.61 42.79 5.32
CA ARG F 72 45.85 43.90 5.78
C ARG F 72 45.98 45.11 4.88
N MET F 73 44.83 45.61 4.46
CA MET F 73 44.79 46.77 3.62
C MET F 73 44.45 48.00 4.45
N ASN F 74 45.43 48.86 4.72
CA ASN F 74 45.16 50.09 5.48
C ASN F 74 44.59 51.22 4.67
N PHE F 75 43.29 51.46 4.85
CA PHE F 75 42.64 52.49 4.10
C PHE F 75 42.88 53.90 4.54
N SER F 76 43.79 54.11 5.50
CA SER F 76 44.10 55.47 5.94
C SER F 76 44.83 56.21 4.84
N HIS F 77 45.10 55.47 3.75
CA HIS F 77 45.82 55.99 2.60
C HIS F 77 45.44 55.25 1.33
N GLY F 78 45.78 55.88 0.23
CA GLY F 78 45.57 55.27 -1.05
C GLY F 78 44.24 55.51 -1.65
N THR F 79 44.27 55.17 -2.91
CA THR F 79 43.14 55.27 -3.75
C THR F 79 42.58 53.88 -3.86
N HIS F 80 41.33 53.84 -4.27
CA HIS F 80 40.65 52.58 -4.46
C HIS F 80 41.34 51.78 -5.53
N GLU F 81 41.82 52.48 -6.53
CA GLU F 81 42.48 51.76 -7.56
C GLU F 81 43.77 51.18 -7.04
N TYR F 82 44.39 51.91 -6.13
CA TYR F 82 45.61 51.42 -5.55
C TYR F 82 45.32 50.11 -4.84
N HIS F 83 44.40 50.16 -3.90
CA HIS F 83 44.02 48.98 -3.13
C HIS F 83 43.51 47.84 -3.95
N ALA F 84 42.74 48.18 -4.99
CA ALA F 84 42.15 47.19 -5.87
C ALA F 84 43.23 46.29 -6.50
N GLU F 85 44.40 46.90 -6.70
CA GLU F 85 45.56 46.26 -7.29
C GLU F 85 46.40 45.49 -6.28
N THR F 86 46.39 45.95 -5.05
CA THR F 86 47.12 45.26 -4.03
C THR F 86 46.34 44.02 -3.75
N ILE F 87 45.03 44.22 -3.73
CA ILE F 87 44.19 43.10 -3.46
C ILE F 87 44.32 42.10 -4.55
N LYS F 88 44.35 42.63 -5.75
CA LYS F 88 44.52 41.77 -6.87
C LYS F 88 45.81 40.93 -6.73
N ASN F 89 46.96 41.60 -6.55
CA ASN F 89 48.20 40.85 -6.39
C ASN F 89 48.17 39.79 -5.29
N VAL F 90 47.56 40.11 -4.11
CA VAL F 90 47.53 39.16 -3.00
C VAL F 90 47.04 37.80 -3.41
N ARG F 91 45.89 37.84 -4.06
CA ARG F 91 45.18 36.69 -4.54
C ARG F 91 46.01 35.87 -5.50
N THR F 92 46.48 36.58 -6.50
CA THR F 92 47.33 36.04 -7.53
C THR F 92 48.46 35.21 -6.94
N ALA F 93 49.08 35.77 -5.92
CA ALA F 93 50.13 35.04 -5.28
C ALA F 93 49.55 33.93 -4.44
N THR F 94 48.40 34.17 -3.83
CA THR F 94 47.78 33.17 -3.00
C THR F 94 47.46 31.94 -3.81
N GLU F 95 46.86 32.22 -4.96
CA GLU F 95 46.40 31.17 -5.84
C GLU F 95 47.49 30.52 -6.65
N SER F 96 48.64 31.14 -6.66
CA SER F 96 49.74 30.57 -7.36
C SER F 96 50.11 29.19 -6.77
N PHE F 97 49.47 28.80 -5.68
CA PHE F 97 49.72 27.53 -5.03
C PHE F 97 48.55 26.62 -5.09
N ALA F 98 47.49 27.06 -5.75
CA ALA F 98 46.30 26.25 -5.85
C ALA F 98 46.50 24.87 -6.50
N SER F 99 47.39 24.80 -7.49
CA SER F 99 47.67 23.56 -8.23
C SER F 99 47.79 22.32 -7.38
N ASP F 100 48.20 22.53 -6.12
CA ASP F 100 48.36 21.47 -5.15
C ASP F 100 47.43 21.71 -4.00
N PRO F 101 46.34 20.97 -3.94
CA PRO F 101 45.33 21.09 -2.90
C PRO F 101 45.86 20.86 -1.49
N ILE F 102 47.09 20.36 -1.42
CA ILE F 102 47.78 20.01 -0.18
C ILE F 102 48.82 21.05 0.26
N LEU F 103 49.33 21.84 -0.69
CA LEU F 103 50.32 22.87 -0.39
C LEU F 103 49.72 24.29 -0.45
N TYR F 104 48.45 24.29 -0.76
CA TYR F 104 47.68 25.51 -0.85
C TYR F 104 47.19 25.94 0.53
N ARG F 105 47.58 27.19 0.87
CA ARG F 105 47.24 27.88 2.12
C ARG F 105 46.34 29.14 1.89
N PRO F 106 45.07 29.16 2.40
CA PRO F 106 44.22 30.31 2.16
C PRO F 106 44.69 31.52 2.89
N VAL F 107 44.63 32.66 2.20
CA VAL F 107 45.03 33.94 2.75
C VAL F 107 43.81 34.84 2.85
N ALA F 108 43.59 35.41 4.02
CA ALA F 108 42.49 36.33 4.20
C ALA F 108 42.90 37.79 3.85
N VAL F 109 41.90 38.60 3.46
CA VAL F 109 42.08 40.01 3.10
C VAL F 109 41.27 40.85 4.09
N ALA F 110 41.88 41.83 4.77
CA ALA F 110 41.12 42.66 5.69
C ALA F 110 41.20 44.11 5.28
N LEU F 111 40.06 44.74 5.40
CA LEU F 111 39.89 46.16 5.11
C LEU F 111 40.03 46.94 6.40
N ASP F 112 40.85 47.98 6.38
CA ASP F 112 41.07 48.72 7.59
C ASP F 112 40.68 50.17 7.42
N THR F 113 39.47 50.41 7.83
CA THR F 113 38.83 51.70 7.74
C THR F 113 39.65 52.85 8.23
N LYS F 114 39.60 53.91 7.49
CA LYS F 114 40.34 55.06 7.97
C LYS F 114 39.74 55.69 9.18
N GLY F 115 38.43 55.82 9.22
CA GLY F 115 37.94 56.37 10.45
C GLY F 115 37.93 57.89 10.44
N PRO F 116 37.11 58.35 11.36
CA PRO F 116 36.76 59.73 11.67
C PRO F 116 37.88 60.59 12.25
N GLU F 117 38.05 61.81 11.72
CA GLU F 117 39.11 62.62 12.25
C GLU F 117 38.79 64.00 12.70
N ILE F 118 39.86 64.56 13.27
CA ILE F 118 40.02 65.90 13.78
C ILE F 118 41.34 66.38 13.22
N ARG F 119 41.32 67.43 12.41
CA ARG F 119 42.55 67.97 11.81
C ARG F 119 42.71 69.48 12.05
N THR F 120 43.92 69.97 11.78
CA THR F 120 44.24 71.40 11.84
C THR F 120 44.29 71.88 10.40
N GLY F 121 44.34 73.18 10.18
CA GLY F 121 44.34 73.66 8.82
C GLY F 121 45.69 74.12 8.38
N LEU F 122 45.74 74.67 7.18
CA LEU F 122 47.02 75.17 6.69
C LEU F 122 47.61 76.18 7.66
N ILE F 123 48.92 76.26 7.64
CA ILE F 123 49.64 77.16 8.51
C ILE F 123 50.15 78.33 7.74
N LYS F 124 49.74 79.53 8.14
CA LYS F 124 50.19 80.74 7.50
C LYS F 124 50.16 80.68 5.98
N GLY F 125 49.06 80.15 5.45
CA GLY F 125 48.83 80.03 4.01
C GLY F 125 49.53 78.86 3.31
N SER F 126 50.66 78.38 3.85
CA SER F 126 51.41 77.28 3.22
C SER F 126 51.40 75.95 4.01
N GLY F 127 51.29 74.83 3.27
CA GLY F 127 51.26 73.50 3.88
C GLY F 127 52.60 72.96 4.35
N THR F 128 53.67 73.66 4.04
CA THR F 128 54.99 73.18 4.41
C THR F 128 55.68 73.92 5.55
N ALA F 129 54.99 74.93 6.09
CA ALA F 129 55.55 75.72 7.17
C ALA F 129 55.30 75.14 8.55
N GLU F 130 55.94 75.79 9.53
CA GLU F 130 55.83 75.37 10.92
C GLU F 130 55.76 76.58 11.85
N VAL F 131 55.58 76.29 13.13
CA VAL F 131 55.46 77.32 14.17
C VAL F 131 55.88 76.77 15.54
N GLU F 132 56.49 77.58 16.38
CA GLU F 132 56.90 77.01 17.65
C GLU F 132 56.03 77.37 18.81
N LEU F 133 55.16 76.44 19.15
CA LEU F 133 54.34 76.68 20.31
C LEU F 133 55.29 76.53 21.46
N LYS F 134 55.35 77.58 22.24
CA LYS F 134 56.26 77.59 23.37
C LYS F 134 55.47 77.41 24.65
N LYS F 135 56.02 76.63 25.58
CA LYS F 135 55.38 76.30 26.86
C LYS F 135 54.84 77.47 27.68
N GLY F 136 53.57 77.34 28.13
CA GLY F 136 52.92 78.37 28.97
C GLY F 136 52.03 79.38 28.21
N ALA F 137 52.38 79.62 26.94
CA ALA F 137 51.70 80.53 26.01
C ALA F 137 50.16 80.39 26.02
N THR F 138 49.46 81.13 25.14
CA THR F 138 48.00 81.08 25.09
C THR F 138 47.34 80.75 23.73
N LEU F 139 47.61 79.55 23.22
CA LEU F 139 47.01 79.15 21.98
C LEU F 139 45.50 79.18 22.13
N LYS F 140 44.90 80.00 21.32
CA LYS F 140 43.48 80.10 21.36
C LYS F 140 42.98 79.66 20.00
N ILE F 141 42.30 78.50 19.94
CA ILE F 141 41.85 77.93 18.67
C ILE F 141 40.39 78.20 18.36
N THR F 142 40.05 78.25 17.06
CA THR F 142 38.70 78.55 16.59
C THR F 142 38.18 77.73 15.43
N LEU F 143 36.84 77.83 15.33
CA LEU F 143 36.00 77.22 14.30
C LEU F 143 35.67 78.21 13.19
N ASP F 144 36.32 79.37 13.29
CA ASP F 144 36.21 80.46 12.33
C ASP F 144 37.11 80.13 11.16
N ASN F 145 36.43 79.79 10.07
CA ASN F 145 37.00 79.38 8.79
C ASN F 145 37.82 80.43 8.05
N ALA F 146 38.01 81.58 8.67
CA ALA F 146 38.85 82.55 8.05
C ALA F 146 40.23 82.02 8.33
N TYR F 147 40.34 81.46 9.55
CA TYR F 147 41.55 80.87 10.12
C TYR F 147 41.84 79.45 9.70
N MET F 148 41.26 79.07 8.59
CA MET F 148 41.46 77.76 8.07
C MET F 148 42.81 77.66 7.41
N GLU F 149 43.25 78.82 6.95
CA GLU F 149 44.50 78.87 6.26
C GLU F 149 45.47 79.83 6.91
N LYS F 150 45.01 80.42 7.99
CA LYS F 150 45.86 81.35 8.70
C LYS F 150 46.37 80.78 10.00
N CYS F 151 46.41 79.45 10.10
CA CYS F 151 46.88 78.81 11.31
C CYS F 151 48.21 79.36 11.72
N ASP F 152 48.21 80.02 12.84
CA ASP F 152 49.45 80.58 13.26
C ASP F 152 49.74 80.29 14.71
N GLU F 153 50.89 80.75 15.12
CA GLU F 153 51.33 80.57 16.48
C GLU F 153 50.33 81.02 17.53
N ASN F 154 49.45 81.94 17.17
CA ASN F 154 48.51 82.47 18.14
C ASN F 154 47.20 81.79 18.04
N ILE F 155 46.97 81.27 16.84
CA ILE F 155 45.72 80.66 16.51
C ILE F 155 45.84 79.36 15.78
N LEU F 156 44.83 78.56 16.03
CA LEU F 156 44.69 77.28 15.43
C LEU F 156 43.26 77.09 14.98
N TRP F 157 43.08 76.31 13.93
CA TRP F 157 41.77 76.05 13.41
C TRP F 157 41.46 74.54 13.45
N LEU F 158 40.18 74.19 13.74
CA LEU F 158 39.69 72.81 13.87
C LEU F 158 38.49 72.43 13.01
N ASP F 159 38.58 71.26 12.36
CA ASP F 159 37.48 70.79 11.52
C ASP F 159 36.39 70.15 12.34
N TYR F 160 36.56 70.18 13.67
CA TYR F 160 35.58 69.59 14.59
C TYR F 160 34.60 70.60 15.16
N LYS F 161 33.46 70.73 14.46
CA LYS F 161 32.42 71.68 14.84
C LYS F 161 31.98 71.68 16.29
N ASN F 162 31.79 70.52 16.91
CA ASN F 162 31.34 70.47 18.31
C ASN F 162 32.46 70.34 19.35
N ILE F 163 33.67 70.78 19.04
CA ILE F 163 34.72 70.60 20.01
C ILE F 163 34.46 71.26 21.33
N CYS F 164 33.87 72.44 21.29
CA CYS F 164 33.60 73.13 22.52
C CYS F 164 32.50 72.43 23.24
N LYS F 165 31.68 71.73 22.47
CA LYS F 165 30.58 71.02 23.06
C LYS F 165 31.02 69.76 23.77
N VAL F 166 32.15 69.22 23.30
CA VAL F 166 32.74 67.99 23.81
C VAL F 166 33.80 68.21 24.90
N VAL F 167 34.44 69.35 24.78
CA VAL F 167 35.45 69.72 25.73
C VAL F 167 34.80 70.61 26.72
N ASP F 168 35.42 70.62 27.89
CA ASP F 168 34.99 71.44 29.02
C ASP F 168 36.25 72.11 29.48
N VAL F 169 36.17 72.98 30.47
CA VAL F 169 37.36 73.64 30.98
C VAL F 169 38.13 72.66 31.86
N GLY F 170 39.40 72.45 31.52
CA GLY F 170 40.25 71.51 32.26
C GLY F 170 40.60 70.29 31.42
N SER F 171 39.79 70.06 30.41
CA SER F 171 40.00 68.95 29.50
C SER F 171 41.32 69.14 28.73
N LYS F 172 41.94 68.04 28.29
CA LYS F 172 43.18 68.17 27.53
C LYS F 172 42.93 68.06 26.03
N VAL F 173 43.87 68.61 25.29
CA VAL F 173 43.82 68.61 23.84
C VAL F 173 45.17 68.26 23.27
N TYR F 174 45.22 67.13 22.57
CA TYR F 174 46.46 66.70 21.99
C TYR F 174 46.57 67.09 20.58
N VAL F 175 47.79 67.44 20.23
CA VAL F 175 48.03 67.84 18.88
C VAL F 175 49.25 67.14 18.37
N ASP F 176 49.10 66.60 17.16
CA ASP F 176 50.19 65.92 16.49
C ASP F 176 50.63 64.75 17.28
N ASP F 177 49.94 63.62 17.07
CA ASP F 177 50.21 62.36 17.76
C ASP F 177 50.78 62.42 19.16
N GLY F 178 50.17 63.33 19.96
CA GLY F 178 50.47 63.55 21.36
C GLY F 178 51.58 64.55 21.62
N LEU F 179 52.18 65.05 20.52
CA LEU F 179 53.30 66.00 20.54
C LEU F 179 53.03 67.22 21.39
N ILE F 180 51.93 67.89 21.08
CA ILE F 180 51.53 69.07 21.79
C ILE F 180 50.35 68.79 22.67
N SER F 181 50.49 69.18 23.93
CA SER F 181 49.46 69.00 24.94
C SER F 181 48.78 70.30 25.44
N LEU F 182 47.90 70.93 24.66
CA LEU F 182 47.29 72.14 25.19
C LEU F 182 46.22 71.83 26.20
N GLN F 183 46.17 72.66 27.24
CA GLN F 183 45.12 72.51 28.22
C GLN F 183 44.13 73.66 28.05
N VAL F 184 42.83 73.36 28.08
CA VAL F 184 41.82 74.39 27.86
C VAL F 184 41.56 75.14 29.15
N LYS F 185 42.09 76.36 29.22
CA LYS F 185 41.84 77.15 30.41
C LYS F 185 40.58 78.00 30.26
N GLN F 186 40.38 78.44 29.02
CA GLN F 186 39.24 79.26 28.66
C GLN F 186 38.37 78.62 27.59
N LYS F 187 37.08 78.52 27.91
CA LYS F 187 36.10 77.94 27.03
C LYS F 187 35.14 78.96 26.46
N GLY F 188 35.16 79.10 25.14
CA GLY F 188 34.26 80.03 24.50
C GLY F 188 33.06 79.35 23.86
N PRO F 189 32.54 80.02 22.84
CA PRO F 189 31.39 79.56 22.10
C PRO F 189 31.78 78.93 20.78
N ASP F 190 32.95 79.36 20.30
CA ASP F 190 33.53 78.93 19.05
C ASP F 190 35.05 79.00 19.03
N PHE F 191 35.58 79.22 20.22
CA PHE F 191 36.99 79.34 20.47
C PHE F 191 37.36 78.54 21.69
N LEU F 192 38.64 78.38 21.86
CA LEU F 192 39.13 77.68 22.99
C LEU F 192 40.46 78.28 23.34
N VAL F 193 40.48 78.89 24.49
CA VAL F 193 41.71 79.46 24.96
C VAL F 193 42.42 78.37 25.76
N THR F 194 43.51 77.88 25.16
CA THR F 194 44.29 76.81 25.75
C THR F 194 45.67 77.29 26.08
N GLU F 195 46.11 76.94 27.26
CA GLU F 195 47.44 77.29 27.66
C GLU F 195 48.36 76.17 27.25
N VAL F 196 49.49 76.52 26.62
CA VAL F 196 50.42 75.50 26.19
C VAL F 196 51.19 74.84 27.32
N GLU F 197 50.87 73.58 27.46
CA GLU F 197 51.46 72.68 28.39
C GLU F 197 52.30 71.76 27.51
N ASN F 198 53.61 71.68 27.76
CA ASN F 198 54.53 70.90 26.91
C ASN F 198 54.33 71.10 25.38
N GLY F 199 55.03 72.10 24.85
CA GLY F 199 54.95 72.52 23.45
C GLY F 199 56.11 72.08 22.58
N GLY F 200 55.97 72.33 21.29
CA GLY F 200 56.93 71.95 20.28
C GLY F 200 56.64 72.61 18.95
N PHE F 201 56.83 71.91 17.85
CA PHE F 201 56.57 72.58 16.57
C PHE F 201 55.30 72.19 15.85
N LEU F 202 54.36 73.11 15.85
CA LEU F 202 53.10 72.89 15.16
C LEU F 202 53.36 72.87 13.65
N GLY F 203 52.58 72.09 12.94
CA GLY F 203 52.75 72.01 11.51
C GLY F 203 51.38 72.09 10.89
N SER F 204 51.33 72.07 9.58
CA SER F 204 50.05 72.15 8.95
C SER F 204 49.28 70.85 9.14
N LYS F 205 47.99 70.93 8.81
CA LYS F 205 47.02 69.84 8.82
C LYS F 205 47.35 68.65 9.72
N LYS F 206 47.60 68.90 10.99
CA LYS F 206 47.89 67.83 11.90
C LYS F 206 46.61 67.23 12.54
N GLY F 207 46.72 66.06 13.19
CA GLY F 207 45.54 65.41 13.75
C GLY F 207 45.37 65.64 15.23
N VAL F 208 44.11 65.76 15.62
CA VAL F 208 43.79 66.02 17.00
C VAL F 208 43.29 64.78 17.70
N ASN F 209 43.46 64.84 19.02
CA ASN F 209 43.08 63.83 20.00
C ASN F 209 42.66 64.49 21.32
N LEU F 210 41.39 64.29 21.69
CA LEU F 210 40.81 64.86 22.91
C LEU F 210 40.63 63.77 23.93
N PRO F 211 41.66 63.52 24.67
CA PRO F 211 41.61 62.47 25.68
C PRO F 211 40.42 62.58 26.61
N GLY F 212 40.00 61.43 27.15
CA GLY F 212 38.87 61.31 28.10
C GLY F 212 37.53 61.81 27.58
N ALA F 213 37.60 62.55 26.51
CA ALA F 213 36.39 63.05 25.95
C ALA F 213 35.67 61.98 25.19
N ALA F 214 34.36 62.22 25.13
CA ALA F 214 33.40 61.40 24.46
C ALA F 214 33.04 61.89 23.06
N VAL F 215 33.90 61.52 22.10
CA VAL F 215 33.64 61.93 20.74
C VAL F 215 32.25 61.66 20.17
N ASP F 216 31.65 62.77 19.83
CA ASP F 216 30.34 62.93 19.25
C ASP F 216 30.31 62.44 17.81
N LEU F 217 31.46 62.57 17.12
CA LEU F 217 31.60 62.17 15.72
C LEU F 217 30.90 60.85 15.36
N PRO F 218 30.49 60.79 14.10
CA PRO F 218 29.82 59.64 13.52
C PRO F 218 30.69 58.39 13.59
N ALA F 219 30.03 57.27 13.78
CA ALA F 219 30.72 56.01 13.89
C ALA F 219 31.62 55.75 12.70
N VAL F 220 31.12 56.22 11.57
CA VAL F 220 31.77 56.06 10.31
C VAL F 220 31.79 57.36 9.50
N SER F 221 32.93 57.66 8.88
CA SER F 221 33.02 58.84 8.08
C SER F 221 32.55 58.53 6.69
N GLU F 222 32.36 59.61 5.91
CA GLU F 222 31.93 59.54 4.51
C GLU F 222 32.85 58.66 3.67
N LYS F 223 34.17 58.83 3.83
CA LYS F 223 35.10 58.01 3.09
C LYS F 223 34.85 56.54 3.42
N ASP F 224 34.87 56.27 4.73
CA ASP F 224 34.66 54.94 5.31
C ASP F 224 33.55 54.23 4.59
N ILE F 225 32.55 55.04 4.31
CA ILE F 225 31.43 54.54 3.61
C ILE F 225 31.79 53.93 2.27
N GLN F 226 32.22 54.78 1.34
CA GLN F 226 32.61 54.30 0.01
C GLN F 226 33.60 53.19 0.12
N ASP F 227 34.46 53.33 1.12
CA ASP F 227 35.46 52.31 1.38
C ASP F 227 34.73 51.00 1.61
N LEU F 228 33.98 50.93 2.74
CA LEU F 228 33.24 49.74 3.11
C LEU F 228 32.48 49.20 1.94
N LYS F 229 31.70 50.06 1.32
CA LYS F 229 30.96 49.68 0.13
C LYS F 229 31.90 49.08 -0.93
N PHE F 230 33.05 49.63 -1.06
CA PHE F 230 34.01 49.10 -2.00
C PHE F 230 34.50 47.78 -1.46
N GLY F 231 34.78 47.82 -0.17
CA GLY F 231 35.26 46.66 0.58
C GLY F 231 34.39 45.45 0.33
N VAL F 232 33.11 45.71 0.11
CA VAL F 232 32.20 44.61 -0.15
C VAL F 232 32.34 44.14 -1.58
N GLU F 233 32.57 45.14 -2.42
CA GLU F 233 32.75 44.91 -3.82
C GLU F 233 33.93 43.98 -4.01
N GLN F 234 34.98 44.25 -3.21
CA GLN F 234 36.25 43.53 -3.26
C GLN F 234 36.25 42.14 -2.58
N ASP F 235 35.09 41.73 -2.08
CA ASP F 235 34.91 40.45 -1.38
C ASP F 235 35.94 40.25 -0.28
N VAL F 236 35.92 41.22 0.64
CA VAL F 236 36.83 41.20 1.75
C VAL F 236 36.42 40.20 2.80
N ASP F 237 37.34 39.73 3.61
CA ASP F 237 36.96 38.71 4.53
C ASP F 237 36.57 39.26 5.86
N MET F 238 37.04 40.44 6.13
CA MET F 238 36.75 41.02 7.42
C MET F 238 37.17 42.44 7.41
N VAL F 239 36.60 43.13 8.33
CA VAL F 239 36.92 44.51 8.43
C VAL F 239 37.40 44.92 9.80
N PHE F 240 38.45 45.73 9.88
CA PHE F 240 38.89 46.19 11.18
C PHE F 240 38.35 47.58 11.30
N ALA F 241 37.43 47.85 12.24
CA ALA F 241 36.83 49.19 12.34
C ALA F 241 37.51 50.08 13.31
N SER F 242 38.01 51.19 12.76
CA SER F 242 38.82 52.13 13.50
C SER F 242 37.94 53.02 14.30
N PHE F 243 38.38 53.27 15.54
CA PHE F 243 37.72 54.14 16.49
C PHE F 243 36.32 53.69 17.00
N ILE F 244 36.21 52.45 17.48
CA ILE F 244 34.93 52.01 18.02
C ILE F 244 34.85 52.55 19.44
N ARG F 245 33.72 53.18 19.72
CA ARG F 245 33.48 53.84 20.96
C ARG F 245 32.40 53.20 21.80
N LYS F 246 31.41 52.69 21.13
CA LYS F 246 30.32 52.09 21.85
C LYS F 246 29.58 51.22 20.87
N ALA F 247 28.78 50.32 21.43
CA ALA F 247 28.01 49.39 20.62
C ALA F 247 27.31 50.01 19.41
N ALA F 248 26.75 51.20 19.60
CA ALA F 248 26.07 51.93 18.52
C ALA F 248 26.92 52.01 17.28
N ASP F 249 28.21 52.13 17.56
CA ASP F 249 29.23 52.27 16.56
C ASP F 249 29.31 51.05 15.67
N VAL F 250 29.34 49.89 16.31
CA VAL F 250 29.40 48.65 15.56
C VAL F 250 28.15 48.46 14.76
N HIS F 251 27.03 48.83 15.37
CA HIS F 251 25.75 48.69 14.71
C HIS F 251 25.70 49.39 13.38
N GLU F 252 26.28 50.57 13.39
CA GLU F 252 26.39 51.41 12.21
C GLU F 252 27.25 50.80 11.10
N VAL F 253 28.40 50.28 11.46
CA VAL F 253 29.22 49.68 10.44
C VAL F 253 28.51 48.51 9.85
N ARG F 254 27.90 47.76 10.76
CA ARG F 254 27.15 46.61 10.37
C ARG F 254 26.07 46.95 9.34
N LYS F 255 25.42 48.11 9.48
CA LYS F 255 24.38 48.56 8.53
C LYS F 255 24.97 48.88 7.18
N ILE F 256 26.06 49.62 7.21
CA ILE F 256 26.69 50.00 6.00
C ILE F 256 27.03 48.77 5.19
N LEU F 257 27.44 47.74 5.89
CA LEU F 257 27.79 46.54 5.21
C LEU F 257 26.56 46.02 4.47
N GLY F 258 25.49 45.88 5.21
CA GLY F 258 24.23 45.48 4.63
C GLY F 258 24.14 44.02 4.28
N GLU F 259 22.99 43.71 3.70
CA GLU F 259 22.62 42.39 3.24
C GLU F 259 23.80 41.80 2.51
N LYS F 260 24.39 42.64 1.69
CA LYS F 260 25.53 42.20 0.92
C LYS F 260 26.67 41.63 1.78
N GLY F 261 27.19 42.44 2.69
CA GLY F 261 28.28 41.96 3.51
C GLY F 261 27.90 41.52 4.90
N LYS F 262 26.99 40.58 5.00
CA LYS F 262 26.62 40.19 6.35
C LYS F 262 27.49 39.11 6.97
N ASN F 263 28.27 38.43 6.13
CA ASN F 263 29.18 37.38 6.55
C ASN F 263 30.61 37.91 6.60
N ILE F 264 30.69 39.21 6.50
CA ILE F 264 31.97 39.85 6.56
C ILE F 264 32.26 40.08 8.04
N LYS F 265 33.37 39.58 8.53
CA LYS F 265 33.61 39.78 9.94
C LYS F 265 33.97 41.22 10.24
N ILE F 266 33.44 41.68 11.37
CA ILE F 266 33.62 43.02 11.89
C ILE F 266 34.48 43.03 13.14
N ILE F 267 35.68 43.59 13.00
CA ILE F 267 36.69 43.69 14.06
C ILE F 267 36.79 45.07 14.67
N SER F 268 36.25 45.20 15.84
CA SER F 268 36.31 46.49 16.46
C SER F 268 37.67 46.91 16.99
N LYS F 269 38.12 48.06 16.53
CA LYS F 269 39.38 48.53 17.04
C LYS F 269 39.21 49.46 18.20
N ILE F 270 39.66 49.02 19.37
CA ILE F 270 39.65 49.79 20.60
C ILE F 270 40.81 50.80 20.61
N GLU F 271 40.54 52.08 20.30
CA GLU F 271 41.56 53.11 20.26
C GLU F 271 41.52 54.15 21.38
N ASN F 272 40.50 54.17 22.19
CA ASN F 272 40.55 55.21 23.21
C ASN F 272 39.93 54.86 24.52
N HIS F 273 39.83 55.88 25.32
CA HIS F 273 39.25 55.75 26.63
C HIS F 273 37.91 55.06 26.65
N GLU F 274 36.95 55.73 25.99
CA GLU F 274 35.58 55.30 25.86
C GLU F 274 35.55 53.82 25.57
N GLY F 275 36.10 53.44 24.41
CA GLY F 275 36.19 52.06 24.00
C GLY F 275 36.70 51.20 25.15
N VAL F 276 37.73 51.65 25.86
CA VAL F 276 38.21 50.83 26.97
C VAL F 276 37.13 50.66 28.02
N ARG F 277 36.59 51.80 28.43
CA ARG F 277 35.55 51.89 29.45
C ARG F 277 34.22 51.17 29.13
N ARG F 278 33.77 51.35 27.92
CA ARG F 278 32.56 50.71 27.47
C ARG F 278 32.84 49.39 26.74
N PHE F 279 34.01 48.86 26.97
CA PHE F 279 34.42 47.65 26.32
C PHE F 279 33.45 46.49 26.31
N ASP F 280 32.84 46.20 27.44
CA ASP F 280 31.98 45.04 27.44
C ASP F 280 30.86 45.01 26.42
N GLU F 281 30.29 46.15 26.12
CA GLU F 281 29.17 46.20 25.19
C GLU F 281 29.59 46.15 23.74
N ILE F 282 30.86 46.47 23.54
CA ILE F 282 31.47 46.47 22.25
C ILE F 282 31.81 45.03 21.87
N LEU F 283 32.28 44.31 22.86
CA LEU F 283 32.61 42.92 22.69
C LEU F 283 31.40 42.20 22.17
N GLU F 284 30.30 42.37 22.86
CA GLU F 284 29.06 41.72 22.46
C GLU F 284 28.63 42.02 21.04
N ALA F 285 28.92 43.23 20.63
CA ALA F 285 28.49 43.56 19.30
C ALA F 285 29.52 43.20 18.25
N SER F 286 30.77 42.90 18.65
CA SER F 286 31.77 42.60 17.63
C SER F 286 31.93 41.13 17.35
N ASP F 287 32.65 40.88 16.28
CA ASP F 287 32.91 39.55 15.86
C ASP F 287 34.28 39.18 16.38
N GLY F 288 35.00 40.23 16.72
CA GLY F 288 36.36 40.17 17.21
C GLY F 288 36.82 41.56 17.57
N ILE F 289 37.93 41.60 18.28
CA ILE F 289 38.49 42.84 18.75
C ILE F 289 39.98 42.94 18.46
N MET F 290 40.43 44.16 18.13
CA MET F 290 41.84 44.52 17.89
C MET F 290 42.30 45.51 18.92
N VAL F 291 43.42 45.24 19.50
CA VAL F 291 43.95 46.17 20.47
C VAL F 291 44.90 47.11 19.76
N ALA F 292 44.48 48.34 19.45
CA ALA F 292 45.36 49.26 18.73
C ALA F 292 46.29 50.01 19.61
N ARG F 293 47.43 49.43 19.96
CA ARG F 293 48.32 50.11 20.86
C ARG F 293 48.88 51.40 20.39
N GLY F 294 48.82 51.66 19.09
CA GLY F 294 49.36 52.94 18.64
C GLY F 294 48.54 54.08 19.18
N ASP F 295 47.35 54.24 18.59
CA ASP F 295 46.43 55.28 19.00
C ASP F 295 46.09 55.20 20.51
N LEU F 296 45.81 54.00 20.99
CA LEU F 296 45.46 53.77 22.38
C LEU F 296 46.46 54.37 23.32
N GLY F 297 47.70 54.24 22.91
CA GLY F 297 48.82 54.73 23.69
C GLY F 297 48.89 56.25 23.70
N ILE F 298 48.38 56.88 22.66
CA ILE F 298 48.38 58.33 22.69
C ILE F 298 47.27 58.88 23.58
N GLU F 299 46.06 58.29 23.48
CA GLU F 299 44.86 58.68 24.25
C GLU F 299 45.04 58.41 25.74
N ILE F 300 45.36 57.19 26.07
CA ILE F 300 45.59 56.85 27.45
C ILE F 300 47.09 56.95 27.62
N PRO F 301 47.56 56.93 28.87
CA PRO F 301 48.99 57.01 29.13
C PRO F 301 49.65 55.68 28.91
N ALA F 302 50.78 55.78 28.26
CA ALA F 302 51.62 54.66 27.86
C ALA F 302 51.83 53.54 28.87
N GLU F 303 52.07 53.95 30.12
CA GLU F 303 52.29 53.04 31.25
C GLU F 303 51.04 52.20 31.59
N LYS F 304 49.89 52.62 31.06
CA LYS F 304 48.61 51.95 31.26
C LYS F 304 48.20 51.08 30.07
N VAL F 305 48.92 51.23 28.94
CA VAL F 305 48.64 50.47 27.76
C VAL F 305 48.74 48.98 28.02
N PHE F 306 49.75 48.51 28.74
CA PHE F 306 49.80 47.07 29.00
C PHE F 306 48.58 46.56 29.73
N LEU F 307 48.01 47.37 30.58
CA LEU F 307 46.83 46.89 31.27
C LEU F 307 45.69 46.71 30.26
N ALA F 308 45.44 47.72 29.46
CA ALA F 308 44.34 47.63 28.49
C ALA F 308 44.40 46.39 27.59
N GLN F 309 45.63 45.97 27.21
CA GLN F 309 45.86 44.82 26.34
C GLN F 309 45.52 43.52 27.04
N LYS F 310 45.97 43.39 28.27
CA LYS F 310 45.68 42.18 29.02
C LYS F 310 44.18 42.02 29.35
N MET F 311 43.58 43.08 29.85
CA MET F 311 42.17 43.04 30.14
C MET F 311 41.38 42.73 28.86
N ILE F 312 41.63 43.46 27.77
CA ILE F 312 40.92 43.22 26.53
C ILE F 312 41.12 41.84 26.04
N ILE F 313 42.28 41.31 26.36
CA ILE F 313 42.59 39.94 25.94
C ILE F 313 41.88 38.86 26.75
N GLY F 314 42.09 38.81 28.10
CA GLY F 314 41.43 37.82 28.98
C GLY F 314 39.95 37.82 28.65
N ARG F 315 39.41 39.02 28.67
CA ARG F 315 38.02 39.21 28.30
C ARG F 315 37.63 38.64 27.00
N CYS F 316 38.45 38.80 25.97
CA CYS F 316 38.06 38.17 24.73
C CYS F 316 38.15 36.65 24.85
N ASN F 317 39.30 36.17 25.36
CA ASN F 317 39.62 34.74 25.51
C ASN F 317 38.54 33.98 26.20
N ARG F 318 38.00 34.69 27.16
CA ARG F 318 36.96 34.20 28.03
C ARG F 318 35.67 34.02 27.25
N ALA F 319 35.36 35.07 26.50
CA ALA F 319 34.18 35.18 25.67
C ALA F 319 34.19 34.30 24.43
N GLY F 320 35.39 33.87 24.03
CA GLY F 320 35.54 33.04 22.85
C GLY F 320 35.49 33.80 21.54
N LYS F 321 35.85 35.09 21.60
CA LYS F 321 35.91 35.99 20.46
C LYS F 321 37.37 36.33 20.22
N PRO F 322 37.78 36.22 18.98
CA PRO F 322 39.15 36.45 18.62
C PRO F 322 39.70 37.84 18.94
N VAL F 323 40.96 37.88 19.37
CA VAL F 323 41.61 39.14 19.63
C VAL F 323 42.95 39.18 18.95
N ILE F 324 43.22 40.34 18.38
CA ILE F 324 44.43 40.70 17.67
C ILE F 324 45.28 41.76 18.42
N CYS F 325 46.59 41.56 18.46
CA CYS F 325 47.48 42.51 19.13
C CYS F 325 48.36 43.20 18.12
N ALA F 326 48.33 44.56 18.14
CA ALA F 326 48.98 45.38 17.16
C ALA F 326 49.89 46.49 17.55
N THR F 327 50.66 46.90 16.53
CA THR F 327 51.54 48.04 16.56
C THR F 327 52.87 48.01 17.31
N GLN F 328 53.97 48.12 16.58
CA GLN F 328 55.29 48.18 17.19
C GLN F 328 55.83 46.87 17.77
N MET F 329 55.38 45.76 17.25
CA MET F 329 55.91 44.59 17.88
C MET F 329 57.35 44.39 17.51
N LEU F 330 57.66 44.76 16.30
CA LEU F 330 59.02 44.59 15.86
C LEU F 330 59.44 45.84 15.16
N GLU F 331 59.28 47.03 15.77
CA GLU F 331 59.63 48.32 15.10
C GLU F 331 61.04 48.51 14.52
N SER F 332 62.06 48.10 15.27
CA SER F 332 63.40 48.28 14.78
C SER F 332 63.54 47.64 13.41
N MET F 333 62.97 46.46 13.30
CA MET F 333 62.98 45.67 12.06
C MET F 333 62.57 46.38 10.80
N ILE F 334 62.22 47.63 10.95
CA ILE F 334 61.87 48.38 9.79
C ILE F 334 63.15 48.82 9.14
N LYS F 335 64.16 49.01 9.98
CA LYS F 335 65.46 49.44 9.54
C LYS F 335 66.67 48.50 9.75
N LYS F 336 66.51 47.56 10.68
CA LYS F 336 67.51 46.54 10.96
C LYS F 336 66.94 45.13 10.72
N PRO F 337 67.83 44.20 10.47
CA PRO F 337 67.49 42.82 10.15
C PRO F 337 67.20 41.97 11.38
N ARG F 338 67.49 42.57 12.53
CA ARG F 338 67.25 41.92 13.80
C ARG F 338 66.50 42.81 14.80
N PRO F 339 65.50 42.19 15.45
CA PRO F 339 64.69 42.86 16.45
C PRO F 339 65.49 43.06 17.73
N THR F 340 65.02 43.98 18.57
CA THR F 340 65.67 44.22 19.85
C THR F 340 65.23 43.16 20.85
N ARG F 341 65.88 43.12 22.02
CA ARG F 341 65.42 42.15 23.01
C ARG F 341 64.08 42.52 23.62
N ALA F 342 63.63 43.71 23.37
CA ALA F 342 62.34 44.10 23.87
C ALA F 342 61.29 43.62 22.86
N GLU F 343 61.49 43.88 21.57
CA GLU F 343 60.52 43.40 20.60
C GLU F 343 60.31 41.88 20.72
N GLY F 344 61.40 41.16 20.97
CA GLY F 344 61.33 39.73 21.17
C GLY F 344 60.31 39.36 22.24
N SER F 345 60.43 39.99 23.43
CA SER F 345 59.48 39.75 24.53
C SER F 345 58.01 40.05 24.23
N ASP F 346 57.77 41.19 23.59
CA ASP F 346 56.40 41.61 23.22
C ASP F 346 55.65 40.50 22.51
N VAL F 347 56.27 40.03 21.44
CA VAL F 347 55.69 38.97 20.70
C VAL F 347 55.44 37.79 21.61
N ALA F 348 56.48 37.33 22.30
CA ALA F 348 56.32 36.18 23.20
C ALA F 348 55.21 36.44 24.16
N ASN F 349 55.21 37.61 24.72
CA ASN F 349 54.20 37.88 25.69
C ASN F 349 52.82 38.07 25.12
N ALA F 350 52.70 38.77 24.00
CA ALA F 350 51.38 38.91 23.42
C ALA F 350 50.84 37.53 23.10
N VAL F 351 51.73 36.67 22.75
CA VAL F 351 51.29 35.35 22.47
C VAL F 351 50.88 34.61 23.72
N LEU F 352 51.63 34.84 24.77
CA LEU F 352 51.44 34.19 26.09
C LEU F 352 50.18 34.71 26.81
N ASP F 353 49.79 35.96 26.50
CA ASP F 353 48.60 36.60 27.07
C ASP F 353 47.34 35.93 26.56
N GLY F 354 47.34 35.62 25.26
CA GLY F 354 46.21 34.92 24.64
C GLY F 354 45.82 35.42 23.26
N ALA F 355 46.61 36.31 22.72
CA ALA F 355 46.29 36.86 21.43
C ALA F 355 46.04 35.82 20.36
N ASP F 356 44.89 35.95 19.74
CA ASP F 356 44.53 35.03 18.70
C ASP F 356 45.47 35.25 17.50
N CYS F 357 45.83 36.51 17.31
CA CYS F 357 46.72 36.92 16.24
C CYS F 357 47.76 37.97 16.61
N ILE F 358 48.72 38.14 15.73
CA ILE F 358 49.74 39.13 15.87
C ILE F 358 49.88 39.90 14.58
N MET F 359 50.22 41.16 14.68
CA MET F 359 50.27 42.00 13.52
C MET F 359 51.56 42.81 13.31
N LEU F 360 51.72 43.19 12.06
CA LEU F 360 52.85 43.94 11.57
C LEU F 360 52.37 45.01 10.63
N SER F 361 52.78 46.24 11.01
CA SER F 361 52.44 47.47 10.33
C SER F 361 53.54 47.91 9.33
N GLY F 362 54.30 48.93 9.66
CA GLY F 362 55.29 49.33 8.73
C GLY F 362 56.38 48.29 8.54
N GLU F 363 56.51 47.33 9.48
CA GLU F 363 57.57 46.34 9.37
C GLU F 363 57.60 45.67 7.99
N THR F 364 56.38 45.48 7.44
CA THR F 364 56.08 44.86 6.15
C THR F 364 55.55 45.84 5.10
N ALA F 365 54.98 46.92 5.57
CA ALA F 365 54.42 47.89 4.67
C ALA F 365 55.44 48.73 3.97
N LYS F 366 56.43 49.22 4.72
CA LYS F 366 57.43 50.15 4.17
C LYS F 366 58.88 49.81 4.36
N GLY F 367 59.13 48.95 5.33
CA GLY F 367 60.42 48.49 5.80
C GLY F 367 61.36 47.76 4.88
N ASP F 368 62.64 47.79 5.27
CA ASP F 368 63.66 47.17 4.48
C ASP F 368 63.83 45.70 4.75
N TYR F 369 63.00 45.11 5.61
CA TYR F 369 63.16 43.68 5.92
C TYR F 369 61.86 42.98 6.22
N PRO F 370 60.93 43.10 5.30
CA PRO F 370 59.62 42.50 5.45
C PRO F 370 59.61 41.03 5.86
N LEU F 371 60.31 40.17 5.12
CA LEU F 371 60.27 38.76 5.41
C LEU F 371 61.00 38.39 6.63
N GLU F 372 62.02 39.16 6.87
CA GLU F 372 62.83 38.92 8.01
C GLU F 372 61.97 39.11 9.24
N ALA F 373 61.06 40.05 9.11
CA ALA F 373 60.14 40.35 10.18
C ALA F 373 59.10 39.27 10.38
N VAL F 374 58.46 38.88 9.29
CA VAL F 374 57.47 37.83 9.40
C VAL F 374 58.01 36.56 10.05
N ARG F 375 59.17 36.16 9.59
CA ARG F 375 59.83 34.98 10.09
C ARG F 375 60.15 35.10 11.57
N MET F 376 60.53 36.27 11.98
CA MET F 376 60.87 36.47 13.35
C MET F 376 59.59 36.20 14.15
N GLN F 377 58.48 36.77 13.72
CA GLN F 377 57.24 36.54 14.42
C GLN F 377 56.83 35.09 14.60
N HIS F 378 56.92 34.37 13.53
CA HIS F 378 56.56 32.97 13.51
C HIS F 378 57.35 32.08 14.47
N LEU F 379 58.65 32.33 14.52
CA LEU F 379 59.63 31.64 15.34
C LEU F 379 59.39 31.71 16.81
N ILE F 380 59.05 32.93 17.24
CA ILE F 380 58.73 33.29 18.63
C ILE F 380 57.37 32.76 19.05
N ALA F 381 56.41 32.82 18.10
CA ALA F 381 55.06 32.33 18.29
C ALA F 381 55.05 30.86 18.64
N ARG F 382 55.97 30.12 18.06
CA ARG F 382 56.05 28.70 18.33
C ARG F 382 56.65 28.39 19.69
N GLU F 383 57.65 29.16 20.09
CA GLU F 383 58.28 28.96 21.38
C GLU F 383 57.28 29.30 22.48
N ALA F 384 56.74 30.50 22.37
CA ALA F 384 55.71 30.98 23.28
C ALA F 384 54.54 30.02 23.41
N GLU F 385 54.03 29.62 22.27
CA GLU F 385 52.91 28.71 22.25
C GLU F 385 53.20 27.49 23.10
N ALA F 386 54.42 27.03 23.04
CA ALA F 386 54.66 25.87 23.83
C ALA F 386 54.76 26.24 25.26
N ALA F 387 55.06 27.51 25.52
CA ALA F 387 55.24 27.88 26.92
C ALA F 387 54.01 28.19 27.70
N MET F 388 52.88 27.96 27.10
CA MET F 388 51.71 28.25 27.88
C MET F 388 51.44 27.16 28.86
N PHE F 389 50.63 27.51 29.87
CA PHE F 389 50.24 26.58 30.94
C PHE F 389 48.84 26.09 30.66
N HIS F 390 48.81 25.14 29.75
CA HIS F 390 47.58 24.65 29.24
C HIS F 390 46.60 24.09 30.23
N ARG F 391 47.11 23.28 31.11
CA ARG F 391 46.27 22.71 32.13
C ARG F 391 45.48 23.85 32.86
N LYS F 392 46.19 24.84 33.40
CA LYS F 392 45.56 25.96 34.11
C LYS F 392 44.62 26.75 33.29
N LEU F 393 45.11 27.25 32.21
CA LEU F 393 44.31 28.03 31.28
C LEU F 393 42.97 27.36 30.96
N PHE F 394 43.01 26.06 30.56
CA PHE F 394 41.78 25.33 30.26
C PHE F 394 40.77 25.41 31.42
N GLU F 395 41.22 24.98 32.60
CA GLU F 395 40.47 25.05 33.85
C GLU F 395 39.74 26.36 33.98
N GLU F 396 40.55 27.42 34.11
CA GLU F 396 40.02 28.77 34.24
C GLU F 396 38.99 29.10 33.15
N LEU F 397 39.31 28.71 31.93
CA LEU F 397 38.46 28.93 30.80
C LEU F 397 37.13 28.25 31.07
N ALA F 398 37.19 27.02 31.60
CA ALA F 398 35.99 26.23 31.87
C ALA F 398 35.05 26.84 32.89
N ARG F 399 35.63 27.34 33.97
CA ARG F 399 34.83 27.99 34.98
C ARG F 399 34.07 29.17 34.41
N SER F 400 34.82 30.07 33.77
CA SER F 400 34.23 31.26 33.20
C SER F 400 32.98 31.00 32.37
N SER F 401 32.77 29.75 32.00
CA SER F 401 31.64 29.48 31.14
C SER F 401 30.70 28.45 31.69
N SER F 402 30.98 28.01 32.90
CA SER F 402 30.21 26.99 33.60
C SER F 402 28.68 27.06 33.40
N HIS F 403 28.20 28.28 33.45
CA HIS F 403 26.81 28.63 33.32
C HIS F 403 26.16 28.22 31.96
N SER F 404 27.00 27.81 31.00
CA SER F 404 26.51 27.37 29.72
C SER F 404 26.68 25.86 29.64
N THR F 405 25.66 25.23 29.09
CA THR F 405 25.59 23.80 28.96
C THR F 405 25.47 23.38 27.49
N ASP F 406 26.09 24.18 26.62
CA ASP F 406 26.09 23.99 25.19
C ASP F 406 26.72 22.70 24.76
N LEU F 407 26.02 22.04 23.85
CA LEU F 407 26.46 20.76 23.32
C LEU F 407 27.82 20.87 22.65
N MET F 408 27.96 21.81 21.76
CA MET F 408 29.25 21.96 21.11
C MET F 408 30.39 22.26 22.10
N GLU F 409 30.10 23.06 23.11
CA GLU F 409 31.10 23.36 24.11
C GLU F 409 31.54 22.08 24.78
N ALA F 410 30.57 21.28 25.07
CA ALA F 410 30.87 20.01 25.70
C ALA F 410 31.79 19.21 24.81
N MET F 411 31.41 19.10 23.53
CA MET F 411 32.23 18.38 22.56
C MET F 411 33.63 19.04 22.56
N ALA F 412 33.68 20.36 22.36
CA ALA F 412 34.95 21.09 22.35
C ALA F 412 35.84 20.81 23.54
N MET F 413 35.27 20.89 24.76
CA MET F 413 36.06 20.62 25.94
C MET F 413 36.45 19.17 26.01
N GLY F 414 35.54 18.30 25.66
CA GLY F 414 35.86 16.90 25.75
C GLY F 414 37.03 16.49 24.89
N SER F 415 37.06 17.06 23.70
CA SER F 415 38.08 16.75 22.71
C SER F 415 39.40 17.27 23.13
N VAL F 416 39.38 18.55 23.57
CA VAL F 416 40.58 19.22 24.07
C VAL F 416 41.23 18.44 25.19
N GLU F 417 40.46 18.10 26.20
CA GLU F 417 40.97 17.29 27.31
C GLU F 417 41.50 15.91 26.83
N ALA F 418 40.81 15.30 25.89
CA ALA F 418 41.31 14.04 25.41
C ALA F 418 42.66 14.27 24.75
N SER F 419 42.76 15.38 24.02
CA SER F 419 43.95 15.81 23.32
C SER F 419 45.12 16.07 24.27
N TYR F 420 44.83 16.45 25.50
CA TYR F 420 45.93 16.65 26.43
C TYR F 420 46.33 15.29 27.01
N LYS F 421 45.33 14.47 27.31
CA LYS F 421 45.60 13.16 27.89
C LYS F 421 46.55 12.29 27.09
N CYS F 422 46.16 11.93 25.85
CA CYS F 422 47.01 11.07 25.04
C CYS F 422 48.02 11.83 24.20
N LEU F 423 48.11 13.12 24.38
CA LEU F 423 49.08 13.87 23.64
C LEU F 423 48.91 13.76 22.14
N ALA F 424 47.70 13.95 21.70
CA ALA F 424 47.35 13.90 20.32
C ALA F 424 48.24 14.83 19.56
N ALA F 425 48.41 14.52 18.26
CA ALA F 425 49.25 15.28 17.34
C ALA F 425 48.48 16.37 16.61
N ALA F 426 47.18 16.27 16.64
CA ALA F 426 46.32 17.26 16.00
C ALA F 426 44.89 16.87 16.23
N LEU F 427 44.01 17.87 16.05
CA LEU F 427 42.55 17.74 16.13
C LEU F 427 41.96 18.12 14.77
N ILE F 428 41.23 17.19 14.14
CA ILE F 428 40.66 17.48 12.86
C ILE F 428 39.20 17.77 12.99
N VAL F 429 38.73 18.82 12.38
CA VAL F 429 37.32 19.19 12.47
C VAL F 429 36.72 19.46 11.11
N LEU F 430 35.60 18.82 10.81
CA LEU F 430 34.95 19.02 9.55
C LEU F 430 33.88 20.04 9.77
N THR F 431 34.10 21.24 9.18
CA THR F 431 33.20 22.39 9.32
C THR F 431 32.88 23.20 8.05
N GLU F 432 31.65 23.74 7.99
CA GLU F 432 31.25 24.61 6.88
C GLU F 432 30.89 26.01 7.33
N SER F 433 30.55 26.12 8.62
CA SER F 433 30.19 27.36 9.35
C SER F 433 31.41 27.88 10.15
N GLY F 434 32.24 26.95 10.55
CA GLY F 434 33.39 27.31 11.31
C GLY F 434 33.11 27.28 12.80
N ARG F 435 31.84 27.34 13.17
CA ARG F 435 31.51 27.34 14.58
C ARG F 435 32.11 26.20 15.34
N SER F 436 31.87 25.03 14.80
CA SER F 436 32.37 23.82 15.38
C SER F 436 33.87 23.97 15.62
N ALA F 437 34.58 24.44 14.59
CA ALA F 437 36.01 24.68 14.71
C ALA F 437 36.35 25.77 15.70
N HIS F 438 35.58 26.81 15.63
CA HIS F 438 35.80 27.93 16.50
C HIS F 438 35.79 27.50 17.98
N GLN F 439 34.69 26.87 18.33
CA GLN F 439 34.46 26.40 19.69
C GLN F 439 35.60 25.60 20.28
N VAL F 440 36.32 24.85 19.46
CA VAL F 440 37.44 24.12 20.02
C VAL F 440 38.59 25.06 20.27
N ALA F 441 38.75 25.94 19.31
CA ALA F 441 39.85 26.86 19.31
C ALA F 441 39.90 27.62 20.59
N ARG F 442 38.68 27.97 20.99
CA ARG F 442 38.43 28.78 22.16
C ARG F 442 38.87 28.18 23.48
N TYR F 443 39.04 26.85 23.48
CA TYR F 443 39.48 26.10 24.64
C TYR F 443 40.93 25.78 24.71
N ARG F 444 41.69 26.36 23.80
CA ARG F 444 43.15 26.24 23.74
C ARG F 444 43.79 24.88 23.74
N PRO F 445 43.60 24.10 22.67
CA PRO F 445 44.25 22.81 22.62
C PRO F 445 45.71 23.15 22.42
N ARG F 446 46.63 22.29 22.79
CA ARG F 446 48.07 22.57 22.62
C ARG F 446 48.48 22.30 21.21
N ALA F 447 47.69 21.44 20.62
CA ALA F 447 47.84 21.01 19.28
C ALA F 447 47.05 21.88 18.29
N PRO F 448 47.34 21.64 17.00
CA PRO F 448 46.74 22.37 15.92
C PRO F 448 45.41 21.83 15.56
N ILE F 449 44.58 22.74 15.09
CA ILE F 449 43.26 22.40 14.69
C ILE F 449 43.17 22.48 13.21
N ILE F 450 43.08 21.32 12.66
CA ILE F 450 42.93 21.26 11.25
C ILE F 450 41.47 21.35 10.91
N ALA F 451 41.13 22.36 10.16
CA ALA F 451 39.79 22.54 9.72
C ALA F 451 39.62 22.36 8.23
N VAL F 452 38.83 21.35 7.92
CA VAL F 452 38.56 21.05 6.57
C VAL F 452 37.20 21.52 6.17
N THR F 453 37.23 22.50 5.32
CA THR F 453 36.01 23.06 4.82
C THR F 453 35.99 23.12 3.34
N ARG F 454 34.76 23.16 2.85
CA ARG F 454 34.50 23.26 1.44
C ARG F 454 34.00 24.68 1.18
N ASN F 455 34.10 25.47 2.21
CA ASN F 455 33.70 26.84 2.10
C ASN F 455 34.98 27.62 2.23
N HIS F 456 35.26 28.40 1.18
CA HIS F 456 36.47 29.20 1.06
C HIS F 456 36.53 30.35 2.05
N GLN F 457 35.42 31.13 2.11
CA GLN F 457 35.33 32.25 3.06
C GLN F 457 35.65 31.78 4.47
N THR F 458 34.96 30.73 4.88
CA THR F 458 35.18 30.16 6.18
C THR F 458 36.64 29.83 6.45
N ALA F 459 37.29 29.30 5.44
CA ALA F 459 38.68 28.92 5.57
C ALA F 459 39.54 30.12 5.79
N ARG F 460 39.19 31.18 5.11
CA ARG F 460 40.00 32.37 5.25
C ARG F 460 39.84 32.96 6.64
N GLN F 461 38.59 33.24 7.00
CA GLN F 461 38.19 33.84 8.25
C GLN F 461 38.69 33.07 9.44
N ALA F 462 38.97 31.77 9.24
CA ALA F 462 39.42 30.95 10.33
C ALA F 462 40.72 31.41 10.88
N HIS F 463 41.48 32.12 10.06
CA HIS F 463 42.77 32.60 10.50
C HIS F 463 42.63 33.53 11.67
N LEU F 464 41.39 33.99 11.91
CA LEU F 464 41.14 34.87 13.02
C LEU F 464 41.40 34.14 14.32
N TYR F 465 41.16 32.82 14.29
CA TYR F 465 41.30 31.95 15.45
C TYR F 465 42.65 31.28 15.63
N ARG F 466 42.80 30.86 16.89
CA ARG F 466 44.00 30.28 17.42
C ARG F 466 44.08 28.76 17.46
N GLY F 467 44.92 28.26 16.56
CA GLY F 467 45.19 26.84 16.48
C GLY F 467 44.72 26.30 15.17
N ILE F 468 43.66 26.95 14.70
CA ILE F 468 43.03 26.58 13.44
C ILE F 468 43.89 26.79 12.25
N PHE F 469 44.04 25.68 11.51
CA PHE F 469 44.78 25.60 10.25
C PHE F 469 43.75 25.27 9.18
N PRO F 470 43.34 26.28 8.47
CA PRO F 470 42.30 26.06 7.51
C PRO F 470 42.84 25.36 6.30
N VAL F 471 42.08 24.35 5.88
CA VAL F 471 42.33 23.50 4.73
C VAL F 471 41.13 23.46 3.79
N VAL F 472 41.36 23.75 2.51
CA VAL F 472 40.22 23.71 1.62
C VAL F 472 40.02 22.40 0.88
N CYS F 473 38.79 22.00 0.83
CA CYS F 473 38.46 20.77 0.21
C CYS F 473 37.75 21.20 -1.04
N LYS F 474 38.42 20.92 -2.14
CA LYS F 474 37.93 21.29 -3.44
C LYS F 474 37.13 20.21 -4.12
N ASP F 475 37.28 19.00 -3.60
CA ASP F 475 36.57 17.84 -4.09
C ASP F 475 35.07 17.96 -3.91
N PRO F 476 34.38 17.50 -4.92
CA PRO F 476 32.95 17.54 -4.93
C PRO F 476 32.37 16.63 -3.89
N VAL F 477 31.07 16.79 -3.66
CA VAL F 477 30.35 16.02 -2.67
C VAL F 477 29.93 14.63 -3.00
N GLN F 478 30.51 13.71 -2.23
CA GLN F 478 30.25 12.29 -2.32
C GLN F 478 28.83 11.94 -1.91
N GLU F 479 28.27 10.97 -2.63
CA GLU F 479 26.90 10.52 -2.42
C GLU F 479 26.70 10.00 -1.02
N ALA F 480 27.69 9.20 -0.59
CA ALA F 480 27.71 8.61 0.74
C ALA F 480 28.32 9.53 1.77
N TRP F 481 27.53 9.83 2.78
CA TRP F 481 27.97 10.66 3.83
C TRP F 481 29.23 10.08 4.43
N ALA F 482 29.15 8.80 4.83
CA ALA F 482 30.26 8.04 5.44
C ALA F 482 31.52 8.14 4.65
N GLU F 483 31.35 8.37 3.34
CA GLU F 483 32.44 8.47 2.40
C GLU F 483 32.96 9.90 2.33
N ASP F 484 32.01 10.78 2.04
CA ASP F 484 32.20 12.22 1.93
C ASP F 484 33.08 12.69 3.05
N VAL F 485 32.85 12.05 4.18
CA VAL F 485 33.59 12.36 5.37
C VAL F 485 35.01 11.88 5.33
N ASP F 486 35.12 10.56 5.20
CA ASP F 486 36.41 9.89 5.24
C ASP F 486 37.37 10.56 4.33
N LEU F 487 36.78 11.03 3.25
CA LEU F 487 37.51 11.75 2.27
C LEU F 487 38.22 12.90 2.91
N ARG F 488 37.39 13.85 3.36
CA ARG F 488 37.87 15.05 4.02
C ARG F 488 38.89 14.74 5.04
N VAL F 489 38.55 13.76 5.83
CA VAL F 489 39.47 13.35 6.87
C VAL F 489 40.81 12.96 6.29
N ASN F 490 40.78 12.34 5.15
CA ASN F 490 42.07 11.98 4.64
C ASN F 490 42.88 13.18 4.26
N LEU F 491 42.14 14.11 3.69
CA LEU F 491 42.68 15.37 3.22
C LEU F 491 43.50 15.95 4.35
N ALA F 492 42.88 16.00 5.53
CA ALA F 492 43.56 16.55 6.68
C ALA F 492 44.79 15.73 6.99
N MET F 493 44.56 14.45 6.95
CA MET F 493 45.63 13.51 7.20
C MET F 493 46.84 13.70 6.32
N ASN F 494 46.59 13.95 5.02
CA ASN F 494 47.72 14.13 4.13
C ASN F 494 48.44 15.42 4.34
N VAL F 495 47.64 16.43 4.52
CA VAL F 495 48.22 17.71 4.71
C VAL F 495 49.17 17.75 5.89
N GLY F 496 48.76 17.18 7.01
CA GLY F 496 49.61 17.17 8.19
C GLY F 496 50.88 16.34 8.06
N LYS F 497 50.77 15.22 7.37
CA LYS F 497 51.93 14.37 7.20
C LYS F 497 53.03 15.13 6.50
N ALA F 498 52.56 15.80 5.44
CA ALA F 498 53.32 16.64 4.53
C ALA F 498 53.82 17.94 5.10
N ARG F 499 53.00 18.60 5.93
CA ARG F 499 53.40 19.88 6.54
C ARG F 499 54.39 19.63 7.66
N GLY F 500 54.42 18.37 8.16
CA GLY F 500 55.32 17.95 9.25
C GLY F 500 54.70 17.95 10.65
N PHE F 501 53.38 17.86 10.70
CA PHE F 501 52.61 17.92 11.94
C PHE F 501 52.60 16.61 12.71
N PHE F 502 52.34 15.57 11.98
CA PHE F 502 52.33 14.27 12.54
C PHE F 502 52.89 13.23 11.56
N LYS F 503 53.15 12.06 12.12
CA LYS F 503 53.72 10.97 11.39
C LYS F 503 52.66 9.96 11.13
N LYS F 504 53.11 8.74 10.95
CA LYS F 504 52.28 7.61 10.74
C LYS F 504 52.03 6.94 12.10
N GLY F 505 53.01 7.03 12.99
CA GLY F 505 52.80 6.46 14.30
C GLY F 505 51.77 7.26 15.14
N ASP F 506 51.76 8.60 14.94
CA ASP F 506 50.95 9.65 15.59
C ASP F 506 49.43 9.44 15.79
N VAL F 507 48.92 10.15 16.79
CA VAL F 507 47.50 10.04 17.10
C VAL F 507 46.80 11.34 16.87
N VAL F 508 45.51 11.20 16.72
CA VAL F 508 44.75 12.35 16.42
C VAL F 508 43.32 12.23 16.87
N ILE F 509 42.70 13.39 17.02
CA ILE F 509 41.33 13.44 17.42
C ILE F 509 40.50 13.96 16.30
N VAL F 510 39.41 13.29 16.04
CA VAL F 510 38.57 13.67 14.94
C VAL F 510 37.13 13.96 15.29
N LEU F 511 36.77 15.19 14.99
CA LEU F 511 35.47 15.72 15.25
C LEU F 511 34.72 15.90 13.98
N THR F 512 33.57 15.25 13.95
CA THR F 512 32.70 15.20 12.80
C THR F 512 31.22 15.22 13.21
N GLY F 513 30.33 15.21 12.23
CA GLY F 513 28.89 15.16 12.46
C GLY F 513 28.37 13.74 12.18
N TRP F 514 27.56 13.20 13.10
CA TRP F 514 27.05 11.85 12.93
C TRP F 514 26.39 11.64 11.56
N ARG F 515 25.61 12.64 11.19
CA ARG F 515 24.87 12.65 9.94
C ARG F 515 24.95 14.02 9.32
N PRO F 516 24.62 14.09 8.06
CA PRO F 516 24.65 15.34 7.37
C PRO F 516 23.69 16.30 8.03
N GLY F 517 24.08 17.58 8.10
CA GLY F 517 23.25 18.56 8.74
C GLY F 517 23.01 18.16 10.20
N SER F 518 24.10 17.88 10.90
CA SER F 518 24.03 17.51 12.31
C SER F 518 23.88 18.76 13.18
N GLY F 519 24.28 19.91 12.65
CA GLY F 519 24.18 21.15 13.39
C GLY F 519 25.49 21.42 14.10
N PHE F 520 26.17 20.33 14.39
CA PHE F 520 27.44 20.47 15.02
C PHE F 520 28.20 19.18 15.00
N THR F 521 29.46 19.31 15.27
CA THR F 521 30.35 18.21 15.34
C THR F 521 30.03 17.40 16.58
N ASN F 522 29.07 16.50 16.45
CA ASN F 522 28.75 15.72 17.63
C ASN F 522 29.43 14.38 17.68
N THR F 523 30.56 14.22 16.98
CA THR F 523 31.27 12.94 16.98
C THR F 523 32.76 13.08 17.03
N MET F 524 33.35 12.65 18.16
CA MET F 524 34.78 12.70 18.35
C MET F 524 35.46 11.35 18.26
N ARG F 525 36.59 11.25 17.59
CA ARG F 525 37.21 9.96 17.66
C ARG F 525 38.68 10.04 17.92
N VAL F 526 39.24 8.91 18.29
CA VAL F 526 40.65 8.88 18.54
C VAL F 526 41.20 7.97 17.50
N VAL F 527 41.88 8.56 16.52
CA VAL F 527 42.38 7.80 15.38
C VAL F 527 43.88 7.86 15.32
N PRO F 528 44.49 6.89 14.59
CA PRO F 528 45.92 6.79 14.39
C PRO F 528 46.26 7.20 12.98
N VAL F 529 47.29 8.03 12.84
CA VAL F 529 47.69 8.52 11.53
C VAL F 529 48.01 7.40 10.57
N PRO F 530 47.16 7.27 9.54
CA PRO F 530 47.34 6.25 8.51
C PRO F 530 48.67 6.42 7.72
N ILE G 12 59.83 7.93 59.82
CA ILE G 12 58.51 8.47 59.52
C ILE G 12 58.18 9.77 60.29
N GLN G 13 57.37 10.64 59.68
CA GLN G 13 57.02 11.89 60.35
C GLN G 13 55.99 11.74 61.48
N THR G 14 55.45 12.86 61.91
CA THR G 14 54.47 12.86 62.98
C THR G 14 53.44 13.91 62.66
N GLN G 15 52.24 13.72 63.19
CA GLN G 15 51.16 14.67 62.97
C GLN G 15 50.72 14.63 61.54
N GLN G 16 51.05 13.54 60.88
CA GLN G 16 50.71 13.36 59.50
C GLN G 16 51.26 14.47 58.64
N LEU G 17 52.53 14.77 58.89
CA LEU G 17 53.26 15.84 58.20
C LEU G 17 53.61 15.50 56.74
N HIS G 18 53.55 14.24 56.39
CA HIS G 18 53.82 13.91 55.02
C HIS G 18 52.59 14.35 54.22
N ALA G 19 51.43 13.87 54.70
CA ALA G 19 50.13 14.16 54.14
C ALA G 19 49.85 15.65 54.10
N ALA G 20 50.33 16.39 55.10
CA ALA G 20 50.08 17.84 55.15
C ALA G 20 50.73 18.64 54.06
N MET G 21 51.79 18.08 53.46
CA MET G 21 52.54 18.72 52.39
C MET G 21 51.81 18.59 51.06
N ALA G 22 51.06 17.48 50.95
CA ALA G 22 50.25 17.10 49.81
C ALA G 22 49.69 18.33 49.09
N ASP G 23 49.79 18.30 47.76
CA ASP G 23 49.36 19.37 46.87
C ASP G 23 47.89 19.30 46.54
N THR G 24 47.36 18.06 46.46
CA THR G 24 45.96 17.81 46.18
C THR G 24 45.31 17.02 47.29
N PHE G 25 44.08 17.34 47.54
CA PHE G 25 43.29 16.66 48.51
C PHE G 25 43.37 15.11 48.43
N LEU G 26 43.16 14.53 47.28
CA LEU G 26 43.29 13.08 47.09
C LEU G 26 44.66 12.58 47.55
N GLU G 27 45.66 13.44 47.42
CA GLU G 27 47.03 13.07 47.81
C GLU G 27 47.15 13.01 49.28
N HIS G 28 46.60 14.07 49.87
CA HIS G 28 46.49 14.25 51.27
C HIS G 28 46.02 12.92 51.80
N MET G 29 44.80 12.60 51.41
CA MET G 29 44.15 11.34 51.71
C MET G 29 45.10 10.18 51.46
N CYS G 30 45.65 10.18 50.25
CA CYS G 30 46.51 9.13 49.81
C CYS G 30 47.74 8.90 50.69
N ARG G 31 48.10 9.93 51.48
CA ARG G 31 49.26 9.94 52.38
C ARG G 31 48.97 9.76 53.87
N LEU G 32 47.78 9.30 54.23
CA LEU G 32 47.46 9.16 55.64
C LEU G 32 48.16 7.96 56.23
N ASP G 33 49.00 8.19 57.23
CA ASP G 33 49.73 7.07 57.76
C ASP G 33 49.31 6.72 59.14
N ILE G 34 48.81 5.51 59.34
CA ILE G 34 48.47 5.16 60.71
C ILE G 34 49.66 5.26 61.67
N ASP G 35 50.89 4.99 61.18
CA ASP G 35 52.08 5.09 62.04
C ASP G 35 52.59 6.50 62.21
N SER G 36 51.75 7.52 61.93
CA SER G 36 52.17 8.93 62.07
C SER G 36 51.52 9.49 63.33
N ALA G 37 52.17 9.23 64.47
CA ALA G 37 51.67 9.65 65.77
C ALA G 37 51.25 11.07 65.83
N PRO G 38 50.12 11.31 66.47
CA PRO G 38 49.61 12.62 66.66
C PRO G 38 50.34 13.16 67.84
N ILE G 39 50.07 14.42 68.07
CA ILE G 39 50.60 15.17 69.20
C ILE G 39 49.81 14.85 70.44
N THR G 40 50.13 15.58 71.49
CA THR G 40 49.50 15.42 72.77
C THR G 40 48.15 16.12 72.84
N ALA G 41 48.19 17.39 72.52
CA ALA G 41 47.05 18.26 72.52
C ALA G 41 45.91 17.92 71.59
N ARG G 42 44.75 18.05 72.22
CA ARG G 42 43.43 17.90 71.66
C ARG G 42 42.85 19.31 71.57
N ASN G 43 42.20 19.66 70.45
CA ASN G 43 41.66 21.00 70.32
C ASN G 43 40.16 20.97 70.18
N THR G 44 39.65 19.76 70.11
CA THR G 44 38.23 19.55 69.95
C THR G 44 37.51 19.48 71.28
N GLY G 45 36.66 20.46 71.57
CA GLY G 45 35.92 20.43 72.83
C GLY G 45 35.09 19.16 73.06
N ILE G 46 35.16 18.63 74.28
CA ILE G 46 34.37 17.44 74.60
C ILE G 46 33.36 17.87 75.60
N ILE G 47 32.12 17.61 75.23
CA ILE G 47 30.98 17.99 76.03
C ILE G 47 30.13 16.80 76.46
N CYS G 48 30.22 16.49 77.76
CA CYS G 48 29.54 15.35 78.39
C CYS G 48 28.23 15.67 79.11
N THR G 49 27.25 14.76 78.86
CA THR G 49 25.93 14.87 79.47
C THR G 49 25.94 14.23 80.85
N ILE G 50 25.70 15.11 81.85
CA ILE G 50 25.66 14.78 83.29
C ILE G 50 24.35 14.17 83.78
N GLY G 51 24.46 12.96 84.24
CA GLY G 51 23.34 12.22 84.72
C GLY G 51 23.83 11.29 85.78
N PRO G 52 22.98 10.39 86.15
CA PRO G 52 23.26 9.42 87.20
C PRO G 52 24.64 8.77 87.20
N ALA G 53 25.02 8.12 86.11
CA ALA G 53 26.30 7.46 86.08
C ALA G 53 27.54 8.35 86.35
N SER G 54 27.39 9.65 86.08
CA SER G 54 28.50 10.56 86.24
C SER G 54 28.17 11.72 87.12
N ARG G 55 27.47 11.47 88.20
CA ARG G 55 27.08 12.57 89.05
C ARG G 55 27.93 12.63 90.29
N SER G 56 28.51 11.50 90.64
CA SER G 56 29.32 11.48 91.82
C SER G 56 30.52 12.37 91.63
N VAL G 57 30.84 13.23 92.63
CA VAL G 57 32.03 14.08 92.49
C VAL G 57 33.26 13.25 92.21
N GLU G 58 33.12 11.99 92.51
CA GLU G 58 34.16 11.05 92.24
C GLU G 58 34.24 10.92 90.74
N THR G 59 33.17 10.35 90.23
CA THR G 59 33.04 10.16 88.81
C THR G 59 33.31 11.44 88.04
N LEU G 60 33.08 12.59 88.69
CA LEU G 60 33.33 13.86 88.01
C LEU G 60 34.79 14.08 87.78
N LYS G 61 35.53 14.19 88.90
CA LYS G 61 36.97 14.39 88.90
C LYS G 61 37.62 13.50 87.87
N GLU G 62 37.16 12.25 87.80
CA GLU G 62 37.71 11.33 86.81
C GLU G 62 37.42 11.75 85.37
N MET G 63 36.22 12.23 85.11
CA MET G 63 35.88 12.66 83.79
C MET G 63 36.62 13.92 83.38
N ILE G 64 37.11 14.63 84.36
CA ILE G 64 37.79 15.86 84.04
C ILE G 64 39.15 15.53 83.53
N LYS G 65 39.67 14.54 84.24
CA LYS G 65 40.99 13.98 84.06
C LYS G 65 41.07 13.28 82.73
N SER G 66 39.96 12.61 82.42
CA SER G 66 39.75 11.83 81.23
C SER G 66 39.57 12.69 79.99
N GLY G 67 39.26 13.97 80.20
CA GLY G 67 39.14 14.82 79.07
C GLY G 67 37.86 15.56 78.96
N MET G 68 37.42 16.16 80.02
CA MET G 68 36.20 16.89 79.87
C MET G 68 36.54 18.34 79.70
N ASN G 69 35.51 19.07 79.35
CA ASN G 69 35.67 20.49 79.14
C ASN G 69 34.33 21.15 79.38
N VAL G 70 33.25 20.45 79.07
CA VAL G 70 31.96 21.05 79.33
C VAL G 70 30.97 20.09 79.97
N ALA G 71 30.17 20.66 80.85
CA ALA G 71 29.17 19.88 81.55
C ALA G 71 27.76 20.26 81.08
N ARG G 72 27.05 19.26 80.55
CA ARG G 72 25.73 19.48 80.00
C ARG G 72 24.63 19.13 80.92
N MET G 73 23.80 20.12 81.18
CA MET G 73 22.63 19.95 82.04
C MET G 73 21.33 19.89 81.27
N ASN G 74 20.80 18.69 81.11
CA ASN G 74 19.54 18.49 80.39
C ASN G 74 18.34 18.74 81.27
N PHE G 75 17.66 19.85 80.99
CA PHE G 75 16.49 20.27 81.74
C PHE G 75 15.18 19.65 81.23
N SER G 76 15.24 18.76 80.24
CA SER G 76 14.01 18.14 79.76
C SER G 76 13.54 17.19 80.84
N HIS G 77 14.39 17.06 81.87
CA HIS G 77 14.16 16.16 82.99
C HIS G 77 14.67 16.73 84.29
N GLY G 78 14.32 16.05 85.36
CA GLY G 78 14.76 16.48 86.65
C GLY G 78 14.09 17.75 87.11
N THR G 79 14.49 18.09 88.28
CA THR G 79 14.02 19.21 89.03
C THR G 79 15.18 20.11 89.38
N HIS G 80 14.89 21.42 89.47
CA HIS G 80 15.85 22.46 89.81
C HIS G 80 16.85 22.02 90.89
N GLU G 81 16.30 21.46 91.97
CA GLU G 81 17.06 20.94 93.11
C GLU G 81 17.91 19.71 92.83
N TYR G 82 17.58 19.01 91.73
CA TYR G 82 18.38 17.87 91.31
C TYR G 82 19.56 18.49 90.57
N HIS G 83 19.22 19.49 89.76
CA HIS G 83 20.16 20.20 88.95
C HIS G 83 21.13 20.98 89.77
N ALA G 84 20.60 21.83 90.65
CA ALA G 84 21.51 22.66 91.43
C ALA G 84 22.57 21.89 92.20
N GLU G 85 22.37 20.59 92.29
CA GLU G 85 23.29 19.69 92.95
C GLU G 85 24.36 19.23 91.99
N THR G 86 23.86 18.70 90.86
CA THR G 86 24.66 18.21 89.78
C THR G 86 25.70 19.26 89.51
N ILE G 87 25.19 20.49 89.36
CA ILE G 87 26.03 21.65 89.20
C ILE G 87 27.08 21.68 90.31
N LYS G 88 26.59 21.93 91.53
CA LYS G 88 27.35 21.96 92.77
C LYS G 88 28.50 20.93 92.79
N ASN G 89 28.20 19.71 92.29
CA ASN G 89 29.13 18.56 92.20
C ASN G 89 30.28 18.76 91.22
N VAL G 90 29.89 19.23 90.09
CA VAL G 90 30.84 19.48 89.07
C VAL G 90 31.85 20.48 89.57
N ARG G 91 31.28 21.62 89.96
CA ARG G 91 32.06 22.75 90.44
C ARG G 91 33.01 22.30 91.49
N THR G 92 32.60 21.24 92.15
CA THR G 92 33.43 20.71 93.19
C THR G 92 34.70 20.09 92.69
N ALA G 93 34.53 18.95 91.99
CA ALA G 93 35.62 18.19 91.45
C ALA G 93 36.53 19.15 90.71
N THR G 94 35.88 20.02 89.99
CA THR G 94 36.53 21.04 89.22
C THR G 94 37.53 21.85 90.02
N GLU G 95 37.10 22.25 91.20
CA GLU G 95 37.97 23.07 91.99
C GLU G 95 38.78 22.27 92.97
N SER G 96 38.59 20.99 92.86
CA SER G 96 39.35 20.09 93.66
C SER G 96 40.78 20.07 93.13
N PHE G 97 40.98 20.82 92.05
CA PHE G 97 42.27 20.90 91.41
C PHE G 97 42.81 22.33 91.40
N ALA G 98 42.22 23.25 92.18
CA ALA G 98 42.67 24.66 92.22
C ALA G 98 43.90 24.90 93.09
N SER G 99 44.60 23.80 93.36
CA SER G 99 45.79 23.79 94.19
C SER G 99 47.04 24.26 93.43
N ASP G 100 47.14 23.78 92.17
CA ASP G 100 48.20 23.97 91.19
C ASP G 100 47.75 24.84 90.01
N PRO G 101 47.95 26.19 90.04
CA PRO G 101 47.52 27.03 88.91
C PRO G 101 47.96 26.52 87.54
N ILE G 102 48.92 25.59 87.58
CA ILE G 102 49.48 24.92 86.41
C ILE G 102 48.60 23.74 85.98
N LEU G 103 48.34 22.82 86.95
CA LEU G 103 47.53 21.62 86.73
C LEU G 103 46.00 21.73 86.76
N TYR G 104 45.47 22.94 86.95
CA TYR G 104 44.03 23.17 86.98
C TYR G 104 43.38 23.42 85.63
N ARG G 105 42.35 22.63 85.38
CA ARG G 105 41.54 22.73 84.19
C ARG G 105 40.17 23.26 84.53
N PRO G 106 39.86 24.45 83.98
CA PRO G 106 38.55 25.04 84.18
C PRO G 106 37.52 24.21 83.47
N VAL G 107 36.25 24.46 83.78
CA VAL G 107 35.12 23.71 83.20
C VAL G 107 33.93 24.57 82.90
N ALA G 108 33.14 24.17 81.91
CA ALA G 108 32.03 25.03 81.65
C ALA G 108 30.76 24.37 82.13
N VAL G 109 29.79 25.23 82.33
CA VAL G 109 28.48 24.86 82.79
C VAL G 109 27.46 25.27 81.79
N ALA G 110 26.82 24.29 81.14
CA ALA G 110 25.80 24.56 80.13
C ALA G 110 24.43 23.99 80.52
N LEU G 111 23.39 24.80 80.18
CA LEU G 111 21.95 24.53 80.40
C LEU G 111 21.21 24.16 79.11
N ASP G 112 20.76 22.93 79.03
CA ASP G 112 20.03 22.50 77.86
C ASP G 112 18.49 22.58 78.00
N THR G 113 17.95 23.72 77.66
CA THR G 113 16.55 24.01 77.70
C THR G 113 15.70 22.94 77.08
N LYS G 114 14.56 22.71 77.73
CA LYS G 114 13.60 21.73 77.27
C LYS G 114 12.78 22.19 76.06
N GLY G 115 12.26 23.39 76.10
CA GLY G 115 11.56 23.89 74.91
C GLY G 115 10.09 23.53 74.80
N PRO G 116 9.43 24.18 73.86
CA PRO G 116 8.04 24.02 73.58
C PRO G 116 7.81 22.67 73.00
N GLU G 117 6.61 22.15 73.18
CA GLU G 117 6.32 20.88 72.57
C GLU G 117 4.87 20.71 72.16
N ILE G 118 4.63 19.51 71.57
CA ILE G 118 3.30 19.03 71.19
C ILE G 118 3.08 17.69 71.89
N ARG G 119 1.98 17.58 72.68
CA ARG G 119 1.67 16.35 73.40
C ARG G 119 0.24 15.89 73.21
N THR G 120 0.12 14.58 73.14
CA THR G 120 -1.17 13.93 73.03
C THR G 120 -1.82 13.92 74.42
N GLY G 121 -3.10 13.56 74.50
CA GLY G 121 -3.79 13.53 75.78
C GLY G 121 -3.67 12.18 76.51
N LEU G 122 -4.59 11.97 77.44
CA LEU G 122 -4.63 10.75 78.21
C LEU G 122 -5.25 9.60 77.43
N ILE G 123 -4.75 8.43 77.69
CA ILE G 123 -5.26 7.30 76.98
C ILE G 123 -6.30 6.60 77.83
N LYS G 124 -7.51 6.49 77.33
CA LYS G 124 -8.56 5.82 78.09
C LYS G 124 -8.74 6.36 79.50
N GLY G 125 -8.52 7.66 79.68
CA GLY G 125 -8.70 8.25 80.98
C GLY G 125 -7.56 7.99 81.97
N SER G 126 -6.50 7.30 81.54
CA SER G 126 -5.33 7.03 82.40
C SER G 126 -4.02 7.55 81.82
N GLY G 127 -3.01 7.61 82.67
CA GLY G 127 -1.68 8.08 82.29
C GLY G 127 -0.67 6.96 82.26
N THR G 128 -1.15 5.74 82.46
CA THR G 128 -0.28 4.61 82.50
C THR G 128 -0.65 3.62 81.46
N ALA G 129 -1.81 3.95 80.88
CA ALA G 129 -2.41 3.13 79.85
C ALA G 129 -1.71 3.18 78.50
N GLU G 130 -2.08 2.19 77.70
CA GLU G 130 -1.54 2.03 76.38
C GLU G 130 -2.54 1.38 75.46
N VAL G 131 -2.39 1.70 74.18
CA VAL G 131 -3.21 1.23 73.10
C VAL G 131 -2.35 0.78 71.95
N GLU G 132 -2.81 -0.26 71.23
CA GLU G 132 -2.10 -0.80 70.08
C GLU G 132 -2.61 -0.21 68.76
N LEU G 133 -1.78 0.63 68.09
CA LEU G 133 -2.13 1.19 66.79
C LEU G 133 -1.60 0.19 65.79
N LYS G 134 -2.46 -0.34 64.94
CA LYS G 134 -2.01 -1.30 63.97
C LYS G 134 -1.89 -0.63 62.63
N LYS G 135 -0.92 -1.06 61.85
CA LYS G 135 -0.73 -0.51 60.52
C LYS G 135 -2.02 -0.64 59.67
N GLY G 136 -2.33 0.37 58.87
CA GLY G 136 -3.52 0.37 58.04
C GLY G 136 -4.76 0.98 58.71
N ALA G 137 -4.76 0.95 60.04
CA ALA G 137 -5.88 1.45 60.82
C ALA G 137 -6.08 2.93 60.73
N THR G 138 -7.33 3.34 60.83
CA THR G 138 -7.58 4.75 60.79
C THR G 138 -7.62 5.35 62.19
N LEU G 139 -7.04 6.53 62.30
CA LEU G 139 -6.96 7.25 63.56
C LEU G 139 -7.25 8.72 63.33
N LYS G 140 -8.24 9.30 64.05
CA LYS G 140 -8.63 10.70 63.87
C LYS G 140 -7.96 11.59 64.85
N ILE G 141 -7.47 12.72 64.39
CA ILE G 141 -6.84 13.60 65.34
C ILE G 141 -7.79 14.75 65.61
N THR G 142 -7.88 15.13 66.89
CA THR G 142 -8.78 16.20 67.34
C THR G 142 -8.13 17.22 68.26
N LEU G 143 -8.88 18.31 68.40
CA LEU G 143 -8.55 19.40 69.27
C LEU G 143 -9.71 19.79 70.19
N ASP G 144 -10.76 18.95 70.21
CA ASP G 144 -11.98 19.10 71.02
C ASP G 144 -11.59 18.55 72.35
N ASN G 145 -11.64 19.38 73.39
CA ASN G 145 -11.18 18.98 74.70
C ASN G 145 -12.00 17.92 75.37
N ALA G 146 -13.13 17.61 74.77
CA ALA G 146 -13.96 16.59 75.33
C ALA G 146 -13.23 15.25 75.34
N TYR G 147 -12.40 15.02 74.31
CA TYR G 147 -11.59 13.81 74.12
C TYR G 147 -10.18 13.91 74.76
N MET G 148 -9.87 15.09 75.21
CA MET G 148 -8.58 15.41 75.81
C MET G 148 -8.09 14.41 76.80
N GLU G 149 -9.04 13.68 77.38
CA GLU G 149 -8.73 12.67 78.38
C GLU G 149 -9.28 11.32 78.01
N LYS G 150 -9.88 11.30 76.81
CA LYS G 150 -10.49 10.12 76.17
C LYS G 150 -9.81 9.64 74.89
N CYS G 151 -8.49 9.73 74.84
CA CYS G 151 -7.77 9.27 73.70
C CYS G 151 -7.74 7.77 73.67
N ASP G 152 -8.29 7.22 72.62
CA ASP G 152 -8.26 5.79 72.38
C ASP G 152 -7.65 5.49 70.99
N GLU G 153 -7.68 4.25 70.63
CA GLU G 153 -7.17 3.79 69.35
C GLU G 153 -7.92 4.34 68.15
N ASN G 154 -8.88 5.20 68.37
CA ASN G 154 -9.62 5.72 67.22
C ASN G 154 -9.67 7.23 67.21
N ILE G 155 -9.29 7.82 68.32
CA ILE G 155 -9.34 9.26 68.38
C ILE G 155 -8.16 9.72 69.16
N LEU G 156 -7.52 10.78 68.67
CA LEU G 156 -6.32 11.34 69.29
C LEU G 156 -6.47 12.81 69.53
N TRP G 157 -6.03 13.23 70.69
CA TRP G 157 -6.11 14.61 71.00
C TRP G 157 -4.71 15.15 71.22
N LEU G 158 -4.44 16.27 70.57
CA LEU G 158 -3.19 16.96 70.59
C LEU G 158 -3.38 18.30 71.29
N ASP G 159 -2.35 18.82 71.93
CA ASP G 159 -2.55 20.12 72.57
C ASP G 159 -2.24 21.32 71.68
N TYR G 160 -1.77 21.06 70.43
CA TYR G 160 -1.41 22.09 69.42
C TYR G 160 -2.63 22.52 68.57
N LYS G 161 -3.32 23.54 69.04
CA LYS G 161 -4.50 23.97 68.36
C LYS G 161 -4.42 24.31 66.87
N ASN G 162 -3.30 24.77 66.38
CA ASN G 162 -3.31 25.11 64.97
C ASN G 162 -2.80 24.09 64.04
N ILE G 163 -2.75 22.83 64.47
CA ILE G 163 -2.20 21.80 63.63
C ILE G 163 -2.79 21.80 62.22
N CYS G 164 -4.09 21.89 62.15
CA CYS G 164 -4.76 21.88 60.88
C CYS G 164 -4.31 22.92 59.88
N LYS G 165 -3.73 24.00 60.37
CA LYS G 165 -3.33 25.09 59.49
C LYS G 165 -1.91 25.01 58.97
N VAL G 166 -1.15 24.16 59.60
CA VAL G 166 0.24 23.98 59.33
C VAL G 166 0.52 22.64 58.68
N VAL G 167 -0.55 21.92 58.40
CA VAL G 167 -0.45 20.62 57.79
C VAL G 167 -1.49 20.39 56.69
N ASP G 168 -1.07 19.68 55.65
CA ASP G 168 -1.94 19.40 54.51
C ASP G 168 -2.05 17.93 54.24
N VAL G 169 -2.92 17.60 53.32
CA VAL G 169 -3.02 16.21 53.03
C VAL G 169 -1.74 15.68 52.46
N GLY G 170 -1.37 14.54 53.00
CA GLY G 170 -0.17 13.87 52.61
C GLY G 170 0.97 14.02 53.62
N SER G 171 0.89 15.03 54.50
CA SER G 171 1.97 15.23 55.49
C SER G 171 2.12 14.14 56.54
N LYS G 172 3.28 14.06 57.15
CA LYS G 172 3.43 13.01 58.12
C LYS G 172 3.42 13.54 59.54
N VAL G 173 3.00 12.67 60.45
CA VAL G 173 2.87 12.94 61.87
C VAL G 173 3.49 11.82 62.66
N TYR G 174 4.37 12.21 63.54
CA TYR G 174 4.99 11.20 64.34
C TYR G 174 4.62 11.37 65.76
N VAL G 175 4.40 10.24 66.34
CA VAL G 175 4.09 10.22 67.71
C VAL G 175 5.08 9.36 68.41
N ASP G 176 5.25 9.68 69.67
CA ASP G 176 6.17 8.94 70.52
C ASP G 176 7.63 9.01 70.11
N ASP G 177 8.06 10.16 69.61
CA ASP G 177 9.46 10.31 69.24
C ASP G 177 9.86 9.47 68.04
N GLY G 178 9.13 9.61 66.94
CA GLY G 178 9.46 8.86 65.73
C GLY G 178 9.20 7.39 65.85
N LEU G 179 8.34 7.03 66.79
CA LEU G 179 8.01 5.64 66.96
C LEU G 179 6.79 5.27 66.17
N ILE G 180 5.81 6.20 66.20
CA ILE G 180 4.55 6.02 65.48
C ILE G 180 4.49 6.99 64.33
N SER G 181 4.14 6.43 63.20
CA SER G 181 4.03 7.24 62.04
C SER G 181 2.62 7.19 61.52
N LEU G 182 2.05 8.37 61.27
CA LEU G 182 0.71 8.41 60.75
C LEU G 182 0.82 9.30 59.55
N GLN G 183 -0.11 9.15 58.62
CA GLN G 183 -0.12 9.95 57.43
C GLN G 183 -1.44 10.66 57.29
N VAL G 184 -1.39 11.94 56.97
CA VAL G 184 -2.65 12.61 56.84
C VAL G 184 -3.38 12.15 55.63
N LYS G 185 -4.14 11.11 55.78
CA LYS G 185 -4.87 10.70 54.62
C LYS G 185 -5.92 11.74 54.27
N GLN G 186 -6.54 12.34 55.28
CA GLN G 186 -7.60 13.31 55.00
C GLN G 186 -7.46 14.53 55.87
N LYS G 187 -8.32 15.51 55.63
CA LYS G 187 -8.23 16.75 56.39
C LYS G 187 -9.55 17.44 56.55
N GLY G 188 -10.19 17.26 57.71
CA GLY G 188 -11.48 17.86 57.98
C GLY G 188 -11.37 19.35 58.31
N PRO G 189 -12.53 19.91 58.62
CA PRO G 189 -12.67 21.32 58.99
C PRO G 189 -11.96 21.61 60.30
N ASP G 190 -12.28 20.77 61.24
CA ASP G 190 -11.85 20.78 62.62
C ASP G 190 -10.78 19.71 62.89
N PHE G 191 -10.96 18.55 62.31
CA PHE G 191 -10.11 17.41 62.58
C PHE G 191 -9.28 17.07 61.36
N LEU G 192 -8.44 16.07 61.59
CA LEU G 192 -7.52 15.46 60.66
C LEU G 192 -7.79 13.95 60.73
N VAL G 193 -7.73 13.29 59.59
CA VAL G 193 -7.91 11.84 59.48
C VAL G 193 -6.66 11.21 58.88
N THR G 194 -6.00 10.39 59.71
CA THR G 194 -4.76 9.76 59.27
C THR G 194 -4.76 8.23 59.17
N GLU G 195 -3.70 7.74 58.56
CA GLU G 195 -3.50 6.34 58.38
C GLU G 195 -2.27 5.88 59.18
N VAL G 196 -2.45 4.87 59.99
CA VAL G 196 -1.32 4.40 60.75
C VAL G 196 -0.43 3.67 59.78
N GLU G 197 0.73 4.23 59.57
CA GLU G 197 1.67 3.66 58.63
C GLU G 197 2.88 3.18 59.40
N ASN G 198 2.75 1.99 59.93
CA ASN G 198 3.76 1.42 60.78
C ASN G 198 3.70 2.05 62.16
N GLY G 199 2.91 1.37 63.00
CA GLY G 199 2.69 1.80 64.36
C GLY G 199 3.22 0.81 65.39
N GLY G 200 2.86 1.09 66.64
CA GLY G 200 3.26 0.36 67.83
C GLY G 200 2.35 0.62 69.04
N PHE G 201 2.93 1.09 70.15
CA PHE G 201 2.14 1.31 71.35
C PHE G 201 1.98 2.73 71.78
N LEU G 202 0.82 3.24 71.42
CA LEU G 202 0.45 4.57 71.74
C LEU G 202 0.26 4.65 73.25
N GLY G 203 0.84 5.65 73.85
CA GLY G 203 0.68 5.84 75.26
C GLY G 203 0.08 7.22 75.55
N SER G 204 0.29 7.65 76.77
CA SER G 204 -0.25 8.91 77.20
C SER G 204 0.75 10.05 77.36
N LYS G 205 0.30 11.24 76.97
CA LYS G 205 1.16 12.40 77.04
C LYS G 205 2.43 12.16 76.22
N LYS G 206 2.24 11.75 74.98
CA LYS G 206 3.35 11.49 74.12
C LYS G 206 3.74 12.72 73.29
N GLY G 207 5.03 12.74 72.87
CA GLY G 207 5.65 13.77 72.02
C GLY G 207 5.37 13.61 70.51
N VAL G 208 4.93 14.73 69.94
CA VAL G 208 4.56 14.80 68.54
C VAL G 208 5.48 15.70 67.76
N ASN G 209 5.89 15.20 66.60
CA ASN G 209 6.71 15.97 65.70
C ASN G 209 5.97 16.02 64.40
N LEU G 210 6.04 17.18 63.79
CA LEU G 210 5.32 17.47 62.56
C LEU G 210 6.31 17.77 61.42
N PRO G 211 6.93 16.73 60.87
CA PRO G 211 7.94 16.95 59.87
C PRO G 211 7.50 17.78 58.68
N GLY G 212 8.35 18.76 58.35
CA GLY G 212 8.12 19.65 57.24
C GLY G 212 7.34 20.90 57.57
N ALA G 213 6.56 20.78 58.60
CA ALA G 213 5.72 21.86 59.04
C ALA G 213 6.49 23.02 59.66
N ALA G 214 5.80 24.15 59.69
CA ALA G 214 6.32 25.39 60.24
C ALA G 214 5.55 25.77 61.47
N VAL G 215 5.94 25.14 62.55
CA VAL G 215 5.30 25.34 63.81
C VAL G 215 5.31 26.78 64.32
N ASP G 216 4.10 27.18 64.76
CA ASP G 216 3.65 28.48 65.31
C ASP G 216 4.06 28.70 66.75
N LEU G 217 4.43 27.59 67.42
CA LEU G 217 4.81 27.52 68.84
C LEU G 217 5.73 28.63 69.32
N PRO G 218 5.41 29.20 70.50
CA PRO G 218 6.17 30.28 71.16
C PRO G 218 7.65 29.95 71.40
N ALA G 219 8.48 30.92 71.01
CA ALA G 219 9.91 30.75 71.11
C ALA G 219 10.47 30.10 72.37
N VAL G 220 9.69 30.13 73.44
CA VAL G 220 10.09 29.57 74.72
C VAL G 220 8.86 29.20 75.56
N SER G 221 8.96 28.15 76.40
CA SER G 221 7.82 27.74 77.20
C SER G 221 7.88 28.27 78.62
N GLU G 222 6.72 28.16 79.25
CA GLU G 222 6.55 28.57 80.62
C GLU G 222 7.63 27.97 81.49
N LYS G 223 7.80 26.67 81.38
CA LYS G 223 8.86 26.06 82.16
C LYS G 223 10.20 26.66 81.77
N ASP G 224 10.30 27.03 80.47
CA ASP G 224 11.55 27.54 79.95
C ASP G 224 11.98 28.70 80.73
N ILE G 225 11.03 29.60 80.84
CA ILE G 225 11.25 30.79 81.59
C ILE G 225 11.73 30.54 83.02
N GLN G 226 11.13 29.59 83.74
CA GLN G 226 11.60 29.39 85.11
C GLN G 226 13.00 28.88 85.13
N ASP G 227 13.21 27.89 84.26
CA ASP G 227 14.50 27.26 84.10
C ASP G 227 15.60 28.25 83.72
N LEU G 228 15.26 29.24 82.88
CA LEU G 228 16.26 30.19 82.44
C LEU G 228 16.78 30.95 83.59
N LYS G 229 15.89 31.74 84.17
CA LYS G 229 16.28 32.53 85.31
C LYS G 229 16.98 31.70 86.39
N PHE G 230 16.60 30.44 86.47
CA PHE G 230 17.31 29.60 87.42
C PHE G 230 18.73 29.50 86.92
N GLY G 231 18.83 29.38 85.58
CA GLY G 231 20.11 29.28 84.92
C GLY G 231 20.94 30.48 85.31
N VAL G 232 20.34 31.66 85.21
CA VAL G 232 21.02 32.91 85.56
C VAL G 232 21.39 33.02 87.04
N GLU G 233 20.64 32.32 87.88
CA GLU G 233 20.92 32.33 89.29
C GLU G 233 21.93 31.26 89.69
N GLN G 234 22.55 30.65 88.71
CA GLN G 234 23.53 29.60 88.98
C GLN G 234 24.85 29.89 88.26
N ASP G 235 24.80 30.94 87.46
CA ASP G 235 25.89 31.43 86.63
C ASP G 235 26.42 30.43 85.63
N VAL G 236 25.50 29.90 84.86
CA VAL G 236 25.94 28.95 83.89
C VAL G 236 26.68 29.78 82.92
N ASP G 237 27.60 29.12 82.21
CA ASP G 237 28.45 29.76 81.23
C ASP G 237 27.72 29.97 79.92
N MET G 238 26.94 28.98 79.54
CA MET G 238 26.19 29.09 78.31
C MET G 238 25.01 28.16 78.35
N VAL G 239 24.02 28.60 77.56
CA VAL G 239 22.73 27.99 77.28
C VAL G 239 22.59 27.38 75.86
N PHE G 240 21.95 26.20 75.80
CA PHE G 240 21.67 25.45 74.59
C PHE G 240 20.17 25.47 74.42
N ALA G 241 19.67 26.48 73.75
CA ALA G 241 18.26 26.71 73.56
C ALA G 241 17.61 25.85 72.51
N SER G 242 16.72 25.00 73.00
CA SER G 242 16.00 24.07 72.19
C SER G 242 15.20 24.72 71.10
N PHE G 243 14.94 23.91 70.07
CA PHE G 243 14.17 24.22 68.90
C PHE G 243 14.25 25.60 68.28
N ILE G 244 15.45 26.13 68.02
CA ILE G 244 15.47 27.44 67.38
C ILE G 244 15.02 27.36 65.90
N ARG G 245 14.03 28.15 65.53
CA ARG G 245 13.53 28.13 64.17
C ARG G 245 13.58 29.47 63.43
N LYS G 246 13.97 30.53 64.10
CA LYS G 246 14.03 31.84 63.47
C LYS G 246 14.76 32.77 64.38
N ALA G 247 15.25 33.87 63.88
CA ALA G 247 16.03 34.73 64.74
C ALA G 247 15.22 35.18 65.93
N ALA G 248 13.98 35.63 65.62
CA ALA G 248 13.00 36.10 66.59
C ALA G 248 13.04 35.32 67.88
N ASP G 249 13.24 34.03 67.68
CA ASP G 249 13.36 33.12 68.76
C ASP G 249 14.54 33.43 69.63
N VAL G 250 15.72 33.49 69.04
CA VAL G 250 16.93 33.81 69.77
C VAL G 250 16.74 35.08 70.55
N HIS G 251 16.03 36.00 69.97
CA HIS G 251 15.76 37.23 70.68
C HIS G 251 15.00 37.02 71.96
N GLU G 252 13.94 36.23 71.91
CA GLU G 252 13.18 35.97 73.13
C GLU G 252 14.08 35.38 74.16
N VAL G 253 14.97 34.52 73.76
CA VAL G 253 15.81 33.96 74.77
C VAL G 253 16.74 34.97 75.35
N ARG G 254 17.20 35.92 74.56
CA ARG G 254 18.09 36.90 75.13
C ARG G 254 17.35 37.66 76.20
N LYS G 255 16.17 38.16 75.79
CA LYS G 255 15.22 38.90 76.64
C LYS G 255 15.14 38.29 78.05
N ILE G 256 14.79 37.02 78.14
CA ILE G 256 14.68 36.31 79.41
C ILE G 256 15.96 36.48 80.24
N LEU G 257 17.11 36.21 79.61
CA LEU G 257 18.41 36.32 80.21
C LEU G 257 18.71 37.77 80.61
N GLY G 258 18.05 38.69 79.95
CA GLY G 258 18.18 40.13 80.18
C GLY G 258 19.57 40.65 80.48
N GLU G 259 19.53 41.64 81.35
CA GLU G 259 20.67 42.37 81.85
C GLU G 259 21.73 41.54 82.57
N LYS G 260 21.32 40.59 83.39
CA LYS G 260 22.29 39.81 84.14
C LYS G 260 22.97 38.72 83.31
N GLY G 261 22.16 38.07 82.47
CA GLY G 261 22.59 36.96 81.65
C GLY G 261 23.20 37.38 80.35
N LYS G 262 23.52 38.66 80.27
CA LYS G 262 24.15 39.22 79.10
C LYS G 262 25.31 38.36 78.63
N ASN G 263 26.25 38.10 79.54
CA ASN G 263 27.46 37.36 79.26
C ASN G 263 27.23 35.89 79.10
N ILE G 264 25.98 35.48 79.26
CA ILE G 264 25.71 34.07 79.06
C ILE G 264 25.63 33.82 77.57
N LYS G 265 26.43 32.87 77.10
CA LYS G 265 26.44 32.57 75.69
C LYS G 265 25.23 31.74 75.27
N ILE G 266 24.64 32.13 74.11
CA ILE G 266 23.51 31.42 73.54
C ILE G 266 23.85 30.58 72.32
N ILE G 267 23.55 29.30 72.42
CA ILE G 267 23.76 28.37 71.36
C ILE G 267 22.45 27.82 70.87
N SER G 268 21.95 28.39 69.77
CA SER G 268 20.72 27.92 69.20
C SER G 268 20.84 26.44 68.84
N LYS G 269 19.73 25.74 68.91
CA LYS G 269 19.80 24.32 68.58
C LYS G 269 18.94 24.04 67.35
N ILE G 270 19.55 23.53 66.27
CA ILE G 270 18.78 23.24 65.06
C ILE G 270 18.19 21.87 65.11
N GLU G 271 16.85 21.82 65.08
CA GLU G 271 16.14 20.58 65.26
C GLU G 271 15.10 20.31 64.22
N ASN G 272 14.91 21.25 63.32
CA ASN G 272 13.91 20.93 62.32
C ASN G 272 14.20 21.53 60.99
N HIS G 273 13.25 21.37 60.11
CA HIS G 273 13.38 21.94 58.79
C HIS G 273 13.70 23.42 58.84
N GLU G 274 12.66 24.17 59.24
CA GLU G 274 12.68 25.61 59.36
C GLU G 274 14.02 26.14 59.86
N GLY G 275 14.51 25.49 60.91
CA GLY G 275 15.75 25.87 61.48
C GLY G 275 16.84 25.87 60.45
N VAL G 276 16.90 24.76 59.74
CA VAL G 276 17.91 24.57 58.73
C VAL G 276 17.88 25.65 57.67
N ARG G 277 16.71 25.79 57.11
CA ARG G 277 16.40 26.73 56.04
C ARG G 277 16.48 28.17 56.42
N ARG G 278 16.58 28.42 57.72
CA ARG G 278 16.63 29.78 58.22
C ARG G 278 17.88 29.95 59.05
N PHE G 279 18.76 29.05 58.72
CA PHE G 279 20.04 28.99 59.35
C PHE G 279 20.74 30.32 59.41
N ASP G 280 20.82 30.96 58.25
CA ASP G 280 21.48 32.24 58.11
C ASP G 280 21.12 33.31 59.15
N GLU G 281 19.83 33.53 59.36
CA GLU G 281 19.42 34.54 60.32
C GLU G 281 19.59 34.08 61.73
N ILE G 282 19.57 32.77 61.88
CA ILE G 282 19.72 32.20 63.20
C ILE G 282 21.16 32.34 63.62
N LEU G 283 22.05 31.88 62.76
CA LEU G 283 23.49 31.99 63.06
C LEU G 283 23.89 33.40 63.43
N GLU G 284 23.49 34.33 62.60
CA GLU G 284 23.81 35.74 62.80
C GLU G 284 23.32 36.26 64.11
N ALA G 285 22.32 35.58 64.64
CA ALA G 285 21.76 36.00 65.90
C ALA G 285 22.25 35.15 67.05
N SER G 286 22.67 33.91 66.76
CA SER G 286 23.15 32.97 67.76
C SER G 286 24.54 33.30 68.24
N ASP G 287 25.03 32.58 69.22
CA ASP G 287 26.36 32.89 69.73
C ASP G 287 27.24 31.73 69.38
N GLY G 288 26.52 30.72 68.98
CA GLY G 288 27.09 29.46 68.60
C GLY G 288 25.94 28.68 68.07
N ILE G 289 26.24 27.43 67.68
CA ILE G 289 25.22 26.55 67.11
C ILE G 289 25.45 25.08 67.42
N MET G 290 24.33 24.38 67.57
CA MET G 290 24.42 22.98 67.87
C MET G 290 23.59 22.18 66.91
N VAL G 291 24.15 21.06 66.50
CA VAL G 291 23.46 20.23 65.57
C VAL G 291 22.75 19.14 66.29
N ALA G 292 21.44 19.33 66.51
CA ALA G 292 20.59 18.33 67.19
C ALA G 292 20.18 17.24 66.23
N ARG G 293 21.16 16.41 65.95
CA ARG G 293 21.02 15.32 65.04
C ARG G 293 19.80 14.52 65.37
N GLY G 294 19.71 14.13 66.67
CA GLY G 294 18.62 13.33 67.24
C GLY G 294 17.26 13.68 66.68
N ASP G 295 16.78 14.85 67.06
CA ASP G 295 15.49 15.34 66.63
C ASP G 295 15.43 15.53 65.11
N LEU G 296 16.42 16.24 64.60
CA LEU G 296 16.62 16.51 63.18
C LEU G 296 16.33 15.28 62.32
N GLY G 297 16.78 14.13 62.86
CA GLY G 297 16.65 12.83 62.24
C GLY G 297 15.21 12.43 62.04
N ILE G 298 14.35 13.09 62.78
CA ILE G 298 12.93 12.82 62.74
C ILE G 298 12.13 13.86 61.97
N GLU G 299 12.51 15.12 62.19
CA GLU G 299 11.87 16.22 61.53
C GLU G 299 12.24 16.29 60.03
N ILE G 300 13.35 15.60 59.68
CA ILE G 300 13.90 15.42 58.31
C ILE G 300 14.35 13.99 58.07
N PRO G 301 14.32 13.60 56.80
CA PRO G 301 14.71 12.27 56.44
C PRO G 301 16.10 12.12 56.90
N ALA G 302 16.35 10.95 57.45
CA ALA G 302 17.63 10.63 58.03
C ALA G 302 18.81 10.78 57.07
N GLU G 303 18.63 10.34 55.85
CA GLU G 303 19.68 10.43 54.88
C GLU G 303 20.12 11.85 54.68
N LYS G 304 19.20 12.80 54.83
CA LYS G 304 19.54 14.19 54.60
C LYS G 304 20.34 14.85 55.72
N VAL G 305 20.40 14.15 56.82
CA VAL G 305 21.11 14.65 57.99
C VAL G 305 22.55 15.10 57.76
N PHE G 306 23.40 14.20 57.23
CA PHE G 306 24.80 14.55 56.97
C PHE G 306 24.90 15.84 56.17
N LEU G 307 24.00 16.02 55.21
CA LEU G 307 23.98 17.24 54.44
C LEU G 307 23.80 18.43 55.37
N ALA G 308 22.84 18.33 56.27
CA ALA G 308 22.63 19.45 57.15
C ALA G 308 23.76 19.59 58.09
N GLN G 309 24.37 18.50 58.48
CA GLN G 309 25.50 18.64 59.38
C GLN G 309 26.65 19.48 58.78
N LYS G 310 27.23 19.01 57.66
CA LYS G 310 28.36 19.67 56.98
C LYS G 310 28.11 21.14 56.60
N MET G 311 26.91 21.42 56.12
CA MET G 311 26.58 22.79 55.74
C MET G 311 26.79 23.76 56.90
N ILE G 312 26.09 23.42 57.96
CA ILE G 312 26.10 24.14 59.22
C ILE G 312 27.50 24.44 59.70
N ILE G 313 28.19 23.33 59.94
CA ILE G 313 29.56 23.41 60.37
C ILE G 313 30.36 24.25 59.43
N GLY G 314 29.99 24.17 58.17
CA GLY G 314 30.64 24.95 57.20
C GLY G 314 30.37 26.38 57.50
N ARG G 315 29.09 26.68 57.40
CA ARG G 315 28.59 28.01 57.58
C ARG G 315 29.15 28.68 58.82
N CYS G 316 29.27 27.88 59.86
CA CYS G 316 29.84 28.38 61.11
C CYS G 316 31.34 28.61 61.09
N ASN G 317 32.12 27.59 60.75
CA ASN G 317 33.56 27.73 60.65
C ASN G 317 33.90 28.92 59.82
N ARG G 318 33.09 29.05 58.75
CA ARG G 318 33.21 30.08 57.75
C ARG G 318 33.07 31.44 58.36
N ALA G 319 32.03 31.57 59.16
CA ALA G 319 31.74 32.81 59.83
C ALA G 319 32.39 33.03 61.23
N GLY G 320 33.09 32.03 61.75
CA GLY G 320 33.78 32.22 63.03
C GLY G 320 32.98 32.02 64.32
N LYS G 321 32.09 31.02 64.27
CA LYS G 321 31.25 30.64 65.37
C LYS G 321 31.41 29.12 65.57
N PRO G 322 31.49 28.76 66.85
CA PRO G 322 31.73 27.41 67.32
C PRO G 322 30.54 26.60 67.02
N VAL G 323 30.77 25.32 66.72
CA VAL G 323 29.70 24.44 66.37
C VAL G 323 29.89 23.22 67.12
N ILE G 324 28.76 22.70 67.55
CA ILE G 324 28.75 21.48 68.31
C ILE G 324 28.10 20.41 67.51
N CYS G 325 28.67 19.25 67.56
CA CYS G 325 28.07 18.15 66.85
C CYS G 325 27.50 17.28 67.92
N ALA G 326 26.29 16.78 67.74
CA ALA G 326 25.75 16.03 68.85
C ALA G 326 24.92 14.83 68.55
N THR G 327 24.83 13.99 69.58
CA THR G 327 24.00 12.81 69.52
C THR G 327 24.43 11.57 68.74
N GLN G 328 24.33 10.47 69.47
CA GLN G 328 24.55 9.14 68.97
C GLN G 328 25.91 8.86 68.39
N MET G 329 26.85 9.68 68.79
CA MET G 329 28.20 9.55 68.32
C MET G 329 28.92 8.33 68.85
N LEU G 330 28.66 7.99 70.12
CA LEU G 330 29.34 6.87 70.72
C LEU G 330 28.38 5.92 71.39
N GLU G 331 27.14 5.96 70.92
CA GLU G 331 26.04 5.12 71.43
C GLU G 331 26.40 3.73 71.96
N SER G 332 26.81 2.83 71.04
CA SER G 332 27.15 1.43 71.32
C SER G 332 27.86 1.30 72.63
N MET G 333 28.66 2.31 72.85
CA MET G 333 29.46 2.39 74.02
C MET G 333 28.65 2.48 75.29
N ILE G 334 27.39 2.84 75.16
CA ILE G 334 26.51 2.95 76.33
C ILE G 334 26.55 1.69 77.20
N LYS G 335 26.47 0.53 76.55
CA LYS G 335 26.49 -0.80 77.18
C LYS G 335 27.75 -1.56 76.83
N LYS G 336 28.56 -0.97 76.01
CA LYS G 336 29.77 -1.61 75.62
C LYS G 336 30.90 -0.69 75.96
N PRO G 337 32.08 -1.27 75.96
CA PRO G 337 33.33 -0.59 76.27
C PRO G 337 34.07 -0.24 74.96
N ARG G 338 33.56 -0.86 73.90
CA ARG G 338 34.02 -0.79 72.53
C ARG G 338 32.97 -0.21 71.60
N PRO G 339 33.29 0.89 70.97
CA PRO G 339 32.36 1.48 70.07
C PRO G 339 32.44 0.67 68.79
N THR G 340 31.58 0.98 67.83
CA THR G 340 31.59 0.25 66.58
C THR G 340 32.54 0.92 65.61
N ARG G 341 32.51 0.45 64.35
CA ARG G 341 33.33 1.03 63.26
C ARG G 341 32.77 2.39 62.80
N ALA G 342 31.46 2.40 62.60
CA ALA G 342 30.76 3.60 62.17
C ALA G 342 30.84 4.74 63.16
N GLU G 343 30.91 4.37 64.44
CA GLU G 343 31.00 5.34 65.53
C GLU G 343 32.28 6.17 65.45
N GLY G 344 33.41 5.46 65.28
CA GLY G 344 34.67 6.13 65.13
C GLY G 344 34.58 7.11 63.96
N SER G 345 34.18 6.61 62.77
CA SER G 345 34.05 7.44 61.58
C SER G 345 33.26 8.69 61.85
N ASP G 346 32.12 8.49 62.50
CA ASP G 346 31.24 9.57 62.85
C ASP G 346 32.00 10.60 63.65
N VAL G 347 32.71 10.12 64.61
CA VAL G 347 33.42 11.04 65.44
C VAL G 347 34.42 11.81 64.64
N ALA G 348 35.31 11.02 64.11
CA ALA G 348 36.43 11.42 63.31
C ALA G 348 36.04 12.32 62.16
N ASN G 349 35.06 11.92 61.38
CA ASN G 349 34.68 12.79 60.30
C ASN G 349 34.17 14.08 60.80
N ALA G 350 33.39 13.95 61.86
CA ALA G 350 32.81 15.09 62.50
C ALA G 350 33.93 16.05 62.83
N VAL G 351 35.09 15.47 63.17
CA VAL G 351 36.27 16.28 63.51
C VAL G 351 36.86 16.94 62.30
N LEU G 352 36.83 16.21 61.17
CA LEU G 352 37.36 16.74 59.96
C LEU G 352 36.49 17.87 59.51
N ASP G 353 35.19 17.54 59.41
CA ASP G 353 34.12 18.45 59.04
C ASP G 353 34.35 19.85 59.60
N GLY G 354 34.85 19.90 60.82
CA GLY G 354 35.16 21.20 61.42
C GLY G 354 34.40 21.56 62.69
N ALA G 355 33.82 20.54 63.29
CA ALA G 355 33.04 20.71 64.49
C ALA G 355 33.84 21.40 65.59
N ASP G 356 33.38 22.53 66.13
CA ASP G 356 34.16 23.15 67.20
C ASP G 356 34.36 22.24 68.42
N CYS G 357 33.30 21.45 68.74
CA CYS G 357 33.27 20.46 69.81
C CYS G 357 32.32 19.30 69.56
N ILE G 358 32.50 18.24 70.37
CA ILE G 358 31.74 17.01 70.30
C ILE G 358 31.08 16.65 71.60
N MET G 359 30.08 15.77 71.53
CA MET G 359 29.37 15.43 72.74
C MET G 359 28.71 14.05 72.82
N LEU G 360 28.70 13.56 74.06
CA LEU G 360 28.07 12.29 74.34
C LEU G 360 26.89 12.62 75.19
N SER G 361 25.81 11.92 74.96
CA SER G 361 24.62 12.19 75.72
C SER G 361 24.45 11.07 76.73
N GLY G 362 23.61 10.12 76.39
CA GLY G 362 23.43 8.96 77.21
C GLY G 362 24.73 8.17 77.32
N GLU G 363 25.69 8.43 76.45
CA GLU G 363 26.94 7.72 76.54
C GLU G 363 27.55 7.98 77.94
N THR G 364 27.40 9.23 78.41
CA THR G 364 27.87 9.63 79.73
C THR G 364 26.73 9.72 80.72
N ALA G 365 25.60 10.25 80.30
CA ALA G 365 24.49 10.34 81.24
C ALA G 365 24.08 9.02 81.94
N LYS G 366 23.60 8.01 81.20
CA LYS G 366 23.14 6.73 81.81
C LYS G 366 24.02 5.45 81.65
N GLY G 367 25.03 5.49 80.80
CA GLY G 367 25.86 4.32 80.48
C GLY G 367 26.72 3.71 81.56
N ASP G 368 27.25 2.54 81.19
CA ASP G 368 28.12 1.76 82.02
C ASP G 368 29.58 2.20 81.81
N TYR G 369 29.84 2.77 80.64
CA TYR G 369 31.18 3.22 80.29
C TYR G 369 31.29 4.70 79.97
N PRO G 370 31.16 5.49 81.01
CA PRO G 370 31.23 6.93 80.95
C PRO G 370 32.62 7.42 80.68
N LEU G 371 33.56 6.90 81.44
CA LEU G 371 34.91 7.34 81.23
C LEU G 371 35.49 6.80 79.93
N GLU G 372 35.23 5.52 79.65
CA GLU G 372 35.74 4.93 78.43
C GLU G 372 35.30 5.70 77.20
N ALA G 373 34.06 6.21 77.23
CA ALA G 373 33.55 6.95 76.10
C ALA G 373 34.21 8.29 76.00
N VAL G 374 34.58 8.86 77.15
CA VAL G 374 35.21 10.18 77.13
C VAL G 374 36.59 10.07 76.54
N ARG G 375 37.20 8.97 76.88
CA ARG G 375 38.51 8.73 76.39
C ARG G 375 38.45 8.57 74.88
N MET G 376 37.49 7.74 74.45
CA MET G 376 37.35 7.45 73.04
C MET G 376 37.26 8.67 72.16
N GLN G 377 36.34 9.56 72.50
CA GLN G 377 36.17 10.78 71.75
C GLN G 377 37.51 11.51 71.64
N HIS G 378 38.23 11.43 72.73
CA HIS G 378 39.50 12.08 72.92
C HIS G 378 40.65 11.57 72.06
N LEU G 379 40.81 10.27 71.97
CA LEU G 379 41.88 9.78 71.13
C LEU G 379 41.64 10.16 69.70
N ILE G 380 40.44 9.82 69.26
CA ILE G 380 39.99 10.11 67.94
C ILE G 380 40.23 11.53 67.55
N ALA G 381 39.71 12.40 68.37
CA ALA G 381 39.82 13.82 68.12
C ALA G 381 41.25 14.26 67.89
N ARG G 382 42.19 13.44 68.32
CA ARG G 382 43.59 13.81 68.23
C ARG G 382 44.19 13.47 66.91
N GLU G 383 43.79 12.26 66.42
CA GLU G 383 44.20 11.66 65.16
C GLU G 383 43.71 12.53 64.05
N ALA G 384 42.38 12.71 64.03
CA ALA G 384 41.66 13.53 63.05
C ALA G 384 42.19 14.96 62.99
N GLU G 385 42.60 15.44 64.15
CA GLU G 385 43.10 16.79 64.26
C GLU G 385 44.27 17.09 63.32
N ALA G 386 45.24 16.17 63.31
CA ALA G 386 46.45 16.28 62.53
C ALA G 386 46.24 15.78 61.10
N ALA G 387 45.09 15.16 60.91
CA ALA G 387 44.73 14.65 59.60
C ALA G 387 43.89 15.64 58.83
N MET G 388 43.88 16.86 59.28
CA MET G 388 43.11 17.80 58.55
C MET G 388 44.00 18.45 57.53
N PHE G 389 43.38 19.07 56.51
CA PHE G 389 44.10 19.73 55.43
C PHE G 389 44.40 21.16 55.75
N HIS G 390 45.26 21.37 56.71
CA HIS G 390 45.60 22.68 57.18
C HIS G 390 45.83 23.79 56.13
N ARG G 391 46.80 23.61 55.28
CA ARG G 391 47.01 24.66 54.31
C ARG G 391 45.80 24.91 53.41
N LYS G 392 45.09 23.88 53.02
CA LYS G 392 43.97 24.13 52.15
C LYS G 392 42.88 24.93 52.87
N LEU G 393 42.62 24.53 54.10
CA LEU G 393 41.62 25.14 54.95
C LEU G 393 41.79 26.61 55.09
N PHE G 394 42.93 26.92 55.65
CA PHE G 394 43.35 28.28 55.87
C PHE G 394 43.09 29.16 54.65
N GLU G 395 43.61 28.70 53.50
CA GLU G 395 43.42 29.46 52.26
C GLU G 395 41.95 29.77 52.03
N GLU G 396 41.09 28.71 52.03
CA GLU G 396 39.62 28.83 51.81
C GLU G 396 38.98 29.77 52.82
N LEU G 397 39.33 29.54 54.09
CA LEU G 397 38.87 30.36 55.21
C LEU G 397 39.16 31.79 54.83
N ALA G 398 40.45 32.01 54.68
CA ALA G 398 41.02 33.29 54.28
C ALA G 398 40.25 34.02 53.17
N ARG G 399 39.86 33.27 52.12
CA ARG G 399 39.15 33.87 51.02
C ARG G 399 37.74 34.16 51.40
N SER G 400 37.26 33.39 52.37
CA SER G 400 35.93 33.61 52.85
C SER G 400 35.84 34.91 53.68
N SER G 401 36.95 35.28 54.29
CA SER G 401 37.01 36.44 55.11
C SER G 401 37.73 37.55 54.38
N SER G 402 37.65 37.52 53.05
CA SER G 402 38.38 38.50 52.24
C SER G 402 37.93 39.96 52.26
N HIS G 403 36.65 40.17 52.61
CA HIS G 403 35.98 41.49 52.69
C HIS G 403 36.29 42.22 53.99
N SER G 404 36.82 41.43 54.92
CA SER G 404 37.18 41.92 56.22
C SER G 404 38.64 42.28 56.26
N THR G 405 38.87 43.45 56.82
CA THR G 405 40.15 44.08 56.99
C THR G 405 40.45 44.36 58.48
N ASP G 406 39.90 43.48 59.31
CA ASP G 406 40.06 43.61 60.73
C ASP G 406 41.48 43.43 61.13
N LEU G 407 41.93 44.34 61.95
CA LEU G 407 43.28 44.27 62.43
C LEU G 407 43.53 43.06 63.26
N MET G 408 42.56 42.68 64.03
CA MET G 408 42.84 41.52 64.79
C MET G 408 42.72 40.34 63.86
N GLU G 409 42.00 40.54 62.78
CA GLU G 409 41.88 39.44 61.87
C GLU G 409 43.22 39.16 61.22
N ALA G 410 43.79 40.25 60.71
CA ALA G 410 45.04 40.30 60.02
C ALA G 410 46.10 39.73 60.92
N MET G 411 46.06 40.20 62.14
CA MET G 411 46.97 39.77 63.16
C MET G 411 46.82 38.28 63.46
N ALA G 412 45.59 37.80 63.42
CA ALA G 412 45.26 36.40 63.64
C ALA G 412 45.84 35.54 62.58
N MET G 413 45.58 35.97 61.32
CA MET G 413 46.05 35.27 60.13
C MET G 413 47.56 35.09 60.11
N GLY G 414 48.28 36.22 60.24
CA GLY G 414 49.73 36.21 60.23
C GLY G 414 50.32 35.19 61.20
N SER G 415 49.80 35.25 62.42
CA SER G 415 50.25 34.37 63.46
C SER G 415 50.13 32.93 63.06
N VAL G 416 48.90 32.57 62.68
CA VAL G 416 48.69 31.20 62.30
C VAL G 416 49.62 30.76 61.17
N GLU G 417 49.86 31.64 60.19
CA GLU G 417 50.72 31.32 59.03
C GLU G 417 52.15 31.07 59.46
N ALA G 418 52.67 31.93 60.29
CA ALA G 418 53.98 31.72 60.81
C ALA G 418 53.98 30.41 61.60
N SER G 419 52.84 30.12 62.24
CA SER G 419 52.69 28.88 63.02
C SER G 419 53.07 27.69 62.17
N TYR G 420 52.58 27.78 60.92
CA TYR G 420 52.74 26.77 59.90
C TYR G 420 54.17 26.72 59.39
N LYS G 421 54.70 27.88 59.05
CA LYS G 421 56.06 27.99 58.60
C LYS G 421 57.09 27.30 59.49
N CYS G 422 57.10 27.65 60.77
CA CYS G 422 58.09 27.05 61.65
C CYS G 422 57.59 25.96 62.55
N LEU G 423 56.34 25.54 62.34
CA LEU G 423 55.79 24.50 63.16
C LEU G 423 55.89 24.85 64.60
N ALA G 424 55.24 25.94 64.90
CA ALA G 424 55.20 26.41 66.22
C ALA G 424 54.62 25.27 67.00
N ALA G 425 55.16 25.07 68.16
CA ALA G 425 54.71 23.97 68.94
C ALA G 425 53.49 24.42 69.71
N ALA G 426 53.20 25.75 69.58
CA ALA G 426 52.06 26.37 70.28
C ALA G 426 51.97 27.90 70.21
N LEU G 427 50.73 28.35 70.29
CA LEU G 427 50.37 29.77 70.26
C LEU G 427 49.82 30.25 71.61
N ILE G 428 50.53 31.21 72.20
CA ILE G 428 50.18 31.81 73.49
C ILE G 428 49.44 33.14 73.33
N VAL G 429 48.18 33.12 73.73
CA VAL G 429 47.36 34.31 73.66
C VAL G 429 47.01 34.87 75.02
N LEU G 430 46.97 36.19 75.06
CA LEU G 430 46.66 36.90 76.29
C LEU G 430 45.50 37.88 76.13
N THR G 431 44.27 37.43 76.37
CA THR G 431 43.16 38.38 76.26
C THR G 431 42.26 38.20 77.45
N GLU G 432 41.46 39.24 77.74
CA GLU G 432 40.54 39.20 78.86
C GLU G 432 39.13 38.97 78.35
N SER G 433 38.94 39.49 77.13
CA SER G 433 37.71 39.37 76.38
C SER G 433 37.56 37.93 75.87
N GLY G 434 38.66 37.41 75.31
CA GLY G 434 38.78 36.10 74.69
C GLY G 434 38.89 36.32 73.17
N ARG G 435 38.30 37.45 72.75
CA ARG G 435 38.23 37.93 71.39
C ARG G 435 39.49 37.64 70.60
N SER G 436 40.53 38.33 70.98
CA SER G 436 41.82 38.21 70.37
C SER G 436 42.22 36.75 70.19
N ALA G 437 41.64 35.88 71.01
CA ALA G 437 41.98 34.49 70.85
C ALA G 437 40.90 33.66 70.20
N HIS G 438 39.77 34.25 69.96
CA HIS G 438 38.84 33.41 69.28
C HIS G 438 39.36 33.34 67.87
N GLN G 439 39.66 34.57 67.44
CA GLN G 439 40.13 34.94 66.14
C GLN G 439 41.27 34.08 65.65
N VAL G 440 42.20 33.84 66.51
CA VAL G 440 43.25 32.97 66.12
C VAL G 440 42.76 31.52 65.91
N ALA G 441 41.76 31.08 66.70
CA ALA G 441 41.21 29.70 66.65
C ALA G 441 40.37 29.45 65.44
N ARG G 442 39.77 30.54 65.02
CA ARG G 442 38.91 30.65 63.86
C ARG G 442 39.68 30.30 62.58
N TYR G 443 40.99 30.58 62.59
CA TYR G 443 41.86 30.32 61.44
C TYR G 443 42.47 28.96 61.44
N ARG G 444 42.18 28.26 62.52
CA ARG G 444 42.54 26.90 62.64
C ARG G 444 44.00 26.64 62.58
N PRO G 445 44.69 27.10 63.59
CA PRO G 445 46.09 26.83 63.65
C PRO G 445 46.19 25.34 63.81
N ARG G 446 47.38 24.86 63.62
CA ARG G 446 47.66 23.46 63.72
C ARG G 446 47.79 23.04 65.15
N ALA G 447 48.57 23.90 65.79
CA ALA G 447 48.98 23.79 67.17
C ALA G 447 47.97 24.46 68.11
N PRO G 448 48.02 24.06 69.41
CA PRO G 448 47.12 24.59 70.43
C PRO G 448 47.30 26.04 70.80
N ILE G 449 46.17 26.68 71.16
CA ILE G 449 46.12 28.07 71.59
C ILE G 449 46.04 28.17 73.09
N ILE G 450 47.12 28.63 73.70
CA ILE G 450 47.11 28.75 75.13
C ILE G 450 46.68 30.11 75.54
N ALA G 451 45.41 30.19 75.89
CA ALA G 451 44.85 31.47 76.29
C ALA G 451 44.86 31.69 77.79
N VAL G 452 45.70 32.66 78.17
CA VAL G 452 45.90 33.08 79.55
C VAL G 452 44.95 34.20 79.89
N THR G 453 44.14 33.92 80.89
CA THR G 453 43.17 34.91 81.31
C THR G 453 43.00 34.96 82.83
N ARG G 454 42.53 36.11 83.30
CA ARG G 454 42.22 36.39 84.70
C ARG G 454 40.69 36.38 84.92
N ASN G 455 39.93 36.34 83.80
CA ASN G 455 38.45 36.28 83.72
C ASN G 455 38.00 34.83 83.57
N HIS G 456 37.60 34.19 84.69
CA HIS G 456 37.20 32.79 84.67
C HIS G 456 36.07 32.51 83.73
N GLN G 457 35.21 33.50 83.54
CA GLN G 457 34.13 33.22 82.65
C GLN G 457 34.71 32.98 81.28
N THR G 458 35.40 34.02 80.85
CA THR G 458 36.08 34.09 79.60
C THR G 458 36.83 32.81 79.36
N ALA G 459 37.34 32.27 80.44
CA ALA G 459 38.06 31.02 80.37
C ALA G 459 37.15 29.83 80.36
N ARG G 460 35.88 30.04 80.53
CA ARG G 460 35.02 28.90 80.56
C ARG G 460 34.37 28.76 79.21
N GLN G 461 33.93 29.89 78.69
CA GLN G 461 33.33 29.93 77.41
C GLN G 461 34.28 29.50 76.31
N ALA G 462 35.55 29.83 76.51
CA ALA G 462 36.61 29.51 75.59
C ALA G 462 36.54 28.09 75.03
N HIS G 463 36.23 27.13 75.89
CA HIS G 463 36.08 25.72 75.51
C HIS G 463 35.28 25.50 74.23
N LEU G 464 34.29 26.35 74.02
CA LEU G 464 33.45 26.31 72.85
C LEU G 464 34.30 26.24 71.57
N TYR G 465 35.28 27.15 71.51
CA TYR G 465 36.23 27.35 70.44
C TYR G 465 37.18 26.17 70.24
N ARG G 466 37.65 26.02 69.00
CA ARG G 466 38.53 24.89 68.75
C ARG G 466 40.03 25.23 68.74
N GLY G 467 40.79 24.53 69.59
CA GLY G 467 42.23 24.70 69.72
C GLY G 467 42.62 25.52 70.97
N ILE G 468 41.62 26.12 71.60
CA ILE G 468 41.84 26.92 72.78
C ILE G 468 41.89 26.18 74.08
N PHE G 469 43.03 26.28 74.69
CA PHE G 469 43.25 25.67 75.94
C PHE G 469 43.41 26.76 76.94
N PRO G 470 42.32 27.06 77.60
CA PRO G 470 42.25 28.10 78.59
C PRO G 470 43.10 27.75 79.79
N VAL G 471 43.81 28.79 80.24
CA VAL G 471 44.71 28.81 81.40
C VAL G 471 44.36 30.02 82.29
N VAL G 472 44.19 29.76 83.62
CA VAL G 472 43.83 30.81 84.59
C VAL G 472 44.92 31.37 85.48
N CYS G 473 45.17 32.65 85.24
CA CYS G 473 46.12 33.38 86.00
C CYS G 473 45.37 34.09 87.06
N LYS G 474 45.70 33.64 88.25
CA LYS G 474 45.10 34.17 89.41
C LYS G 474 45.98 35.23 89.99
N ASP G 475 47.28 35.17 89.65
CA ASP G 475 48.23 36.16 90.12
C ASP G 475 47.71 37.57 89.90
N PRO G 476 47.99 38.42 90.87
CA PRO G 476 47.51 39.78 90.81
C PRO G 476 48.25 40.51 89.71
N VAL G 477 47.60 41.48 89.10
CA VAL G 477 48.27 42.25 88.06
C VAL G 477 49.52 42.88 88.63
N GLN G 478 50.39 43.38 87.77
CA GLN G 478 51.61 44.04 88.19
C GLN G 478 51.77 45.43 87.59
N GLU G 479 51.95 46.41 88.49
CA GLU G 479 52.08 47.84 88.22
C GLU G 479 52.68 48.17 86.87
N ALA G 480 53.72 47.41 86.50
CA ALA G 480 54.37 47.60 85.23
C ALA G 480 54.00 46.48 84.25
N TRP G 481 53.29 46.88 83.17
CA TRP G 481 52.77 46.03 82.10
C TRP G 481 53.65 44.83 81.81
N ALA G 482 54.75 45.20 81.18
CA ALA G 482 55.78 44.32 80.74
C ALA G 482 56.06 43.18 81.72
N GLU G 483 55.75 43.42 82.99
CA GLU G 483 55.98 42.40 83.97
C GLU G 483 54.75 41.55 84.12
N ASP G 484 53.64 42.27 84.08
CA ASP G 484 52.35 41.66 84.18
C ASP G 484 52.31 40.68 83.06
N VAL G 485 52.43 41.27 81.87
CA VAL G 485 52.50 40.56 80.60
C VAL G 485 53.46 39.39 80.73
N ASP G 486 54.73 39.71 80.95
CA ASP G 486 55.72 38.68 81.03
C ASP G 486 55.42 37.66 82.11
N LEU G 487 54.65 38.04 83.10
CA LEU G 487 54.35 37.10 84.15
C LEU G 487 53.48 35.94 83.69
N ARG G 488 52.48 36.31 82.87
CA ARG G 488 51.49 35.41 82.29
C ARG G 488 52.09 34.42 81.29
N VAL G 489 52.96 34.93 80.42
CA VAL G 489 53.64 34.11 79.39
C VAL G 489 54.30 32.92 80.01
N ASN G 490 54.85 33.20 81.16
CA ASN G 490 55.55 32.17 81.88
C ASN G 490 54.60 31.07 82.19
N LEU G 491 53.47 31.51 82.73
CA LEU G 491 52.38 30.64 83.13
C LEU G 491 52.13 29.60 82.06
N ALA G 492 51.79 30.15 80.89
CA ALA G 492 51.52 29.40 79.68
C ALA G 492 52.58 28.35 79.48
N MET G 493 53.81 28.83 79.32
CA MET G 493 54.99 28.01 79.13
C MET G 493 54.97 26.89 80.13
N ASN G 494 54.81 27.30 81.38
CA ASN G 494 54.78 26.38 82.49
C ASN G 494 53.72 25.35 82.35
N VAL G 495 52.52 25.81 82.05
CA VAL G 495 51.45 24.86 81.86
C VAL G 495 51.75 23.96 80.69
N GLY G 496 52.13 24.63 79.60
CA GLY G 496 52.49 23.98 78.37
C GLY G 496 53.46 22.85 78.62
N LYS G 497 54.64 23.23 79.08
CA LYS G 497 55.67 22.26 79.42
C LYS G 497 55.11 21.20 80.37
N ALA G 498 54.36 21.70 81.35
CA ALA G 498 53.73 20.86 82.33
C ALA G 498 52.91 19.78 81.70
N ARG G 499 51.99 20.22 80.87
CA ARG G 499 51.09 19.34 80.13
C ARG G 499 51.77 18.35 79.18
N GLY G 500 52.82 18.80 78.48
CA GLY G 500 53.58 18.00 77.53
C GLY G 500 53.54 18.51 76.08
N PHE G 501 52.96 19.67 75.92
CA PHE G 501 52.76 20.34 74.68
C PHE G 501 54.06 20.75 74.01
N PHE G 502 55.02 21.13 74.83
CA PHE G 502 56.29 21.50 74.29
C PHE G 502 57.39 21.24 75.30
N LYS G 503 58.60 21.51 74.88
CA LYS G 503 59.73 21.32 75.76
C LYS G 503 60.52 22.60 75.81
N LYS G 504 61.81 22.46 76.04
CA LYS G 504 62.61 23.64 76.15
C LYS G 504 62.93 24.28 74.82
N GLY G 505 63.69 23.57 74.00
CA GLY G 505 64.12 24.06 72.70
C GLY G 505 63.04 24.51 71.73
N ASP G 506 61.82 24.08 72.00
CA ASP G 506 60.67 24.38 71.17
C ASP G 506 60.42 25.85 70.87
N VAL G 507 59.58 26.10 69.88
CA VAL G 507 59.28 27.44 69.53
C VAL G 507 57.83 27.71 69.71
N VAL G 508 57.55 28.93 70.02
CA VAL G 508 56.20 29.31 70.24
C VAL G 508 55.99 30.69 69.72
N ILE G 509 54.78 30.95 69.28
CA ILE G 509 54.49 32.27 68.80
C ILE G 509 53.73 32.89 69.93
N VAL G 510 54.08 34.12 70.29
CA VAL G 510 53.40 34.78 71.40
C VAL G 510 52.62 36.04 71.02
N LEU G 511 51.32 36.02 71.30
CA LEU G 511 50.44 37.11 70.97
C LEU G 511 50.03 37.98 72.15
N THR G 512 50.40 39.26 72.08
CA THR G 512 50.09 40.20 73.15
C THR G 512 49.84 41.63 72.65
N GLY G 513 49.44 42.47 73.60
CA GLY G 513 49.20 43.90 73.35
C GLY G 513 50.53 44.61 73.56
N TRP G 514 50.75 45.72 72.85
CA TRP G 514 52.02 46.45 72.99
C TRP G 514 52.09 47.19 74.31
N ARG G 515 50.91 47.61 74.70
CA ARG G 515 50.68 48.32 75.92
C ARG G 515 49.27 47.95 76.38
N PRO G 516 48.94 48.32 77.62
CA PRO G 516 47.63 48.03 78.14
C PRO G 516 46.72 49.04 77.51
N GLY G 517 45.49 48.63 77.25
CA GLY G 517 44.56 49.51 76.62
C GLY G 517 44.85 49.52 75.13
N SER G 518 45.00 48.29 74.60
CA SER G 518 45.26 48.08 73.20
C SER G 518 43.94 47.80 72.49
N GLY G 519 43.22 46.78 72.98
CA GLY G 519 41.93 46.35 72.40
C GLY G 519 42.00 44.97 71.75
N PHE G 520 43.26 44.58 71.51
CA PHE G 520 43.64 43.33 70.91
C PHE G 520 45.14 43.14 70.95
N THR G 521 45.51 41.88 71.02
CA THR G 521 46.91 41.50 71.00
C THR G 521 47.52 42.02 69.72
N ASN G 522 48.14 43.20 69.74
CA ASN G 522 48.70 43.70 68.49
C ASN G 522 50.19 43.42 68.33
N THR G 523 50.71 42.50 69.13
CA THR G 523 52.11 42.23 69.01
C THR G 523 52.39 40.79 68.87
N MET G 524 53.13 40.44 67.80
CA MET G 524 53.44 39.03 67.68
C MET G 524 54.90 38.78 67.84
N ARG G 525 55.22 37.63 68.46
CA ARG G 525 56.59 37.23 68.70
C ARG G 525 56.86 35.74 68.60
N VAL G 526 58.07 35.47 68.22
CA VAL G 526 58.52 34.14 68.14
C VAL G 526 59.56 33.96 69.15
N VAL G 527 59.24 33.11 70.06
CA VAL G 527 60.12 32.85 71.13
C VAL G 527 60.32 31.36 71.24
N PRO G 528 61.38 30.99 71.95
CA PRO G 528 61.72 29.61 72.17
C PRO G 528 61.43 29.31 73.62
N VAL G 529 61.03 28.09 73.87
CA VAL G 529 60.70 27.73 75.22
C VAL G 529 61.86 27.77 76.15
N PRO G 530 61.70 28.55 77.19
CA PRO G 530 62.75 28.62 78.17
C PRO G 530 62.88 27.27 78.85
N ILE H 12 36.15 54.21 41.53
CA ILE H 12 36.73 52.90 41.20
C ILE H 12 37.93 52.58 42.07
N GLN H 13 38.08 51.30 42.35
CA GLN H 13 39.18 50.85 43.18
C GLN H 13 40.54 51.43 42.85
N THR H 14 41.46 51.01 43.65
CA THR H 14 42.77 51.52 43.51
C THR H 14 43.73 50.37 43.65
N GLN H 15 44.90 50.48 43.03
CA GLN H 15 45.89 49.43 43.20
C GLN H 15 45.54 48.07 42.63
N GLN H 16 44.72 48.08 41.57
CA GLN H 16 44.30 46.87 40.91
C GLN H 16 43.81 45.89 41.95
N LEU H 17 43.22 46.54 42.95
CA LEU H 17 42.62 45.94 44.11
C LEU H 17 41.43 45.09 43.74
N HIS H 18 40.79 45.47 42.60
CA HIS H 18 39.67 44.71 42.04
C HIS H 18 40.23 43.47 41.35
N ALA H 19 41.22 43.65 40.48
CA ALA H 19 41.84 42.52 39.84
C ALA H 19 42.41 41.62 40.94
N ALA H 20 42.97 42.26 41.92
CA ALA H 20 43.57 41.65 43.09
C ALA H 20 42.77 40.56 43.86
N MET H 21 41.43 40.57 43.80
CA MET H 21 40.63 39.59 44.55
C MET H 21 40.18 38.40 43.73
N ALA H 22 40.61 38.41 42.48
CA ALA H 22 40.25 37.34 41.59
C ALA H 22 40.61 36.00 42.20
N ASP H 23 40.01 34.99 41.64
CA ASP H 23 40.15 33.62 42.07
C ASP H 23 40.97 32.89 41.00
N THR H 24 40.85 33.44 39.81
CA THR H 24 41.44 32.92 38.62
C THR H 24 42.35 33.92 37.96
N PHE H 25 43.54 33.42 37.59
CA PHE H 25 44.50 34.25 36.90
C PHE H 25 43.83 34.97 35.73
N LEU H 26 42.98 34.26 35.03
CA LEU H 26 42.25 34.86 33.92
C LEU H 26 41.27 35.91 34.46
N GLU H 27 40.77 35.69 35.67
CA GLU H 27 39.86 36.66 36.27
C GLU H 27 40.64 37.88 36.70
N HIS H 28 41.83 37.60 37.16
CA HIS H 28 42.71 38.68 37.55
C HIS H 28 42.91 39.58 36.34
N MET H 29 43.32 38.99 35.24
CA MET H 29 43.51 39.71 34.00
C MET H 29 42.28 40.50 33.55
N CYS H 30 41.12 39.86 33.47
CA CYS H 30 40.01 40.66 32.99
C CYS H 30 39.59 41.74 33.93
N ARG H 31 40.13 41.69 35.11
CA ARG H 31 39.73 42.66 36.07
C ARG H 31 40.59 43.90 36.13
N LEU H 32 41.56 43.98 35.23
CA LEU H 32 42.49 45.12 35.20
C LEU H 32 41.95 46.46 34.63
N ASP H 33 41.96 47.47 35.49
CA ASP H 33 41.45 48.77 35.14
C ASP H 33 42.52 49.84 35.03
N ILE H 34 42.42 50.57 33.93
CA ILE H 34 43.33 51.64 33.67
C ILE H 34 42.92 52.79 34.54
N ASP H 35 41.86 52.55 35.30
CA ASP H 35 41.35 53.62 36.15
C ASP H 35 41.60 53.43 37.61
N SER H 36 42.21 52.31 37.94
CA SER H 36 42.58 52.05 39.31
C SER H 36 43.99 52.56 39.53
N ALA H 37 44.11 53.79 40.01
CA ALA H 37 45.42 54.42 40.25
C ALA H 37 46.38 53.64 41.17
N PRO H 38 47.65 53.60 40.80
CA PRO H 38 48.69 52.88 41.54
C PRO H 38 49.11 53.63 42.77
N ILE H 39 49.89 52.99 43.62
CA ILE H 39 50.39 53.67 44.79
C ILE H 39 51.39 54.73 44.37
N THR H 40 52.14 55.29 45.35
CA THR H 40 53.13 56.32 45.02
C THR H 40 54.56 55.81 45.12
N ALA H 41 54.66 54.58 45.54
CA ALA H 41 55.93 53.95 45.64
C ALA H 41 56.19 52.92 44.54
N ARG H 42 57.48 52.86 44.17
CA ARG H 42 58.11 51.97 43.20
C ARG H 42 59.03 51.05 44.00
N ASN H 43 58.78 49.74 43.88
CA ASN H 43 59.52 48.70 44.60
C ASN H 43 60.66 48.09 43.79
N THR H 44 60.54 48.30 42.49
CA THR H 44 61.48 47.82 41.53
C THR H 44 62.71 48.72 41.48
N GLY H 45 63.89 48.12 41.51
CA GLY H 45 65.08 48.93 41.42
C GLY H 45 65.38 49.38 39.98
N ILE H 46 65.74 50.65 39.87
CA ILE H 46 66.13 51.20 38.60
C ILE H 46 67.63 51.33 38.59
N ILE H 47 68.27 50.86 37.54
CA ILE H 47 69.72 50.90 37.49
C ILE H 47 70.19 51.60 36.26
N CYS H 48 71.06 52.55 36.45
CA CYS H 48 71.54 53.23 35.30
C CYS H 48 73.00 53.07 35.00
N THR H 49 73.24 53.15 33.73
CA THR H 49 74.54 53.05 33.16
C THR H 49 74.98 54.47 32.83
N ILE H 50 76.00 54.88 33.58
CA ILE H 50 76.58 56.22 33.52
C ILE H 50 77.71 56.39 32.51
N GLY H 51 77.58 57.44 31.73
CA GLY H 51 78.56 57.78 30.74
C GLY H 51 78.44 59.23 30.43
N PRO H 52 78.98 59.56 29.27
CA PRO H 52 79.03 60.90 28.70
C PRO H 52 77.76 61.74 28.76
N ALA H 53 76.62 61.14 28.55
CA ALA H 53 75.44 61.95 28.63
C ALA H 53 74.88 62.12 30.06
N SER H 54 75.49 61.46 31.06
CA SER H 54 74.91 61.54 32.39
C SER H 54 75.91 61.48 33.51
N ARG H 55 77.14 61.74 33.18
CA ARG H 55 78.26 61.66 34.09
C ARG H 55 78.40 62.88 34.98
N SER H 56 77.84 64.00 34.51
CA SER H 56 77.93 65.26 35.24
C SER H 56 77.42 65.15 36.66
N VAL H 57 77.71 66.17 37.39
CA VAL H 57 77.20 66.19 38.71
C VAL H 57 75.70 66.45 38.55
N GLU H 58 75.37 67.63 38.02
CA GLU H 58 73.99 68.05 37.75
C GLU H 58 73.06 66.96 37.22
N THR H 59 73.34 66.42 36.04
CA THR H 59 72.50 65.39 35.49
C THR H 59 72.35 64.21 36.43
N LEU H 60 73.47 63.78 37.04
CA LEU H 60 73.46 62.68 37.97
C LEU H 60 72.42 62.92 39.04
N LYS H 61 72.31 64.20 39.43
CA LYS H 61 71.39 64.67 40.47
C LYS H 61 69.97 64.43 40.09
N GLU H 62 69.64 65.07 38.98
CA GLU H 62 68.34 65.03 38.31
C GLU H 62 67.91 63.59 38.06
N MET H 63 68.85 62.70 38.19
CA MET H 63 68.55 61.34 37.93
C MET H 63 68.25 60.64 39.18
N ILE H 64 68.85 61.15 40.25
CA ILE H 64 68.67 60.56 41.57
C ILE H 64 67.26 60.82 41.97
N LYS H 65 66.90 62.05 41.63
CA LYS H 65 65.60 62.60 41.84
C LYS H 65 64.59 61.84 41.01
N SER H 66 64.95 61.64 39.76
CA SER H 66 64.07 60.96 38.84
C SER H 66 63.69 59.51 39.22
N GLY H 67 64.54 58.86 40.08
CA GLY H 67 64.33 57.48 40.58
C GLY H 67 65.57 56.56 40.47
N MET H 68 66.74 57.09 40.12
CA MET H 68 67.90 56.21 40.05
C MET H 68 68.28 55.73 41.46
N ASN H 69 68.72 54.47 41.53
CA ASN H 69 69.13 53.77 42.76
C ASN H 69 70.51 53.07 42.67
N VAL H 70 70.95 52.68 41.48
CA VAL H 70 72.27 52.06 41.35
C VAL H 70 72.94 52.62 40.10
N ALA H 71 74.15 53.13 40.24
CA ALA H 71 74.87 53.67 39.08
C ALA H 71 75.81 52.61 38.62
N ARG H 72 75.69 52.17 37.38
CA ARG H 72 76.57 51.13 36.95
C ARG H 72 77.68 51.63 36.06
N MET H 73 78.92 51.36 36.52
CA MET H 73 80.16 51.71 35.84
C MET H 73 80.58 50.53 34.93
N ASN H 74 80.48 50.69 33.60
CA ASN H 74 80.88 49.58 32.68
C ASN H 74 82.37 49.50 32.39
N PHE H 75 83.02 48.53 33.02
CA PHE H 75 84.44 48.34 32.87
C PHE H 75 84.97 47.97 31.48
N SER H 76 84.07 47.82 30.51
CA SER H 76 84.44 47.50 29.12
C SER H 76 85.24 48.67 28.52
N HIS H 77 85.06 49.84 29.08
CA HIS H 77 85.79 50.95 28.56
C HIS H 77 86.58 51.60 29.64
N GLY H 78 86.93 52.82 29.35
CA GLY H 78 87.65 53.69 30.22
C GLY H 78 88.73 53.10 31.09
N THR H 79 89.46 54.08 31.65
CA THR H 79 90.56 53.95 32.54
C THR H 79 90.10 54.22 33.94
N HIS H 80 90.87 53.70 34.87
CA HIS H 80 90.66 53.93 36.27
C HIS H 80 90.47 55.42 36.53
N GLU H 81 91.05 56.23 35.64
CA GLU H 81 90.90 57.65 35.80
C GLU H 81 89.45 58.03 35.65
N TYR H 82 88.88 57.81 34.46
CA TYR H 82 87.47 58.06 34.16
C TYR H 82 86.63 57.43 35.27
N HIS H 83 86.80 56.14 35.45
CA HIS H 83 86.00 55.43 36.44
C HIS H 83 86.08 56.01 37.80
N ALA H 84 87.21 56.52 38.11
CA ALA H 84 87.32 57.09 39.41
C ALA H 84 86.55 58.38 39.48
N GLU H 85 86.48 59.06 38.36
CA GLU H 85 85.81 60.35 38.24
C GLU H 85 84.31 60.26 38.14
N THR H 86 83.83 59.24 37.44
CA THR H 86 82.41 59.13 37.36
C THR H 86 81.90 58.83 38.76
N ILE H 87 82.61 57.99 39.45
CA ILE H 87 82.21 57.68 40.79
C ILE H 87 82.12 58.88 41.72
N LYS H 88 83.18 59.64 41.75
CA LYS H 88 83.25 60.80 42.60
C LYS H 88 82.04 61.74 42.45
N ASN H 89 81.76 62.11 41.19
CA ASN H 89 80.67 62.99 40.77
C ASN H 89 79.33 62.50 41.24
N VAL H 90 79.26 61.20 41.27
CA VAL H 90 78.09 60.49 41.65
C VAL H 90 77.93 60.68 43.12
N ARG H 91 78.91 60.14 43.86
CA ARG H 91 78.98 60.21 45.31
C ARG H 91 78.74 61.60 45.80
N THR H 92 79.10 62.48 44.91
CA THR H 92 78.91 63.88 45.07
C THR H 92 77.43 64.20 45.00
N ALA H 93 76.83 63.93 43.85
CA ALA H 93 75.41 64.16 43.67
C ALA H 93 74.54 63.55 44.79
N THR H 94 74.88 62.33 45.19
CA THR H 94 74.19 61.63 46.26
C THR H 94 74.19 62.44 47.55
N GLU H 95 75.41 62.70 48.05
CA GLU H 95 75.68 63.43 49.30
C GLU H 95 75.17 64.84 49.35
N SER H 96 74.84 65.35 48.18
CA SER H 96 74.32 66.69 48.04
C SER H 96 72.95 66.82 48.70
N PHE H 97 72.48 65.70 49.22
CA PHE H 97 71.19 65.70 49.84
C PHE H 97 71.39 65.18 51.22
N ALA H 98 72.64 65.17 51.66
CA ALA H 98 72.97 64.67 52.97
C ALA H 98 72.58 65.67 54.04
N SER H 99 71.72 66.60 53.60
CA SER H 99 71.15 67.72 54.34
C SER H 99 69.86 67.42 55.14
N ASP H 100 69.03 66.47 54.67
CA ASP H 100 67.77 66.00 55.27
C ASP H 100 67.74 64.47 55.38
N PRO H 101 68.18 63.91 56.53
CA PRO H 101 68.25 62.46 56.75
C PRO H 101 67.06 61.71 56.25
N ILE H 102 65.99 62.49 56.25
CA ILE H 102 64.66 62.09 55.87
C ILE H 102 64.56 61.93 54.39
N LEU H 103 64.80 63.06 53.69
CA LEU H 103 64.75 63.06 52.24
C LEU H 103 66.06 62.62 51.57
N TYR H 104 66.87 61.90 52.32
CA TYR H 104 68.13 61.49 51.78
C TYR H 104 68.07 60.18 51.06
N ARG H 105 68.16 60.25 49.72
CA ARG H 105 68.16 59.03 48.93
C ARG H 105 69.59 58.64 48.65
N PRO H 106 69.97 57.44 49.11
CA PRO H 106 71.28 56.82 48.89
C PRO H 106 71.36 56.27 47.45
N VAL H 107 72.52 55.76 47.08
CA VAL H 107 72.72 55.23 45.77
C VAL H 107 73.85 54.22 45.74
N ALA H 108 73.62 53.07 45.14
CA ALA H 108 74.68 52.12 45.12
C ALA H 108 75.56 52.27 43.88
N VAL H 109 76.72 51.65 43.95
CA VAL H 109 77.69 51.72 42.88
C VAL H 109 78.12 50.31 42.52
N ALA H 110 78.01 50.01 41.21
CA ALA H 110 78.34 48.70 40.65
C ALA H 110 79.45 48.74 39.62
N LEU H 111 80.33 47.75 39.75
CA LEU H 111 81.42 47.56 38.81
C LEU H 111 81.06 46.42 37.88
N ASP H 112 80.84 46.79 36.62
CA ASP H 112 80.50 45.83 35.59
C ASP H 112 81.75 45.46 34.83
N THR H 113 82.25 44.33 35.21
CA THR H 113 83.46 43.80 34.65
C THR H 113 83.42 43.70 33.16
N LYS H 114 84.60 43.65 32.55
CA LYS H 114 84.74 43.52 31.12
C LYS H 114 84.73 42.06 30.74
N GLY H 115 85.53 41.24 31.39
CA GLY H 115 85.45 39.82 31.11
C GLY H 115 86.15 39.29 29.85
N PRO H 116 86.35 37.96 29.86
CA PRO H 116 86.99 37.21 28.82
C PRO H 116 86.39 37.40 27.44
N GLU H 117 87.28 37.45 26.44
CA GLU H 117 86.89 37.71 25.08
C GLU H 117 87.68 36.91 24.07
N ILE H 118 87.12 36.80 22.86
CA ILE H 118 87.74 36.09 21.75
C ILE H 118 87.71 36.99 20.50
N ARG H 119 88.88 37.43 20.02
CA ARG H 119 88.88 38.27 18.85
C ARG H 119 89.76 37.77 17.71
N THR H 120 89.44 38.23 16.49
CA THR H 120 90.20 37.87 15.33
C THR H 120 91.39 38.80 15.20
N GLY H 121 92.32 38.42 14.35
CA GLY H 121 93.49 39.24 14.16
C GLY H 121 93.24 40.35 13.14
N LEU H 122 94.35 40.78 12.55
CA LEU H 122 94.38 41.82 11.54
C LEU H 122 94.09 41.28 10.13
N ILE H 123 93.24 41.99 9.41
CA ILE H 123 92.91 41.63 8.03
C ILE H 123 93.86 42.37 7.10
N LYS H 124 94.69 41.66 6.31
CA LYS H 124 95.63 42.31 5.41
C LYS H 124 96.42 43.51 5.98
N GLY H 125 97.02 43.33 7.17
CA GLY H 125 97.87 44.29 7.90
C GLY H 125 97.38 45.73 8.04
N SER H 126 96.09 45.93 7.79
CA SER H 126 95.34 47.20 7.87
C SER H 126 94.24 46.97 8.94
N GLY H 127 93.74 48.00 9.64
CA GLY H 127 92.69 47.80 10.66
C GLY H 127 91.29 48.31 10.22
N THR H 128 91.21 48.79 8.95
CA THR H 128 90.01 49.36 8.31
C THR H 128 89.58 48.56 7.07
N ALA H 129 90.35 47.52 6.82
CA ALA H 129 90.12 46.63 5.73
C ALA H 129 89.11 45.62 6.15
N GLU H 130 88.54 45.01 5.16
CA GLU H 130 87.54 44.02 5.38
C GLU H 130 87.61 43.04 4.26
N VAL H 131 86.94 41.93 4.44
CA VAL H 131 86.92 40.88 3.46
C VAL H 131 85.57 40.25 3.36
N GLU H 132 85.26 39.81 2.15
CA GLU H 132 84.00 39.14 1.94
C GLU H 132 84.11 37.63 2.11
N LEU H 133 83.18 37.12 2.90
CA LEU H 133 83.03 35.69 3.12
C LEU H 133 81.70 35.26 2.42
N LYS H 134 81.74 34.28 1.53
CA LYS H 134 80.49 33.90 0.90
C LYS H 134 80.02 32.56 1.41
N LYS H 135 78.76 32.29 1.14
CA LYS H 135 78.18 31.04 1.58
C LYS H 135 78.70 29.82 0.83
N GLY H 136 79.12 28.81 1.60
CA GLY H 136 79.59 27.54 1.05
C GLY H 136 81.09 27.37 1.07
N ALA H 137 81.75 28.50 1.37
CA ALA H 137 83.19 28.55 1.42
C ALA H 137 83.85 27.91 2.63
N THR H 138 85.11 27.63 2.40
CA THR H 138 85.96 27.05 3.38
C THR H 138 86.84 28.16 3.92
N LEU H 139 86.93 28.17 5.22
CA LEU H 139 87.75 29.14 5.89
C LEU H 139 88.56 28.43 6.95
N LYS H 140 89.84 28.68 6.91
CA LYS H 140 90.69 28.02 7.82
C LYS H 140 91.04 28.90 8.98
N ILE H 141 90.95 28.33 10.15
CA ILE H 141 91.28 29.09 11.30
C ILE H 141 92.57 28.57 11.85
N THR H 142 93.47 29.48 12.17
CA THR H 142 94.79 29.13 12.68
C THR H 142 95.13 29.85 13.97
N LEU H 143 96.14 29.32 14.66
CA LEU H 143 96.64 29.90 15.88
C LEU H 143 98.05 30.36 15.60
N ASP H 144 98.44 30.25 14.34
CA ASP H 144 99.77 30.64 13.91
C ASP H 144 99.97 32.12 13.77
N ASN H 145 100.66 32.63 14.77
CA ASN H 145 100.94 34.04 14.91
C ASN H 145 101.36 34.72 13.65
N ALA H 146 101.86 33.92 12.74
CA ALA H 146 102.30 34.39 11.45
C ALA H 146 101.17 35.19 10.87
N TYR H 147 99.97 34.65 11.13
CA TYR H 147 98.71 35.16 10.68
C TYR H 147 97.97 36.02 11.66
N MET H 148 98.69 36.65 12.54
CA MET H 148 97.99 37.48 13.47
C MET H 148 97.70 38.81 12.84
N GLU H 149 98.41 39.11 11.77
CA GLU H 149 98.19 40.33 11.05
C GLU H 149 97.93 40.09 9.56
N LYS H 150 97.88 38.82 9.19
CA LYS H 150 97.70 38.40 7.80
C LYS H 150 96.42 37.63 7.54
N CYS H 151 95.36 38.03 8.18
CA CYS H 151 94.06 37.39 8.01
C CYS H 151 93.52 37.82 6.66
N ASP H 152 93.02 36.84 5.92
CA ASP H 152 92.42 37.05 4.60
C ASP H 152 91.17 36.19 4.48
N GLU H 153 90.64 36.04 3.28
CA GLU H 153 89.42 35.24 3.06
C GLU H 153 89.64 33.74 3.10
N ASN H 154 90.87 33.36 3.42
CA ASN H 154 91.30 31.99 3.41
C ASN H 154 91.81 31.51 4.74
N ILE H 155 92.45 32.46 5.46
CA ILE H 155 93.05 32.26 6.77
C ILE H 155 92.53 33.22 7.85
N LEU H 156 92.10 32.64 8.96
CA LEU H 156 91.60 33.42 10.05
C LEU H 156 92.29 33.04 11.30
N TRP H 157 92.85 34.04 11.92
CA TRP H 157 93.56 33.82 13.16
C TRP H 157 92.77 34.37 14.34
N LEU H 158 92.89 33.68 15.50
CA LEU H 158 92.23 34.00 16.79
C LEU H 158 93.14 34.04 18.01
N ASP H 159 92.71 34.81 19.03
CA ASP H 159 93.43 34.99 20.30
C ASP H 159 93.10 33.94 21.37
N TYR H 160 92.51 32.85 20.91
CA TYR H 160 92.08 31.76 21.77
C TYR H 160 92.77 30.44 21.50
N LYS H 161 93.96 30.36 22.05
CA LYS H 161 94.85 29.24 21.96
C LYS H 161 94.24 27.84 22.19
N ASN H 162 93.32 27.70 23.13
CA ASN H 162 92.78 26.36 23.37
C ASN H 162 91.53 26.02 22.61
N ILE H 163 91.26 26.70 21.54
CA ILE H 163 90.04 26.41 20.82
C ILE H 163 89.88 24.98 20.33
N CYS H 164 90.95 24.35 19.89
CA CYS H 164 90.79 23.04 19.34
C CYS H 164 90.42 22.04 20.40
N LYS H 165 90.74 22.40 21.63
CA LYS H 165 90.44 21.57 22.78
C LYS H 165 88.98 21.62 23.15
N VAL H 166 88.40 22.82 23.01
CA VAL H 166 87.02 23.22 23.33
C VAL H 166 85.95 22.96 22.24
N VAL H 167 86.39 22.77 21.03
CA VAL H 167 85.46 22.59 19.92
C VAL H 167 85.69 21.25 19.19
N ASP H 168 84.65 20.75 18.53
CA ASP H 168 84.69 19.46 17.82
C ASP H 168 84.08 19.64 16.41
N VAL H 169 84.26 18.61 15.54
CA VAL H 169 83.70 18.74 14.21
C VAL H 169 82.22 18.96 14.29
N GLY H 170 81.71 19.88 13.47
CA GLY H 170 80.28 20.16 13.47
C GLY H 170 79.90 21.24 14.47
N SER H 171 80.77 21.54 15.40
CA SER H 171 80.48 22.58 16.37
C SER H 171 80.27 23.89 15.62
N LYS H 172 79.76 24.96 16.27
CA LYS H 172 79.56 26.23 15.57
C LYS H 172 80.36 27.41 16.08
N VAL H 173 80.86 28.23 15.13
CA VAL H 173 81.66 29.41 15.45
C VAL H 173 81.06 30.70 14.93
N TYR H 174 80.90 31.62 15.87
CA TYR H 174 80.31 32.90 15.56
C TYR H 174 81.33 34.00 15.57
N VAL H 175 81.19 34.89 14.59
CA VAL H 175 82.09 36.02 14.41
C VAL H 175 81.39 37.35 14.08
N ASP H 176 81.78 38.39 14.82
CA ASP H 176 81.25 39.76 14.64
C ASP H 176 79.85 39.89 15.17
N ASP H 177 79.70 39.45 16.41
CA ASP H 177 78.42 39.42 17.13
C ASP H 177 77.33 38.60 16.43
N GLY H 178 77.68 37.34 16.19
CA GLY H 178 76.79 36.38 15.55
C GLY H 178 76.43 36.72 14.12
N LEU H 179 77.11 37.71 13.54
CA LEU H 179 76.89 38.20 12.17
C LEU H 179 77.27 37.28 11.04
N ILE H 180 78.36 36.51 11.27
CA ILE H 180 78.90 35.49 10.40
C ILE H 180 78.95 34.15 11.14
N SER H 181 78.60 33.06 10.46
CA SER H 181 78.65 31.78 11.12
C SER H 181 79.40 30.70 10.34
N LEU H 182 80.37 30.11 10.98
CA LEU H 182 81.15 29.10 10.38
C LEU H 182 80.81 27.79 11.02
N GLN H 183 80.83 26.76 10.20
CA GLN H 183 80.60 25.39 10.60
C GLN H 183 81.94 24.65 10.72
N VAL H 184 82.17 23.93 11.82
CA VAL H 184 83.42 23.20 11.97
C VAL H 184 83.36 21.88 11.26
N LYS H 185 84.16 21.79 10.21
CA LYS H 185 84.18 20.59 9.41
C LYS H 185 85.37 19.63 9.62
N GLN H 186 86.53 20.18 9.94
CA GLN H 186 87.69 19.35 10.20
C GLN H 186 88.57 19.98 11.26
N LYS H 187 88.83 19.19 12.26
CA LYS H 187 89.62 19.70 13.33
C LYS H 187 91.03 19.23 13.19
N GLY H 188 91.92 20.16 13.42
CA GLY H 188 93.32 19.89 13.36
C GLY H 188 93.90 20.14 14.74
N PRO H 189 95.22 20.30 14.76
CA PRO H 189 95.96 20.51 15.98
C PRO H 189 96.17 21.98 16.30
N ASP H 190 96.30 22.83 15.29
CA ASP H 190 96.51 24.27 15.55
C ASP H 190 95.69 25.15 14.63
N PHE H 191 94.76 24.46 13.96
CA PHE H 191 93.83 25.03 13.02
C PHE H 191 92.60 24.17 12.98
N LEU H 192 91.55 24.76 12.45
CA LEU H 192 90.28 24.11 12.27
C LEU H 192 89.83 24.42 10.88
N VAL H 193 89.18 23.48 10.28
CA VAL H 193 88.68 23.79 8.99
C VAL H 193 87.24 24.15 9.11
N THR H 194 86.89 25.28 8.55
CA THR H 194 85.51 25.68 8.65
C THR H 194 84.85 25.96 7.33
N GLU H 195 83.53 25.90 7.38
CA GLU H 195 82.73 26.17 6.23
C GLU H 195 81.75 27.28 6.52
N VAL H 196 81.85 28.32 5.75
CA VAL H 196 80.98 29.43 5.96
C VAL H 196 79.55 29.11 5.64
N GLU H 197 78.75 29.18 6.68
CA GLU H 197 77.31 29.02 6.60
C GLU H 197 76.77 30.37 7.08
N ASN H 198 75.96 31.09 6.29
CA ASN H 198 75.56 32.46 6.69
C ASN H 198 76.83 33.31 6.65
N GLY H 199 77.04 33.99 5.53
CA GLY H 199 78.26 34.77 5.39
C GLY H 199 78.11 36.27 5.53
N GLY H 200 79.20 36.98 5.18
CA GLY H 200 79.24 38.41 5.24
C GLY H 200 80.64 39.00 5.03
N PHE H 201 80.84 40.20 5.57
CA PHE H 201 82.07 40.95 5.46
C PHE H 201 82.90 40.93 6.73
N LEU H 202 83.99 40.19 6.66
CA LEU H 202 84.90 40.07 7.78
C LEU H 202 85.80 41.28 7.82
N GLY H 203 85.95 41.77 9.03
CA GLY H 203 86.78 42.92 9.30
C GLY H 203 87.86 42.54 10.27
N SER H 204 88.52 43.57 10.82
CA SER H 204 89.64 43.38 11.73
C SER H 204 89.26 43.34 13.19
N LYS H 205 89.93 42.47 13.95
CA LYS H 205 89.70 42.38 15.40
C LYS H 205 88.25 42.25 15.85
N LYS H 206 87.52 41.30 15.30
CA LYS H 206 86.14 41.16 15.70
C LYS H 206 85.95 40.13 16.80
N GLY H 207 84.78 40.12 17.35
CA GLY H 207 84.50 39.21 18.43
C GLY H 207 83.97 37.86 17.96
N VAL H 208 84.42 36.85 18.68
CA VAL H 208 84.05 35.47 18.46
C VAL H 208 83.22 34.90 19.62
N ASN H 209 82.32 34.00 19.27
CA ASN H 209 81.44 33.33 20.20
C ASN H 209 81.32 31.86 19.80
N LEU H 210 81.60 30.98 20.77
CA LEU H 210 81.51 29.56 20.56
C LEU H 210 80.22 29.06 21.16
N PRO H 211 79.22 28.90 20.34
CA PRO H 211 77.97 28.48 20.84
C PRO H 211 77.92 27.00 21.26
N GLY H 212 77.31 26.81 22.42
CA GLY H 212 77.10 25.52 23.02
C GLY H 212 78.37 24.86 23.49
N ALA H 213 79.40 25.67 23.66
CA ALA H 213 80.70 25.19 24.07
C ALA H 213 81.11 25.49 25.50
N ALA H 214 81.98 24.60 25.98
CA ALA H 214 82.51 24.74 27.32
C ALA H 214 83.77 25.57 27.36
N VAL H 215 83.63 26.87 27.20
CA VAL H 215 84.80 27.71 27.22
C VAL H 215 85.63 27.59 28.51
N ASP H 216 86.93 27.38 28.23
CA ASP H 216 88.12 27.19 29.07
C ASP H 216 88.70 28.47 29.64
N LEU H 217 88.35 29.58 29.03
CA LEU H 217 88.89 30.86 29.44
C LEU H 217 88.76 31.11 30.96
N PRO H 218 89.75 31.76 31.51
CA PRO H 218 89.76 32.08 32.92
C PRO H 218 88.46 32.78 33.38
N ALA H 219 88.05 32.57 34.65
CA ALA H 219 86.82 33.20 35.17
C ALA H 219 86.93 34.68 35.07
N VAL H 220 88.09 35.14 35.56
CA VAL H 220 88.53 36.52 35.60
C VAL H 220 89.82 36.69 34.80
N SER H 221 89.86 37.74 33.99
CA SER H 221 91.02 38.07 33.18
C SER H 221 91.93 39.04 33.95
N GLU H 222 93.08 39.34 33.36
CA GLU H 222 94.02 40.24 34.00
C GLU H 222 93.50 41.66 34.17
N LYS H 223 92.87 42.21 33.13
CA LYS H 223 92.31 43.53 33.23
C LYS H 223 91.31 43.57 34.39
N ASP H 224 90.56 42.47 34.53
CA ASP H 224 89.56 42.30 35.58
C ASP H 224 90.15 42.36 36.96
N ILE H 225 91.12 41.49 37.19
CA ILE H 225 91.80 41.47 38.46
C ILE H 225 92.25 42.86 38.84
N GLN H 226 92.64 43.59 37.82
CA GLN H 226 93.01 44.97 38.02
C GLN H 226 91.73 45.72 38.34
N ASP H 227 90.84 45.70 37.36
CA ASP H 227 89.57 46.35 37.49
C ASP H 227 88.85 46.00 38.78
N LEU H 228 89.01 44.76 39.25
CA LEU H 228 88.34 44.33 40.47
C LEU H 228 89.00 44.98 41.65
N LYS H 229 90.31 44.79 41.71
CA LYS H 229 91.10 45.39 42.76
C LYS H 229 90.83 46.89 42.87
N PHE H 230 90.78 47.57 41.73
CA PHE H 230 90.43 48.99 41.73
C PHE H 230 89.04 49.08 42.32
N GLY H 231 88.23 48.09 41.95
CA GLY H 231 86.89 48.04 42.46
C GLY H 231 86.91 48.06 43.98
N VAL H 232 87.72 47.20 44.59
CA VAL H 232 87.75 47.15 46.03
C VAL H 232 88.10 48.47 46.66
N GLU H 233 89.07 49.12 46.05
CA GLU H 233 89.65 50.40 46.46
C GLU H 233 88.69 51.59 46.52
N GLN H 234 87.66 51.57 45.71
CA GLN H 234 86.69 52.65 45.70
C GLN H 234 85.46 52.36 46.58
N ASP H 235 85.42 51.22 47.25
CA ASP H 235 84.28 50.84 48.06
C ASP H 235 82.96 50.84 47.28
N VAL H 236 82.87 49.85 46.40
CA VAL H 236 81.73 49.67 45.57
C VAL H 236 80.87 48.68 46.24
N ASP H 237 79.57 48.88 46.05
CA ASP H 237 78.51 48.10 46.62
C ASP H 237 78.47 46.69 46.13
N MET H 238 78.66 46.51 44.81
CA MET H 238 78.66 45.19 44.18
C MET H 238 79.35 45.14 42.83
N VAL H 239 79.55 43.92 42.42
CA VAL H 239 80.22 43.68 41.17
C VAL H 239 79.36 42.83 40.26
N PHE H 240 79.34 43.22 38.98
CA PHE H 240 78.62 42.47 37.96
C PHE H 240 79.63 41.59 37.22
N ALA H 241 79.68 40.30 37.57
CA ALA H 241 80.65 39.41 36.98
C ALA H 241 80.23 38.79 35.66
N SER H 242 80.88 39.28 34.62
CA SER H 242 80.64 38.86 33.26
C SER H 242 81.06 37.42 33.01
N PHE H 243 80.34 36.84 32.07
CA PHE H 243 80.60 35.51 31.58
C PHE H 243 80.69 34.46 32.63
N ILE H 244 79.67 34.34 33.42
CA ILE H 244 79.69 33.29 34.41
C ILE H 244 79.14 32.06 33.76
N ARG H 245 79.96 31.01 33.81
CA ARG H 245 79.64 29.73 33.25
C ARG H 245 79.32 28.68 34.32
N LYS H 246 80.25 28.44 35.20
CA LYS H 246 80.03 27.48 36.24
C LYS H 246 80.13 28.20 37.55
N ALA H 247 80.13 27.42 38.60
CA ALA H 247 80.23 28.02 39.92
C ALA H 247 81.59 28.60 40.20
N ALA H 248 82.56 27.75 39.98
CA ALA H 248 83.95 28.09 40.16
C ALA H 248 84.33 29.48 39.60
N ASP H 249 83.67 29.89 38.52
CA ASP H 249 83.96 31.18 37.95
C ASP H 249 83.69 32.20 39.02
N VAL H 250 82.55 32.00 39.62
CA VAL H 250 82.10 32.88 40.65
C VAL H 250 83.12 32.95 41.72
N HIS H 251 83.49 31.75 42.18
CA HIS H 251 84.50 31.56 43.21
C HIS H 251 85.77 32.36 42.93
N GLU H 252 86.37 32.14 41.77
CA GLU H 252 87.57 32.87 41.37
C GLU H 252 87.37 34.38 41.56
N VAL H 253 86.16 34.85 41.33
CA VAL H 253 85.88 36.26 41.45
C VAL H 253 85.87 36.75 42.86
N ARG H 254 85.59 35.86 43.78
CA ARG H 254 85.54 36.24 45.18
C ARG H 254 86.95 36.32 45.74
N LYS H 255 87.73 35.27 45.46
CA LYS H 255 89.12 35.18 45.87
C LYS H 255 89.85 36.44 45.45
N ILE H 256 89.60 36.89 44.22
CA ILE H 256 90.25 38.09 43.76
C ILE H 256 89.92 39.21 44.72
N LEU H 257 88.62 39.37 44.95
CA LEU H 257 88.08 40.38 45.85
C LEU H 257 88.71 40.25 47.23
N GLY H 258 89.00 39.01 47.59
CA GLY H 258 89.60 38.68 48.85
C GLY H 258 88.76 39.14 50.00
N GLU H 259 89.44 39.34 51.13
CA GLU H 259 88.82 39.79 52.37
C GLU H 259 88.37 41.25 52.37
N LYS H 260 89.22 42.14 51.85
CA LYS H 260 88.92 43.57 51.80
C LYS H 260 87.56 43.94 51.22
N GLY H 261 87.02 43.00 50.49
CA GLY H 261 85.76 43.21 49.85
C GLY H 261 85.00 41.92 49.87
N LYS H 262 84.81 41.44 51.07
CA LYS H 262 84.05 40.23 51.28
C LYS H 262 82.57 40.60 51.36
N ASN H 263 82.36 41.90 51.55
CA ASN H 263 81.06 42.55 51.71
C ASN H 263 80.49 43.01 50.38
N ILE H 264 81.31 42.94 49.33
CA ILE H 264 80.85 43.33 48.04
C ILE H 264 79.95 42.22 47.47
N LYS H 265 78.87 42.60 46.79
CA LYS H 265 78.00 41.57 46.25
C LYS H 265 78.31 41.17 44.81
N ILE H 266 78.57 39.88 44.67
CA ILE H 266 78.86 39.32 43.37
C ILE H 266 77.60 38.93 42.69
N ILE H 267 77.29 39.71 41.68
CA ILE H 267 76.14 39.44 40.83
C ILE H 267 76.72 38.78 39.61
N SER H 268 76.41 37.50 39.47
CA SER H 268 76.84 36.68 38.35
C SER H 268 75.99 37.00 37.09
N LYS H 269 76.60 37.22 35.89
CA LYS H 269 75.85 37.54 34.66
C LYS H 269 75.65 36.33 33.78
N ILE H 270 74.40 36.04 33.39
CA ILE H 270 74.20 34.88 32.53
C ILE H 270 74.26 35.28 31.07
N GLU H 271 75.42 34.93 30.47
CA GLU H 271 75.77 35.26 29.09
C GLU H 271 75.65 34.16 28.03
N ASN H 272 75.81 32.87 28.38
CA ASN H 272 75.75 31.83 27.36
C ASN H 272 75.13 30.52 27.78
N HIS H 273 75.03 29.60 26.82
CA HIS H 273 74.43 28.27 27.02
C HIS H 273 74.86 27.60 28.32
N GLU H 274 76.17 27.41 28.49
CA GLU H 274 76.72 26.76 29.65
C GLU H 274 76.15 27.33 30.92
N GLY H 275 76.23 28.65 30.92
CA GLY H 275 75.73 29.42 32.04
C GLY H 275 74.28 29.09 32.36
N VAL H 276 73.48 28.99 31.32
CA VAL H 276 72.08 28.68 31.47
C VAL H 276 71.91 27.24 31.91
N ARG H 277 72.68 26.34 31.30
CA ARG H 277 72.56 24.94 31.65
C ARG H 277 73.15 24.55 33.02
N ARG H 278 74.05 25.37 33.56
CA ARG H 278 74.57 25.11 34.91
C ARG H 278 74.03 26.14 35.92
N PHE H 279 72.87 26.70 35.61
CA PHE H 279 72.23 27.78 36.37
C PHE H 279 72.14 27.57 37.84
N ASP H 280 71.62 26.41 38.18
CA ASP H 280 71.42 26.07 39.54
C ASP H 280 72.68 26.28 40.37
N GLU H 281 73.77 25.71 39.93
CA GLU H 281 75.02 25.87 40.67
C GLU H 281 75.53 27.30 40.65
N ILE H 282 75.29 27.98 39.55
CA ILE H 282 75.78 29.30 39.54
C ILE H 282 75.00 30.12 40.49
N LEU H 283 73.71 29.80 40.56
CA LEU H 283 72.79 30.52 41.42
C LEU H 283 73.24 30.43 42.84
N GLU H 284 73.26 29.20 43.28
CA GLU H 284 73.65 28.86 44.62
C GLU H 284 74.95 29.50 45.05
N ALA H 285 75.71 29.95 44.08
CA ALA H 285 76.95 30.57 44.41
C ALA H 285 76.95 32.10 44.26
N SER H 286 76.03 32.71 43.50
CA SER H 286 76.12 34.14 43.38
C SER H 286 75.36 34.89 44.45
N ASP H 287 75.61 36.16 44.58
CA ASP H 287 74.82 36.87 45.56
C ASP H 287 73.50 37.25 44.85
N GLY H 288 73.63 37.52 43.57
CA GLY H 288 72.51 37.93 42.75
C GLY H 288 72.77 37.36 41.40
N ILE H 289 72.02 37.84 40.41
CA ILE H 289 72.13 37.35 39.04
C ILE H 289 71.62 38.32 38.01
N MET H 290 72.25 38.29 36.84
CA MET H 290 71.81 39.19 35.80
C MET H 290 71.50 38.51 34.50
N VAL H 291 70.34 38.86 34.00
CA VAL H 291 69.92 38.28 32.79
C VAL H 291 70.41 39.18 31.72
N ALA H 292 71.60 38.85 31.15
CA ALA H 292 72.19 39.69 30.10
C ALA H 292 71.79 39.33 28.69
N ARG H 293 70.66 39.88 28.33
CA ARG H 293 70.04 39.63 27.05
C ARG H 293 70.86 39.90 25.81
N GLY H 294 71.75 40.90 25.86
CA GLY H 294 72.56 41.20 24.68
C GLY H 294 73.29 39.96 24.23
N ASP H 295 74.35 39.68 24.94
CA ASP H 295 75.17 38.54 24.66
C ASP H 295 74.42 37.21 24.64
N LEU H 296 73.40 37.08 25.46
CA LEU H 296 72.64 35.83 25.55
C LEU H 296 71.92 35.55 24.26
N GLY H 297 71.66 36.62 23.54
CA GLY H 297 70.98 36.55 22.26
C GLY H 297 71.92 36.25 21.10
N ILE H 298 73.21 36.24 21.34
CA ILE H 298 74.10 35.92 20.26
C ILE H 298 74.45 34.47 20.39
N GLU H 299 74.66 34.09 21.64
CA GLU H 299 74.97 32.71 21.87
C GLU H 299 73.74 31.89 21.55
N ILE H 300 72.73 31.98 22.38
CA ILE H 300 71.53 31.23 22.06
C ILE H 300 70.63 32.05 21.19
N PRO H 301 69.78 31.31 20.52
CA PRO H 301 68.82 31.89 19.61
C PRO H 301 67.91 32.87 20.32
N ALA H 302 67.57 33.92 19.60
CA ALA H 302 66.76 35.01 20.10
C ALA H 302 65.33 34.65 20.56
N GLU H 303 64.70 33.82 19.78
CA GLU H 303 63.36 33.36 20.08
C GLU H 303 63.34 32.68 21.44
N LYS H 304 64.45 32.10 21.84
CA LYS H 304 64.55 31.40 23.13
C LYS H 304 64.93 32.25 24.33
N VAL H 305 65.10 33.54 24.16
CA VAL H 305 65.53 34.33 25.27
C VAL H 305 64.49 34.48 26.34
N PHE H 306 63.29 34.88 25.95
CA PHE H 306 62.22 35.04 26.91
C PHE H 306 62.05 33.82 27.82
N LEU H 307 62.57 32.66 27.39
CA LEU H 307 62.45 31.45 28.19
C LEU H 307 63.45 31.52 29.32
N ALA H 308 64.66 31.84 28.91
CA ALA H 308 65.76 31.94 29.84
C ALA H 308 65.50 33.00 30.90
N GLN H 309 64.87 34.08 30.48
CA GLN H 309 64.55 35.18 31.36
C GLN H 309 63.59 34.71 32.43
N LYS H 310 62.50 34.15 31.95
CA LYS H 310 61.46 33.64 32.84
C LYS H 310 61.97 32.57 33.79
N MET H 311 62.66 31.61 33.28
CA MET H 311 63.18 30.56 34.14
C MET H 311 64.16 31.11 35.16
N ILE H 312 65.06 31.96 34.70
CA ILE H 312 66.06 32.54 35.55
C ILE H 312 65.40 33.26 36.69
N ILE H 313 64.60 34.24 36.32
CA ILE H 313 63.86 35.06 37.28
C ILE H 313 63.04 34.25 38.24
N GLY H 314 62.30 33.28 37.71
CA GLY H 314 61.49 32.41 38.54
C GLY H 314 62.35 31.64 39.55
N ARG H 315 63.51 31.14 39.15
CA ARG H 315 64.34 30.44 40.07
C ARG H 315 64.93 31.41 41.09
N CYS H 316 65.04 32.65 40.74
CA CYS H 316 65.60 33.54 41.73
C CYS H 316 64.57 33.99 42.72
N ASN H 317 63.38 34.24 42.22
CA ASN H 317 62.32 34.68 43.11
C ASN H 317 62.07 33.58 44.14
N ARG H 318 62.06 32.35 43.60
CA ARG H 318 61.82 31.08 44.28
C ARG H 318 62.77 30.90 45.39
N ALA H 319 64.00 31.34 45.09
CA ALA H 319 65.11 31.26 45.99
C ALA H 319 65.42 32.58 46.68
N GLY H 320 64.68 33.62 46.30
CA GLY H 320 64.81 34.94 46.88
C GLY H 320 66.19 35.54 46.78
N LYS H 321 66.66 35.56 45.57
CA LYS H 321 67.95 36.11 45.29
C LYS H 321 67.68 37.11 44.20
N PRO H 322 68.09 38.36 44.40
CA PRO H 322 67.83 39.42 43.44
C PRO H 322 68.14 39.00 41.99
N VAL H 323 67.30 39.44 41.03
CA VAL H 323 67.53 39.15 39.60
C VAL H 323 67.49 40.46 38.87
N ILE H 324 68.43 40.69 37.98
CA ILE H 324 68.35 41.91 37.22
C ILE H 324 67.93 41.60 35.80
N CYS H 325 67.11 42.47 35.22
CA CYS H 325 66.71 42.22 33.84
C CYS H 325 67.34 43.32 33.05
N ALA H 326 68.21 42.95 32.12
CA ALA H 326 68.88 44.02 31.42
C ALA H 326 68.87 44.02 29.89
N THR H 327 69.25 45.19 29.37
CA THR H 327 69.45 45.45 27.97
C THR H 327 68.27 45.59 27.02
N GLN H 328 68.27 46.72 26.35
CA GLN H 328 67.28 47.04 25.34
C GLN H 328 65.86 47.41 25.78
N MET H 329 65.64 47.57 27.08
CA MET H 329 64.32 47.93 27.59
C MET H 329 63.65 49.17 27.02
N LEU H 330 64.36 50.30 26.95
CA LEU H 330 63.79 51.53 26.43
C LEU H 330 64.65 52.07 25.30
N GLU H 331 65.35 51.16 24.67
CA GLU H 331 66.24 51.44 23.55
C GLU H 331 65.88 52.58 22.62
N SER H 332 64.66 52.67 22.17
CA SER H 332 64.39 53.77 21.27
C SER H 332 64.59 55.15 21.90
N MET H 333 64.60 55.19 23.25
CA MET H 333 64.69 56.43 24.04
C MET H 333 65.99 57.22 24.02
N ILE H 334 66.99 56.58 23.47
CA ILE H 334 68.31 57.13 23.28
C ILE H 334 68.23 58.23 22.26
N LYS H 335 67.35 58.02 21.27
CA LYS H 335 67.13 58.97 20.19
C LYS H 335 65.73 59.61 20.11
N LYS H 336 64.75 59.00 20.75
CA LYS H 336 63.40 59.56 20.78
C LYS H 336 63.02 59.75 22.24
N PRO H 337 62.19 60.70 22.48
CA PRO H 337 61.73 61.00 23.82
C PRO H 337 60.68 60.04 24.32
N ARG H 338 60.21 59.15 23.44
CA ARG H 338 59.15 58.19 23.76
C ARG H 338 59.43 56.78 23.24
N PRO H 339 59.14 55.75 24.06
CA PRO H 339 59.37 54.36 23.67
C PRO H 339 58.27 53.75 22.81
N THR H 340 58.51 52.55 22.37
CA THR H 340 57.51 51.93 21.57
C THR H 340 56.63 51.17 22.48
N ARG H 341 55.59 50.58 21.91
CA ARG H 341 54.75 49.75 22.76
C ARG H 341 55.48 48.47 23.07
N ALA H 342 56.42 48.09 22.23
CA ALA H 342 57.16 46.89 22.56
C ALA H 342 57.93 47.22 23.79
N GLU H 343 58.61 48.36 23.76
CA GLU H 343 59.39 48.77 24.92
C GLU H 343 58.58 48.81 26.22
N GLY H 344 57.35 49.31 26.16
CA GLY H 344 56.53 49.30 27.38
C GLY H 344 56.16 47.90 27.92
N SER H 345 55.78 46.94 27.07
CA SER H 345 55.46 45.66 27.66
C SER H 345 56.71 45.01 28.18
N ASP H 346 57.85 45.33 27.54
CA ASP H 346 59.05 44.65 27.99
C ASP H 346 59.32 44.90 29.44
N VAL H 347 59.22 46.20 29.75
CA VAL H 347 59.44 46.71 31.09
C VAL H 347 58.36 46.15 32.01
N ALA H 348 57.10 46.39 31.65
CA ALA H 348 55.96 45.88 32.40
C ALA H 348 56.07 44.40 32.73
N ASN H 349 56.24 43.62 31.68
CA ASN H 349 56.34 42.19 31.81
C ASN H 349 57.46 41.71 32.70
N ALA H 350 58.60 42.35 32.60
CA ALA H 350 59.72 41.98 33.43
C ALA H 350 59.35 42.15 34.92
N VAL H 351 58.51 43.13 35.19
CA VAL H 351 58.10 43.36 36.57
C VAL H 351 57.17 42.24 36.95
N LEU H 352 56.18 42.06 36.08
CA LEU H 352 55.20 41.02 36.29
C LEU H 352 55.88 39.67 36.43
N ASP H 353 57.03 39.56 35.77
CA ASP H 353 57.82 38.34 35.80
C ASP H 353 58.46 38.16 37.19
N GLY H 354 58.70 39.26 37.89
CA GLY H 354 59.24 39.16 39.22
C GLY H 354 60.68 39.63 39.38
N ALA H 355 61.18 40.36 38.41
CA ALA H 355 62.54 40.88 38.43
C ALA H 355 62.81 41.95 39.49
N ASP H 356 63.80 41.77 40.38
CA ASP H 356 64.13 42.79 41.39
C ASP H 356 64.50 44.17 40.81
N CYS H 357 65.35 44.26 39.78
CA CYS H 357 65.62 45.59 39.23
C CYS H 357 65.60 45.61 37.75
N ILE H 358 65.25 46.74 37.18
CA ILE H 358 65.33 46.77 35.75
C ILE H 358 66.59 47.50 35.38
N MET H 359 66.84 47.82 34.12
CA MET H 359 68.11 48.47 33.81
C MET H 359 68.17 49.21 32.50
N LEU H 360 68.85 50.35 32.55
CA LEU H 360 69.06 51.15 31.37
C LEU H 360 70.53 51.11 31.06
N SER H 361 70.85 51.06 29.80
CA SER H 361 72.21 51.02 29.39
C SER H 361 72.51 52.27 28.61
N GLY H 362 72.50 52.12 27.31
CA GLY H 362 72.74 53.27 26.52
C GLY H 362 71.62 54.28 26.62
N GLU H 363 70.53 53.89 27.21
CA GLU H 363 69.43 54.80 27.27
C GLU H 363 69.81 56.05 28.07
N THR H 364 70.72 55.82 29.00
CA THR H 364 71.22 56.83 29.94
C THR H 364 72.73 57.05 29.87
N ALA H 365 73.40 56.39 28.96
CA ALA H 365 74.83 56.59 28.92
C ALA H 365 75.28 57.44 27.74
N LYS H 366 74.75 57.08 26.56
CA LYS H 366 75.04 57.70 25.26
C LYS H 366 73.84 58.42 24.62
N GLY H 367 72.69 58.37 25.31
CA GLY H 367 71.43 58.90 24.79
C GLY H 367 70.99 60.33 25.12
N ASP H 368 70.14 60.83 24.21
CA ASP H 368 69.51 62.15 24.19
C ASP H 368 68.39 62.34 25.23
N TYR H 369 68.04 61.28 25.96
CA TYR H 369 66.99 61.40 26.96
C TYR H 369 67.15 60.52 28.18
N PRO H 370 68.27 60.68 28.86
CA PRO H 370 68.59 59.91 30.03
C PRO H 370 67.55 59.99 31.10
N LEU H 371 67.21 61.21 31.49
CA LEU H 371 66.24 61.38 32.56
C LEU H 371 64.94 60.80 32.14
N GLU H 372 64.43 61.35 31.03
CA GLU H 372 63.18 60.90 30.42
C GLU H 372 63.00 59.35 30.45
N ALA H 373 64.10 58.66 30.18
CA ALA H 373 64.12 57.23 30.20
C ALA H 373 64.00 56.71 31.62
N VAL H 374 64.59 57.42 32.58
CA VAL H 374 64.48 57.00 33.97
C VAL H 374 63.05 57.21 34.42
N ARG H 375 62.48 58.31 33.95
CA ARG H 375 61.11 58.66 34.23
C ARG H 375 60.15 57.62 33.69
N MET H 376 60.39 57.17 32.45
CA MET H 376 59.56 56.16 31.78
C MET H 376 59.47 54.79 32.46
N GLN H 377 60.60 54.33 32.95
CA GLN H 377 60.70 53.05 33.63
C GLN H 377 60.02 53.08 34.96
N HIS H 378 60.05 54.24 35.60
CA HIS H 378 59.47 54.46 36.92
C HIS H 378 57.94 54.28 36.97
N LEU H 379 57.26 55.01 36.07
CA LEU H 379 55.81 55.02 35.90
C LEU H 379 55.30 53.61 35.76
N ILE H 380 55.92 52.91 34.82
CA ILE H 380 55.63 51.53 34.48
C ILE H 380 55.67 50.55 35.68
N ALA H 381 56.70 50.63 36.52
CA ALA H 381 56.77 49.75 37.67
C ALA H 381 55.55 49.94 38.54
N ARG H 382 55.35 51.20 39.00
CA ARG H 382 54.21 51.48 39.85
C ARG H 382 52.92 50.89 39.35
N GLU H 383 52.73 50.94 38.03
CA GLU H 383 51.54 50.42 37.38
C GLU H 383 51.45 48.93 37.43
N ALA H 384 52.54 48.37 36.98
CA ALA H 384 52.71 46.97 36.85
C ALA H 384 52.88 46.30 38.20
N GLU H 385 53.57 46.98 39.12
CA GLU H 385 53.75 46.39 40.44
C GLU H 385 52.39 46.10 41.11
N ALA H 386 51.39 46.88 40.74
CA ALA H 386 50.04 46.75 41.22
C ALA H 386 49.24 45.73 40.43
N ALA H 387 49.60 45.58 39.15
CA ALA H 387 48.96 44.63 38.23
C ALA H 387 49.17 43.15 38.61
N MET H 388 50.12 42.93 39.52
CA MET H 388 50.44 41.59 39.99
C MET H 388 49.31 40.90 40.79
N PHE H 389 49.48 39.57 40.84
CA PHE H 389 48.58 38.67 41.51
C PHE H 389 49.23 38.22 42.79
N HIS H 390 49.26 39.11 43.71
CA HIS H 390 49.97 38.83 44.93
C HIS H 390 49.51 37.60 45.67
N ARG H 391 48.21 37.44 45.76
CA ARG H 391 47.67 36.32 46.48
C ARG H 391 48.24 34.96 45.96
N LYS H 392 48.11 34.66 44.65
CA LYS H 392 48.63 33.40 44.08
C LYS H 392 50.14 33.29 44.15
N LEU H 393 50.80 34.40 43.80
CA LEU H 393 52.24 34.48 43.88
C LEU H 393 52.70 33.98 45.23
N PHE H 394 52.13 34.60 46.29
CA PHE H 394 52.42 34.27 47.69
C PHE H 394 52.33 32.76 48.04
N GLU H 395 51.27 32.08 47.55
CA GLU H 395 51.10 30.64 47.77
C GLU H 395 52.21 29.87 47.12
N GLU H 396 52.40 30.22 45.86
CA GLU H 396 53.39 29.55 45.08
C GLU H 396 54.74 29.70 45.73
N LEU H 397 55.03 30.93 46.14
CA LEU H 397 56.30 31.25 46.76
C LEU H 397 56.51 30.43 48.02
N ALA H 398 55.39 30.14 48.72
CA ALA H 398 55.43 29.43 50.00
C ALA H 398 55.49 27.93 49.95
N ARG H 399 54.94 27.35 48.87
CA ARG H 399 54.94 25.90 48.68
C ARG H 399 56.35 25.46 48.31
N SER H 400 56.99 26.33 47.55
CA SER H 400 58.33 26.12 47.09
C SER H 400 59.20 25.94 48.30
N SER H 401 59.11 26.94 49.19
CA SER H 401 59.84 26.99 50.43
C SER H 401 59.33 26.02 51.51
N SER H 402 58.22 25.36 51.23
CA SER H 402 57.61 24.38 52.13
C SER H 402 58.56 23.48 52.90
N HIS H 403 59.80 23.41 52.48
CA HIS H 403 60.75 22.54 53.15
C HIS H 403 61.58 23.26 54.22
N SER H 404 61.57 24.58 54.22
CA SER H 404 62.32 25.39 55.17
C SER H 404 61.48 25.81 56.36
N THR H 405 62.10 25.74 57.57
CA THR H 405 61.47 26.09 58.85
C THR H 405 62.19 27.22 59.58
N ASP H 406 62.91 28.02 58.81
CA ASP H 406 63.64 29.15 59.33
C ASP H 406 62.70 30.00 60.11
N LEU H 407 63.27 30.81 61.00
CA LEU H 407 62.41 31.63 61.81
C LEU H 407 62.14 32.98 61.22
N MET H 408 63.16 33.58 60.65
CA MET H 408 62.96 34.89 60.07
C MET H 408 62.08 34.78 58.82
N GLU H 409 62.05 33.58 58.25
CA GLU H 409 61.25 33.28 57.08
C GLU H 409 59.78 33.33 57.47
N ALA H 410 59.48 32.71 58.62
CA ALA H 410 58.14 32.69 59.21
C ALA H 410 57.66 34.08 59.65
N MET H 411 58.57 34.89 60.12
CA MET H 411 58.18 36.21 60.52
C MET H 411 57.86 36.93 59.28
N ALA H 412 58.65 36.58 58.24
CA ALA H 412 58.52 37.17 56.92
C ALA H 412 57.14 36.86 56.35
N MET H 413 56.82 35.56 56.24
CA MET H 413 55.51 35.11 55.74
C MET H 413 54.36 35.68 56.56
N GLY H 414 54.52 35.66 57.88
CA GLY H 414 53.51 36.17 58.78
C GLY H 414 53.11 37.61 58.43
N SER H 415 54.13 38.47 58.38
CA SER H 415 53.98 39.91 58.06
C SER H 415 53.48 40.20 56.63
N VAL H 416 53.95 39.44 55.63
CA VAL H 416 53.44 39.68 54.31
C VAL H 416 51.93 39.44 54.32
N GLU H 417 51.52 38.30 54.89
CA GLU H 417 50.11 37.96 55.08
C GLU H 417 49.26 39.05 55.76
N ALA H 418 49.73 39.45 56.91
CA ALA H 418 49.03 40.46 57.67
C ALA H 418 48.88 41.75 56.94
N SER H 419 49.84 42.05 56.07
CA SER H 419 49.78 43.30 55.32
C SER H 419 48.76 43.20 54.23
N TYR H 420 48.55 41.95 53.77
CA TYR H 420 47.59 41.69 52.72
C TYR H 420 46.23 41.85 53.32
N LYS H 421 46.01 41.02 54.34
CA LYS H 421 44.78 40.99 55.08
C LYS H 421 44.23 42.37 55.39
N CYS H 422 44.92 43.10 56.27
CA CYS H 422 44.50 44.45 56.69
C CYS H 422 44.95 45.62 55.84
N LEU H 423 45.50 45.36 54.65
CA LEU H 423 45.99 46.41 53.75
C LEU H 423 46.89 47.43 54.41
N ALA H 424 47.95 46.94 55.07
CA ALA H 424 48.91 47.84 55.71
C ALA H 424 49.38 48.88 54.71
N ALA H 425 49.92 49.97 55.21
CA ALA H 425 50.38 50.97 54.28
C ALA H 425 51.85 50.76 54.00
N ALA H 426 52.51 49.93 54.79
CA ALA H 426 53.93 49.72 54.57
C ALA H 426 54.45 48.77 55.58
N LEU H 427 55.71 48.50 55.46
CA LEU H 427 56.30 47.60 56.39
C LEU H 427 57.60 48.10 56.82
N ILE H 428 57.66 48.32 58.11
CA ILE H 428 58.84 48.84 58.70
C ILE H 428 59.71 47.77 59.23
N VAL H 429 60.89 47.76 58.66
CA VAL H 429 61.83 46.76 59.07
C VAL H 429 63.10 47.43 59.39
N LEU H 430 63.62 47.03 60.58
CA LEU H 430 64.83 47.55 61.22
C LEU H 430 65.93 46.50 61.25
N THR H 431 66.91 46.60 60.31
CA THR H 431 68.02 45.63 60.25
C THR H 431 69.33 46.31 59.90
N GLU H 432 70.43 45.63 60.27
CA GLU H 432 71.78 46.11 60.04
C GLU H 432 72.45 45.31 58.92
N SER H 433 72.33 43.98 59.00
CA SER H 433 72.85 43.03 58.01
C SER H 433 72.11 43.21 56.69
N GLY H 434 70.81 43.23 56.87
CA GLY H 434 69.88 43.39 55.80
C GLY H 434 68.93 42.23 55.83
N ARG H 435 69.48 41.06 56.19
CA ARG H 435 68.78 39.78 56.26
C ARG H 435 67.29 39.85 56.45
N SER H 436 66.96 40.06 57.70
CA SER H 436 65.63 40.15 58.22
C SER H 436 64.72 40.84 57.23
N ALA H 437 65.30 41.83 56.57
CA ALA H 437 64.54 42.57 55.56
C ALA H 437 64.60 41.91 54.22
N HIS H 438 65.70 41.24 54.00
CA HIS H 438 65.84 40.56 52.75
C HIS H 438 64.71 39.52 52.61
N GLN H 439 64.33 38.90 53.74
CA GLN H 439 63.30 37.85 53.76
C GLN H 439 61.85 38.26 53.57
N VAL H 440 61.59 39.46 53.87
CA VAL H 440 60.24 39.95 53.77
C VAL H 440 59.88 40.27 52.31
N ALA H 441 60.86 40.82 51.57
CA ALA H 441 60.65 41.15 50.18
C ALA H 441 60.53 39.86 49.41
N ARG H 442 61.37 38.90 49.79
CA ARG H 442 61.43 37.57 49.24
C ARG H 442 60.04 37.02 49.05
N TYR H 443 59.18 37.46 49.98
CA TYR H 443 57.80 37.08 50.05
C TYR H 443 56.85 37.97 49.35
N ARG H 444 57.44 39.00 48.80
CA ARG H 444 56.74 39.95 47.99
C ARG H 444 55.45 40.40 48.55
N PRO H 445 55.55 41.43 49.33
CA PRO H 445 54.43 42.10 49.94
C PRO H 445 53.84 42.94 48.84
N ARG H 446 53.01 43.91 49.15
CA ARG H 446 52.50 44.74 48.06
C ARG H 446 52.90 46.15 48.37
N ALA H 447 53.11 46.30 49.65
CA ALA H 447 53.48 47.56 50.24
C ALA H 447 54.96 47.65 50.53
N PRO H 448 55.38 48.90 50.50
CA PRO H 448 56.73 49.27 50.71
C PRO H 448 57.28 48.71 51.96
N ILE H 449 58.57 48.41 51.89
CA ILE H 449 59.34 47.93 53.02
C ILE H 449 60.41 48.96 53.41
N ILE H 450 60.05 49.92 54.27
CA ILE H 450 61.00 50.91 54.75
C ILE H 450 62.02 50.21 55.60
N ALA H 451 63.28 50.28 55.22
CA ALA H 451 64.23 49.58 56.07
C ALA H 451 65.21 50.53 56.67
N VAL H 452 65.06 50.72 57.98
CA VAL H 452 65.92 51.62 58.72
C VAL H 452 67.19 50.96 59.19
N THR H 453 68.30 51.56 58.73
CA THR H 453 69.61 51.02 59.01
C THR H 453 70.61 52.13 59.25
N ARG H 454 71.58 51.78 60.10
CA ARG H 454 72.66 52.66 60.53
C ARG H 454 73.95 52.28 59.82
N ASN H 455 73.80 51.32 58.93
CA ASN H 455 74.89 50.82 58.12
C ASN H 455 74.68 51.22 56.67
N HIS H 456 75.51 52.11 56.18
CA HIS H 456 75.38 52.56 54.81
C HIS H 456 75.47 51.47 53.74
N GLN H 457 76.51 50.62 53.79
CA GLN H 457 76.66 49.59 52.79
C GLN H 457 75.41 48.77 52.64
N THR H 458 74.94 48.24 53.76
CA THR H 458 73.73 47.44 53.77
C THR H 458 72.57 48.08 53.02
N ALA H 459 72.39 49.38 53.28
CA ALA H 459 71.36 50.20 52.70
C ALA H 459 71.51 50.53 51.23
N ARG H 460 72.73 50.43 50.72
CA ARG H 460 73.01 50.75 49.35
C ARG H 460 72.77 49.52 48.53
N GLN H 461 73.07 48.39 49.15
CA GLN H 461 72.89 47.09 48.54
C GLN H 461 71.44 46.64 48.65
N ALA H 462 70.72 47.29 49.56
CA ALA H 462 69.30 47.01 49.80
C ALA H 462 68.55 46.94 48.47
N HIS H 463 68.79 47.98 47.67
CA HIS H 463 68.25 48.24 46.35
C HIS H 463 68.11 46.99 45.46
N LEU H 464 69.02 46.02 45.65
CA LEU H 464 69.03 44.76 44.93
C LEU H 464 67.70 44.02 45.03
N TYR H 465 66.99 44.31 46.12
CA TYR H 465 65.71 43.70 46.43
C TYR H 465 64.48 44.54 46.16
N ARG H 466 63.44 43.83 45.69
CA ARG H 466 62.17 44.47 45.38
C ARG H 466 61.46 44.93 46.59
N GLY H 467 60.89 46.11 46.46
CA GLY H 467 60.15 46.71 47.54
C GLY H 467 61.03 47.43 48.55
N ILE H 468 62.34 47.13 48.58
CA ILE H 468 63.19 47.80 49.57
C ILE H 468 63.49 49.26 49.36
N PHE H 469 63.24 50.00 50.43
CA PHE H 469 63.43 51.44 50.46
C PHE H 469 64.31 51.76 51.63
N PRO H 470 65.63 51.60 51.42
CA PRO H 470 66.55 51.78 52.48
C PRO H 470 66.54 53.22 52.92
N VAL H 471 66.64 53.33 54.24
CA VAL H 471 66.69 54.58 54.94
C VAL H 471 67.86 54.58 55.91
N VAL H 472 68.59 55.67 55.84
CA VAL H 472 69.77 55.79 56.66
C VAL H 472 69.63 56.79 57.79
N CYS H 473 69.70 56.21 59.00
CA CYS H 473 69.59 56.90 60.27
C CYS H 473 70.97 57.25 60.81
N LYS H 474 71.22 58.56 60.86
CA LYS H 474 72.48 59.15 61.29
C LYS H 474 72.62 59.19 62.81
N ASP H 475 71.47 59.47 63.46
CA ASP H 475 71.31 59.56 64.91
C ASP H 475 72.12 58.50 65.60
N PRO H 476 72.70 58.88 66.74
CA PRO H 476 73.55 57.99 67.48
C PRO H 476 72.76 57.02 68.30
N VAL H 477 73.47 56.06 68.87
CA VAL H 477 72.80 55.06 69.63
C VAL H 477 72.30 55.57 70.95
N GLN H 478 71.24 54.93 71.39
CA GLN H 478 70.62 55.26 72.62
C GLN H 478 70.87 54.18 73.63
N GLU H 479 71.05 54.61 74.87
CA GLU H 479 71.34 53.70 75.94
C GLU H 479 70.36 52.52 76.08
N ALA H 480 69.04 52.82 76.18
CA ALA H 480 67.99 51.80 76.30
C ALA H 480 67.42 51.40 74.97
N TRP H 481 67.46 50.09 74.71
CA TRP H 481 66.98 49.47 73.49
C TRP H 481 65.70 50.09 72.98
N ALA H 482 64.69 50.05 73.86
CA ALA H 482 63.39 50.59 73.55
C ALA H 482 63.50 52.01 73.04
N GLU H 483 64.37 52.78 73.68
CA GLU H 483 64.61 54.16 73.27
C GLU H 483 64.98 54.22 71.78
N ASP H 484 66.05 53.50 71.45
CA ASP H 484 66.60 53.42 70.10
C ASP H 484 65.58 52.96 69.07
N VAL H 485 65.07 51.75 69.30
CA VAL H 485 64.08 51.08 68.51
C VAL H 485 63.01 52.03 68.00
N ASP H 486 62.45 52.75 68.97
CA ASP H 486 61.39 53.73 68.75
C ASP H 486 61.87 54.97 68.01
N LEU H 487 63.17 55.11 67.96
CA LEU H 487 63.80 56.23 67.31
C LEU H 487 63.80 55.99 65.83
N ARG H 488 64.28 54.80 65.51
CA ARG H 488 64.36 54.38 64.15
C ARG H 488 63.02 54.39 63.48
N VAL H 489 62.06 53.74 64.12
CA VAL H 489 60.71 53.72 63.58
C VAL H 489 60.18 55.10 63.25
N ASN H 490 60.36 55.97 64.24
CA ASN H 490 59.95 57.36 64.16
C ASN H 490 60.35 57.96 62.84
N LEU H 491 61.57 57.68 62.53
CA LEU H 491 62.17 58.12 61.32
C LEU H 491 61.31 57.75 60.12
N ALA H 492 61.30 56.42 59.88
CA ALA H 492 60.58 55.79 58.78
C ALA H 492 59.23 56.40 58.69
N MET H 493 58.71 56.67 59.87
CA MET H 493 57.42 57.28 59.87
C MET H 493 57.41 58.65 59.25
N ASN H 494 58.36 59.47 59.66
CA ASN H 494 58.43 60.81 59.12
C ASN H 494 58.84 60.73 57.70
N VAL H 495 59.46 59.62 57.36
CA VAL H 495 59.90 59.42 56.02
C VAL H 495 58.75 59.07 55.08
N GLY H 496 58.02 58.02 55.46
CA GLY H 496 56.88 57.55 54.67
C GLY H 496 55.95 58.67 54.33
N LYS H 497 55.62 59.34 55.44
CA LYS H 497 54.78 60.49 55.54
C LYS H 497 55.20 61.59 54.54
N ALA H 498 56.51 61.81 54.49
CA ALA H 498 57.16 62.82 53.65
C ALA H 498 57.07 62.48 52.18
N ARG H 499 57.25 61.23 51.89
CA ARG H 499 57.18 60.80 50.54
C ARG H 499 55.74 60.85 50.12
N GLY H 500 54.92 60.51 51.13
CA GLY H 500 53.49 60.45 50.92
C GLY H 500 53.12 59.02 50.69
N PHE H 501 53.81 58.17 51.39
CA PHE H 501 53.57 56.77 51.27
C PHE H 501 52.36 56.44 52.09
N PHE H 502 52.30 57.09 53.21
CA PHE H 502 51.19 56.90 54.09
C PHE H 502 50.87 58.17 54.83
N LYS H 503 49.72 58.08 55.46
CA LYS H 503 49.14 59.17 56.19
C LYS H 503 48.88 58.80 57.62
N LYS H 504 48.35 59.80 58.34
CA LYS H 504 47.95 59.79 59.75
C LYS H 504 47.09 58.60 60.13
N GLY H 505 45.95 58.46 59.49
CA GLY H 505 45.09 57.36 59.82
C GLY H 505 45.71 55.99 59.54
N ASP H 506 46.49 55.94 58.45
CA ASP H 506 47.15 54.75 57.94
C ASP H 506 47.61 53.75 59.00
N VAL H 507 47.77 52.49 58.55
CA VAL H 507 48.27 51.38 59.37
C VAL H 507 49.61 50.92 58.82
N VAL H 508 50.37 50.19 59.61
CA VAL H 508 51.66 49.79 59.17
C VAL H 508 52.12 48.59 59.93
N ILE H 509 53.00 47.85 59.36
CA ILE H 509 53.43 46.74 60.13
C ILE H 509 54.81 47.05 60.59
N VAL H 510 55.17 46.57 61.77
CA VAL H 510 56.50 46.84 62.26
C VAL H 510 57.28 45.60 62.72
N LEU H 511 58.44 45.43 62.12
CA LEU H 511 59.27 44.31 62.42
C LEU H 511 60.50 44.75 63.13
N THR H 512 60.66 44.26 64.36
CA THR H 512 61.79 44.59 65.21
C THR H 512 62.24 43.39 65.99
N GLY H 513 63.37 43.57 66.63
CA GLY H 513 63.88 42.53 67.46
C GLY H 513 63.45 42.92 68.83
N TRP H 514 62.79 42.02 69.52
CA TRP H 514 62.29 42.19 70.89
C TRP H 514 63.32 42.94 71.75
N ARG H 515 64.55 42.43 71.63
CA ARG H 515 65.73 42.90 72.34
C ARG H 515 66.87 43.09 71.34
N PRO H 516 68.00 43.61 71.85
CA PRO H 516 69.19 43.85 71.04
C PRO H 516 69.94 42.54 70.87
N GLY H 517 70.61 42.38 69.73
CA GLY H 517 71.33 41.15 69.51
C GLY H 517 70.37 39.98 69.62
N SER H 518 69.15 40.25 69.13
CA SER H 518 68.06 39.30 69.10
C SER H 518 68.48 38.21 68.16
N GLY H 519 69.00 38.70 67.01
CA GLY H 519 69.49 37.93 65.87
C GLY H 519 68.77 38.35 64.59
N PHE H 520 67.43 38.22 64.66
CA PHE H 520 66.49 38.61 63.62
C PHE H 520 65.41 39.51 64.17
N THR H 521 64.38 39.68 63.39
CA THR H 521 63.27 40.53 63.78
C THR H 521 62.12 39.64 64.24
N ASN H 522 62.17 39.21 65.49
CA ASN H 522 61.16 38.33 66.05
C ASN H 522 59.96 39.09 66.63
N THR H 523 59.77 40.34 66.21
CA THR H 523 58.66 41.11 66.74
C THR H 523 57.86 41.79 65.65
N MET H 524 56.56 41.47 65.66
CA MET H 524 55.62 41.97 64.70
C MET H 524 54.51 42.85 65.27
N ARG H 525 54.25 43.98 64.61
CA ARG H 525 53.27 44.88 65.15
C ARG H 525 52.42 45.66 64.20
N VAL H 526 51.14 45.67 64.52
CA VAL H 526 50.23 46.45 63.75
C VAL H 526 50.15 47.82 64.43
N VAL H 527 50.76 48.83 63.81
CA VAL H 527 50.81 50.18 64.37
C VAL H 527 50.27 51.24 63.45
N PRO H 528 49.35 52.08 63.97
CA PRO H 528 48.75 53.15 63.20
C PRO H 528 49.77 54.20 62.99
N VAL H 529 49.50 54.99 61.98
CA VAL H 529 50.42 56.03 61.67
C VAL H 529 50.10 57.21 62.51
N PRO H 530 51.16 57.83 63.03
CA PRO H 530 51.06 59.01 63.86
C PRO H 530 50.31 60.15 63.17
K K I . -64.70 -34.40 -3.72
MG MG J . -65.72 -35.91 -8.89
C1 PEQ K . -63.44 -36.82 -10.12
O1 PEQ K . -64.68 -36.80 -10.35
O2' PEQ K . -62.67 -37.74 -10.50
C2 PEQ K . -62.85 -35.70 -9.27
C3 PEQ K . -61.45 -36.13 -8.88
O2 PEQ K . -63.63 -35.49 -8.09
P PEQ K . -64.03 -36.78 -7.18
O1P PEQ K . -62.76 -37.55 -6.89
O2P PEQ K . -64.58 -36.12 -5.94
O3P PEQ K . -65.04 -37.59 -7.95
K K L . -7.36 -6.89 -56.68
MG MG M . -8.71 -11.38 -59.84
C1 PEQ N . -13.74 -8.81 -58.34
O1 PEQ N . -13.25 -9.33 -59.37
O2' PEQ N . -14.81 -8.15 -58.30
C2 PEQ N . -12.93 -8.92 -57.04
C3 PEQ N . -13.55 -7.94 -56.05
O2 PEQ N . -11.57 -8.56 -57.26
P PEQ N . -11.24 -7.28 -58.21
O1P PEQ N . -12.37 -6.26 -58.03
O2P PEQ N . -9.94 -6.78 -57.61
O3P PEQ N . -11.11 -7.76 -59.62
K K O . -49.04 -67.19 -28.23
MG MG P . -44.44 -65.18 -25.04
C1 PEQ Q . -48.82 -60.67 -25.47
O1 PEQ Q . -47.83 -60.99 -24.76
O2' PEQ Q . -49.80 -60.01 -25.05
C2 PEQ Q . -48.88 -61.21 -26.90
C3 PEQ Q . -50.31 -60.99 -27.38
O2 PEQ Q . -48.60 -62.61 -26.93
P PEQ Q . -49.37 -63.60 -25.87
O1P PEQ Q . -50.86 -63.26 -25.93
O2P PEQ Q . -49.08 -64.96 -26.47
O3P PEQ Q . -48.79 -63.38 -24.51
K K R . -47.59 3.39 -71.12
MG MG S . -47.08 6.81 -65.38
C1 PEQ T . -43.50 2.02 -65.59
O1 PEQ T . -44.22 2.85 -64.98
O2' PEQ T . -42.24 2.06 -65.59
C2 PEQ T . -44.17 0.97 -66.47
C3 PEQ T . -43.07 0.27 -67.24
O2 PEQ T . -45.08 1.58 -67.39
P PEQ T . -44.47 2.49 -68.59
O1P PEQ T . -43.64 1.59 -69.49
O2P PEQ T . -45.74 2.96 -69.28
O3P PEQ T . -43.66 3.60 -67.98
K K U . 35.61 -14.86 56.58
MG MG V . 38.91 -13.66 58.78
C1 PEQ W . 35.77 -8.19 58.00
O1 PEQ W . 36.74 -8.28 58.80
O2' PEQ W . 34.72 -7.52 58.23
C2 PEQ W . 35.81 -9.00 56.71
C3 PEQ W . 34.41 -8.98 56.13
O2 PEQ W . 36.19 -10.36 56.97
P PEQ W . 35.35 -11.20 58.08
O1P PEQ W . 33.93 -11.35 57.57
O2P PEQ W . 36.09 -12.53 58.07
O3P PEQ W . 35.43 -10.47 59.39
K K X . 42.67 53.01 9.59
MG MG Y . 42.98 56.00 14.45
C1 PEQ Z . 46.73 51.71 15.61
O1 PEQ Z . 46.36 52.85 15.93
O2' PEQ Z . 47.93 51.30 15.68
C2 PEQ Z . 45.71 50.75 15.00
C3 PEQ Z . 46.48 49.55 14.48
O2 PEQ Z . 45.02 51.37 13.92
P PEQ Z . 45.90 51.99 12.69
O1P PEQ Z . 46.76 50.87 12.12
O2P PEQ Z . 44.80 52.39 11.71
O3P PEQ Z . 46.71 53.13 13.21
K K AA . 16.82 19.65 76.28
MG MG BA . 12.70 18.24 70.70
C1 PEQ CA . 18.52 16.60 70.43
O1 PEQ CA . 17.43 17.03 69.99
O2' PEQ CA . 18.97 15.46 70.20
C2 PEQ CA . 19.31 17.50 71.40
C3 PEQ CA . 20.49 16.67 71.89
O2 PEQ CA . 18.50 17.89 72.51
P PEQ CA . 17.87 16.72 73.45
O1P PEQ CA . 19.01 15.87 73.98
O2P PEQ CA . 17.21 17.54 74.55
O3P PEQ CA . 16.90 15.91 72.63
K K DA . 81.26 44.35 30.29
MG MG EA . 80.33 39.63 27.04
C1 PEQ FA . 74.66 42.35 28.30
O1 PEQ FA . 75.16 41.53 27.49
O2' PEQ FA . 73.66 43.06 28.08
C2 PEQ FA . 75.41 42.59 29.63
C3 PEQ FA . 75.00 43.96 30.12
O2 PEQ FA . 76.82 42.57 29.43
P PEQ FA . 77.60 43.97 29.16
O1P PEQ FA . 77.78 44.67 30.50
O2P PEQ FA . 78.92 43.49 28.59
O3P PEQ FA . 76.77 44.78 28.19
#